data_7ENF
#
_entry.id   7ENF
#
_cell.length_a   1.00
_cell.length_b   1.00
_cell.length_c   1.00
_cell.angle_alpha   90.00
_cell.angle_beta   90.00
_cell.angle_gamma   90.00
#
_symmetry.space_group_name_H-M   'P 1'
#
loop_
_entity.id
_entity.type
_entity.pdbx_description
1 polymer 'Spike glycoprotein'
2 polymer 'Light chain of Fab30'
3 polymer 'Heavy chain of Fab30'
4 branched 2-acetamido-2-deoxy-beta-D-glucopyranose-(1-4)-2-acetamido-2-deoxy-beta-D-glucopyranose
5 non-polymer 2-acetamido-2-deoxy-beta-D-glucopyranose
#
loop_
_entity_poly.entity_id
_entity_poly.type
_entity_poly.pdbx_seq_one_letter_code
_entity_poly.pdbx_strand_id
1 'polypeptide(L)'
;MFVFLVLLPLVSSQCVNLTTRTQLPPAYTNSFTRGVYYPDKVFRSSVLHSTQDLFLPFFSNVTWFHAIHVSGTNGTKRFD
NPVLPFNDGVYFASTEKSNIIRGWIFGTTLDSKTQSLLIVNNATNVVIKVCEFQFCNDPFLGVYYHKNNKSWMESEFRVY
SSANNCTFEYVSQPFLMDLEGKQGNFKNLREFVFKNIDGYFKIYSKHTPINLVRDLPQGFSALEPLVDLPIGINITRFQT
LLALHRSYLTPGDSSSGWTAGAAAYYVGYLQPRTFLLKYNENGTITDAVDCALDPLSETKCTLKSFTVEKGIYQTSNFRV
QPTESIVRFPNITNLCPFGEVFNATRFASVYAWNRKRISNCVADYSVLYNSASFSTFKCYGVSPTKLNDLCFTNVYADSF
VIRGDEVRQIAPGQTGKIADYNYKLPDDFTGCVIAWNSNNLDSKVGGNYNYLYRLFRKSNLKPFERDISTEIYQAGSTPC
NGVEGFNCYFPLQSYGFQPTNGVGYQPYRVVVLSFELLHAPATVCGPKKSTNLVKNKCVNFNFNGLTGTGVLTESNKKFL
PFQQFGRDIADTTDAVRDPQTLEILDITPCSFGGVSVITPGTNTSNQVAVLYQDVNCTEVPVAIHADQLTPTWRVYSTGS
NVFQTRAGCLIGAEHVNNSYECDIPIGAGICASYQTQTNSPGSASSVASQSIIAYTMSLGAENSVAYSNNSIAIPTNFTI
SVTTEILPVSMTKTSVDCTMYICGDSTECSNLLLQYGSFCTQLNRALTGIAVEQDKNTQEVFAQVKQIYKTPPIKDFGGF
NFSQILPDPSKPSKRSPIEDLLFNKVTLADAGFIKQYGDCLGDIAARDLICAQKFNGLTVLPPLLTDEMIAQYTSALLAG
TITSGWTFGAGPALQIPFPMQMAYRFNGIGVTQNVLYENQKLIANQFNSAIGKIQDSLSSTPSALGKLQDVVNQNAQALN
TLVKQLSSNFGAISSVLNDILSRLDPPEAEVQIDRLITGRLQSLQTYVTQQLIRAAEIRASANLAATKMSECVLGQSKRV
DFCGKGYHLMSFPQSAPHGVVFLHVTYVPAQEKNFTTAPAICHDGKAHFPREGVFVSNGTHWFVTQRNFYEPQIITTDNT
FVSGNCDVVIGIVNNTVYDPLQPELDSFKEELDKYFKNHTSPDVDLGDISGINASVVNIQKEIDRLNEVAKNLNESLIDL
QELGKYEQGSGYIPEAPRDGQAYVRKDGEWVLLSTFLGRSLEVLFQGPGHHHHHHHHSAWSHPQFEKGGGSGGGGSGGSA
WSHPQFEK
;
A,B,C
2 'polypeptide(L)'
;DIVMTQSPDSLAVSLGERATINCKSSQSVLYRSNNKNYLAWYQQKPGQPPKLLIYWASTRESGVPDRFSGSGSGTDFTLT
ISSLQAEDVAVYYCHQYYSTPFTFGGGTKVDIKRTVAAPSVFIFPPSDEQLKSGTASVVCLLNNFYPREAKVQWKVDNAL
QSGNSQESVTEQDSKDSTYSLSSTLTLSKADYEKHKVYACEVTHQGLSSPVTKSFNRGEC
;
O
3 'polypeptide(L)'
;EVQLVESGGGVVQPGRSLRLSCAASGFTFSSYPMHWVRQAPGKGLEWVAVISYDGSNKYYADSVKGRFTISRDNSKNTLY
LQMNSLRAEDTAVYYCARDTEDCSSTTCYVDYWGQGTLVTVSSASTKGPSVFPLAPSSKSTSGGTAALGCLVKDYFPEPV
TVSWNSGALTSGVHTFPAVLQSSGLYSLSSVVTVPSSSLGTQTYICNVNHKPSNTKVDKKVEPKSCDKTH
;
P
#
loop_
_chem_comp.id
_chem_comp.type
_chem_comp.name
_chem_comp.formula
NAG D-saccharide, beta linking 2-acetamido-2-deoxy-beta-D-glucopyranose 'C8 H15 N O6'
#
# COMPACT_ATOMS: atom_id res chain seq x y z
N ALA A 27 45.47 23.25 -39.35
CA ALA A 27 44.26 23.31 -40.16
C ALA A 27 43.08 22.71 -39.41
N TYR A 28 41.88 22.89 -39.97
CA TYR A 28 40.66 22.35 -39.36
C TYR A 28 39.69 21.97 -40.46
N THR A 29 38.78 21.06 -40.13
CA THR A 29 37.81 20.56 -41.10
C THR A 29 36.52 20.25 -40.36
N ASN A 30 35.44 20.10 -41.12
CA ASN A 30 34.10 19.95 -40.55
C ASN A 30 33.71 18.47 -40.57
N SER A 31 33.66 17.86 -39.40
CA SER A 31 33.23 16.47 -39.25
C SER A 31 31.71 16.42 -39.35
N PHE A 32 31.21 16.28 -40.59
CA PHE A 32 29.78 16.36 -40.85
C PHE A 32 28.98 15.43 -39.96
N THR A 33 29.21 14.12 -40.11
CA THR A 33 28.43 13.14 -39.37
C THR A 33 29.28 11.99 -38.85
N ARG A 34 30.59 12.01 -39.07
CA ARG A 34 31.44 10.88 -38.72
C ARG A 34 31.59 10.76 -37.20
N GLY A 35 31.70 9.51 -36.74
CA GLY A 35 31.98 9.26 -35.34
C GLY A 35 30.95 8.40 -34.64
N VAL A 36 30.19 7.62 -35.40
CA VAL A 36 29.10 6.82 -34.86
C VAL A 36 29.50 5.36 -34.85
N TYR A 37 29.19 4.66 -33.75
CA TYR A 37 29.58 3.28 -33.57
C TYR A 37 28.48 2.54 -32.82
N TYR A 38 28.51 1.22 -32.89
CA TYR A 38 27.55 0.40 -32.16
C TYR A 38 27.98 0.35 -30.69
N PRO A 39 27.19 0.91 -29.77
CA PRO A 39 27.71 1.11 -28.41
C PRO A 39 27.36 0.00 -27.43
N ASP A 40 26.41 -0.87 -27.77
CA ASP A 40 25.75 -1.70 -26.77
C ASP A 40 26.05 -3.19 -26.86
N LYS A 41 26.70 -3.65 -27.93
CA LYS A 41 27.02 -5.06 -28.16
C LYS A 41 25.76 -5.89 -28.39
N VAL A 42 24.58 -5.29 -28.32
CA VAL A 42 23.31 -6.01 -28.33
C VAL A 42 22.61 -5.73 -29.65
N PHE A 43 22.13 -6.80 -30.29
CA PHE A 43 21.49 -6.66 -31.59
C PHE A 43 20.13 -5.99 -31.46
N ARG A 44 19.81 -5.16 -32.45
CA ARG A 44 18.50 -4.53 -32.58
C ARG A 44 18.18 -4.47 -34.07
N SER A 45 16.98 -4.00 -34.39
CA SER A 45 16.61 -3.92 -35.80
C SER A 45 15.38 -3.04 -35.97
N SER A 46 15.47 -2.11 -36.93
CA SER A 46 14.35 -1.28 -37.37
C SER A 46 13.69 -0.56 -36.18
N VAL A 47 14.53 0.02 -35.32
CA VAL A 47 14.07 0.67 -34.09
C VAL A 47 14.91 1.91 -33.85
N LEU A 48 14.26 2.96 -33.36
CA LEU A 48 14.98 4.15 -32.91
C LEU A 48 15.29 3.99 -31.42
N HIS A 49 16.57 4.06 -31.07
CA HIS A 49 17.00 3.87 -29.70
C HIS A 49 17.83 5.06 -29.24
N SER A 50 17.61 5.48 -27.99
CA SER A 50 18.30 6.63 -27.42
C SER A 50 19.43 6.13 -26.53
N THR A 51 20.65 6.54 -26.85
CA THR A 51 21.83 6.10 -26.11
C THR A 51 22.62 7.31 -25.61
N GLN A 52 23.19 7.17 -24.41
CA GLN A 52 24.10 8.17 -23.87
C GLN A 52 25.47 7.53 -23.72
N ASP A 53 26.44 8.15 -24.38
CA ASP A 53 27.81 7.61 -24.34
C ASP A 53 28.75 8.66 -24.92
N LEU A 54 30.03 8.36 -24.97
CA LEU A 54 31.03 9.25 -25.52
C LEU A 54 30.99 9.19 -27.04
N PHE A 55 30.41 10.20 -27.67
CA PHE A 55 30.41 10.32 -29.12
C PHE A 55 31.12 11.60 -29.54
N LEU A 56 31.32 11.74 -30.85
CA LEU A 56 31.88 12.96 -31.41
C LEU A 56 30.76 13.85 -31.90
N PRO A 57 30.64 15.08 -31.40
CA PRO A 57 29.51 15.92 -31.76
C PRO A 57 29.41 16.14 -33.27
N PHE A 58 28.18 16.14 -33.76
CA PHE A 58 27.96 16.38 -35.18
C PHE A 58 28.44 17.77 -35.58
N PHE A 59 29.02 17.86 -36.76
CA PHE A 59 29.51 19.12 -37.30
C PHE A 59 30.52 19.78 -36.36
N SER A 60 31.38 18.97 -35.77
CA SER A 60 32.49 19.46 -34.96
C SER A 60 33.73 19.66 -35.84
N ASN A 61 34.57 20.59 -35.41
CA ASN A 61 35.78 20.91 -36.15
C ASN A 61 36.92 20.00 -35.69
N VAL A 62 37.37 19.15 -36.61
CA VAL A 62 38.45 18.19 -36.34
C VAL A 62 39.75 18.77 -36.86
N THR A 63 40.83 18.54 -36.10
CA THR A 63 42.14 19.04 -36.51
C THR A 63 42.69 18.21 -37.66
N TRP A 64 43.37 18.88 -38.57
CA TRP A 64 43.92 18.26 -39.78
C TRP A 64 45.44 18.29 -39.75
N PHE A 65 46.05 17.18 -40.15
CA PHE A 65 47.50 17.09 -40.25
C PHE A 65 47.86 16.46 -41.59
N HIS A 66 49.07 16.74 -42.05
CA HIS A 66 49.56 16.20 -43.31
C HIS A 66 51.08 16.13 -43.35
N PHE A 79 55.37 14.79 -44.71
CA PHE A 79 54.36 14.80 -43.66
C PHE A 79 54.99 15.02 -42.28
N ASP A 80 54.14 15.29 -41.29
CA ASP A 80 54.59 15.53 -39.93
C ASP A 80 53.67 14.80 -38.95
N ASN A 81 54.25 14.33 -37.85
CA ASN A 81 53.52 13.58 -36.83
C ASN A 81 53.79 14.19 -35.47
N PRO A 82 53.15 15.32 -35.16
CA PRO A 82 53.35 15.93 -33.84
C PRO A 82 52.48 15.26 -32.77
N VAL A 83 53.00 15.27 -31.54
CA VAL A 83 52.29 14.64 -30.43
C VAL A 83 50.97 15.38 -30.18
N LEU A 84 50.02 14.68 -29.58
CA LEU A 84 48.66 15.15 -29.44
C LEU A 84 48.14 14.83 -28.05
N PRO A 85 47.06 15.48 -27.62
CA PRO A 85 46.42 15.13 -26.35
C PRO A 85 45.40 14.01 -26.53
N PHE A 86 44.91 13.52 -25.39
CA PHE A 86 43.95 12.41 -25.32
C PHE A 86 42.83 12.76 -24.36
N ASN A 87 42.20 13.93 -24.57
CA ASN A 87 41.26 14.50 -23.61
C ASN A 87 40.31 13.47 -23.00
N ASP A 88 39.45 12.87 -23.83
CA ASP A 88 38.56 11.79 -23.37
C ASP A 88 38.48 10.62 -24.33
N GLY A 89 38.93 10.77 -25.56
CA GLY A 89 38.81 9.73 -26.56
C GLY A 89 39.10 10.33 -27.92
N VAL A 90 39.39 9.47 -28.88
CA VAL A 90 39.88 9.93 -30.17
C VAL A 90 39.11 9.27 -31.30
N TYR A 91 38.56 10.09 -32.18
CA TYR A 91 38.21 9.70 -33.53
C TYR A 91 39.39 10.05 -34.44
N PHE A 92 39.73 9.14 -35.35
CA PHE A 92 40.96 9.22 -36.12
C PHE A 92 40.67 8.77 -37.53
N ALA A 93 40.79 9.67 -38.49
CA ALA A 93 40.50 9.35 -39.88
C ALA A 93 41.76 9.52 -40.72
N SER A 94 41.90 8.66 -41.72
CA SER A 94 43.13 8.63 -42.52
C SER A 94 42.83 8.16 -43.93
N THR A 95 43.63 8.65 -44.88
CA THR A 95 43.50 8.23 -46.27
C THR A 95 44.88 8.02 -46.90
N ASN A 99 48.04 3.42 -47.23
CA ASN A 99 48.88 2.36 -46.69
C ASN A 99 50.25 2.90 -46.31
N ILE A 100 50.25 3.89 -45.42
CA ILE A 100 51.49 4.55 -44.99
C ILE A 100 51.65 4.45 -43.48
N ILE A 101 50.67 5.00 -42.74
CA ILE A 101 50.71 4.94 -41.28
C ILE A 101 50.59 3.49 -40.83
N ARG A 102 51.26 3.16 -39.72
CA ARG A 102 51.35 1.77 -39.30
C ARG A 102 51.18 1.59 -37.80
N GLY A 103 50.60 2.54 -37.10
CA GLY A 103 50.28 2.33 -35.69
C GLY A 103 50.32 3.62 -34.89
N TRP A 104 50.17 3.44 -33.58
CA TRP A 104 50.06 4.54 -32.63
C TRP A 104 50.68 4.16 -31.31
N ILE A 105 51.00 5.18 -30.51
CA ILE A 105 51.44 5.03 -29.14
C ILE A 105 50.47 5.79 -28.24
N PHE A 106 50.43 5.41 -26.97
CA PHE A 106 49.53 6.01 -26.00
C PHE A 106 50.20 6.00 -24.63
N GLY A 107 50.19 7.15 -23.96
CA GLY A 107 50.80 7.23 -22.64
C GLY A 107 50.44 8.52 -21.94
N THR A 108 51.03 8.68 -20.76
CA THR A 108 50.83 9.87 -19.93
C THR A 108 52.12 10.63 -19.65
N THR A 109 53.15 9.95 -19.14
CA THR A 109 54.41 10.55 -18.70
C THR A 109 55.55 9.70 -19.24
N LEU A 110 55.56 9.56 -20.56
CA LEU A 110 56.23 8.48 -21.27
C LEU A 110 57.75 8.53 -21.10
N ASP A 111 58.43 7.66 -21.86
CA ASP A 111 59.87 7.42 -21.78
C ASP A 111 60.29 6.76 -20.48
N SER A 112 59.83 5.52 -20.29
CA SER A 112 60.34 4.50 -19.37
C SER A 112 59.90 4.69 -17.92
N LYS A 113 59.06 5.66 -17.60
CA LYS A 113 58.60 5.80 -16.22
C LYS A 113 57.20 5.23 -15.99
N THR A 114 56.48 4.88 -17.05
CA THR A 114 55.13 4.35 -16.91
C THR A 114 54.80 3.54 -18.15
N GLN A 115 54.08 2.44 -17.95
CA GLN A 115 53.63 1.60 -19.06
C GLN A 115 52.90 2.45 -20.09
N SER A 116 53.18 2.18 -21.37
CA SER A 116 52.60 2.96 -22.46
C SER A 116 52.15 2.01 -23.56
N LEU A 117 50.88 2.09 -23.92
CA LEU A 117 50.33 1.24 -24.96
C LEU A 117 50.95 1.56 -26.31
N LEU A 118 51.05 0.54 -27.16
CA LEU A 118 51.67 0.66 -28.47
C LEU A 118 51.05 -0.38 -29.38
N ILE A 119 50.47 0.07 -30.49
CA ILE A 119 49.77 -0.78 -31.43
C ILE A 119 50.33 -0.55 -32.82
N VAL A 120 50.84 -1.59 -33.46
CA VAL A 120 51.39 -1.44 -34.81
C VAL A 120 50.86 -2.54 -35.72
N ASN A 121 50.89 -2.24 -37.03
CA ASN A 121 50.39 -3.10 -38.10
C ASN A 121 51.59 -3.43 -38.99
N ASN A 122 52.29 -4.51 -38.67
CA ASN A 122 53.50 -4.87 -39.39
C ASN A 122 53.53 -6.37 -39.64
N ALA A 123 54.19 -6.75 -40.74
CA ALA A 123 54.45 -8.15 -41.06
C ALA A 123 53.16 -8.98 -41.07
N THR A 124 52.10 -8.39 -41.62
CA THR A 124 50.79 -9.01 -41.75
C THR A 124 50.22 -9.48 -40.42
N ASN A 125 50.75 -9.00 -39.30
CA ASN A 125 50.20 -9.32 -37.98
C ASN A 125 50.24 -8.08 -37.08
N VAL A 126 49.05 -7.58 -36.74
CA VAL A 126 48.96 -6.46 -35.81
C VAL A 126 49.41 -6.92 -34.43
N VAL A 127 50.29 -6.15 -33.81
CA VAL A 127 50.82 -6.48 -32.49
C VAL A 127 50.63 -5.30 -31.55
N ILE A 128 50.36 -5.62 -30.29
CA ILE A 128 50.02 -4.64 -29.25
C ILE A 128 50.80 -4.99 -28.00
N LYS A 129 51.38 -3.97 -27.36
CA LYS A 129 52.09 -4.18 -26.11
C LYS A 129 52.04 -2.90 -25.29
N VAL A 130 52.12 -3.04 -23.97
CA VAL A 130 51.78 -1.95 -23.07
C VAL A 130 53.02 -1.61 -22.25
N CYS A 131 54.19 -1.73 -22.86
CA CYS A 131 55.42 -1.50 -22.12
C CYS A 131 56.23 -0.32 -22.66
N GLU A 132 57.09 0.19 -21.79
CA GLU A 132 57.54 1.58 -21.76
C GLU A 132 58.88 1.80 -22.48
N PHE A 133 58.85 1.82 -23.80
CA PHE A 133 60.10 2.17 -24.52
C PHE A 133 60.37 3.63 -24.22
N GLN A 134 61.63 4.03 -24.17
CA GLN A 134 61.85 5.50 -24.07
C GLN A 134 61.62 5.95 -25.51
N PHE A 135 60.52 6.63 -25.78
CA PHE A 135 60.16 6.98 -27.18
C PHE A 135 61.28 7.75 -27.86
N CYS A 136 61.48 7.47 -29.15
CA CYS A 136 62.60 8.08 -29.90
C CYS A 136 62.50 9.61 -29.96
N ASN A 137 61.30 10.19 -30.03
CA ASN A 137 61.13 11.65 -30.29
C ASN A 137 61.29 11.73 -31.80
N ASP A 138 61.47 10.56 -32.43
CA ASP A 138 61.50 10.41 -33.90
C ASP A 138 60.65 9.15 -34.03
N PRO A 139 59.31 9.18 -33.83
CA PRO A 139 58.57 7.94 -33.78
C PRO A 139 58.60 7.16 -35.09
N PHE A 140 59.25 7.70 -36.13
CA PHE A 140 59.15 7.02 -37.45
C PHE A 140 59.50 5.56 -37.22
N LEU A 141 58.64 4.67 -37.68
CA LEU A 141 59.00 3.24 -37.56
C LEU A 141 60.01 3.00 -38.68
N GLY A 142 61.26 2.68 -38.33
CA GLY A 142 62.31 2.52 -39.35
C GLY A 142 63.66 2.97 -38.82
N GLU A 156 64.35 -2.10 -40.18
CA GLU A 156 62.92 -2.33 -40.07
C GLU A 156 62.24 -1.23 -39.27
N PHE A 157 62.68 -1.06 -38.02
CA PHE A 157 62.12 -0.05 -37.13
C PHE A 157 63.20 0.44 -36.18
N ARG A 158 63.01 1.64 -35.65
CA ARG A 158 63.93 2.25 -34.70
C ARG A 158 63.22 2.79 -33.46
N VAL A 159 61.95 3.19 -33.61
CA VAL A 159 61.21 3.85 -32.54
C VAL A 159 60.47 2.85 -31.67
N TYR A 160 60.80 1.55 -31.80
CA TYR A 160 60.10 0.51 -31.07
C TYR A 160 61.04 -0.39 -30.28
N SER A 161 62.00 0.19 -29.56
CA SER A 161 62.94 -0.60 -28.78
C SER A 161 62.45 -0.77 -27.34
N SER A 162 63.34 -1.25 -26.48
CA SER A 162 63.18 -1.23 -25.02
C SER A 162 61.83 -1.81 -24.57
N ALA A 163 61.65 -3.10 -24.85
CA ALA A 163 60.49 -3.83 -24.36
C ALA A 163 60.81 -4.37 -22.97
N ASN A 164 60.88 -3.46 -22.00
CA ASN A 164 61.24 -3.81 -20.63
C ASN A 164 60.01 -3.77 -19.73
N ASN A 165 60.01 -4.61 -18.70
CA ASN A 165 58.91 -4.70 -17.73
C ASN A 165 57.57 -4.91 -18.43
N CYS A 166 57.58 -5.71 -19.50
CA CYS A 166 56.52 -5.61 -20.49
C CYS A 166 55.30 -6.42 -20.06
N THR A 167 54.21 -5.72 -19.75
CA THR A 167 53.09 -6.28 -19.00
C THR A 167 52.01 -6.90 -19.88
N PHE A 168 52.09 -6.74 -21.20
CA PHE A 168 51.05 -7.30 -22.05
C PHE A 168 51.60 -7.50 -23.45
N GLU A 169 51.00 -8.45 -24.15
CA GLU A 169 51.35 -8.76 -25.53
C GLU A 169 50.10 -9.30 -26.22
N TYR A 170 49.92 -8.93 -27.48
CA TYR A 170 48.77 -9.40 -28.23
C TYR A 170 49.09 -9.34 -29.72
N VAL A 171 48.57 -10.33 -30.45
CA VAL A 171 48.81 -10.44 -31.90
C VAL A 171 47.53 -10.90 -32.56
N SER A 172 47.20 -10.29 -33.69
CA SER A 172 46.05 -10.70 -34.50
C SER A 172 46.29 -10.32 -35.95
N GLN A 173 45.25 -10.45 -36.77
CA GLN A 173 45.34 -10.14 -38.19
C GLN A 173 44.95 -8.69 -38.42
N PRO A 174 45.84 -7.85 -38.93
CA PRO A 174 45.49 -6.45 -39.19
C PRO A 174 44.70 -6.30 -40.47
N PHE A 175 43.96 -5.19 -40.55
CA PHE A 175 43.25 -4.81 -41.76
C PHE A 175 43.42 -3.31 -41.99
N LEU A 176 43.53 -2.93 -43.26
CA LEU A 176 43.72 -1.53 -43.62
C LEU A 176 42.79 -1.15 -44.77
N LYS A 187 42.07 7.14 -51.83
CA LYS A 187 40.89 6.64 -52.53
C LYS A 187 39.93 5.97 -51.54
N ASN A 188 40.45 5.57 -50.39
CA ASN A 188 39.64 4.94 -49.35
C ASN A 188 39.98 5.56 -47.99
N LEU A 189 39.00 5.53 -47.10
CA LEU A 189 39.09 6.18 -45.81
C LEU A 189 39.06 5.15 -44.69
N ARG A 190 39.86 5.41 -43.66
CA ARG A 190 39.93 4.57 -42.47
C ARG A 190 39.54 5.40 -41.26
N GLU A 191 38.58 4.92 -40.48
CA GLU A 191 38.11 5.62 -39.30
C GLU A 191 38.28 4.71 -38.09
N PHE A 192 38.81 5.28 -37.02
CA PHE A 192 39.06 4.57 -35.77
C PHE A 192 38.54 5.39 -34.62
N VAL A 193 38.09 4.69 -33.57
CA VAL A 193 37.67 5.32 -32.33
C VAL A 193 38.36 4.58 -31.18
N PHE A 194 39.13 5.31 -30.40
CA PHE A 194 39.81 4.78 -29.23
C PHE A 194 39.22 5.45 -27.99
N LYS A 195 38.93 4.65 -26.97
CA LYS A 195 38.49 5.21 -25.70
C LYS A 195 39.02 4.37 -24.55
N ASN A 196 39.07 4.97 -23.36
CA ASN A 196 39.54 4.30 -22.16
C ASN A 196 38.50 4.47 -21.06
N ILE A 197 37.93 3.37 -20.60
CA ILE A 197 36.94 3.40 -19.52
C ILE A 197 36.92 2.05 -18.81
N ASP A 198 36.72 2.09 -17.50
CA ASP A 198 36.59 0.89 -16.67
C ASP A 198 37.79 -0.05 -16.84
N GLY A 199 38.98 0.55 -16.83
CA GLY A 199 40.19 -0.24 -17.02
C GLY A 199 40.27 -0.95 -18.35
N TYR A 200 39.55 -0.46 -19.35
CA TYR A 200 39.51 -1.08 -20.67
C TYR A 200 39.86 -0.07 -21.74
N PHE A 201 40.70 -0.49 -22.68
CA PHE A 201 40.90 0.20 -23.95
C PHE A 201 39.86 -0.33 -24.92
N LYS A 202 39.28 0.54 -25.74
CA LYS A 202 38.24 0.15 -26.67
C LYS A 202 38.57 0.69 -28.04
N ILE A 203 38.62 -0.20 -29.03
CA ILE A 203 39.01 0.14 -30.40
C ILE A 203 37.85 -0.25 -31.31
N TYR A 204 37.31 0.75 -32.00
CA TYR A 204 36.23 0.61 -32.97
C TYR A 204 36.80 1.08 -34.32
N SER A 205 36.33 0.49 -35.43
CA SER A 205 36.88 0.95 -36.69
C SER A 205 35.93 0.64 -37.84
N LYS A 206 36.21 1.30 -38.97
CA LYS A 206 35.57 0.96 -40.24
C LYS A 206 36.37 1.59 -41.37
N HIS A 207 36.47 0.86 -42.48
CA HIS A 207 37.12 1.34 -43.69
C HIS A 207 36.11 1.37 -44.83
N THR A 208 36.08 2.47 -45.56
CA THR A 208 35.09 2.70 -46.60
C THR A 208 35.77 3.24 -47.84
N PRO A 209 35.12 3.16 -49.00
CA PRO A 209 35.63 3.86 -50.19
C PRO A 209 35.50 5.38 -50.05
N ILE A 210 35.97 6.12 -51.04
CA ILE A 210 35.94 7.57 -51.00
C ILE A 210 36.05 8.10 -52.42
N ASN A 211 35.53 9.32 -52.63
CA ASN A 211 35.55 9.96 -53.94
C ASN A 211 36.23 11.32 -53.91
N LEU A 212 36.86 11.67 -52.79
CA LEU A 212 37.51 12.98 -52.67
C LEU A 212 38.57 12.89 -51.58
N VAL A 213 39.75 13.40 -51.88
CA VAL A 213 40.89 13.35 -50.98
C VAL A 213 41.09 14.68 -50.25
N ARG A 214 40.05 15.51 -50.19
CA ARG A 214 40.16 16.83 -49.56
C ARG A 214 39.54 16.86 -48.17
N ASP A 215 38.29 16.41 -48.05
CA ASP A 215 37.56 16.49 -46.80
C ASP A 215 36.83 15.17 -46.55
N LEU A 216 36.38 15.00 -45.31
CA LEU A 216 35.68 13.78 -44.94
C LEU A 216 34.36 13.67 -45.69
N PRO A 217 34.06 12.53 -46.29
CA PRO A 217 32.82 12.40 -47.07
C PRO A 217 31.59 12.58 -46.18
N GLN A 218 30.50 13.04 -46.80
CA GLN A 218 29.31 13.46 -46.09
C GLN A 218 28.26 12.37 -45.96
N GLY A 219 28.61 11.13 -46.28
CA GLY A 219 27.66 10.04 -46.11
C GLY A 219 27.49 9.65 -44.66
N PHE A 220 27.10 8.41 -44.40
CA PHE A 220 26.97 7.93 -43.03
C PHE A 220 27.47 6.49 -42.96
N SER A 221 28.25 6.20 -41.92
CA SER A 221 28.80 4.87 -41.70
C SER A 221 29.05 4.69 -40.22
N ALA A 222 28.80 3.48 -39.72
CA ALA A 222 28.96 3.17 -38.31
C ALA A 222 30.15 2.26 -38.10
N LEU A 223 30.88 2.50 -37.01
CA LEU A 223 32.12 1.80 -36.73
C LEU A 223 31.83 0.57 -35.88
N GLU A 224 31.93 -0.61 -36.49
CA GLU A 224 31.79 -1.84 -35.72
C GLU A 224 32.96 -1.96 -34.75
N PRO A 225 32.73 -2.46 -33.53
CA PRO A 225 33.84 -2.65 -32.60
C PRO A 225 34.81 -3.69 -33.10
N LEU A 226 36.09 -3.45 -32.83
CA LEU A 226 36.96 -4.55 -33.21
C LEU A 226 37.63 -5.21 -32.03
N VAL A 227 37.93 -4.48 -30.95
CA VAL A 227 38.47 -5.16 -29.77
C VAL A 227 38.41 -4.28 -28.52
N ASP A 228 38.23 -4.93 -27.37
CA ASP A 228 38.37 -4.30 -26.07
C ASP A 228 39.48 -5.03 -25.31
N LEU A 229 40.32 -4.25 -24.62
CA LEU A 229 41.51 -4.75 -23.94
C LEU A 229 41.44 -4.44 -22.46
N PRO A 230 41.76 -5.39 -21.59
CA PRO A 230 41.82 -5.13 -20.13
C PRO A 230 43.18 -4.60 -19.70
N ILE A 231 43.48 -3.37 -20.12
CA ILE A 231 44.80 -2.79 -19.87
C ILE A 231 44.86 -2.07 -18.52
N GLY A 232 43.86 -1.25 -18.21
CA GLY A 232 43.87 -0.52 -16.97
C GLY A 232 45.00 0.47 -16.87
N ILE A 233 45.15 1.32 -17.89
CA ILE A 233 46.27 2.25 -18.00
C ILE A 233 45.76 3.68 -17.96
N ASN A 234 46.51 4.55 -17.29
CA ASN A 234 46.24 5.98 -17.34
C ASN A 234 46.85 6.57 -18.60
N ILE A 235 46.03 7.29 -19.37
CA ILE A 235 46.45 7.86 -20.66
C ILE A 235 46.04 9.32 -20.70
N THR A 236 46.97 10.19 -21.12
CA THR A 236 46.65 11.59 -21.37
C THR A 236 47.29 12.08 -22.66
N ARG A 237 47.92 11.21 -23.44
CA ARG A 237 48.72 11.62 -24.59
C ARG A 237 48.72 10.48 -25.60
N PHE A 238 48.95 10.83 -26.87
CA PHE A 238 49.13 9.81 -27.89
C PHE A 238 49.84 10.44 -29.09
N GLN A 239 50.28 9.59 -30.00
CA GLN A 239 51.00 10.04 -31.19
C GLN A 239 50.90 8.94 -32.25
N THR A 240 50.87 9.37 -33.51
CA THR A 240 50.75 8.44 -34.62
C THR A 240 52.12 7.99 -35.09
N LEU A 241 52.16 6.78 -35.67
CA LEU A 241 53.39 6.18 -36.17
C LEU A 241 53.20 5.76 -37.62
N LEU A 242 54.26 5.92 -38.41
CA LEU A 242 54.26 5.47 -39.80
C LEU A 242 55.60 4.81 -40.11
N ALA A 243 55.54 3.74 -40.91
CA ALA A 243 56.75 3.03 -41.31
C ALA A 243 57.40 3.79 -42.46
N LEU A 244 58.60 4.31 -42.20
CA LEU A 244 59.32 5.11 -43.18
C LEU A 244 60.74 4.58 -43.37
N HIS A 245 61.19 4.60 -44.62
CA HIS A 245 62.55 4.24 -44.98
C HIS A 245 62.97 5.06 -46.19
N ARG A 246 64.28 5.21 -46.37
CA ARG A 246 64.82 5.88 -47.55
C ARG A 246 66.31 5.57 -47.69
N GLY A 261 54.71 11.77 -50.81
CA GLY A 261 55.48 12.45 -49.78
C GLY A 261 54.68 12.72 -48.51
N ALA A 262 53.64 13.55 -48.63
CA ALA A 262 52.82 13.91 -47.50
C ALA A 262 51.84 12.77 -47.17
N ALA A 263 51.27 12.85 -45.96
CA ALA A 263 50.28 11.90 -45.51
C ALA A 263 49.39 12.58 -44.48
N ALA A 264 48.09 12.62 -44.80
CA ALA A 264 47.14 13.43 -44.05
C ALA A 264 46.28 12.55 -43.14
N TYR A 265 45.95 13.09 -41.96
CA TYR A 265 45.07 12.42 -41.04
C TYR A 265 44.37 13.45 -40.16
N TYR A 266 43.13 13.13 -39.79
CA TYR A 266 42.27 14.04 -39.03
C TYR A 266 42.02 13.45 -37.65
N VAL A 267 42.02 14.32 -36.65
CA VAL A 267 41.84 13.94 -35.25
C VAL A 267 40.67 14.72 -34.67
N GLY A 268 39.73 14.00 -34.05
CA GLY A 268 38.64 14.63 -33.33
C GLY A 268 38.46 13.97 -31.99
N TYR A 269 37.69 14.62 -31.12
CA TYR A 269 37.55 14.20 -29.74
C TYR A 269 36.10 13.90 -29.41
N LEU A 270 35.91 12.91 -28.55
CA LEU A 270 34.58 12.49 -28.13
C LEU A 270 34.09 13.33 -26.96
N GLN A 271 32.78 13.36 -26.78
CA GLN A 271 32.15 14.02 -25.65
C GLN A 271 30.95 13.22 -25.21
N PRO A 272 30.58 13.29 -23.93
CA PRO A 272 29.41 12.55 -23.44
C PRO A 272 28.08 13.20 -23.83
N ARG A 273 27.64 12.89 -25.05
CA ARG A 273 26.41 13.47 -25.59
C ARG A 273 25.46 12.36 -26.02
N THR A 274 24.17 12.66 -25.93
CA THR A 274 23.11 11.69 -26.20
C THR A 274 22.77 11.66 -27.68
N PHE A 275 22.52 10.46 -28.20
CA PHE A 275 22.20 10.26 -29.60
C PHE A 275 20.93 9.45 -29.74
N LEU A 276 20.26 9.66 -30.86
CA LEU A 276 19.13 8.82 -31.27
C LEU A 276 19.54 8.08 -32.54
N LEU A 277 19.56 6.76 -32.47
CA LEU A 277 20.12 5.90 -33.50
C LEU A 277 19.00 5.12 -34.18
N LYS A 278 19.07 5.03 -35.51
CA LYS A 278 18.01 4.43 -36.33
C LYS A 278 18.49 3.06 -36.81
N TYR A 279 18.27 2.04 -35.99
CA TYR A 279 18.63 0.68 -36.37
C TYR A 279 17.74 0.21 -37.52
N ASN A 280 18.36 -0.39 -38.53
CA ASN A 280 17.73 -0.67 -39.81
C ASN A 280 17.13 -2.08 -39.84
N GLU A 281 16.67 -2.48 -41.03
CA GLU A 281 16.10 -3.82 -41.19
C GLU A 281 17.15 -4.90 -41.01
N ASN A 282 18.38 -4.67 -41.51
CA ASN A 282 19.47 -5.59 -41.22
C ASN A 282 19.74 -5.66 -39.72
N GLY A 283 19.74 -4.53 -39.05
CA GLY A 283 20.18 -4.43 -37.68
C GLY A 283 21.36 -3.48 -37.58
N THR A 284 21.43 -2.54 -38.53
CA THR A 284 22.57 -1.66 -38.68
C THR A 284 22.16 -0.22 -38.43
N ILE A 285 23.04 0.53 -37.77
CA ILE A 285 22.81 1.96 -37.59
C ILE A 285 22.97 2.65 -38.94
N THR A 286 21.86 3.16 -39.47
CA THR A 286 21.88 3.81 -40.77
C THR A 286 21.67 5.31 -40.71
N ASP A 287 21.37 5.86 -39.54
CA ASP A 287 21.25 7.30 -39.35
C ASP A 287 21.18 7.59 -37.86
N ALA A 288 21.46 8.84 -37.50
CA ALA A 288 21.44 9.24 -36.11
C ALA A 288 21.25 10.74 -36.02
N VAL A 289 20.74 11.18 -34.88
CA VAL A 289 20.64 12.61 -34.57
C VAL A 289 21.26 12.86 -33.21
N ASP A 290 21.96 13.98 -33.08
CA ASP A 290 22.58 14.40 -31.83
C ASP A 290 21.60 15.29 -31.09
N CYS A 291 21.18 14.85 -29.91
CA CYS A 291 20.11 15.52 -29.17
C CYS A 291 20.55 16.83 -28.55
N ALA A 292 21.74 17.37 -28.84
CA ALA A 292 22.14 18.66 -28.30
C ALA A 292 22.73 19.58 -29.37
N LEU A 293 22.60 19.22 -30.64
CA LEU A 293 23.20 20.03 -31.70
C LEU A 293 22.44 21.35 -31.89
N ASP A 294 21.13 21.28 -31.96
CA ASP A 294 20.31 22.44 -32.31
C ASP A 294 18.87 22.14 -31.90
N PRO A 295 18.00 23.17 -31.81
CA PRO A 295 16.65 22.92 -31.30
C PRO A 295 15.86 21.89 -32.09
N LEU A 296 16.02 21.83 -33.42
CA LEU A 296 15.27 20.87 -34.21
C LEU A 296 15.63 19.44 -33.82
N SER A 297 16.92 19.16 -33.64
CA SER A 297 17.34 17.82 -33.25
C SER A 297 16.86 17.48 -31.85
N GLU A 298 16.91 18.44 -30.94
CA GLU A 298 16.38 18.21 -29.59
C GLU A 298 14.90 17.90 -29.63
N THR A 299 14.15 18.59 -30.48
CA THR A 299 12.75 18.27 -30.69
C THR A 299 12.58 16.85 -31.20
N LYS A 300 13.36 16.47 -32.21
CA LYS A 300 13.29 15.12 -32.74
C LYS A 300 13.55 14.08 -31.66
N CYS A 301 14.50 14.36 -30.77
CA CYS A 301 14.83 13.41 -29.71
C CYS A 301 13.73 13.33 -28.66
N THR A 302 13.23 14.47 -28.20
CA THR A 302 12.16 14.45 -27.21
C THR A 302 10.87 13.87 -27.81
N LEU A 303 10.73 13.94 -29.13
CA LEU A 303 9.59 13.36 -29.82
C LEU A 303 9.86 11.93 -30.26
N LYS A 304 11.11 11.50 -30.24
CA LYS A 304 11.52 10.15 -30.60
C LYS A 304 11.06 9.79 -32.01
N SER A 305 11.46 10.63 -32.96
CA SER A 305 11.14 10.41 -34.36
C SER A 305 12.08 11.27 -35.20
N PHE A 306 12.16 10.95 -36.48
CA PHE A 306 13.01 11.68 -37.41
C PHE A 306 12.23 12.66 -38.27
N THR A 307 10.91 12.75 -38.09
CA THR A 307 10.07 13.71 -38.78
C THR A 307 9.19 14.41 -37.77
N VAL A 308 9.07 15.72 -37.90
CA VAL A 308 8.31 16.56 -36.98
C VAL A 308 7.28 17.33 -37.79
N GLU A 309 6.04 17.29 -37.33
CA GLU A 309 4.96 17.99 -38.03
C GLU A 309 4.85 19.42 -37.53
N LYS A 310 3.98 20.18 -38.19
CA LYS A 310 3.73 21.56 -37.79
C LYS A 310 3.21 21.60 -36.37
N GLY A 311 3.78 22.48 -35.56
CA GLY A 311 3.30 22.63 -34.20
C GLY A 311 4.35 23.26 -33.31
N ILE A 312 3.98 23.38 -32.04
CA ILE A 312 4.87 23.87 -30.99
C ILE A 312 5.06 22.74 -29.99
N TYR A 313 6.33 22.47 -29.67
CA TYR A 313 6.66 21.36 -28.79
C TYR A 313 7.54 21.86 -27.66
N GLN A 314 7.30 21.31 -26.47
CA GLN A 314 8.11 21.63 -25.30
C GLN A 314 9.20 20.58 -25.17
N THR A 315 10.45 21.01 -25.23
CA THR A 315 11.58 20.11 -25.32
C THR A 315 12.44 20.05 -24.06
N SER A 316 12.49 21.12 -23.27
CA SER A 316 13.36 21.15 -22.10
C SER A 316 12.98 22.34 -21.24
N ASN A 317 13.76 22.54 -20.18
CA ASN A 317 13.53 23.63 -19.24
C ASN A 317 14.76 24.54 -19.22
N PHE A 318 14.53 25.82 -19.02
CA PHE A 318 15.57 26.81 -18.88
C PHE A 318 15.60 27.29 -17.44
N ARG A 319 16.75 27.13 -16.79
CA ARG A 319 16.96 27.59 -15.43
C ARG A 319 18.31 28.27 -15.36
N VAL A 320 18.35 29.53 -14.95
CA VAL A 320 19.62 30.22 -14.82
C VAL A 320 20.44 29.56 -13.71
N GLN A 321 21.72 29.54 -13.89
CA GLN A 321 22.54 28.90 -12.88
C GLN A 321 23.10 29.93 -11.91
N PRO A 322 23.31 29.54 -10.65
CA PRO A 322 23.85 30.49 -9.68
C PRO A 322 25.31 30.82 -9.97
N THR A 323 25.61 32.11 -9.98
CA THR A 323 26.96 32.56 -10.31
C THR A 323 27.94 32.29 -9.18
N GLU A 324 27.52 32.51 -7.94
CA GLU A 324 28.43 32.36 -6.81
C GLU A 324 27.65 31.95 -5.56
N SER A 325 28.39 31.43 -4.58
CA SER A 325 27.83 31.04 -3.29
C SER A 325 28.28 32.04 -2.24
N ILE A 326 27.32 32.58 -1.50
CA ILE A 326 27.60 33.50 -0.40
C ILE A 326 27.18 32.84 0.91
N VAL A 327 28.08 32.91 1.88
CA VAL A 327 27.85 32.38 3.22
C VAL A 327 27.88 33.53 4.20
N ARG A 328 26.92 33.55 5.13
CA ARG A 328 26.82 34.63 6.07
C ARG A 328 26.39 34.07 7.42
N PHE A 329 26.81 34.76 8.47
CA PHE A 329 26.60 34.31 9.84
C PHE A 329 26.60 35.55 10.73
N PRO A 330 26.09 35.44 11.95
CA PRO A 330 26.11 36.59 12.85
C PRO A 330 27.54 37.02 13.15
N ASN A 331 27.69 38.32 13.37
CA ASN A 331 29.00 38.92 13.56
C ASN A 331 29.74 38.24 14.70
N ILE A 332 31.01 37.90 14.44
CA ILE A 332 31.79 37.09 15.38
C ILE A 332 31.83 37.78 16.72
N THR A 333 31.58 37.02 17.78
CA THR A 333 31.28 37.57 19.09
C THR A 333 32.27 37.02 20.11
N ASN A 334 31.95 37.21 21.40
CA ASN A 334 32.88 36.92 22.49
C ASN A 334 33.67 35.64 22.25
N LEU A 335 34.97 35.72 22.49
CA LEU A 335 35.90 34.64 22.21
C LEU A 335 36.08 33.80 23.46
N CYS A 336 36.97 32.85 23.38
CA CYS A 336 37.11 31.98 24.54
C CYS A 336 38.41 32.28 25.27
N PRO A 337 38.40 32.23 26.60
CA PRO A 337 39.60 32.57 27.38
C PRO A 337 40.67 31.48 27.37
N PHE A 338 41.23 31.19 26.20
CA PHE A 338 42.35 30.26 26.14
C PHE A 338 43.63 30.89 26.65
N GLY A 339 43.74 32.21 26.61
CA GLY A 339 44.93 32.90 27.07
C GLY A 339 45.14 32.95 28.55
N GLU A 340 44.11 32.63 29.34
CA GLU A 340 44.25 32.59 30.79
C GLU A 340 45.06 31.40 31.28
N VAL A 341 45.29 30.39 30.42
CA VAL A 341 46.09 29.23 30.76
C VAL A 341 47.35 29.15 29.90
N PHE A 342 47.27 29.54 28.63
CA PHE A 342 48.42 29.42 27.74
C PHE A 342 49.35 30.63 27.83
N ASN A 343 48.83 31.82 28.12
CA ASN A 343 49.64 32.93 28.63
C ASN A 343 49.59 33.06 30.14
N ALA A 344 49.22 32.02 30.87
CA ALA A 344 49.40 32.03 32.31
C ALA A 344 50.89 32.14 32.63
N THR A 345 51.21 32.90 33.68
CA THR A 345 52.62 33.15 34.02
C THR A 345 53.33 31.86 34.38
N ARG A 346 52.69 31.01 35.18
CA ARG A 346 53.27 29.73 35.57
C ARG A 346 52.14 28.73 35.77
N PHE A 347 52.51 27.46 35.92
CA PHE A 347 51.55 26.40 36.17
C PHE A 347 51.65 25.94 37.62
N ALA A 348 50.85 24.94 37.97
CA ALA A 348 50.80 24.43 39.34
C ALA A 348 51.63 23.15 39.45
N SER A 349 51.51 22.48 40.59
CA SER A 349 52.20 21.22 40.80
C SER A 349 51.65 20.15 39.86
N VAL A 350 52.49 19.18 39.51
CA VAL A 350 52.12 18.20 38.51
C VAL A 350 50.94 17.35 39.00
N TYR A 351 50.84 17.12 40.31
CA TYR A 351 49.66 16.45 40.85
C TYR A 351 48.56 17.43 41.23
N ALA A 352 48.83 18.73 41.16
CA ALA A 352 47.85 19.78 41.44
C ALA A 352 47.44 20.45 40.15
N TRP A 353 47.27 19.64 39.11
CA TRP A 353 46.86 20.14 37.80
C TRP A 353 45.55 20.93 37.91
N ASN A 354 45.53 22.10 37.29
CA ASN A 354 44.36 22.94 37.33
C ASN A 354 43.43 22.61 36.16
N ARG A 355 42.13 22.60 36.44
CA ARG A 355 41.13 22.16 35.47
C ARG A 355 40.16 23.31 35.24
N LYS A 356 40.26 23.94 34.07
CA LYS A 356 39.42 25.07 33.71
C LYS A 356 38.39 24.64 32.67
N ARG A 357 37.12 24.98 32.94
CA ARG A 357 36.03 24.75 32.00
C ARG A 357 35.76 26.01 31.19
N ILE A 358 35.72 25.86 29.88
CA ILE A 358 35.50 26.97 28.96
C ILE A 358 34.31 26.63 28.08
N SER A 359 33.36 27.56 27.96
CA SER A 359 32.14 27.37 27.19
C SER A 359 31.48 28.72 26.99
N ASN A 360 30.29 28.70 26.38
CA ASN A 360 29.46 29.90 26.18
C ASN A 360 30.21 30.96 25.37
N CYS A 361 30.94 30.50 24.35
CA CYS A 361 31.84 31.35 23.58
C CYS A 361 32.20 30.64 22.28
N VAL A 362 32.96 31.34 21.44
CA VAL A 362 33.44 30.75 20.19
C VAL A 362 34.94 30.51 20.32
N ALA A 363 35.35 29.26 20.06
CA ALA A 363 36.69 28.79 20.38
C ALA A 363 37.54 28.77 19.13
N ASP A 364 38.54 29.63 19.08
CA ASP A 364 39.49 29.64 17.97
C ASP A 364 40.48 28.51 18.15
N TYR A 365 40.50 27.57 17.22
CA TYR A 365 41.39 26.41 17.32
C TYR A 365 42.61 26.54 16.43
N SER A 366 42.51 27.28 15.32
CA SER A 366 43.67 27.48 14.47
C SER A 366 44.67 28.46 15.10
N VAL A 367 44.20 29.35 15.98
CA VAL A 367 45.12 30.29 16.61
C VAL A 367 46.06 29.56 17.57
N LEU A 368 45.64 28.41 18.08
CA LEU A 368 46.48 27.63 18.98
C LEU A 368 47.15 26.44 18.29
N TYR A 369 46.55 25.92 17.21
CA TYR A 369 47.24 24.93 16.40
C TYR A 369 48.40 25.54 15.64
N ASN A 370 48.22 26.76 15.11
CA ASN A 370 49.28 27.47 14.41
C ASN A 370 50.25 28.15 15.37
N SER A 371 49.95 28.18 16.66
CA SER A 371 50.88 28.70 17.64
C SER A 371 52.10 27.78 17.73
N ALA A 372 53.22 28.22 17.15
CA ALA A 372 54.39 27.38 16.99
C ALA A 372 55.23 27.28 18.25
N SER A 373 54.94 28.08 19.29
CA SER A 373 55.69 27.97 20.53
C SER A 373 55.43 26.65 21.24
N PHE A 374 54.26 26.05 21.03
CA PHE A 374 53.93 24.77 21.63
C PHE A 374 54.71 23.67 20.90
N SER A 375 55.71 23.10 21.58
CA SER A 375 56.65 22.21 20.91
C SER A 375 55.98 20.93 20.41
N THR A 376 55.24 20.25 21.28
CA THR A 376 54.62 18.98 20.93
C THR A 376 53.11 19.12 21.01
N PHE A 377 52.44 18.52 20.03
CA PHE A 377 51.01 18.71 19.83
C PHE A 377 50.45 17.39 19.33
N LYS A 378 49.68 16.69 20.18
CA LYS A 378 49.18 15.36 19.84
C LYS A 378 47.68 15.32 20.05
N CYS A 379 46.93 15.05 18.98
CA CYS A 379 45.49 14.88 19.04
C CYS A 379 45.11 13.48 18.60
N TYR A 380 44.17 12.89 19.33
CA TYR A 380 43.80 11.49 19.14
C TYR A 380 42.46 11.38 18.42
N GLY A 381 42.41 10.57 17.38
CA GLY A 381 41.17 10.22 16.72
C GLY A 381 40.60 11.29 15.80
N VAL A 382 40.40 12.50 16.33
CA VAL A 382 39.81 13.60 15.60
C VAL A 382 40.91 14.62 15.29
N SER A 383 41.12 14.89 14.01
CA SER A 383 42.19 15.80 13.61
C SER A 383 41.88 17.21 14.10
N PRO A 384 42.87 17.91 14.67
CA PRO A 384 42.65 19.31 15.07
C PRO A 384 42.27 20.20 13.90
N THR A 385 42.52 19.76 12.66
CA THR A 385 42.01 20.45 11.49
C THR A 385 40.50 20.34 11.37
N LYS A 386 39.85 19.48 12.17
CA LYS A 386 38.39 19.42 12.19
C LYS A 386 37.80 19.70 13.56
N LEU A 387 38.63 19.88 14.60
CA LEU A 387 38.12 20.46 15.84
C LEU A 387 37.83 21.95 15.68
N ASN A 388 38.23 22.55 14.56
CA ASN A 388 38.17 23.99 14.35
C ASN A 388 36.75 24.55 14.41
N ASP A 389 35.74 23.72 14.18
CA ASP A 389 34.38 24.22 13.96
C ASP A 389 33.36 23.72 14.98
N LEU A 390 33.37 22.43 15.30
CA LEU A 390 32.24 21.79 15.97
C LEU A 390 31.92 22.48 17.31
N CYS A 391 30.62 22.54 17.62
CA CYS A 391 30.13 23.12 18.85
C CYS A 391 30.22 22.11 19.99
N PHE A 392 30.63 22.61 21.15
CA PHE A 392 30.87 21.78 22.33
C PHE A 392 30.03 22.32 23.47
N THR A 393 29.69 21.43 24.41
CA THR A 393 29.03 21.87 25.63
C THR A 393 30.01 22.54 26.59
N ASN A 394 31.10 21.84 26.89
CA ASN A 394 32.16 22.38 27.73
C ASN A 394 33.49 21.85 27.20
N VAL A 395 34.56 22.61 27.44
CA VAL A 395 35.90 22.10 27.17
C VAL A 395 36.68 22.21 28.47
N TYR A 396 37.57 21.23 28.67
CA TYR A 396 38.31 21.08 29.92
C TYR A 396 39.80 21.17 29.61
N ALA A 397 40.44 22.19 30.17
CA ALA A 397 41.88 22.36 30.07
C ALA A 397 42.48 21.95 31.42
N ASP A 398 43.17 20.81 31.44
CA ASP A 398 43.85 20.32 32.62
C ASP A 398 45.34 20.57 32.44
N SER A 399 45.91 21.45 33.25
CA SER A 399 47.24 21.98 33.02
C SER A 399 48.15 21.69 34.20
N PHE A 400 49.43 21.48 33.90
CA PHE A 400 50.42 21.04 34.87
C PHE A 400 51.81 21.15 34.23
N VAL A 401 52.84 20.90 35.03
CA VAL A 401 54.22 20.95 34.57
C VAL A 401 54.93 19.66 34.97
N ILE A 402 55.63 19.06 34.02
CA ILE A 402 56.20 17.72 34.18
C ILE A 402 57.71 17.82 34.06
N ARG A 403 58.37 16.68 34.26
CA ARG A 403 59.73 16.49 33.78
C ARG A 403 59.70 15.98 32.34
N GLY A 404 60.89 15.77 31.76
CA GLY A 404 60.96 15.33 30.39
C GLY A 404 60.36 13.95 30.15
N ASP A 405 60.34 13.11 31.19
CA ASP A 405 59.91 11.73 31.03
C ASP A 405 58.39 11.57 30.90
N GLU A 406 57.60 12.55 31.34
CA GLU A 406 56.15 12.42 31.29
C GLU A 406 55.56 12.79 29.96
N VAL A 407 56.37 13.31 29.02
CA VAL A 407 55.85 13.61 27.69
C VAL A 407 55.32 12.35 27.02
N ARG A 408 56.09 11.25 27.10
CA ARG A 408 55.64 9.98 26.55
C ARG A 408 54.55 9.33 27.39
N GLN A 409 54.38 9.79 28.64
CA GLN A 409 53.39 9.18 29.54
C GLN A 409 51.96 9.50 29.15
N ILE A 410 51.75 10.43 28.21
CA ILE A 410 50.40 10.88 27.88
C ILE A 410 49.74 9.92 26.90
N ALA A 411 49.03 8.93 27.43
CA ALA A 411 48.29 7.97 26.63
C ALA A 411 47.36 7.14 27.51
N PRO A 412 46.16 6.81 27.05
CA PRO A 412 45.32 5.87 27.80
C PRO A 412 45.95 4.49 27.86
N GLY A 413 45.74 3.82 28.98
CA GLY A 413 46.37 2.53 29.20
C GLY A 413 47.88 2.60 29.34
N GLN A 414 48.38 3.61 30.03
CA GLN A 414 49.80 3.78 30.29
C GLN A 414 50.08 3.66 31.78
N THR A 415 51.33 3.32 32.09
CA THR A 415 51.76 3.12 33.47
C THR A 415 53.13 3.77 33.67
N GLY A 416 53.41 4.12 34.93
CA GLY A 416 54.65 4.78 35.27
C GLY A 416 54.48 5.73 36.44
N LYS A 417 55.44 6.64 36.65
CA LYS A 417 55.32 7.60 37.73
C LYS A 417 54.10 8.50 37.53
N ILE A 418 53.99 9.11 36.35
CA ILE A 418 52.95 10.11 36.12
C ILE A 418 51.65 9.45 35.66
N ALA A 419 51.76 8.38 34.86
CA ALA A 419 50.54 7.69 34.42
C ALA A 419 49.81 7.04 35.60
N ASP A 420 50.51 6.66 36.65
CA ASP A 420 49.87 5.98 37.78
C ASP A 420 49.68 6.90 38.98
N TYR A 421 50.76 7.55 39.44
CA TYR A 421 50.64 8.40 40.65
C TYR A 421 50.27 9.85 40.28
N ASN A 422 49.84 10.07 39.04
CA ASN A 422 49.39 11.42 38.60
C ASN A 422 48.21 11.24 37.65
N TYR A 423 47.68 12.33 37.10
CA TYR A 423 46.48 12.17 36.25
C TYR A 423 46.81 11.21 35.10
N LYS A 424 45.94 10.22 34.88
CA LYS A 424 46.20 9.22 33.83
C LYS A 424 45.20 9.49 32.71
N LEU A 425 45.64 9.52 31.46
CA LEU A 425 44.66 9.88 30.41
C LEU A 425 43.54 8.85 30.54
N PRO A 426 42.25 9.24 30.49
CA PRO A 426 41.18 8.28 30.74
C PRO A 426 41.37 7.08 29.81
N ASP A 427 41.24 5.85 30.34
CA ASP A 427 41.44 4.63 29.53
C ASP A 427 40.58 4.72 28.26
N ASP A 428 39.48 5.47 28.32
CA ASP A 428 38.61 5.67 27.16
C ASP A 428 39.19 6.79 26.27
N PHE A 429 38.38 7.23 25.32
CA PHE A 429 38.81 8.24 24.36
C PHE A 429 39.03 9.58 25.03
N THR A 430 40.18 10.20 24.77
CA THR A 430 40.57 11.47 25.36
C THR A 430 40.82 12.46 24.21
N GLY A 431 41.09 13.72 24.57
CA GLY A 431 41.23 14.75 23.56
C GLY A 431 42.65 14.95 23.08
N CYS A 432 43.28 16.07 23.42
CA CYS A 432 44.60 16.40 22.92
C CYS A 432 45.55 16.72 24.06
N VAL A 433 46.84 16.71 23.74
CA VAL A 433 47.90 17.10 24.67
C VAL A 433 48.81 18.10 23.98
N ILE A 434 49.15 19.17 24.70
CA ILE A 434 49.97 20.26 24.18
C ILE A 434 51.07 20.54 25.18
N ALA A 435 52.32 20.44 24.75
CA ALA A 435 53.45 20.64 25.64
C ALA A 435 54.44 21.62 25.01
N TRP A 436 55.04 22.45 25.86
CA TRP A 436 56.07 23.38 25.42
C TRP A 436 57.05 23.65 26.54
N ASN A 437 58.06 24.46 26.24
CA ASN A 437 59.19 24.65 27.14
C ASN A 437 58.80 25.51 28.35
N SER A 438 59.50 25.28 29.46
CA SER A 438 59.31 26.09 30.66
C SER A 438 60.65 26.42 31.31
N ASN A 439 61.65 26.77 30.51
CA ASN A 439 62.95 27.14 31.07
C ASN A 439 62.85 28.45 31.84
N ASN A 440 61.91 29.31 31.48
CA ASN A 440 61.77 30.62 32.09
C ASN A 440 61.23 30.56 33.52
N LEU A 441 60.27 29.68 33.80
CA LEU A 441 59.55 29.70 35.07
C LEU A 441 59.76 28.47 35.94
N ASP A 442 59.50 27.27 35.40
CA ASP A 442 59.50 26.05 36.19
C ASP A 442 60.80 25.26 36.05
N SER A 443 61.82 25.83 35.44
CA SER A 443 63.10 25.13 35.29
C SER A 443 63.84 25.08 36.62
N TYR A 449 61.48 22.51 43.03
CA TYR A 449 61.63 22.31 44.46
C TYR A 449 60.32 22.53 45.20
N ASN A 450 59.62 23.61 44.83
CA ASN A 450 58.31 23.86 45.42
C ASN A 450 57.21 23.02 44.77
N TYR A 451 57.56 22.21 43.78
CA TYR A 451 56.62 21.31 43.13
C TYR A 451 57.10 19.87 43.33
N LEU A 452 56.26 19.06 43.97
CA LEU A 452 56.52 17.63 44.10
C LEU A 452 55.90 16.88 42.94
N TYR A 453 56.47 15.73 42.62
CA TYR A 453 55.96 14.92 41.52
C TYR A 453 55.73 13.50 41.99
N ARG A 454 54.72 12.85 41.42
CA ARG A 454 54.43 11.46 41.73
C ARG A 454 54.14 10.68 40.46
N PRO A 491 56.81 7.40 48.85
CA PRO A 491 55.90 8.53 48.60
C PRO A 491 56.27 9.31 47.35
N LEU A 492 55.82 10.56 47.26
CA LEU A 492 56.11 11.42 46.12
C LEU A 492 57.46 12.10 46.32
N GLN A 493 58.13 12.41 45.21
CA GLN A 493 59.43 13.05 45.22
C GLN A 493 59.34 14.39 44.50
N SER A 494 60.48 15.07 44.42
CA SER A 494 60.60 16.32 43.69
C SER A 494 61.84 16.29 42.79
N TYR A 495 61.67 16.93 41.63
CA TYR A 495 62.81 17.06 40.69
C TYR A 495 63.54 18.33 41.09
N GLY A 496 64.72 18.56 40.52
CA GLY A 496 65.47 19.74 40.95
C GLY A 496 64.66 20.98 40.66
N PHE A 497 64.04 21.06 39.48
CA PHE A 497 63.36 22.33 39.14
C PHE A 497 64.42 23.42 39.32
N GLN A 498 65.65 23.13 38.89
CA GLN A 498 66.77 24.10 39.00
C GLN A 498 67.04 24.57 37.58
N PRO A 499 67.36 25.87 37.33
CA PRO A 499 67.47 26.34 35.97
C PRO A 499 68.47 25.47 35.20
N THR A 500 68.03 24.93 34.05
CA THR A 500 68.89 24.03 33.24
C THR A 500 68.27 23.87 31.85
N VAL A 503 68.66 14.71 29.78
CA VAL A 503 67.80 15.69 29.15
C VAL A 503 66.36 15.40 29.55
N GLY A 504 66.15 14.20 30.12
CA GLY A 504 64.83 13.80 30.56
C GLY A 504 64.38 14.44 31.86
N TYR A 505 65.25 15.22 32.49
CA TYR A 505 64.90 15.97 33.69
C TYR A 505 64.23 17.30 33.38
N GLN A 506 64.21 17.71 32.12
CA GLN A 506 63.73 19.04 31.76
C GLN A 506 62.25 19.19 32.12
N PRO A 507 61.90 20.18 32.94
CA PRO A 507 60.48 20.47 33.15
C PRO A 507 59.86 21.18 31.95
N TYR A 508 58.62 20.81 31.68
CA TYR A 508 57.89 21.25 30.49
C TYR A 508 56.42 21.45 30.85
N ARG A 509 55.82 22.49 30.27
CA ARG A 509 54.44 22.86 30.57
C ARG A 509 53.50 22.10 29.64
N VAL A 510 52.54 21.38 30.23
CA VAL A 510 51.67 20.46 29.51
C VAL A 510 50.21 20.75 29.86
N VAL A 511 49.36 20.76 28.84
CA VAL A 511 47.92 20.94 28.97
C VAL A 511 47.23 19.79 28.25
N VAL A 512 46.09 19.37 28.79
CA VAL A 512 45.27 18.31 28.23
C VAL A 512 43.90 18.89 27.94
N LEU A 513 43.41 18.65 26.73
CA LEU A 513 42.12 19.14 26.26
C LEU A 513 41.15 17.96 26.21
N SER A 514 40.18 17.96 27.12
CA SER A 514 39.13 16.95 27.14
C SER A 514 37.79 17.66 27.02
N PHE A 515 37.02 17.30 26.00
CA PHE A 515 35.83 18.05 25.62
C PHE A 515 34.59 17.33 26.11
N GLU A 516 33.88 17.94 27.07
CA GLU A 516 32.62 17.42 27.58
C GLU A 516 31.52 18.07 26.74
N LEU A 517 31.40 17.63 25.48
CA LEU A 517 30.46 18.21 24.53
C LEU A 517 29.11 17.50 24.53
N LEU A 518 29.07 16.21 24.83
CA LEU A 518 27.81 15.46 24.75
C LEU A 518 27.20 15.17 26.12
N HIS A 519 27.77 15.72 27.20
CA HIS A 519 27.11 15.59 28.50
C HIS A 519 25.89 16.50 28.61
N ALA A 520 25.75 17.45 27.68
CA ALA A 520 24.65 18.41 27.67
C ALA A 520 24.60 19.09 26.31
N PRO A 521 23.59 19.91 26.01
CA PRO A 521 23.59 20.64 24.74
C PRO A 521 24.80 21.55 24.61
N ALA A 522 25.30 21.67 23.38
CA ALA A 522 26.53 22.41 23.13
C ALA A 522 26.32 23.91 23.24
N THR A 523 27.34 24.61 23.73
CA THR A 523 27.29 26.07 23.81
C THR A 523 28.58 26.78 23.42
N VAL A 524 29.66 26.05 23.13
CA VAL A 524 30.92 26.66 22.69
C VAL A 524 31.29 26.06 21.33
N CYS A 525 31.59 26.95 20.38
CA CYS A 525 31.73 26.54 18.99
C CYS A 525 33.04 27.06 18.42
N GLY A 526 33.37 26.60 17.22
CA GLY A 526 34.36 27.24 16.40
C GLY A 526 33.70 28.32 15.57
N PRO A 527 34.49 29.25 15.03
CA PRO A 527 33.92 30.37 14.26
C PRO A 527 33.42 29.88 12.91
N LYS A 528 32.88 30.84 12.15
CA LYS A 528 32.35 30.57 10.81
C LYS A 528 32.60 31.81 9.96
N LYS A 529 33.57 31.72 9.06
CA LYS A 529 33.95 32.87 8.23
C LYS A 529 32.79 33.29 7.34
N SER A 530 32.52 34.59 7.29
CA SER A 530 31.46 35.14 6.47
C SER A 530 32.02 35.60 5.14
N THR A 531 31.16 36.18 4.31
CA THR A 531 31.54 36.65 2.98
C THR A 531 30.66 37.83 2.61
N ASN A 532 31.25 38.83 1.95
CA ASN A 532 30.48 39.96 1.48
C ASN A 532 29.36 39.50 0.55
N LEU A 533 28.20 40.13 0.69
CA LEU A 533 26.99 39.72 -0.02
C LEU A 533 26.88 40.46 -1.34
N VAL A 534 26.41 39.75 -2.36
CA VAL A 534 26.11 40.33 -3.66
C VAL A 534 24.61 40.25 -3.87
N LYS A 535 24.08 41.16 -4.69
CA LYS A 535 22.65 41.30 -4.87
C LYS A 535 22.31 41.37 -6.35
N ASN A 536 21.03 41.10 -6.65
CA ASN A 536 20.50 41.13 -8.00
C ASN A 536 21.18 40.11 -8.92
N LYS A 537 21.65 39.01 -8.34
CA LYS A 537 22.25 37.91 -9.09
C LYS A 537 21.83 36.59 -8.46
N CYS A 538 21.54 35.61 -9.30
CA CYS A 538 21.22 34.27 -8.80
C CYS A 538 22.42 33.71 -8.06
N VAL A 539 22.31 33.55 -6.75
CA VAL A 539 23.40 33.09 -5.91
C VAL A 539 22.89 32.00 -4.97
N ASN A 540 23.83 31.22 -4.45
CA ASN A 540 23.56 30.20 -3.44
C ASN A 540 23.80 30.83 -2.07
N PHE A 541 22.73 31.17 -1.38
CA PHE A 541 22.84 31.88 -0.11
C PHE A 541 22.78 30.92 1.06
N ASN A 542 23.53 31.26 2.11
CA ASN A 542 23.48 30.55 3.39
C ASN A 542 23.38 31.62 4.48
N PHE A 543 22.15 31.88 4.95
CA PHE A 543 21.87 32.87 5.99
C PHE A 543 21.62 32.14 7.30
N ASN A 544 22.62 32.12 8.18
CA ASN A 544 22.48 31.59 9.54
C ASN A 544 22.15 30.10 9.55
N GLY A 545 22.39 29.42 8.43
CA GLY A 545 22.01 28.03 8.27
C GLY A 545 20.81 27.81 7.37
N LEU A 546 19.95 28.81 7.22
CA LEU A 546 18.88 28.79 6.23
C LEU A 546 19.52 28.93 4.85
N THR A 547 19.51 27.85 4.07
CA THR A 547 20.26 27.79 2.83
C THR A 547 19.31 27.65 1.64
N GLY A 548 19.78 28.12 0.50
CA GLY A 548 19.00 27.99 -0.72
C GLY A 548 19.66 28.73 -1.87
N THR A 549 18.88 28.97 -2.92
CA THR A 549 19.35 29.66 -4.10
C THR A 549 18.31 30.68 -4.53
N GLY A 550 18.76 31.85 -4.93
CA GLY A 550 17.82 32.87 -5.34
C GLY A 550 18.51 34.18 -5.64
N VAL A 551 17.68 35.19 -5.93
CA VAL A 551 18.13 36.56 -6.17
C VAL A 551 17.79 37.38 -4.94
N LEU A 552 18.82 37.93 -4.30
CA LEU A 552 18.65 38.73 -3.10
C LEU A 552 18.52 40.19 -3.50
N THR A 553 17.38 40.79 -3.17
CA THR A 553 17.12 42.17 -3.55
C THR A 553 16.66 42.96 -2.32
N GLU A 554 16.54 44.27 -2.50
CA GLU A 554 16.16 45.13 -1.41
C GLU A 554 14.64 45.13 -1.23
N SER A 555 14.20 45.23 0.01
CA SER A 555 12.79 45.11 0.36
C SER A 555 12.34 46.31 1.18
N ASN A 556 11.05 46.59 1.09
CA ASN A 556 10.42 47.65 1.87
C ASN A 556 9.58 47.09 3.01
N LYS A 557 10.03 45.98 3.59
CA LYS A 557 9.30 45.29 4.62
C LYS A 557 9.79 45.71 6.00
N LYS A 558 9.02 45.32 7.02
CA LYS A 558 9.28 45.69 8.40
C LYS A 558 9.31 44.44 9.26
N PHE A 559 10.51 44.00 9.61
CA PHE A 559 10.64 42.87 10.52
C PHE A 559 10.66 43.38 11.96
N LEU A 560 9.83 42.79 12.81
CA LEU A 560 9.91 43.10 14.23
C LEU A 560 11.26 42.63 14.76
N PRO A 561 11.87 43.38 15.69
CA PRO A 561 13.28 43.18 16.05
C PRO A 561 13.72 41.73 16.21
N PHE A 562 12.87 40.89 16.78
CA PHE A 562 13.23 39.50 17.02
C PHE A 562 13.09 38.64 15.77
N GLN A 563 12.23 39.02 14.83
CA GLN A 563 11.93 38.17 13.69
C GLN A 563 13.12 38.08 12.75
N GLN A 564 13.56 36.86 12.47
CA GLN A 564 14.77 36.65 11.67
C GLN A 564 14.47 36.64 10.18
N PHE A 565 13.59 35.76 9.75
CA PHE A 565 13.28 35.63 8.32
C PHE A 565 11.77 35.52 8.15
N GLY A 566 11.30 36.01 7.02
CA GLY A 566 9.88 36.02 6.71
C GLY A 566 9.48 34.89 5.80
N ARG A 567 8.23 34.47 5.91
CA ARG A 567 7.73 33.34 5.15
C ARG A 567 6.41 33.72 4.49
N ASP A 568 6.09 33.02 3.41
CA ASP A 568 4.93 33.29 2.58
C ASP A 568 3.86 32.25 2.84
N ILE A 569 2.67 32.49 2.26
CA ILE A 569 1.63 31.47 2.27
C ILE A 569 2.19 30.21 1.59
N ALA A 570 1.83 29.05 2.14
CA ALA A 570 2.38 27.74 1.79
C ALA A 570 3.82 27.57 2.30
N ASP A 571 4.27 28.46 3.18
CA ASP A 571 5.50 28.28 3.95
C ASP A 571 6.73 28.16 3.06
N THR A 572 7.01 29.25 2.34
CA THR A 572 8.25 29.40 1.60
C THR A 572 8.98 30.64 2.10
N THR A 573 10.27 30.50 2.38
CA THR A 573 11.06 31.63 2.87
C THR A 573 11.12 32.72 1.81
N ASP A 574 10.58 33.89 2.13
CA ASP A 574 10.47 34.97 1.15
C ASP A 574 11.34 36.18 1.48
N ALA A 575 11.65 36.41 2.75
CA ALA A 575 12.53 37.50 3.15
C ALA A 575 13.46 37.01 4.24
N VAL A 576 14.49 37.79 4.52
CA VAL A 576 15.47 37.43 5.53
C VAL A 576 16.27 38.68 5.89
N ARG A 577 16.61 38.81 7.18
CA ARG A 577 17.47 39.90 7.60
C ARG A 577 18.93 39.48 7.48
N ASP A 578 19.76 40.42 7.07
CA ASP A 578 21.17 40.13 6.85
C ASP A 578 21.93 40.17 8.17
N PRO A 579 22.65 39.11 8.53
CA PRO A 579 23.50 39.18 9.72
C PRO A 579 24.62 40.21 9.55
N GLN A 580 25.06 40.75 10.68
CA GLN A 580 26.18 41.68 10.81
C GLN A 580 25.85 43.07 10.28
N THR A 581 24.73 43.21 9.58
CA THR A 581 24.32 44.53 9.11
C THR A 581 22.82 44.79 9.16
N LEU A 582 21.98 43.78 9.34
CA LEU A 582 20.62 43.92 9.85
C LEU A 582 19.67 44.66 8.90
N GLU A 583 19.92 44.63 7.60
CA GLU A 583 18.88 45.07 6.69
C GLU A 583 18.01 43.88 6.29
N ILE A 584 16.88 44.19 5.66
CA ILE A 584 15.87 43.21 5.29
C ILE A 584 15.93 43.02 3.77
N LEU A 585 16.03 41.75 3.35
CA LEU A 585 16.21 41.40 1.96
C LEU A 585 15.05 40.53 1.49
N ASP A 586 14.56 40.83 0.30
CA ASP A 586 13.62 39.95 -0.39
C ASP A 586 14.39 38.88 -1.17
N ILE A 587 13.77 37.72 -1.31
CA ILE A 587 14.34 36.60 -2.05
C ILE A 587 13.41 36.27 -3.20
N THR A 588 13.95 36.29 -4.41
CA THR A 588 13.18 35.94 -5.59
C THR A 588 13.73 34.65 -6.19
N PRO A 589 12.88 33.71 -6.58
CA PRO A 589 13.40 32.49 -7.21
C PRO A 589 14.14 32.83 -8.49
N CYS A 590 15.23 32.10 -8.73
CA CYS A 590 16.00 32.30 -9.95
C CYS A 590 15.14 31.96 -11.15
N SER A 591 15.17 32.82 -12.16
CA SER A 591 14.22 32.73 -13.25
C SER A 591 14.32 31.39 -13.96
N PHE A 592 13.17 30.83 -14.30
CA PHE A 592 13.11 29.54 -14.97
C PHE A 592 11.86 29.50 -15.84
N GLY A 593 11.76 28.46 -16.65
CA GLY A 593 10.61 28.28 -17.50
C GLY A 593 10.81 27.11 -18.44
N GLY A 594 9.85 26.95 -19.34
CA GLY A 594 9.97 25.95 -20.37
C GLY A 594 10.58 26.51 -21.63
N VAL A 595 11.03 25.61 -22.51
CA VAL A 595 11.55 25.98 -23.82
C VAL A 595 10.73 25.26 -24.87
N SER A 596 10.16 26.02 -25.80
CA SER A 596 9.31 25.47 -26.84
C SER A 596 9.94 25.73 -28.20
N VAL A 597 9.68 24.83 -29.14
CA VAL A 597 10.24 24.92 -30.48
C VAL A 597 9.09 25.05 -31.47
N ILE A 598 8.99 26.20 -32.12
CA ILE A 598 8.07 26.42 -33.22
C ILE A 598 8.70 25.82 -34.47
N THR A 599 8.01 24.89 -35.11
CA THR A 599 8.50 24.26 -36.32
C THR A 599 7.41 24.19 -37.38
N PRO A 600 7.69 24.61 -38.61
CA PRO A 600 6.71 24.41 -39.70
C PRO A 600 6.45 22.95 -39.99
N GLY A 601 7.39 22.08 -39.68
CA GLY A 601 7.32 20.70 -40.11
C GLY A 601 8.54 20.36 -40.94
N THR A 602 9.15 19.21 -40.67
CA THR A 602 10.37 18.84 -41.37
C THR A 602 10.17 18.60 -42.86
N ASN A 603 8.92 18.44 -43.30
CA ASN A 603 8.61 18.38 -44.72
C ASN A 603 8.67 19.74 -45.40
N THR A 604 8.49 20.82 -44.67
CA THR A 604 8.49 22.15 -45.28
C THR A 604 9.84 22.85 -45.17
N SER A 605 10.51 22.76 -44.03
CA SER A 605 11.82 23.38 -43.87
C SER A 605 12.49 22.77 -42.65
N ASN A 606 13.68 23.29 -42.34
CA ASN A 606 14.35 23.04 -41.07
C ASN A 606 14.47 24.31 -40.25
N GLN A 607 13.93 25.42 -40.73
CA GLN A 607 13.86 26.65 -39.95
C GLN A 607 13.00 26.42 -38.72
N VAL A 608 13.47 26.91 -37.56
CA VAL A 608 12.71 26.80 -36.32
C VAL A 608 12.80 28.13 -35.57
N ALA A 609 11.90 28.29 -34.61
CA ALA A 609 11.93 29.39 -33.67
C ALA A 609 11.89 28.82 -32.28
N VAL A 610 12.41 29.58 -31.31
CA VAL A 610 12.49 29.09 -29.94
C VAL A 610 11.80 30.09 -29.03
N LEU A 611 10.87 29.60 -28.23
CA LEU A 611 10.14 30.40 -27.25
C LEU A 611 10.61 30.03 -25.86
N TYR A 612 11.24 30.96 -25.18
CA TYR A 612 11.53 30.83 -23.75
C TYR A 612 10.34 31.38 -23.01
N GLN A 613 9.64 30.52 -22.28
CA GLN A 613 8.21 30.72 -22.03
C GLN A 613 7.94 31.89 -21.09
N ASP A 614 8.76 32.09 -20.07
CA ASP A 614 8.41 33.12 -19.09
C ASP A 614 9.66 33.90 -18.67
N VAL A 615 10.46 34.32 -19.63
CA VAL A 615 11.70 35.05 -19.35
C VAL A 615 11.62 36.43 -19.97
N ASN A 616 12.06 37.43 -19.21
CA ASN A 616 12.39 38.76 -19.73
C ASN A 616 13.76 38.66 -20.38
N CYS A 617 13.80 38.40 -21.69
CA CYS A 617 15.04 37.96 -22.33
C CYS A 617 16.02 39.12 -22.50
N THR A 618 16.38 39.72 -21.38
CA THR A 618 17.62 40.45 -21.24
C THR A 618 18.76 39.50 -20.89
N GLU A 619 18.45 38.23 -20.64
CA GLU A 619 19.43 37.18 -20.39
C GLU A 619 19.18 36.06 -21.39
N VAL A 620 20.27 35.48 -21.88
CA VAL A 620 20.19 34.42 -22.88
C VAL A 620 19.67 33.13 -22.27
N SER A 640 19.43 36.46 -33.86
CA SER A 640 19.57 37.71 -34.60
C SER A 640 18.38 38.63 -34.34
N ASN A 641 17.18 38.11 -34.59
CA ASN A 641 15.94 38.83 -34.33
C ASN A 641 15.24 38.27 -33.10
N VAL A 642 14.97 39.15 -32.14
CA VAL A 642 14.43 38.76 -30.84
C VAL A 642 13.19 39.62 -30.57
N PHE A 643 12.10 38.99 -30.15
CA PHE A 643 10.83 39.67 -29.99
C PHE A 643 10.21 39.28 -28.65
N GLN A 644 9.88 40.27 -27.84
CA GLN A 644 9.37 40.05 -26.48
C GLN A 644 7.84 40.01 -26.52
N THR A 645 7.27 38.82 -26.41
CA THR A 645 5.83 38.64 -26.37
C THR A 645 5.35 38.51 -24.93
N ARG A 646 4.06 38.73 -24.74
CA ARG A 646 3.45 38.53 -23.43
C ARG A 646 3.57 37.09 -22.98
N ALA A 647 3.81 36.17 -23.91
CA ALA A 647 4.01 34.76 -23.58
C ALA A 647 5.48 34.38 -23.51
N GLY A 648 6.37 35.34 -23.31
CA GLY A 648 7.78 35.03 -23.18
C GLY A 648 8.63 35.62 -24.29
N CYS A 649 9.86 35.15 -24.44
CA CYS A 649 10.74 35.68 -25.47
C CYS A 649 10.76 34.73 -26.67
N LEU A 650 10.43 35.25 -27.85
CA LEU A 650 10.44 34.49 -29.07
C LEU A 650 11.67 34.87 -29.88
N ILE A 651 12.47 33.87 -30.26
CA ILE A 651 13.77 34.06 -30.88
C ILE A 651 13.77 33.32 -32.20
N GLY A 652 14.20 33.99 -33.25
CA GLY A 652 14.25 33.39 -34.56
C GLY A 652 13.00 33.54 -35.40
N ALA A 653 12.06 34.40 -34.98
CA ALA A 653 10.85 34.66 -35.74
C ALA A 653 10.68 36.16 -35.89
N GLU A 654 10.35 36.59 -37.10
CA GLU A 654 10.25 38.01 -37.42
C GLU A 654 8.87 38.54 -37.05
N HIS A 655 8.84 39.70 -36.39
CA HIS A 655 7.59 40.30 -35.97
C HIS A 655 6.98 41.12 -37.09
N VAL A 656 5.81 40.71 -37.55
CA VAL A 656 5.12 41.37 -38.65
C VAL A 656 4.01 42.22 -38.07
N ASN A 657 3.56 43.21 -38.85
CA ASN A 657 2.58 44.18 -38.35
C ASN A 657 1.17 43.98 -38.91
N ASN A 658 0.97 43.08 -39.87
CA ASN A 658 -0.36 42.81 -40.40
C ASN A 658 -0.83 41.44 -39.93
N SER A 659 -2.12 41.33 -39.63
CA SER A 659 -2.69 40.20 -38.92
C SER A 659 -3.28 39.18 -39.87
N TYR A 660 -2.98 37.91 -39.63
CA TYR A 660 -3.52 36.80 -40.41
C TYR A 660 -4.35 35.91 -39.49
N GLU A 661 -4.79 34.78 -40.04
CA GLU A 661 -5.50 33.78 -39.26
C GLU A 661 -4.48 32.88 -38.57
N CYS A 662 -4.83 32.43 -37.36
CA CYS A 662 -3.88 31.69 -36.54
C CYS A 662 -3.41 30.43 -37.24
N ASP A 663 -2.10 30.19 -37.16
CA ASP A 663 -1.49 28.99 -37.71
C ASP A 663 -0.93 28.09 -36.62
N ILE A 664 -0.04 28.62 -35.78
CA ILE A 664 0.51 27.89 -34.65
C ILE A 664 0.32 28.75 -33.41
N PRO A 665 -0.46 28.31 -32.43
CA PRO A 665 -0.75 29.17 -31.27
C PRO A 665 0.45 29.29 -30.36
N ILE A 666 0.98 30.51 -30.27
CA ILE A 666 2.03 30.80 -29.30
C ILE A 666 1.45 31.15 -27.94
N GLY A 667 0.45 32.03 -27.91
CA GLY A 667 -0.20 32.38 -26.66
C GLY A 667 -0.34 33.88 -26.48
N ALA A 668 -1.32 34.28 -25.68
CA ALA A 668 -1.61 35.69 -25.39
C ALA A 668 -1.96 36.47 -26.66
N GLY A 669 -2.58 35.80 -27.62
CA GLY A 669 -3.06 36.46 -28.81
C GLY A 669 -2.10 36.50 -29.98
N ILE A 670 -1.05 35.69 -29.96
CA ILE A 670 0.01 35.75 -30.97
C ILE A 670 0.19 34.36 -31.55
N CYS A 671 0.22 34.27 -32.87
CA CYS A 671 0.41 33.01 -33.57
C CYS A 671 1.69 33.08 -34.40
N ALA A 672 1.98 32.00 -35.13
CA ALA A 672 3.16 31.95 -35.98
C ALA A 672 2.91 31.14 -37.24
N VAL A 687 4.77 29.82 -41.05
CA VAL A 687 5.81 29.87 -42.07
C VAL A 687 5.27 30.48 -43.37
N ALA A 688 5.74 31.69 -43.68
CA ALA A 688 5.32 32.40 -44.87
C ALA A 688 6.46 33.30 -45.32
N SER A 689 6.65 33.39 -46.64
CA SER A 689 7.79 34.09 -47.22
C SER A 689 9.11 33.49 -46.73
N GLN A 690 9.22 32.16 -46.90
CA GLN A 690 10.40 31.36 -46.60
C GLN A 690 11.06 31.72 -45.27
N SER A 691 10.27 32.05 -44.27
CA SER A 691 10.78 32.32 -42.93
C SER A 691 9.66 32.10 -41.93
N ILE A 692 9.97 32.30 -40.65
CA ILE A 692 9.01 32.20 -39.57
C ILE A 692 8.56 33.60 -39.20
N ILE A 693 7.25 33.80 -39.08
CA ILE A 693 6.68 35.11 -38.78
C ILE A 693 5.88 35.00 -37.49
N ALA A 694 5.73 36.13 -36.82
CA ALA A 694 4.95 36.24 -35.60
C ALA A 694 4.00 37.41 -35.74
N TYR A 695 2.73 37.18 -35.43
CA TYR A 695 1.71 38.22 -35.61
C TYR A 695 0.62 38.04 -34.57
N THR A 696 -0.10 39.12 -34.31
CA THR A 696 -1.33 39.05 -33.55
C THR A 696 -2.43 38.50 -34.44
N MET A 697 -3.18 37.51 -33.93
CA MET A 697 -4.16 36.84 -34.77
C MET A 697 -5.28 37.79 -35.16
N SER A 698 -5.93 37.49 -36.27
CA SER A 698 -7.12 38.21 -36.70
C SER A 698 -8.35 37.36 -36.41
N LEU A 699 -9.38 37.99 -35.87
CA LEU A 699 -10.60 37.28 -35.52
C LEU A 699 -11.51 37.06 -36.72
N GLY A 700 -11.28 37.74 -37.84
CA GLY A 700 -12.06 37.52 -39.03
C GLY A 700 -12.22 38.77 -39.86
N ALA A 701 -12.77 38.63 -41.06
CA ALA A 701 -13.05 39.79 -41.89
C ALA A 701 -14.15 40.62 -41.25
N GLU A 702 -13.97 41.94 -41.25
CA GLU A 702 -14.88 42.84 -40.55
C GLU A 702 -15.79 43.53 -41.56
N ASN A 703 -17.10 43.43 -41.33
CA ASN A 703 -18.07 44.14 -42.14
C ASN A 703 -19.18 44.66 -41.24
N SER A 704 -19.99 45.56 -41.79
CA SER A 704 -21.13 46.11 -41.08
C SER A 704 -22.38 45.90 -41.91
N VAL A 705 -23.45 45.50 -41.25
CA VAL A 705 -24.71 45.25 -41.92
C VAL A 705 -25.43 46.58 -42.09
N ALA A 706 -26.01 46.79 -43.27
CA ALA A 706 -26.62 48.07 -43.62
C ALA A 706 -27.98 48.20 -42.94
N TYR A 707 -27.94 48.37 -41.62
CA TYR A 707 -29.17 48.48 -40.86
C TYR A 707 -29.85 49.81 -41.12
N SER A 708 -31.06 49.74 -41.66
CA SER A 708 -31.98 50.87 -41.72
C SER A 708 -33.30 50.42 -41.12
N ASN A 709 -34.10 51.39 -40.70
CA ASN A 709 -35.34 51.03 -40.01
C ASN A 709 -36.49 50.75 -40.96
N ASN A 710 -36.27 50.79 -42.27
CA ASN A 710 -37.31 50.43 -43.21
C ASN A 710 -36.77 49.65 -44.40
N SER A 711 -35.69 48.89 -44.21
CA SER A 711 -35.12 48.12 -45.31
C SER A 711 -34.82 46.71 -44.87
N ILE A 712 -34.96 45.78 -45.81
CA ILE A 712 -34.74 44.36 -45.57
C ILE A 712 -33.90 43.81 -46.70
N ALA A 713 -33.22 42.70 -46.42
CA ALA A 713 -32.50 41.96 -47.45
C ALA A 713 -33.17 40.60 -47.60
N ILE A 714 -33.48 40.23 -48.83
CA ILE A 714 -34.12 38.95 -49.07
C ILE A 714 -33.32 38.17 -50.11
N PRO A 715 -33.07 36.89 -49.90
CA PRO A 715 -32.27 36.13 -50.87
C PRO A 715 -33.10 35.70 -52.06
N THR A 716 -32.51 35.81 -53.24
CA THR A 716 -33.17 35.46 -54.48
C THR A 716 -32.73 34.13 -55.05
N ASN A 717 -31.84 33.41 -54.36
CA ASN A 717 -31.34 32.14 -54.83
C ASN A 717 -30.98 31.28 -53.62
N PHE A 718 -30.32 30.16 -53.86
CA PHE A 718 -29.87 29.31 -52.76
C PHE A 718 -28.72 28.44 -53.26
N THR A 719 -28.02 27.85 -52.31
CA THR A 719 -27.04 26.81 -52.57
C THR A 719 -27.26 25.67 -51.59
N ILE A 720 -27.14 24.45 -52.09
CA ILE A 720 -27.25 23.26 -51.25
C ILE A 720 -25.84 22.81 -50.91
N SER A 721 -25.52 22.78 -49.62
CA SER A 721 -24.17 22.46 -49.18
C SER A 721 -24.19 21.16 -48.39
N VAL A 722 -23.18 20.33 -48.62
CA VAL A 722 -22.98 19.09 -47.89
C VAL A 722 -21.68 19.21 -47.12
N THR A 723 -21.74 19.00 -45.81
CA THR A 723 -20.58 19.15 -44.95
C THR A 723 -20.45 17.94 -44.03
N THR A 724 -19.22 17.62 -43.66
CA THR A 724 -18.97 16.43 -42.86
C THR A 724 -18.80 16.79 -41.40
N GLU A 725 -19.25 15.88 -40.54
CA GLU A 725 -18.99 15.95 -39.11
C GLU A 725 -18.50 14.58 -38.67
N ILE A 726 -17.39 14.55 -37.97
CA ILE A 726 -16.68 13.31 -37.69
C ILE A 726 -16.64 13.11 -36.18
N LEU A 727 -17.10 11.94 -35.72
CA LEU A 727 -17.25 11.69 -34.29
C LEU A 727 -16.72 10.32 -33.89
N PRO A 728 -15.84 10.24 -32.91
CA PRO A 728 -15.44 8.93 -32.38
C PRO A 728 -16.52 8.33 -31.49
N VAL A 729 -16.66 7.01 -31.53
CA VAL A 729 -17.65 6.32 -30.72
C VAL A 729 -17.07 5.25 -29.82
N SER A 730 -15.87 4.73 -30.09
CA SER A 730 -15.36 3.63 -29.28
C SER A 730 -13.84 3.62 -29.32
N MET A 731 -13.26 2.88 -28.40
CA MET A 731 -11.82 2.66 -28.29
C MET A 731 -11.51 1.19 -28.58
N THR A 732 -10.25 0.84 -28.47
CA THR A 732 -9.87 -0.56 -28.50
C THR A 732 -10.13 -1.20 -27.14
N LYS A 733 -10.60 -2.44 -27.17
CA LYS A 733 -10.90 -3.17 -25.95
C LYS A 733 -9.61 -3.84 -25.50
N THR A 734 -9.01 -3.31 -24.44
CA THR A 734 -7.74 -3.82 -23.97
C THR A 734 -7.91 -4.56 -22.65
N SER A 735 -7.11 -5.60 -22.48
CA SER A 735 -7.09 -6.37 -21.25
C SER A 735 -5.64 -6.56 -20.83
N VAL A 736 -5.40 -6.52 -19.51
CA VAL A 736 -4.05 -6.74 -18.92
C VAL A 736 -4.16 -7.75 -17.81
N ASP A 737 -3.39 -8.83 -17.84
CA ASP A 737 -3.37 -9.80 -16.72
C ASP A 737 -2.35 -9.26 -15.74
N CYS A 738 -2.79 -8.75 -14.61
CA CYS A 738 -1.87 -8.08 -13.68
C CYS A 738 -0.84 -9.06 -13.14
N THR A 739 -1.19 -10.30 -12.86
CA THR A 739 -0.16 -11.16 -12.26
C THR A 739 0.93 -11.38 -13.30
N MET A 740 0.58 -11.49 -14.56
CA MET A 740 1.67 -11.77 -15.48
C MET A 740 2.41 -10.51 -15.90
N TYR A 741 1.75 -9.36 -15.86
CA TYR A 741 2.46 -8.10 -16.03
C TYR A 741 3.42 -7.86 -14.87
N ILE A 742 2.92 -7.99 -13.64
CA ILE A 742 3.77 -7.68 -12.49
C ILE A 742 4.85 -8.74 -12.32
N CYS A 743 4.49 -10.02 -12.42
CA CYS A 743 5.43 -11.12 -12.21
C CYS A 743 5.70 -12.00 -13.42
N GLY A 744 4.79 -12.12 -14.38
CA GLY A 744 5.06 -13.18 -15.32
C GLY A 744 4.80 -14.54 -14.68
N ASP A 745 5.78 -15.43 -14.81
CA ASP A 745 5.62 -16.81 -14.36
C ASP A 745 6.50 -17.14 -13.14
N SER A 746 6.74 -16.15 -12.29
CA SER A 746 7.52 -16.33 -11.07
C SER A 746 6.56 -16.50 -9.90
N THR A 747 6.67 -17.63 -9.19
CA THR A 747 5.73 -17.93 -8.12
C THR A 747 6.08 -17.19 -6.83
N GLU A 748 7.36 -16.87 -6.63
CA GLU A 748 7.76 -16.19 -5.40
C GLU A 748 7.07 -14.83 -5.28
N CYS A 749 7.18 -14.00 -6.32
CA CYS A 749 6.49 -12.72 -6.29
C CYS A 749 5.00 -12.84 -6.53
N SER A 750 4.50 -13.97 -7.03
CA SER A 750 3.06 -14.19 -6.96
C SER A 750 2.60 -14.29 -5.51
N ASN A 751 3.34 -15.05 -4.70
CA ASN A 751 3.03 -15.11 -3.27
C ASN A 751 3.19 -13.74 -2.62
N LEU A 752 4.24 -13.00 -3.00
CA LEU A 752 4.42 -11.66 -2.45
C LEU A 752 3.27 -10.73 -2.84
N LEU A 753 2.81 -10.81 -4.09
CA LEU A 753 1.68 -10.01 -4.55
C LEU A 753 0.41 -10.38 -3.82
N LEU A 754 0.29 -11.63 -3.37
CA LEU A 754 -0.88 -12.00 -2.59
C LEU A 754 -1.05 -11.17 -1.33
N GLN A 755 0.03 -10.55 -0.83
CA GLN A 755 -0.05 -9.72 0.37
C GLN A 755 -0.72 -8.38 0.14
N TYR A 756 -1.00 -8.00 -1.10
CA TYR A 756 -1.61 -6.72 -1.41
C TYR A 756 -3.12 -6.80 -1.59
N GLY A 757 -3.70 -7.98 -1.47
CA GLY A 757 -5.14 -8.09 -1.50
C GLY A 757 -5.75 -8.20 -2.89
N SER A 758 -6.85 -7.47 -3.11
CA SER A 758 -7.61 -7.58 -4.34
C SER A 758 -7.38 -6.41 -5.28
N PHE A 759 -6.22 -5.75 -5.18
CA PHE A 759 -5.88 -4.67 -6.10
C PHE A 759 -5.91 -5.17 -7.53
N CYS A 760 -5.38 -6.37 -7.74
CA CYS A 760 -5.26 -6.95 -9.07
C CYS A 760 -6.63 -7.28 -9.65
N THR A 761 -7.52 -7.83 -8.82
CA THR A 761 -8.90 -8.07 -9.25
C THR A 761 -9.62 -6.77 -9.56
N GLN A 762 -9.37 -5.73 -8.76
CA GLN A 762 -9.96 -4.43 -9.03
C GLN A 762 -9.56 -3.92 -10.41
N LEU A 763 -8.27 -4.01 -10.74
CA LEU A 763 -7.80 -3.54 -12.04
C LEU A 763 -8.45 -4.34 -13.17
N ASN A 764 -8.51 -5.66 -13.03
CA ASN A 764 -9.14 -6.48 -14.05
C ASN A 764 -10.61 -6.09 -14.23
N ARG A 765 -11.31 -5.86 -13.12
CA ARG A 765 -12.73 -5.51 -13.19
C ARG A 765 -12.94 -4.16 -13.87
N ALA A 766 -12.12 -3.17 -13.55
CA ALA A 766 -12.25 -1.86 -14.19
C ALA A 766 -12.02 -1.95 -15.70
N LEU A 767 -10.95 -2.66 -16.10
CA LEU A 767 -10.69 -2.80 -17.53
C LEU A 767 -11.81 -3.55 -18.24
N THR A 768 -12.36 -4.57 -17.57
CA THR A 768 -13.46 -5.31 -18.16
C THR A 768 -14.69 -4.41 -18.33
N GLY A 769 -14.96 -3.54 -17.36
CA GLY A 769 -16.08 -2.63 -17.51
C GLY A 769 -15.90 -1.68 -18.68
N ILE A 770 -14.70 -1.15 -18.86
CA ILE A 770 -14.43 -0.30 -20.02
C ILE A 770 -14.69 -1.06 -21.31
N ALA A 771 -14.17 -2.28 -21.39
CA ALA A 771 -14.33 -3.07 -22.61
C ALA A 771 -15.79 -3.37 -22.88
N VAL A 772 -16.58 -3.61 -21.83
CA VAL A 772 -17.99 -3.88 -22.02
C VAL A 772 -18.71 -2.64 -22.56
N GLU A 773 -18.42 -1.46 -22.00
CA GLU A 773 -19.17 -0.30 -22.48
C GLU A 773 -18.74 0.14 -23.87
N GLN A 774 -17.54 -0.25 -24.32
CA GLN A 774 -17.15 0.09 -25.68
C GLN A 774 -18.09 -0.52 -26.70
N ASP A 775 -18.62 -1.71 -26.45
CA ASP A 775 -19.59 -2.31 -27.36
C ASP A 775 -20.97 -1.67 -27.23
N LYS A 776 -21.31 -1.22 -26.02
CA LYS A 776 -22.60 -0.58 -25.84
C LYS A 776 -22.63 0.75 -26.56
N ASN A 777 -21.49 1.43 -26.66
CA ASN A 777 -21.41 2.65 -27.46
C ASN A 777 -21.82 2.40 -28.91
N THR A 778 -21.22 1.39 -29.53
CA THR A 778 -21.53 1.07 -30.92
C THR A 778 -23.00 0.66 -31.06
N GLN A 779 -23.49 -0.16 -30.14
CA GLN A 779 -24.90 -0.56 -30.23
C GLN A 779 -25.83 0.64 -30.12
N GLU A 780 -25.50 1.57 -29.23
CA GLU A 780 -26.33 2.76 -29.04
C GLU A 780 -26.33 3.64 -30.28
N VAL A 781 -25.17 3.77 -30.94
CA VAL A 781 -25.09 4.67 -32.09
C VAL A 781 -25.72 4.05 -33.33
N PHE A 782 -25.37 2.80 -33.65
CA PHE A 782 -25.70 2.21 -34.93
C PHE A 782 -26.94 1.33 -34.91
N ALA A 783 -27.08 0.46 -33.92
CA ALA A 783 -28.18 -0.51 -33.89
C ALA A 783 -29.48 0.19 -33.50
N GLN A 784 -29.92 1.08 -34.38
CA GLN A 784 -31.03 1.97 -34.10
C GLN A 784 -32.17 1.81 -35.10
N VAL A 785 -32.10 0.80 -35.97
CA VAL A 785 -33.19 0.44 -36.87
C VAL A 785 -33.66 -0.95 -36.52
N LYS A 786 -34.98 -1.13 -36.45
CA LYS A 786 -35.54 -2.44 -36.18
C LYS A 786 -35.27 -3.42 -37.32
N GLN A 787 -35.35 -2.94 -38.55
CA GLN A 787 -35.31 -3.81 -39.71
C GLN A 787 -34.18 -3.39 -40.63
N ILE A 788 -33.80 -4.32 -41.51
CA ILE A 788 -32.73 -4.07 -42.47
C ILE A 788 -33.39 -3.66 -43.78
N TYR A 789 -33.59 -2.36 -43.96
CA TYR A 789 -34.17 -1.86 -45.19
C TYR A 789 -33.19 -1.99 -46.34
N LYS A 790 -33.72 -2.17 -47.54
CA LYS A 790 -32.92 -2.43 -48.72
C LYS A 790 -33.34 -1.49 -49.83
N THR A 791 -32.41 -1.04 -50.58
CA THR A 791 -32.67 -0.05 -51.61
C THR A 791 -33.15 -0.71 -52.90
N PRO A 792 -34.02 -0.05 -53.66
CA PRO A 792 -34.57 -0.70 -54.85
C PRO A 792 -33.51 -0.84 -55.92
N PRO A 793 -33.64 -1.83 -56.81
CA PRO A 793 -32.61 -2.02 -57.85
C PRO A 793 -32.52 -0.87 -58.84
N ILE A 794 -33.61 -0.15 -59.08
CA ILE A 794 -33.64 0.93 -60.06
C ILE A 794 -33.43 2.25 -59.34
N LYS A 795 -32.41 2.98 -59.76
CA LYS A 795 -32.02 4.24 -59.11
C LYS A 795 -32.64 5.43 -59.84
N ASP A 796 -33.97 5.55 -59.73
CA ASP A 796 -34.70 6.66 -60.32
C ASP A 796 -35.22 7.54 -59.17
N PHE A 797 -34.38 8.48 -58.76
CA PHE A 797 -34.68 9.34 -57.62
C PHE A 797 -34.91 10.79 -58.03
N GLY A 798 -35.41 11.01 -59.24
CA GLY A 798 -35.72 12.35 -59.67
C GLY A 798 -34.52 13.19 -60.06
N GLY A 799 -33.37 12.57 -60.29
CA GLY A 799 -32.16 13.27 -60.65
C GLY A 799 -31.11 13.29 -59.57
N PHE A 800 -31.50 13.04 -58.32
CA PHE A 800 -30.54 12.94 -57.24
C PHE A 800 -29.79 11.62 -57.34
N ASN A 801 -28.49 11.67 -57.03
CA ASN A 801 -27.58 10.55 -57.27
C ASN A 801 -26.89 10.21 -55.95
N PHE A 802 -27.05 8.97 -55.51
CA PHE A 802 -26.52 8.53 -54.24
C PHE A 802 -25.43 7.47 -54.39
N SER A 803 -24.83 7.34 -55.58
CA SER A 803 -23.81 6.32 -55.80
C SER A 803 -22.63 6.50 -54.85
N GLN A 804 -22.30 7.73 -54.48
CA GLN A 804 -21.14 7.97 -53.64
C GLN A 804 -21.33 7.49 -52.21
N ILE A 805 -22.58 7.24 -51.79
CA ILE A 805 -22.84 6.85 -50.42
C ILE A 805 -23.52 5.50 -50.31
N LEU A 806 -24.17 5.01 -51.34
CA LEU A 806 -24.77 3.69 -51.27
C LEU A 806 -23.69 2.61 -51.38
N PRO A 807 -23.92 1.45 -50.78
CA PRO A 807 -22.90 0.39 -50.82
C PRO A 807 -22.59 -0.05 -52.24
N ASP A 808 -21.35 -0.47 -52.43
CA ASP A 808 -20.87 -0.86 -53.75
C ASP A 808 -20.95 -2.37 -53.89
N PRO A 809 -21.83 -2.90 -54.75
CA PRO A 809 -21.91 -4.36 -54.90
C PRO A 809 -20.62 -4.99 -55.42
N SER A 810 -19.86 -4.25 -56.23
CA SER A 810 -18.66 -4.79 -56.84
C SER A 810 -17.46 -4.69 -55.90
N LYS A 811 -17.75 -4.58 -54.61
CA LYS A 811 -16.74 -4.46 -53.57
C LYS A 811 -16.70 -5.76 -52.76
N PRO A 812 -15.51 -6.25 -52.41
CA PRO A 812 -15.44 -7.42 -51.52
C PRO A 812 -16.04 -7.17 -50.14
N SER A 813 -16.14 -5.91 -49.71
CA SER A 813 -16.66 -5.59 -48.39
C SER A 813 -18.00 -4.85 -48.42
N LYS A 814 -18.54 -4.58 -49.61
CA LYS A 814 -19.82 -3.89 -49.76
C LYS A 814 -19.83 -2.56 -49.02
N ARG A 815 -18.81 -1.75 -49.28
CA ARG A 815 -18.67 -0.43 -48.69
C ARG A 815 -18.79 0.62 -49.76
N SER A 816 -19.37 1.76 -49.40
CA SER A 816 -19.54 2.84 -50.35
C SER A 816 -18.19 3.46 -50.67
N PRO A 817 -18.09 4.15 -51.82
CA PRO A 817 -16.82 4.80 -52.16
C PRO A 817 -16.31 5.75 -51.09
N ILE A 818 -17.19 6.55 -50.49
CA ILE A 818 -16.77 7.45 -49.42
C ILE A 818 -16.33 6.66 -48.21
N GLU A 819 -17.06 5.60 -47.88
CA GLU A 819 -16.75 4.80 -46.70
C GLU A 819 -15.45 4.02 -46.89
N ASP A 820 -15.25 3.48 -48.08
CA ASP A 820 -13.99 2.81 -48.39
C ASP A 820 -12.81 3.78 -48.36
N LEU A 821 -13.02 5.00 -48.86
CA LEU A 821 -11.98 6.01 -48.77
C LEU A 821 -11.67 6.36 -47.32
N LEU A 822 -12.69 6.39 -46.47
CA LEU A 822 -12.48 6.66 -45.05
C LEU A 822 -11.69 5.54 -44.38
N PHE A 823 -11.93 4.29 -44.78
CA PHE A 823 -11.24 3.19 -44.12
C PHE A 823 -9.77 3.09 -44.50
N ASN A 824 -9.33 3.82 -45.51
CA ASN A 824 -7.91 3.86 -45.87
C ASN A 824 -7.17 5.04 -45.24
N LYS A 825 -7.89 5.98 -44.63
CA LYS A 825 -7.31 7.24 -44.21
C LYS A 825 -6.85 7.25 -42.75
N VAL A 826 -7.21 6.23 -41.97
CA VAL A 826 -6.73 6.10 -40.59
C VAL A 826 -5.82 4.88 -40.53
N THR A 827 -4.60 5.09 -40.03
CA THR A 827 -3.56 4.08 -40.02
C THR A 827 -3.18 3.74 -38.58
N LEU A 828 -2.81 2.49 -38.36
CA LEU A 828 -2.43 2.01 -37.04
C LEU A 828 -0.92 2.04 -36.86
N GLN A 853 3.20 -3.95 -26.57
CA GLN A 853 1.81 -3.62 -26.85
C GLN A 853 0.89 -4.81 -26.62
N LYS A 854 1.29 -5.98 -27.10
CA LYS A 854 0.44 -7.17 -27.07
C LYS A 854 1.24 -8.42 -26.74
N PHE A 855 2.31 -8.27 -25.94
CA PHE A 855 3.23 -9.36 -25.70
C PHE A 855 3.49 -9.68 -24.24
N ASN A 856 3.16 -8.78 -23.31
CA ASN A 856 3.59 -8.92 -21.92
C ASN A 856 2.41 -9.04 -20.96
N GLY A 857 1.46 -9.90 -21.29
CA GLY A 857 0.22 -9.97 -20.53
C GLY A 857 -0.86 -9.05 -21.04
N LEU A 858 -0.60 -8.29 -22.09
CA LEU A 858 -1.55 -7.38 -22.68
C LEU A 858 -2.20 -8.05 -23.89
N THR A 859 -3.50 -7.84 -24.06
CA THR A 859 -4.22 -8.42 -25.17
C THR A 859 -5.32 -7.47 -25.60
N VAL A 860 -5.77 -7.64 -26.84
CA VAL A 860 -6.81 -6.80 -27.41
C VAL A 860 -7.98 -7.70 -27.79
N LEU A 861 -9.13 -7.46 -27.19
CA LEU A 861 -10.33 -8.21 -27.50
C LEU A 861 -10.99 -7.61 -28.75
N PRO A 862 -11.61 -8.45 -29.58
CA PRO A 862 -12.26 -7.93 -30.77
C PRO A 862 -13.63 -7.37 -30.44
N PRO A 863 -14.06 -6.32 -31.16
CA PRO A 863 -15.40 -5.78 -30.92
C PRO A 863 -16.48 -6.77 -31.33
N LEU A 864 -17.63 -6.65 -30.69
CA LEU A 864 -18.71 -7.59 -30.95
C LEU A 864 -19.28 -7.42 -32.35
N LEU A 865 -19.43 -6.18 -32.80
CA LEU A 865 -19.92 -5.90 -34.13
C LEU A 865 -18.73 -5.75 -35.07
N THR A 866 -18.67 -6.62 -36.08
CA THR A 866 -17.63 -6.48 -37.09
C THR A 866 -17.90 -5.29 -37.98
N ASP A 867 -16.89 -4.91 -38.77
CA ASP A 867 -17.04 -3.78 -39.67
C ASP A 867 -18.12 -4.03 -40.72
N GLU A 868 -18.31 -5.28 -41.13
CA GLU A 868 -19.36 -5.61 -42.07
C GLU A 868 -20.73 -5.34 -41.48
N MET A 869 -20.92 -5.67 -40.19
CA MET A 869 -22.21 -5.43 -39.56
C MET A 869 -22.49 -3.94 -39.41
N ILE A 870 -21.47 -3.16 -39.07
CA ILE A 870 -21.66 -1.72 -38.96
C ILE A 870 -21.97 -1.12 -40.33
N ALA A 871 -21.29 -1.60 -41.36
CA ALA A 871 -21.59 -1.15 -42.72
C ALA A 871 -23.02 -1.51 -43.11
N GLN A 872 -23.49 -2.68 -42.69
CA GLN A 872 -24.86 -3.08 -42.97
C GLN A 872 -25.88 -2.20 -42.25
N TYR A 873 -25.59 -1.84 -41.00
CA TYR A 873 -26.43 -0.88 -40.29
C TYR A 873 -26.49 0.47 -41.00
N THR A 874 -25.35 1.00 -41.41
CA THR A 874 -25.37 2.28 -42.12
C THR A 874 -26.11 2.16 -43.44
N SER A 875 -25.95 1.03 -44.13
CA SER A 875 -26.68 0.82 -45.38
C SER A 875 -28.18 0.79 -45.15
N ALA A 876 -28.63 0.12 -44.08
CA ALA A 876 -30.05 0.07 -43.77
C ALA A 876 -30.60 1.45 -43.43
N LEU A 877 -29.86 2.22 -42.64
CA LEU A 877 -30.30 3.58 -42.33
C LEU A 877 -30.38 4.42 -43.59
N LEU A 878 -29.39 4.30 -44.47
CA LEU A 878 -29.36 5.10 -45.68
C LEU A 878 -30.51 4.73 -46.61
N ALA A 879 -30.76 3.44 -46.79
CA ALA A 879 -31.87 3.01 -47.64
C ALA A 879 -33.21 3.44 -47.07
N GLY A 880 -33.37 3.33 -45.75
CA GLY A 880 -34.63 3.74 -45.14
C GLY A 880 -34.87 5.23 -45.28
N THR A 881 -33.84 6.06 -45.12
CA THR A 881 -34.05 7.49 -45.25
C THR A 881 -34.20 7.92 -46.70
N ILE A 882 -33.61 7.19 -47.64
CA ILE A 882 -33.79 7.53 -49.04
C ILE A 882 -35.17 7.11 -49.54
N THR A 883 -35.71 6.01 -49.03
CA THR A 883 -36.96 5.47 -49.55
C THR A 883 -38.19 5.95 -48.80
N SER A 884 -38.08 6.20 -47.50
CA SER A 884 -39.24 6.50 -46.67
C SER A 884 -39.26 7.93 -46.13
N GLY A 885 -38.11 8.55 -45.94
CA GLY A 885 -38.09 9.85 -45.28
C GLY A 885 -37.89 9.67 -43.79
N TRP A 886 -38.58 10.46 -42.99
CA TRP A 886 -38.50 10.30 -41.54
C TRP A 886 -39.55 9.33 -41.01
N THR A 887 -40.35 8.73 -41.88
CA THR A 887 -41.45 7.90 -41.42
C THR A 887 -40.97 6.61 -40.78
N PHE A 888 -39.87 6.04 -41.28
CA PHE A 888 -39.40 4.76 -40.76
C PHE A 888 -38.79 4.87 -39.38
N GLY A 889 -38.50 6.07 -38.90
CA GLY A 889 -37.99 6.26 -37.55
C GLY A 889 -39.04 6.38 -36.48
N ALA A 890 -40.31 6.45 -36.85
CA ALA A 890 -41.41 6.61 -35.92
C ALA A 890 -42.36 5.43 -35.91
N GLY A 891 -42.53 4.75 -37.02
CA GLY A 891 -43.40 3.60 -37.11
C GLY A 891 -43.01 2.72 -38.26
N PRO A 892 -44.00 2.21 -38.99
CA PRO A 892 -43.70 1.50 -40.23
C PRO A 892 -43.15 2.45 -41.27
N ALA A 893 -42.34 1.91 -42.17
CA ALA A 893 -41.79 2.70 -43.24
C ALA A 893 -42.85 2.94 -44.30
N LEU A 894 -43.01 4.20 -44.71
CA LEU A 894 -44.00 4.59 -45.70
C LEU A 894 -43.28 5.22 -46.87
N GLN A 895 -43.44 4.63 -48.05
CA GLN A 895 -42.70 5.09 -49.20
C GLN A 895 -43.15 6.48 -49.63
N ILE A 896 -42.28 7.15 -50.37
CA ILE A 896 -42.41 8.56 -50.73
C ILE A 896 -41.50 8.81 -51.94
N PRO A 897 -42.00 9.39 -53.02
CA PRO A 897 -41.10 9.82 -54.09
C PRO A 897 -40.10 10.83 -53.54
N PHE A 898 -38.84 10.67 -53.91
CA PHE A 898 -37.80 11.48 -53.29
C PHE A 898 -37.99 12.98 -53.49
N PRO A 899 -38.35 13.48 -54.68
CA PRO A 899 -38.62 14.93 -54.78
C PRO A 899 -39.71 15.40 -53.84
N MET A 900 -40.74 14.59 -53.60
CA MET A 900 -41.78 15.02 -52.66
C MET A 900 -41.27 15.03 -51.23
N GLN A 901 -40.42 14.06 -50.87
CA GLN A 901 -39.75 14.09 -49.58
C GLN A 901 -38.96 15.38 -49.42
N MET A 902 -38.20 15.75 -50.44
CA MET A 902 -37.41 16.97 -50.38
C MET A 902 -38.31 18.21 -50.34
N ALA A 903 -39.50 18.13 -50.93
CA ALA A 903 -40.46 19.22 -50.83
C ALA A 903 -40.94 19.39 -49.40
N TYR A 904 -41.22 18.29 -48.70
CA TYR A 904 -41.56 18.41 -47.28
C TYR A 904 -40.41 19.02 -46.49
N ARG A 905 -39.19 18.60 -46.79
CA ARG A 905 -38.04 19.14 -46.08
C ARG A 905 -37.85 20.61 -46.37
N PHE A 906 -38.21 21.06 -47.57
CA PHE A 906 -38.21 22.49 -47.87
C PHE A 906 -39.28 23.22 -47.05
N ASN A 907 -40.47 22.64 -46.95
CA ASN A 907 -41.48 23.22 -46.07
C ASN A 907 -40.99 23.34 -44.64
N GLY A 908 -40.17 22.38 -44.21
CA GLY A 908 -39.69 22.39 -42.84
C GLY A 908 -38.87 23.61 -42.50
N ILE A 909 -38.09 24.12 -43.46
CA ILE A 909 -37.23 25.27 -43.22
C ILE A 909 -37.91 26.59 -43.56
N GLY A 910 -39.16 26.56 -44.00
CA GLY A 910 -39.90 27.78 -44.30
C GLY A 910 -39.97 28.19 -45.75
N VAL A 911 -39.73 27.27 -46.68
CA VAL A 911 -39.75 27.55 -48.11
C VAL A 911 -40.88 26.72 -48.71
N THR A 912 -41.57 27.28 -49.70
CA THR A 912 -42.75 26.62 -50.24
C THR A 912 -42.34 25.42 -51.12
N GLN A 913 -43.34 24.59 -51.43
CA GLN A 913 -43.08 23.40 -52.23
C GLN A 913 -42.69 23.74 -53.65
N ASN A 914 -43.33 24.75 -54.24
CA ASN A 914 -43.09 25.04 -55.64
C ASN A 914 -41.66 25.51 -55.90
N VAL A 915 -40.98 26.05 -54.89
CA VAL A 915 -39.60 26.46 -55.07
C VAL A 915 -38.73 25.27 -55.43
N LEU A 916 -39.11 24.07 -54.97
CA LEU A 916 -38.36 22.88 -55.33
C LEU A 916 -38.81 22.30 -56.66
N TYR A 917 -40.12 22.18 -56.86
CA TYR A 917 -40.61 21.56 -58.08
C TYR A 917 -40.24 22.38 -59.31
N GLU A 918 -40.15 23.69 -59.18
CA GLU A 918 -39.74 24.54 -60.29
C GLU A 918 -38.23 24.67 -60.41
N ASN A 919 -37.47 24.16 -59.44
CA ASN A 919 -36.01 24.20 -59.46
C ASN A 919 -35.40 22.83 -59.23
N GLN A 920 -36.13 21.76 -59.53
CA GLN A 920 -35.69 20.42 -59.17
C GLN A 920 -34.36 20.07 -59.83
N LYS A 921 -34.19 20.44 -61.10
CA LYS A 921 -32.99 20.06 -61.83
C LYS A 921 -31.75 20.72 -61.25
N LEU A 922 -31.82 22.03 -61.00
CA LEU A 922 -30.69 22.74 -60.42
C LEU A 922 -30.37 22.23 -59.02
N ILE A 923 -31.40 21.93 -58.24
CA ILE A 923 -31.20 21.41 -56.89
C ILE A 923 -30.51 20.06 -56.92
N ALA A 924 -30.93 19.18 -57.83
CA ALA A 924 -30.28 17.88 -57.96
C ALA A 924 -28.83 18.04 -58.39
N ASN A 925 -28.56 18.95 -59.33
CA ASN A 925 -27.19 19.18 -59.77
C ASN A 925 -26.32 19.69 -58.62
N GLN A 926 -26.84 20.64 -57.84
CA GLN A 926 -26.07 21.17 -56.71
C GLN A 926 -25.80 20.10 -55.67
N PHE A 927 -26.79 19.24 -55.41
CA PHE A 927 -26.59 18.14 -54.47
C PHE A 927 -25.50 17.20 -54.96
N ASN A 928 -25.58 16.78 -56.22
CA ASN A 928 -24.60 15.87 -56.77
C ASN A 928 -23.20 16.48 -56.75
N SER A 929 -23.10 17.77 -57.05
CA SER A 929 -21.81 18.44 -57.04
C SER A 929 -21.22 18.50 -55.64
N ALA A 930 -22.05 18.82 -54.64
CA ALA A 930 -21.55 18.87 -53.26
C ALA A 930 -21.09 17.49 -52.80
N ILE A 931 -21.87 16.45 -53.10
CA ILE A 931 -21.47 15.10 -52.73
C ILE A 931 -20.15 14.73 -53.41
N GLY A 932 -20.00 15.09 -54.69
CA GLY A 932 -18.74 14.82 -55.35
C GLY A 932 -17.57 15.54 -54.72
N LYS A 933 -17.76 16.79 -54.33
CA LYS A 933 -16.67 17.55 -53.73
C LYS A 933 -16.30 17.05 -52.34
N ILE A 934 -17.23 16.40 -51.63
CA ILE A 934 -16.90 15.84 -50.33
C ILE A 934 -15.79 14.80 -50.44
N GLN A 935 -15.87 13.94 -51.46
CA GLN A 935 -14.86 12.91 -51.64
C GLN A 935 -13.48 13.52 -51.82
N ASP A 936 -13.38 14.58 -52.61
CA ASP A 936 -12.09 15.24 -52.82
C ASP A 936 -11.63 15.95 -51.55
N SER A 937 -12.54 16.59 -50.83
CA SER A 937 -12.18 17.24 -49.57
C SER A 937 -11.63 16.24 -48.58
N LEU A 938 -12.05 14.97 -48.67
CA LEU A 938 -11.46 13.96 -47.79
C LEU A 938 -10.16 13.42 -48.35
N SER A 939 -10.14 13.08 -49.64
CA SER A 939 -8.99 12.43 -50.27
C SER A 939 -7.85 13.38 -50.58
N SER A 940 -7.97 14.67 -50.27
CA SER A 940 -6.92 15.63 -50.55
C SER A 940 -6.52 16.48 -49.37
N THR A 941 -7.14 16.31 -48.20
CA THR A 941 -6.79 17.10 -47.02
C THR A 941 -6.27 16.18 -45.92
N PRO A 942 -4.97 16.14 -45.68
CA PRO A 942 -4.45 15.38 -44.55
C PRO A 942 -4.92 15.97 -43.23
N SER A 943 -4.98 15.11 -42.21
CA SER A 943 -5.44 15.44 -40.87
C SER A 943 -6.92 15.78 -40.83
N ALA A 944 -7.67 15.42 -41.88
CA ALA A 944 -9.12 15.56 -41.83
C ALA A 944 -9.72 14.63 -40.78
N LEU A 945 -9.20 13.41 -40.68
CA LEU A 945 -9.68 12.41 -39.75
C LEU A 945 -8.94 12.44 -38.42
N GLY A 946 -8.48 13.62 -38.01
CA GLY A 946 -7.64 13.71 -36.82
C GLY A 946 -8.33 13.31 -35.53
N LYS A 947 -9.65 13.46 -35.49
CA LYS A 947 -10.37 13.13 -34.26
C LYS A 947 -10.32 11.63 -33.97
N LEU A 948 -10.43 10.80 -35.01
CA LEU A 948 -10.30 9.36 -34.84
C LEU A 948 -8.86 8.90 -34.75
N GLN A 949 -7.94 9.60 -35.42
CA GLN A 949 -6.53 9.25 -35.29
C GLN A 949 -6.01 9.55 -33.89
N ASP A 950 -6.57 10.57 -33.23
CA ASP A 950 -6.08 10.95 -31.91
C ASP A 950 -6.35 9.87 -30.88
N VAL A 951 -7.50 9.21 -30.94
CA VAL A 951 -7.80 8.20 -29.93
C VAL A 951 -6.91 6.98 -30.12
N VAL A 952 -6.66 6.59 -31.38
CA VAL A 952 -5.73 5.50 -31.65
C VAL A 952 -4.34 5.86 -31.14
N ASN A 953 -3.90 7.08 -31.41
CA ASN A 953 -2.59 7.52 -30.96
C ASN A 953 -2.48 7.49 -29.45
N GLN A 954 -3.51 7.99 -28.76
CA GLN A 954 -3.49 8.02 -27.30
C GLN A 954 -3.45 6.61 -26.71
N ASN A 955 -4.25 5.69 -27.26
CA ASN A 955 -4.25 4.33 -26.73
C ASN A 955 -2.92 3.64 -26.98
N ALA A 956 -2.35 3.83 -28.18
CA ALA A 956 -1.05 3.24 -28.47
C ALA A 956 0.03 3.82 -27.57
N GLN A 957 -0.01 5.11 -27.31
CA GLN A 957 0.98 5.74 -26.44
C GLN A 957 0.86 5.22 -25.02
N ALA A 958 -0.36 5.04 -24.52
CA ALA A 958 -0.55 4.51 -23.18
C ALA A 958 -0.03 3.09 -23.08
N LEU A 959 -0.30 2.26 -24.08
CA LEU A 959 0.22 0.89 -24.05
C LEU A 959 1.74 0.88 -24.14
N ASN A 960 2.31 1.79 -24.93
CA ASN A 960 3.76 1.86 -25.07
C ASN A 960 4.43 2.24 -23.76
N THR A 961 3.88 3.25 -23.07
CA THR A 961 4.49 3.63 -21.80
C THR A 961 4.29 2.54 -20.75
N LEU A 962 3.15 1.84 -20.78
CA LEU A 962 2.96 0.74 -19.85
C LEU A 962 3.98 -0.36 -20.08
N VAL A 963 4.27 -0.67 -21.34
CA VAL A 963 5.26 -1.71 -21.63
C VAL A 963 6.66 -1.24 -21.25
N LYS A 964 7.01 0.00 -21.60
CA LYS A 964 8.34 0.50 -21.30
C LYS A 964 8.60 0.65 -19.81
N GLN A 965 7.56 0.75 -18.99
CA GLN A 965 7.77 0.76 -17.55
C GLN A 965 8.33 -0.54 -17.01
N LEU A 966 8.31 -1.61 -17.79
CA LEU A 966 8.85 -2.89 -17.36
C LEU A 966 10.37 -2.95 -17.43
N SER A 967 11.03 -1.81 -17.65
CA SER A 967 12.48 -1.74 -17.69
C SER A 967 13.07 -0.91 -16.57
N SER A 968 12.23 -0.36 -15.70
CA SER A 968 12.71 0.44 -14.59
C SER A 968 13.17 -0.45 -13.43
N ASN A 969 13.95 0.14 -12.54
CA ASN A 969 14.44 -0.54 -11.34
C ASN A 969 13.59 -0.23 -10.12
N PHE A 970 13.22 1.03 -9.94
CA PHE A 970 12.51 1.50 -8.74
C PHE A 970 13.34 1.28 -7.48
N GLY A 971 14.65 1.27 -7.62
CA GLY A 971 15.56 1.07 -6.51
C GLY A 971 16.16 -0.32 -6.41
N ALA A 972 15.56 -1.30 -7.09
CA ALA A 972 16.10 -2.65 -7.06
C ALA A 972 17.44 -2.71 -7.78
N ILE A 973 18.09 -3.88 -7.69
CA ILE A 973 19.38 -4.05 -8.35
C ILE A 973 19.25 -4.42 -9.81
N SER A 974 18.05 -4.73 -10.28
CA SER A 974 17.84 -5.06 -11.68
C SER A 974 16.36 -4.91 -11.98
N SER A 975 16.06 -4.80 -13.28
CA SER A 975 14.68 -4.76 -13.73
C SER A 975 14.13 -6.13 -14.08
N VAL A 976 14.98 -7.16 -14.05
CA VAL A 976 14.58 -8.51 -14.43
C VAL A 976 14.36 -9.32 -13.16
N LEU A 977 13.17 -9.89 -13.02
CA LEU A 977 12.90 -10.76 -11.88
C LEU A 977 13.77 -12.00 -11.91
N ASN A 978 13.97 -12.57 -13.10
CA ASN A 978 14.67 -13.84 -13.23
C ASN A 978 16.10 -13.74 -12.71
N ASP A 979 16.78 -12.62 -12.93
CA ASP A 979 18.16 -12.55 -12.48
C ASP A 979 18.30 -12.23 -10.99
N ILE A 980 17.45 -11.36 -10.44
CA ILE A 980 17.47 -11.15 -8.99
C ILE A 980 16.93 -12.35 -8.24
N LEU A 981 16.33 -13.32 -8.94
CA LEU A 981 16.05 -14.60 -8.33
C LEU A 981 17.18 -15.60 -8.54
N SER A 982 17.87 -15.51 -9.68
CA SER A 982 18.96 -16.42 -9.98
C SER A 982 20.19 -16.15 -9.16
N ARG A 983 20.39 -14.92 -8.67
CA ARG A 983 21.64 -14.62 -7.97
C ARG A 983 21.43 -14.04 -6.58
N LEU A 984 20.26 -14.25 -5.97
CA LEU A 984 20.06 -13.95 -4.57
C LEU A 984 19.24 -15.07 -3.93
N ASP A 985 19.24 -15.08 -2.60
CA ASP A 985 18.47 -16.00 -1.78
C ASP A 985 17.19 -15.35 -1.30
N PRO A 986 16.18 -16.14 -0.95
CA PRO A 986 14.87 -15.60 -0.56
C PRO A 986 14.95 -14.48 0.48
N PRO A 987 15.70 -14.65 1.58
CA PRO A 987 15.64 -13.60 2.62
C PRO A 987 16.01 -12.21 2.14
N GLU A 988 16.94 -12.09 1.19
CA GLU A 988 17.31 -10.80 0.64
C GLU A 988 16.75 -10.57 -0.76
N ALA A 989 16.18 -11.59 -1.39
CA ALA A 989 15.44 -11.35 -2.63
C ALA A 989 14.07 -10.76 -2.35
N GLU A 990 13.54 -10.98 -1.15
CA GLU A 990 12.26 -10.37 -0.79
C GLU A 990 12.29 -8.85 -0.96
N VAL A 991 13.32 -8.21 -0.42
CA VAL A 991 13.39 -6.76 -0.43
C VAL A 991 13.49 -6.24 -1.86
N GLN A 992 14.33 -6.88 -2.68
CA GLN A 992 14.51 -6.43 -4.05
C GLN A 992 13.24 -6.63 -4.87
N ILE A 993 12.57 -7.77 -4.70
CA ILE A 993 11.35 -8.03 -5.46
C ILE A 993 10.24 -7.07 -5.05
N ASP A 994 10.18 -6.71 -3.76
CA ASP A 994 9.10 -5.85 -3.29
C ASP A 994 9.10 -4.49 -3.99
N ARG A 995 10.29 -3.95 -4.27
CA ARG A 995 10.37 -2.66 -4.95
C ARG A 995 9.83 -2.76 -6.38
N LEU A 996 10.20 -3.81 -7.10
CA LEU A 996 9.66 -4.05 -8.42
C LEU A 996 8.14 -4.16 -8.37
N ILE A 997 7.62 -4.92 -7.40
CA ILE A 997 6.18 -5.11 -7.30
C ILE A 997 5.49 -3.78 -7.06
N THR A 998 6.01 -2.98 -6.13
CA THR A 998 5.39 -1.69 -5.84
C THR A 998 5.37 -0.79 -7.05
N GLY A 999 6.52 -0.67 -7.74
CA GLY A 999 6.58 0.19 -8.91
C GLY A 999 5.65 -0.25 -10.01
N ARG A 1000 5.62 -1.55 -10.31
CA ARG A 1000 4.78 -2.05 -11.38
C ARG A 1000 3.31 -1.92 -11.05
N LEU A 1001 2.94 -2.14 -9.78
CA LEU A 1001 1.56 -1.97 -9.37
C LEU A 1001 1.13 -0.51 -9.52
N GLN A 1002 1.98 0.43 -9.12
CA GLN A 1002 1.65 1.84 -9.28
C GLN A 1002 1.50 2.21 -10.74
N SER A 1003 2.39 1.69 -11.59
CA SER A 1003 2.29 1.96 -13.02
C SER A 1003 0.96 1.47 -13.59
N LEU A 1004 0.58 0.25 -13.21
CA LEU A 1004 -0.68 -0.31 -13.69
C LEU A 1004 -1.87 0.50 -13.20
N GLN A 1005 -1.84 0.94 -11.95
CA GLN A 1005 -2.94 1.74 -11.41
C GLN A 1005 -3.07 3.06 -12.17
N THR A 1006 -1.94 3.71 -12.47
CA THR A 1006 -1.99 4.95 -13.24
C THR A 1006 -2.59 4.72 -14.62
N TYR A 1007 -2.15 3.65 -15.28
CA TYR A 1007 -2.70 3.31 -16.59
C TYR A 1007 -4.22 3.14 -16.52
N VAL A 1008 -4.69 2.38 -15.53
CA VAL A 1008 -6.12 2.08 -15.46
C VAL A 1008 -6.92 3.35 -15.16
N THR A 1009 -6.41 4.22 -14.30
CA THR A 1009 -7.13 5.45 -13.98
C THR A 1009 -7.26 6.34 -15.21
N GLN A 1010 -6.16 6.53 -15.94
CA GLN A 1010 -6.26 7.37 -17.13
C GLN A 1010 -7.14 6.73 -18.20
N GLN A 1011 -7.18 5.40 -18.27
CA GLN A 1011 -8.08 4.76 -19.20
C GLN A 1011 -9.53 4.97 -18.80
N LEU A 1012 -9.83 4.96 -17.51
CA LEU A 1012 -11.19 5.25 -17.06
C LEU A 1012 -11.62 6.66 -17.47
N ILE A 1013 -10.74 7.63 -17.27
CA ILE A 1013 -11.08 9.01 -17.64
C ILE A 1013 -11.31 9.11 -19.15
N ARG A 1014 -10.41 8.51 -19.93
CA ARG A 1014 -10.55 8.60 -21.39
C ARG A 1014 -11.80 7.87 -21.87
N ALA A 1015 -12.15 6.76 -21.22
CA ALA A 1015 -13.38 6.06 -21.59
C ALA A 1015 -14.61 6.90 -21.27
N ALA A 1016 -14.58 7.66 -20.17
CA ALA A 1016 -15.69 8.58 -19.91
C ALA A 1016 -15.82 9.62 -21.02
N GLU A 1017 -14.69 10.14 -21.49
CA GLU A 1017 -14.74 11.10 -22.59
C GLU A 1017 -15.33 10.46 -23.86
N ILE A 1018 -14.89 9.26 -24.20
CA ILE A 1018 -15.40 8.58 -25.38
C ILE A 1018 -16.89 8.28 -25.23
N ARG A 1019 -17.32 7.95 -24.01
CA ARG A 1019 -18.73 7.73 -23.76
C ARG A 1019 -19.55 8.98 -24.03
N ALA A 1020 -19.06 10.14 -23.60
CA ALA A 1020 -19.77 11.38 -23.90
C ALA A 1020 -19.85 11.60 -25.40
N SER A 1021 -18.75 11.37 -26.11
CA SER A 1021 -18.76 11.56 -27.56
C SER A 1021 -19.72 10.60 -28.25
N ALA A 1022 -19.82 9.37 -27.76
CA ALA A 1022 -20.71 8.39 -28.37
C ALA A 1022 -22.17 8.71 -28.07
N ASN A 1023 -22.47 9.23 -26.88
CA ASN A 1023 -23.83 9.69 -26.61
C ASN A 1023 -24.20 10.84 -27.54
N LEU A 1024 -23.26 11.75 -27.80
CA LEU A 1024 -23.52 12.81 -28.77
C LEU A 1024 -23.77 12.25 -30.16
N ALA A 1025 -22.99 11.25 -30.57
CA ALA A 1025 -23.18 10.66 -31.89
C ALA A 1025 -24.53 9.97 -32.01
N ALA A 1026 -24.96 9.28 -30.95
CA ALA A 1026 -26.28 8.63 -30.98
C ALA A 1026 -27.39 9.67 -31.04
N THR A 1027 -27.24 10.76 -30.29
CA THR A 1027 -28.24 11.83 -30.37
C THR A 1027 -28.29 12.41 -31.78
N LYS A 1028 -27.15 12.63 -32.41
CA LYS A 1028 -27.16 13.19 -33.76
C LYS A 1028 -27.76 12.20 -34.76
N MET A 1029 -27.53 10.91 -34.58
CA MET A 1029 -28.15 9.93 -35.46
C MET A 1029 -29.67 9.98 -35.33
N SER A 1030 -30.18 10.09 -34.10
CA SER A 1030 -31.62 10.16 -33.92
C SER A 1030 -32.19 11.47 -34.47
N GLU A 1031 -31.49 12.58 -34.24
CA GLU A 1031 -32.04 13.90 -34.52
C GLU A 1031 -31.94 14.26 -35.99
N CYS A 1032 -30.77 14.06 -36.60
CA CYS A 1032 -30.48 14.58 -37.93
C CYS A 1032 -30.70 13.56 -39.03
N VAL A 1033 -30.46 12.28 -38.75
CA VAL A 1033 -30.61 11.26 -39.77
C VAL A 1033 -32.03 10.70 -39.81
N LEU A 1034 -32.62 10.43 -38.64
CA LEU A 1034 -33.96 9.88 -38.58
C LEU A 1034 -35.04 10.94 -38.60
N GLY A 1035 -34.68 12.21 -38.64
CA GLY A 1035 -35.65 13.28 -38.73
C GLY A 1035 -35.07 14.52 -39.35
N GLN A 1036 -35.73 15.65 -39.17
CA GLN A 1036 -35.21 16.94 -39.61
C GLN A 1036 -35.22 17.87 -38.40
N SER A 1037 -34.08 18.50 -38.13
CA SER A 1037 -33.84 19.21 -36.89
C SER A 1037 -33.98 20.71 -37.09
N LYS A 1038 -34.67 21.37 -36.15
CA LYS A 1038 -34.72 22.82 -36.10
C LYS A 1038 -33.66 23.40 -35.18
N ARG A 1039 -32.97 22.57 -34.41
CA ARG A 1039 -31.87 23.00 -33.57
C ARG A 1039 -30.76 23.54 -34.46
N VAL A 1040 -30.54 24.85 -34.40
CA VAL A 1040 -29.58 25.48 -35.31
C VAL A 1040 -28.16 25.08 -34.95
N ASP A 1041 -27.35 24.86 -35.98
CA ASP A 1041 -25.94 24.47 -35.90
C ASP A 1041 -25.74 23.09 -35.28
N PHE A 1042 -26.82 22.34 -35.05
CA PHE A 1042 -26.67 20.99 -34.50
C PHE A 1042 -26.42 19.98 -35.60
N CYS A 1043 -26.91 20.22 -36.81
CA CYS A 1043 -26.70 19.33 -37.93
C CYS A 1043 -26.08 20.09 -39.10
N GLY A 1044 -25.06 20.88 -38.84
CA GLY A 1044 -24.34 21.58 -39.87
C GLY A 1044 -24.75 23.05 -39.99
N LYS A 1045 -24.00 23.76 -40.82
CA LYS A 1045 -24.25 25.19 -41.03
C LYS A 1045 -25.36 25.38 -42.05
N GLY A 1046 -26.30 26.26 -41.72
CA GLY A 1046 -27.43 26.52 -42.57
C GLY A 1046 -28.71 25.96 -41.98
N TYR A 1047 -29.70 25.80 -42.84
CA TYR A 1047 -30.98 25.22 -42.45
C TYR A 1047 -30.95 23.75 -42.83
N HIS A 1048 -31.13 22.88 -41.84
CA HIS A 1048 -30.99 21.45 -42.06
C HIS A 1048 -32.06 20.95 -43.02
N LEU A 1049 -31.63 20.22 -44.04
CA LEU A 1049 -32.54 19.47 -44.90
C LEU A 1049 -32.49 17.98 -44.56
N MET A 1050 -31.31 17.39 -44.60
CA MET A 1050 -31.19 15.97 -44.23
C MET A 1050 -29.75 15.68 -43.87
N SER A 1051 -29.43 14.40 -43.66
CA SER A 1051 -28.07 13.99 -43.38
C SER A 1051 -27.98 12.48 -43.57
N PHE A 1052 -26.77 12.02 -43.87
CA PHE A 1052 -26.52 10.64 -44.21
C PHE A 1052 -25.34 10.11 -43.41
N PRO A 1053 -25.45 8.89 -42.88
CA PRO A 1053 -24.35 8.33 -42.08
C PRO A 1053 -23.39 7.48 -42.89
N GLN A 1054 -22.13 7.54 -42.48
CA GLN A 1054 -21.08 6.66 -42.98
C GLN A 1054 -20.29 6.16 -41.78
N SER A 1055 -19.75 4.96 -41.90
CA SER A 1055 -18.97 4.39 -40.81
C SER A 1055 -17.48 4.59 -41.08
N ALA A 1056 -16.73 4.83 -40.03
CA ALA A 1056 -15.29 4.96 -40.07
C ALA A 1056 -14.73 4.09 -38.96
N PRO A 1057 -13.47 3.70 -39.05
CA PRO A 1057 -12.89 2.86 -38.00
C PRO A 1057 -12.97 3.53 -36.63
N HIS A 1058 -13.80 2.95 -35.76
CA HIS A 1058 -14.05 3.45 -34.41
C HIS A 1058 -14.81 4.78 -34.40
N GLY A 1059 -15.60 5.06 -35.43
CA GLY A 1059 -16.32 6.32 -35.43
C GLY A 1059 -17.35 6.39 -36.52
N VAL A 1060 -18.00 7.54 -36.60
CA VAL A 1060 -19.07 7.79 -37.56
C VAL A 1060 -18.82 9.13 -38.24
N VAL A 1061 -19.31 9.25 -39.46
CA VAL A 1061 -19.24 10.47 -40.25
C VAL A 1061 -20.66 10.82 -40.67
N PHE A 1062 -21.05 12.07 -40.47
CA PHE A 1062 -22.35 12.56 -40.88
C PHE A 1062 -22.16 13.53 -42.04
N LEU A 1063 -22.81 13.25 -43.16
CA LEU A 1063 -22.86 14.17 -44.28
C LEU A 1063 -24.16 14.97 -44.14
N HIS A 1064 -24.05 16.21 -43.71
CA HIS A 1064 -25.19 17.07 -43.47
C HIS A 1064 -25.49 17.86 -44.74
N VAL A 1065 -26.74 17.77 -45.20
CA VAL A 1065 -27.21 18.46 -46.39
C VAL A 1065 -28.09 19.59 -45.91
N THR A 1066 -27.64 20.83 -46.16
CA THR A 1066 -28.26 22.03 -45.64
C THR A 1066 -28.52 23.02 -46.77
N TYR A 1067 -29.46 23.92 -46.50
CA TYR A 1067 -29.90 24.94 -47.42
C TYR A 1067 -29.28 26.27 -47.01
N VAL A 1068 -28.66 26.97 -47.97
CA VAL A 1068 -28.00 28.23 -47.67
C VAL A 1068 -28.56 29.30 -48.58
N PRO A 1069 -28.95 30.47 -48.07
CA PRO A 1069 -29.43 31.53 -48.95
C PRO A 1069 -28.32 32.16 -49.77
N ALA A 1070 -28.66 32.49 -51.01
CA ALA A 1070 -27.71 33.02 -51.98
C ALA A 1070 -28.16 34.42 -52.38
N GLN A 1071 -27.60 34.94 -53.48
CA GLN A 1071 -27.56 36.37 -53.79
C GLN A 1071 -28.82 37.10 -53.37
N GLU A 1072 -28.67 38.10 -52.51
CA GLU A 1072 -29.78 38.79 -51.87
C GLU A 1072 -29.98 40.16 -52.49
N LYS A 1073 -31.08 40.79 -52.11
CA LYS A 1073 -31.45 42.08 -52.64
C LYS A 1073 -32.04 42.95 -51.55
N ASN A 1074 -31.84 44.26 -51.68
CA ASN A 1074 -32.45 45.22 -50.79
C ASN A 1074 -33.89 45.48 -51.19
N PHE A 1075 -34.74 45.69 -50.19
CA PHE A 1075 -36.11 46.11 -50.42
C PHE A 1075 -36.52 47.05 -49.30
N THR A 1076 -37.60 47.77 -49.52
CA THR A 1076 -38.21 48.63 -48.53
C THR A 1076 -39.44 47.94 -47.97
N THR A 1077 -39.59 47.95 -46.65
CA THR A 1077 -40.66 47.21 -46.01
C THR A 1077 -41.57 48.13 -45.21
N ALA A 1078 -42.69 47.56 -44.79
CA ALA A 1078 -43.65 48.17 -43.92
C ALA A 1078 -44.24 47.05 -43.09
N PRO A 1079 -44.47 47.28 -41.79
CA PRO A 1079 -45.12 46.24 -40.98
C PRO A 1079 -46.58 46.03 -41.30
N ALA A 1080 -47.25 47.01 -41.91
CA ALA A 1080 -48.67 46.87 -42.21
C ALA A 1080 -49.01 47.78 -43.38
N ILE A 1081 -50.17 47.52 -43.98
CA ILE A 1081 -50.70 48.31 -45.09
C ILE A 1081 -51.99 48.95 -44.65
N CYS A 1082 -52.16 50.24 -44.94
CA CYS A 1082 -53.38 50.95 -44.60
C CYS A 1082 -54.29 50.96 -45.83
N HIS A 1083 -55.55 50.57 -45.64
CA HIS A 1083 -56.49 50.49 -46.74
C HIS A 1083 -57.90 50.60 -46.17
N ASP A 1084 -58.64 51.64 -46.58
CA ASP A 1084 -59.99 51.88 -46.11
C ASP A 1084 -60.05 52.01 -44.59
N GLY A 1085 -59.03 52.65 -44.02
CA GLY A 1085 -58.97 52.77 -42.58
C GLY A 1085 -58.82 51.45 -41.86
N LYS A 1086 -58.27 50.44 -42.54
CA LYS A 1086 -57.99 49.14 -41.94
C LYS A 1086 -56.50 48.86 -42.08
N ALA A 1087 -55.97 48.06 -41.16
CA ALA A 1087 -54.56 47.68 -41.17
C ALA A 1087 -54.44 46.21 -41.55
N HIS A 1088 -53.65 45.94 -42.58
CA HIS A 1088 -53.42 44.59 -43.07
C HIS A 1088 -52.00 44.17 -42.74
N PHE A 1089 -51.85 42.99 -42.14
CA PHE A 1089 -50.58 42.35 -41.90
C PHE A 1089 -50.51 41.07 -42.74
N PRO A 1090 -49.32 40.62 -43.11
CA PRO A 1090 -49.23 39.42 -43.93
C PRO A 1090 -49.49 38.15 -43.12
N ARG A 1091 -50.15 37.19 -43.76
CA ARG A 1091 -50.39 35.91 -43.11
C ARG A 1091 -49.08 35.18 -42.86
N GLU A 1092 -48.26 35.07 -43.89
CA GLU A 1092 -46.92 34.53 -43.77
C GLU A 1092 -46.06 35.14 -44.87
N GLY A 1093 -45.05 35.88 -44.47
CA GLY A 1093 -44.24 36.64 -45.40
C GLY A 1093 -44.08 38.08 -44.96
N VAL A 1094 -43.41 38.85 -45.82
CA VAL A 1094 -43.11 40.24 -45.54
C VAL A 1094 -43.65 41.09 -46.68
N PHE A 1095 -43.92 42.36 -46.38
CA PHE A 1095 -44.28 43.36 -47.37
C PHE A 1095 -43.00 44.00 -47.89
N VAL A 1096 -42.79 43.97 -49.21
CA VAL A 1096 -41.61 44.55 -49.81
C VAL A 1096 -42.03 45.48 -50.94
N SER A 1097 -41.13 46.41 -51.26
CA SER A 1097 -41.36 47.41 -52.30
C SER A 1097 -40.14 47.48 -53.19
N ASN A 1098 -40.35 47.32 -54.49
CA ASN A 1098 -39.27 47.47 -55.46
C ASN A 1098 -39.10 48.91 -55.92
N GLY A 1099 -39.58 49.86 -55.14
CA GLY A 1099 -39.44 51.28 -55.45
C GLY A 1099 -40.76 51.98 -55.66
N THR A 1100 -41.69 51.36 -56.37
CA THR A 1100 -43.01 51.94 -56.60
C THR A 1100 -44.15 51.04 -56.16
N HIS A 1101 -44.07 49.76 -56.46
CA HIS A 1101 -45.14 48.81 -56.16
C HIS A 1101 -44.83 48.03 -54.89
N TRP A 1102 -45.87 47.55 -54.24
CA TRP A 1102 -45.76 46.78 -53.01
C TRP A 1102 -46.24 45.37 -53.25
N PHE A 1103 -45.44 44.40 -52.85
CA PHE A 1103 -45.78 42.99 -52.94
C PHE A 1103 -45.63 42.36 -51.57
N VAL A 1104 -46.05 41.10 -51.47
CA VAL A 1104 -45.84 40.29 -50.28
C VAL A 1104 -45.11 39.02 -50.70
N THR A 1105 -43.97 38.76 -50.09
CA THR A 1105 -43.16 37.60 -50.43
C THR A 1105 -43.06 36.66 -49.23
N GLN A 1106 -42.70 35.42 -49.53
CA GLN A 1106 -42.30 34.52 -48.48
C GLN A 1106 -40.96 34.95 -47.90
N ARG A 1107 -40.71 34.50 -46.68
CA ARG A 1107 -39.67 35.04 -45.84
C ARG A 1107 -38.25 34.73 -46.31
N ASN A 1108 -38.03 33.56 -46.92
CA ASN A 1108 -36.68 33.05 -47.15
C ASN A 1108 -36.30 32.98 -48.62
N PHE A 1109 -37.20 33.31 -49.54
CA PHE A 1109 -36.90 33.23 -50.95
C PHE A 1109 -37.74 34.27 -51.66
N TYR A 1110 -37.09 35.18 -52.38
CA TYR A 1110 -37.81 36.26 -53.03
C TYR A 1110 -38.78 35.74 -54.08
N GLU A 1111 -40.07 35.90 -53.83
CA GLU A 1111 -41.11 35.49 -54.77
C GLU A 1111 -42.30 36.40 -54.56
N PRO A 1112 -42.35 37.53 -55.25
CA PRO A 1112 -43.35 38.54 -54.95
C PRO A 1112 -44.72 38.23 -55.53
N GLN A 1113 -45.75 38.60 -54.78
CA GLN A 1113 -47.13 38.42 -55.21
C GLN A 1113 -47.92 39.67 -54.89
N ILE A 1114 -49.02 39.85 -55.61
CA ILE A 1114 -49.89 41.00 -55.40
C ILE A 1114 -50.61 40.85 -54.06
N ILE A 1115 -50.69 41.95 -53.32
CA ILE A 1115 -51.31 41.95 -51.99
C ILE A 1115 -52.82 41.86 -52.16
N THR A 1116 -53.39 40.70 -51.85
CA THR A 1116 -54.83 40.50 -51.83
C THR A 1116 -55.31 40.32 -50.40
N THR A 1117 -56.61 40.15 -50.24
CA THR A 1117 -57.19 39.85 -48.93
C THR A 1117 -57.14 38.37 -48.61
N ASP A 1118 -56.34 37.60 -49.35
CA ASP A 1118 -56.19 36.18 -49.11
C ASP A 1118 -54.83 35.80 -48.54
N ASN A 1119 -53.82 36.65 -48.70
CA ASN A 1119 -52.53 36.45 -48.06
C ASN A 1119 -52.25 37.48 -46.99
N THR A 1120 -53.28 38.21 -46.56
CA THR A 1120 -53.16 39.19 -45.49
C THR A 1120 -54.38 39.09 -44.59
N PHE A 1121 -54.19 39.43 -43.32
CA PHE A 1121 -55.27 39.50 -42.36
C PHE A 1121 -55.36 40.90 -41.80
N VAL A 1122 -56.58 41.30 -41.43
CA VAL A 1122 -56.87 42.67 -40.99
C VAL A 1122 -57.15 42.67 -39.50
N SER A 1123 -56.60 43.66 -38.81
CA SER A 1123 -56.85 43.81 -37.38
C SER A 1123 -56.62 45.26 -36.98
N GLY A 1124 -57.69 45.99 -36.74
CA GLY A 1124 -57.58 47.33 -36.22
C GLY A 1124 -57.73 48.39 -37.30
N ASN A 1125 -57.15 49.55 -37.01
CA ASN A 1125 -57.12 50.66 -37.94
C ASN A 1125 -55.71 51.21 -38.01
N CYS A 1126 -55.53 52.21 -38.87
CA CYS A 1126 -54.21 52.70 -39.23
C CYS A 1126 -53.61 53.66 -38.20
N ASP A 1127 -54.11 53.67 -36.97
CA ASP A 1127 -53.74 54.71 -36.01
C ASP A 1127 -52.66 54.30 -35.01
N VAL A 1128 -52.41 53.00 -34.83
CA VAL A 1128 -51.57 52.52 -33.74
C VAL A 1128 -50.21 52.05 -34.24
N VAL A 1129 -50.15 51.41 -35.40
CA VAL A 1129 -48.88 50.89 -35.89
C VAL A 1129 -47.98 52.05 -36.28
N ILE A 1130 -46.70 51.97 -35.88
CA ILE A 1130 -45.85 53.15 -35.99
C ILE A 1130 -45.46 53.49 -37.42
N GLY A 1131 -45.06 52.51 -38.23
CA GLY A 1131 -44.84 52.84 -39.63
C GLY A 1131 -45.77 52.09 -40.56
N ILE A 1132 -46.74 52.79 -41.13
CA ILE A 1132 -47.65 52.20 -42.08
C ILE A 1132 -47.51 52.94 -43.39
N VAL A 1133 -47.67 52.21 -44.49
CA VAL A 1133 -47.67 52.80 -45.82
C VAL A 1133 -49.04 52.60 -46.43
N ASN A 1134 -49.48 53.58 -47.21
CA ASN A 1134 -50.77 53.50 -47.89
C ASN A 1134 -50.62 52.70 -49.17
N ASN A 1135 -51.56 51.79 -49.40
CA ASN A 1135 -51.58 51.00 -50.62
C ASN A 1135 -53.01 50.52 -50.85
N THR A 1136 -53.18 49.72 -51.88
CA THR A 1136 -54.46 49.11 -52.19
C THR A 1136 -54.36 47.60 -51.96
N VAL A 1137 -55.36 47.04 -51.30
CA VAL A 1137 -55.43 45.61 -51.04
C VAL A 1137 -56.57 45.05 -51.86
N TYR A 1138 -56.25 44.19 -52.82
CA TYR A 1138 -57.23 43.72 -53.78
C TYR A 1138 -58.00 42.54 -53.22
N ASP A 1139 -59.13 42.26 -53.84
CA ASP A 1139 -59.90 41.06 -53.54
C ASP A 1139 -60.45 40.43 -54.81
N PRO A 1140 -60.50 39.09 -54.86
CA PRO A 1140 -60.98 38.43 -56.09
C PRO A 1140 -62.43 38.71 -56.42
N LEU A 1141 -63.27 38.96 -55.41
CA LEU A 1141 -64.70 39.12 -55.68
C LEU A 1141 -64.99 40.36 -56.50
N GLN A 1142 -64.17 41.40 -56.40
CA GLN A 1142 -64.43 42.61 -57.18
C GLN A 1142 -64.45 42.33 -58.68
N PRO A 1143 -63.49 41.60 -59.27
CA PRO A 1143 -63.68 41.16 -60.66
C PRO A 1143 -64.68 40.02 -60.81
N GLU A 1144 -64.66 39.05 -59.90
CA GLU A 1144 -65.47 37.84 -60.10
C GLU A 1144 -66.96 38.11 -60.02
N LEU A 1145 -67.39 39.26 -59.49
CA LEU A 1145 -68.81 39.56 -59.51
C LEU A 1145 -69.30 39.87 -60.92
N ASP A 1146 -68.46 40.50 -61.72
CA ASP A 1146 -68.86 40.95 -63.04
C ASP A 1146 -68.42 39.97 -64.12
N ALA B 27 -7.71 33.67 45.55
CA ALA B 27 -8.95 33.36 44.84
C ALA B 27 -8.67 32.89 43.42
N TYR B 28 -9.68 32.96 42.57
CA TYR B 28 -9.60 32.51 41.19
C TYR B 28 -10.14 33.58 40.26
N THR B 29 -9.59 33.65 39.05
CA THR B 29 -10.15 34.52 38.02
C THR B 29 -9.95 33.85 36.67
N ASN B 30 -10.46 34.49 35.63
CA ASN B 30 -10.42 33.93 34.27
C ASN B 30 -9.61 34.85 33.37
N SER B 31 -8.59 34.28 32.72
CA SER B 31 -7.82 35.00 31.71
C SER B 31 -8.65 35.15 30.45
N PHE B 32 -9.18 36.35 30.21
CA PHE B 32 -10.13 36.59 29.13
C PHE B 32 -9.60 36.10 27.79
N THR B 33 -8.52 36.70 27.31
CA THR B 33 -7.88 36.29 26.07
C THR B 33 -6.36 36.44 26.14
N ARG B 34 -5.79 36.30 27.33
CA ARG B 34 -4.37 36.54 27.53
C ARG B 34 -3.56 35.26 27.31
N GLY B 35 -2.25 35.43 27.17
CA GLY B 35 -1.36 34.29 27.06
C GLY B 35 -1.02 33.90 25.63
N VAL B 36 -0.74 34.88 24.78
CA VAL B 36 -0.43 34.65 23.37
C VAL B 36 0.93 35.25 23.07
N TYR B 37 1.85 34.42 22.58
CA TYR B 37 3.21 34.84 22.30
C TYR B 37 3.61 34.43 20.88
N TYR B 38 4.50 35.21 20.28
CA TYR B 38 5.06 34.87 18.98
C TYR B 38 5.89 33.60 19.10
N PRO B 39 5.46 32.48 18.53
CA PRO B 39 6.11 31.20 18.84
C PRO B 39 7.32 30.85 17.97
N ASP B 40 7.38 31.33 16.73
CA ASP B 40 8.25 30.72 15.74
C ASP B 40 9.26 31.67 15.10
N LYS B 41 9.35 32.92 15.55
CA LYS B 41 10.37 33.88 15.12
C LYS B 41 10.18 34.34 13.67
N VAL B 42 9.19 33.83 12.95
CA VAL B 42 9.04 34.04 11.52
C VAL B 42 8.09 35.22 11.29
N PHE B 43 8.43 36.06 10.33
CA PHE B 43 7.57 37.19 9.95
C PHE B 43 6.51 36.74 8.96
N ARG B 44 5.26 37.13 9.22
CA ARG B 44 4.14 36.86 8.32
C ARG B 44 3.25 38.09 8.32
N SER B 45 2.83 38.53 7.13
CA SER B 45 2.06 39.77 7.00
C SER B 45 0.71 39.47 6.39
N SER B 46 -0.35 39.87 7.09
CA SER B 46 -1.73 39.71 6.64
C SER B 46 -2.04 38.25 6.32
N VAL B 47 -1.80 37.38 7.31
CA VAL B 47 -1.90 35.94 7.12
C VAL B 47 -2.70 35.35 8.27
N LEU B 48 -3.27 34.17 8.04
CA LEU B 48 -3.89 33.38 9.10
C LEU B 48 -3.09 32.10 9.23
N HIS B 49 -2.53 31.86 10.41
CA HIS B 49 -1.61 30.75 10.63
C HIS B 49 -2.07 29.91 11.81
N SER B 50 -2.20 28.61 11.59
CA SER B 50 -2.57 27.68 12.65
C SER B 50 -1.32 27.00 13.19
N THR B 51 -1.14 27.03 14.50
CA THR B 51 0.03 26.44 15.13
C THR B 51 -0.38 25.66 16.37
N GLN B 52 0.26 24.51 16.57
CA GLN B 52 0.08 23.71 17.78
C GLN B 52 1.26 23.96 18.70
N ASP B 53 0.99 24.56 19.85
CA ASP B 53 2.06 24.93 20.77
C ASP B 53 1.44 25.08 22.16
N LEU B 54 2.31 25.23 23.16
CA LEU B 54 1.89 25.32 24.54
C LEU B 54 1.38 26.74 24.81
N PHE B 55 0.08 26.87 24.99
CA PHE B 55 -0.56 28.15 25.25
C PHE B 55 -1.36 28.10 26.55
N LEU B 56 -1.90 29.27 26.92
CA LEU B 56 -2.82 29.37 28.03
C LEU B 56 -4.23 29.35 27.50
N PRO B 57 -5.05 28.36 27.86
CA PRO B 57 -6.40 28.27 27.29
C PRO B 57 -7.21 29.52 27.54
N PHE B 58 -8.00 29.91 26.53
CA PHE B 58 -8.87 31.06 26.67
C PHE B 58 -9.89 30.83 27.77
N PHE B 59 -10.16 31.88 28.55
CA PHE B 59 -11.14 31.82 29.64
C PHE B 59 -10.86 30.65 30.58
N SER B 60 -9.60 30.43 30.89
CA SER B 60 -9.20 29.38 31.81
C SER B 60 -9.10 29.92 33.24
N ASN B 61 -8.97 29.00 34.19
CA ASN B 61 -8.85 29.39 35.59
C ASN B 61 -7.39 29.71 35.91
N VAL B 62 -7.14 30.94 36.34
CA VAL B 62 -5.82 31.35 36.78
C VAL B 62 -5.92 31.83 38.22
N THR B 63 -4.90 31.48 38.99
CA THR B 63 -4.91 31.69 40.43
C THR B 63 -4.40 33.08 40.77
N TRP B 64 -5.10 33.75 41.70
CA TRP B 64 -4.82 35.14 42.08
C TRP B 64 -4.21 35.13 43.48
N PHE B 65 -2.93 35.50 43.55
CA PHE B 65 -2.19 35.50 44.81
C PHE B 65 -1.91 36.93 45.29
N HIS B 66 -2.00 37.11 46.61
CA HIS B 66 -1.51 38.30 47.28
C HIS B 66 -0.28 37.98 48.11
N ASN B 81 4.10 34.48 49.08
CA ASN B 81 4.71 33.89 47.89
C ASN B 81 5.04 32.42 48.09
N PRO B 82 4.01 31.56 48.04
CA PRO B 82 4.25 30.13 48.21
C PRO B 82 4.94 29.51 47.00
N VAL B 83 5.36 28.27 47.16
CA VAL B 83 5.96 27.53 46.06
C VAL B 83 4.87 27.02 45.14
N LEU B 84 5.16 26.99 43.84
CA LEU B 84 4.24 26.57 42.80
C LEU B 84 4.92 25.60 41.85
N PRO B 85 4.17 24.67 41.26
CA PRO B 85 4.75 23.75 40.29
C PRO B 85 4.97 24.39 38.93
N PHE B 86 5.71 23.67 38.09
CA PHE B 86 6.14 24.13 36.77
C PHE B 86 5.92 23.02 35.74
N ASN B 87 4.69 22.50 35.69
CA ASN B 87 4.40 21.25 34.99
C ASN B 87 5.00 21.21 33.59
N ASP B 88 4.51 22.09 32.70
CA ASP B 88 5.05 22.21 31.35
C ASP B 88 5.37 23.65 30.98
N GLY B 89 4.96 24.61 31.79
CA GLY B 89 5.20 26.01 31.52
C GLY B 89 4.29 26.86 32.37
N VAL B 90 4.59 28.16 32.42
CA VAL B 90 3.86 29.06 33.29
C VAL B 90 3.64 30.38 32.57
N TYR B 91 2.43 30.92 32.75
CA TYR B 91 2.12 32.29 32.41
C TYR B 91 1.95 33.06 33.72
N PHE B 92 2.55 34.24 33.79
CA PHE B 92 2.60 35.03 35.00
C PHE B 92 2.18 36.45 34.66
N ALA B 93 1.47 37.10 35.57
CA ALA B 93 1.10 38.48 35.33
C ALA B 93 1.14 39.25 36.64
N SER B 94 1.43 40.54 36.53
CA SER B 94 1.50 41.40 37.70
C SER B 94 0.99 42.79 37.36
N THR B 95 0.37 43.43 38.35
CA THR B 95 0.01 44.84 38.26
C THR B 95 0.58 45.53 39.51
N GLU B 96 1.84 45.91 39.42
CA GLU B 96 2.56 46.53 40.52
C GLU B 96 2.68 48.03 40.28
N LYS B 97 3.21 48.74 41.29
CA LYS B 97 3.43 50.17 41.17
C LYS B 97 4.82 50.60 41.63
N SER B 98 5.50 49.80 42.45
CA SER B 98 6.85 50.12 42.91
C SER B 98 7.75 48.91 42.78
N ASN B 99 7.68 48.24 41.63
CA ASN B 99 8.47 47.06 41.25
C ASN B 99 8.76 46.16 42.45
N ILE B 100 7.71 45.84 43.21
CA ILE B 100 7.86 45.14 44.48
C ILE B 100 8.43 43.74 44.26
N ILE B 101 8.25 43.19 43.07
CA ILE B 101 8.78 41.88 42.74
C ILE B 101 10.27 42.00 42.49
N ARG B 102 10.99 40.89 42.64
CA ARG B 102 12.42 40.87 42.40
C ARG B 102 12.89 39.80 41.42
N GLY B 103 12.21 38.67 41.31
CA GLY B 103 12.65 37.64 40.40
C GLY B 103 12.04 36.29 40.72
N TRP B 104 12.69 35.26 40.21
CA TRP B 104 12.11 33.92 40.20
C TRP B 104 13.16 32.86 40.52
N ILE B 105 12.68 31.73 41.01
CA ILE B 105 13.48 30.56 41.36
C ILE B 105 12.99 29.41 40.51
N PHE B 106 13.92 28.57 40.04
CA PHE B 106 13.58 27.38 39.27
C PHE B 106 14.47 26.22 39.71
N GLY B 107 13.87 25.05 39.87
CA GLY B 107 14.63 23.87 40.21
C GLY B 107 13.75 22.77 40.74
N THR B 108 14.40 21.69 41.16
CA THR B 108 13.73 20.51 41.69
C THR B 108 13.97 20.30 43.18
N THR B 109 15.24 20.27 43.60
CA THR B 109 15.58 20.16 45.01
C THR B 109 16.01 21.46 45.64
N LEU B 110 16.70 22.33 44.89
CA LEU B 110 17.06 23.68 45.33
C LEU B 110 18.06 23.65 46.48
N ASP B 111 18.56 22.47 46.82
CA ASP B 111 19.38 22.28 48.01
C ASP B 111 20.79 21.78 47.68
N SER B 112 21.42 22.33 46.64
CA SER B 112 22.79 22.03 46.26
C SER B 112 22.99 20.58 45.83
N LYS B 113 21.90 19.86 45.58
CA LYS B 113 21.99 18.54 44.97
C LYS B 113 21.79 18.59 43.46
N THR B 114 21.04 19.57 42.98
CA THR B 114 20.84 19.80 41.55
C THR B 114 21.03 21.29 41.27
N GLN B 115 21.50 21.60 40.07
CA GLN B 115 21.68 22.99 39.68
C GLN B 115 20.33 23.71 39.67
N SER B 116 20.36 24.99 40.02
CA SER B 116 19.14 25.77 40.16
C SER B 116 19.29 27.12 39.47
N LEU B 117 18.16 27.64 38.99
CA LEU B 117 18.10 28.86 38.20
C LEU B 117 17.54 29.97 39.07
N LEU B 118 18.22 31.11 39.10
CA LEU B 118 17.79 32.27 39.87
C LEU B 118 17.79 33.48 38.96
N ILE B 119 16.72 34.26 39.00
CA ILE B 119 16.62 35.50 38.24
C ILE B 119 16.26 36.61 39.20
N VAL B 120 17.04 37.68 39.21
CA VAL B 120 16.83 38.82 40.11
C VAL B 120 16.78 40.10 39.28
N ASN B 121 15.76 40.91 39.52
CA ASN B 121 15.61 42.20 38.87
C ASN B 121 15.85 43.29 39.90
N ASN B 122 17.05 43.87 39.89
CA ASN B 122 17.38 44.96 40.79
C ASN B 122 16.97 46.28 40.14
N ALA B 123 17.46 47.39 40.70
CA ALA B 123 16.95 48.70 40.31
C ALA B 123 17.24 49.03 38.85
N THR B 124 18.36 48.53 38.31
CA THR B 124 18.86 49.00 37.03
C THR B 124 19.18 47.90 36.02
N ASN B 125 19.58 46.71 36.44
CA ASN B 125 20.17 45.71 35.55
C ASN B 125 19.71 44.33 36.00
N VAL B 126 19.20 43.51 35.06
CA VAL B 126 18.64 42.22 35.45
C VAL B 126 19.74 41.16 35.39
N VAL B 127 19.73 40.25 36.37
CA VAL B 127 20.84 39.34 36.61
C VAL B 127 20.30 37.92 36.76
N ILE B 128 21.02 36.96 36.20
CA ILE B 128 20.61 35.56 36.18
C ILE B 128 21.79 34.69 36.61
N LYS B 129 21.51 33.69 37.45
CA LYS B 129 22.52 32.77 37.94
C LYS B 129 22.03 31.35 37.74
N VAL B 130 22.96 30.42 37.50
CA VAL B 130 22.67 29.00 37.50
C VAL B 130 23.69 28.32 38.40
N CYS B 131 23.28 28.01 39.63
CA CYS B 131 24.19 27.38 40.59
C CYS B 131 23.42 26.46 41.51
N GLU B 132 24.16 25.58 42.17
CA GLU B 132 23.60 24.65 43.16
C GLU B 132 23.50 25.35 44.51
N PHE B 133 22.51 26.23 44.63
CA PHE B 133 22.28 26.93 45.88
C PHE B 133 21.68 26.00 46.93
N GLN B 134 21.60 26.52 48.15
CA GLN B 134 20.95 25.83 49.25
C GLN B 134 19.48 26.22 49.30
N PHE B 135 18.64 25.30 49.77
CA PHE B 135 17.22 25.54 49.89
C PHE B 135 16.91 26.39 51.11
N CYS B 136 16.30 27.54 50.89
CA CYS B 136 15.94 28.44 51.98
C CYS B 136 14.49 28.21 52.39
N ASN B 137 14.24 28.42 53.69
CA ASN B 137 12.87 28.31 54.20
C ASN B 137 11.99 29.43 53.63
N ASP B 138 12.51 30.65 53.55
CA ASP B 138 11.75 31.80 53.07
C ASP B 138 12.70 32.89 52.62
N PRO B 139 13.13 32.87 51.36
CA PRO B 139 13.83 34.03 50.79
C PRO B 139 12.89 35.22 50.71
N PHE B 140 13.45 36.41 50.84
CA PHE B 140 12.63 37.62 50.85
C PHE B 140 13.50 38.79 50.43
N LEU B 141 12.83 39.89 50.07
CA LEU B 141 13.52 41.11 49.64
C LEU B 141 12.94 42.32 50.35
N SER B 155 16.91 44.90 53.18
CA SER B 155 17.01 44.66 51.75
C SER B 155 18.06 43.58 51.45
N GLU B 156 18.04 42.51 52.23
CA GLU B 156 19.03 41.45 52.13
C GLU B 156 18.43 40.19 51.51
N PHE B 157 19.31 39.34 51.02
CA PHE B 157 18.94 38.09 50.35
C PHE B 157 19.43 36.89 51.15
N ARG B 158 18.84 35.74 50.86
CA ARG B 158 19.25 34.49 51.48
C ARG B 158 19.40 33.40 50.43
N VAL B 159 18.77 33.59 49.27
CA VAL B 159 18.73 32.57 48.23
C VAL B 159 20.11 32.23 47.70
N TYR B 160 20.98 33.23 47.47
CA TYR B 160 22.29 32.99 46.88
C TYR B 160 23.28 32.36 47.85
N SER B 161 22.83 31.95 49.04
CA SER B 161 23.70 31.25 49.96
C SER B 161 24.10 29.89 49.40
N SER B 162 25.26 29.40 49.84
CA SER B 162 25.84 28.16 49.31
C SER B 162 25.96 28.20 47.80
N ALA B 163 26.48 29.32 47.29
CA ALA B 163 26.68 29.50 45.86
C ALA B 163 27.84 28.62 45.41
N ASN B 164 27.53 27.35 45.16
CA ASN B 164 28.54 26.35 44.85
C ASN B 164 28.26 25.74 43.49
N ASN B 165 29.35 25.38 42.79
CA ASN B 165 29.29 24.75 41.48
C ASN B 165 28.54 25.63 40.47
N CYS B 166 28.78 26.94 40.53
CA CYS B 166 28.17 27.88 39.60
C CYS B 166 28.59 27.59 38.17
N THR B 167 27.62 27.54 37.25
CA THR B 167 27.88 27.14 35.88
C THR B 167 27.63 28.23 34.85
N PHE B 168 26.81 29.24 35.17
CA PHE B 168 26.39 30.19 34.15
C PHE B 168 25.86 31.46 34.78
N GLU B 169 26.23 32.60 34.20
CA GLU B 169 25.81 33.92 34.66
C GLU B 169 25.37 34.75 33.47
N TYR B 170 24.27 35.49 33.65
CA TYR B 170 23.70 36.30 32.60
C TYR B 170 23.39 37.70 33.15
N VAL B 171 23.55 38.70 32.31
CA VAL B 171 23.21 40.08 32.63
C VAL B 171 22.49 40.68 31.43
N SER B 172 21.38 41.35 31.67
CA SER B 172 20.56 41.85 30.57
C SER B 172 19.90 43.17 30.96
N GLN B 173 19.35 43.84 29.95
CA GLN B 173 18.78 45.16 30.09
C GLN B 173 17.61 45.15 31.07
N PRO B 174 17.34 46.29 31.71
CA PRO B 174 16.31 46.31 32.75
C PRO B 174 14.92 46.02 32.21
N PHE B 175 14.08 45.50 33.10
CA PHE B 175 12.67 45.28 32.85
C PHE B 175 11.91 46.61 33.01
N LEU B 176 10.60 46.48 33.15
CA LEU B 176 9.72 47.62 33.46
C LEU B 176 9.62 48.58 32.28
N LYS B 187 -1.08 50.68 37.07
CA LYS B 187 -0.77 51.46 35.88
C LYS B 187 0.08 50.64 34.91
N ASN B 188 0.91 49.76 35.45
CA ASN B 188 1.77 48.90 34.66
C ASN B 188 1.32 47.46 34.82
N LEU B 189 1.03 46.80 33.70
CA LEU B 189 0.67 45.39 33.66
C LEU B 189 1.79 44.64 32.95
N ARG B 190 2.40 43.69 33.66
CA ARG B 190 3.55 42.95 33.14
C ARG B 190 3.14 41.50 32.97
N GLU B 191 3.21 41.01 31.74
CA GLU B 191 2.92 39.61 31.44
C GLU B 191 4.20 38.90 31.02
N PHE B 192 4.40 37.71 31.56
CA PHE B 192 5.58 36.90 31.31
C PHE B 192 5.14 35.48 31.02
N VAL B 193 5.92 34.80 30.18
CA VAL B 193 5.73 33.38 29.92
C VAL B 193 7.08 32.69 30.05
N PHE B 194 7.14 31.68 30.90
CA PHE B 194 8.35 30.91 31.15
C PHE B 194 8.12 29.48 30.69
N LYS B 195 9.03 28.97 29.87
CA LYS B 195 8.99 27.58 29.43
C LYS B 195 10.41 27.02 29.45
N ASN B 196 10.51 25.70 29.43
CA ASN B 196 11.82 25.04 29.40
C ASN B 196 11.65 23.76 28.58
N ILE B 197 12.09 23.81 27.33
CA ILE B 197 11.92 22.71 26.38
C ILE B 197 13.29 22.31 25.85
N ASP B 198 13.59 21.01 25.94
CA ASP B 198 14.81 20.43 25.37
C ASP B 198 16.05 21.21 25.78
N GLY B 199 16.25 21.34 27.09
CA GLY B 199 17.41 22.02 27.62
C GLY B 199 17.48 23.49 27.34
N TYR B 200 16.49 24.07 26.66
CA TYR B 200 16.47 25.49 26.37
C TYR B 200 15.37 26.13 27.20
N PHE B 201 15.75 27.09 28.04
CA PHE B 201 14.80 27.81 28.88
C PHE B 201 14.44 29.12 28.18
N LYS B 202 13.16 29.32 27.89
CA LYS B 202 12.68 30.41 27.07
C LYS B 202 11.82 31.35 27.89
N ILE B 203 12.06 32.64 27.73
CA ILE B 203 11.36 33.68 28.46
C ILE B 203 10.80 34.68 27.46
N TYR B 204 9.48 34.85 27.48
CA TYR B 204 8.74 35.83 26.70
C TYR B 204 8.11 36.83 27.65
N SER B 205 7.91 38.07 27.20
CA SER B 205 7.30 39.04 28.08
C SER B 205 6.71 40.20 27.29
N LYS B 206 5.95 41.03 28.00
CA LYS B 206 5.51 42.33 27.51
C LYS B 206 4.92 43.10 28.68
N HIS B 207 5.28 44.39 28.78
CA HIS B 207 4.70 45.27 29.78
C HIS B 207 3.94 46.39 29.09
N THR B 208 2.81 46.79 29.68
CA THR B 208 1.81 47.56 28.95
C THR B 208 0.96 48.34 29.93
N PRO B 209 0.53 49.57 29.60
CA PRO B 209 -0.42 50.29 30.46
C PRO B 209 -1.74 49.55 30.62
N PRO B 217 -7.83 40.96 33.01
CA PRO B 217 -7.88 42.23 32.29
C PRO B 217 -8.31 42.07 30.84
N GLN B 218 -9.40 42.74 30.47
CA GLN B 218 -9.95 42.60 29.12
C GLN B 218 -9.00 43.22 28.10
N GLY B 219 -9.02 42.66 26.90
CA GLY B 219 -8.16 43.08 25.82
C GLY B 219 -7.16 42.00 25.43
N PHE B 220 -6.64 42.14 24.22
CA PHE B 220 -5.74 41.16 23.63
C PHE B 220 -4.35 41.75 23.48
N SER B 221 -3.34 40.99 23.91
CA SER B 221 -1.95 41.40 23.79
C SER B 221 -1.11 40.20 23.42
N ALA B 222 -0.14 40.41 22.53
CA ALA B 222 0.79 39.37 22.12
C ALA B 222 2.13 39.60 22.79
N LEU B 223 2.75 38.51 23.26
CA LEU B 223 3.99 38.59 24.02
C LEU B 223 5.17 38.35 23.11
N GLU B 224 6.17 39.21 23.20
CA GLU B 224 7.40 39.04 22.42
C GLU B 224 8.38 38.15 23.18
N PRO B 225 9.20 37.39 22.47
CA PRO B 225 10.27 36.64 23.15
C PRO B 225 11.36 37.57 23.64
N LEU B 226 11.96 37.20 24.77
CA LEU B 226 13.15 37.89 25.24
C LEU B 226 14.40 37.03 25.14
N VAL B 227 14.46 35.92 25.85
CA VAL B 227 15.76 35.29 26.07
C VAL B 227 15.62 33.78 26.09
N ASP B 228 16.62 33.11 25.50
CA ASP B 228 16.72 31.65 25.54
C ASP B 228 18.06 31.30 26.19
N LEU B 229 18.03 30.32 27.09
CA LEU B 229 19.23 29.89 27.83
C LEU B 229 19.48 28.43 27.52
N PRO B 230 20.65 28.07 26.97
CA PRO B 230 20.99 26.64 26.73
C PRO B 230 21.57 25.98 27.98
N ILE B 231 20.70 25.70 28.94
CA ILE B 231 21.15 25.18 30.23
C ILE B 231 21.20 23.65 30.25
N GLY B 232 20.22 22.98 29.66
CA GLY B 232 20.13 21.55 29.79
C GLY B 232 19.82 21.09 31.21
N ILE B 233 18.87 21.75 31.86
CA ILE B 233 18.53 21.48 33.26
C ILE B 233 17.22 20.71 33.33
N ASN B 234 17.15 19.77 34.27
CA ASN B 234 15.90 19.11 34.60
C ASN B 234 15.15 19.96 35.60
N ILE B 235 14.00 20.49 35.20
CA ILE B 235 13.27 21.48 35.99
C ILE B 235 11.90 20.93 36.34
N THR B 236 11.46 21.18 37.57
CA THR B 236 10.15 20.72 38.03
C THR B 236 9.35 21.77 38.77
N ARG B 237 9.97 22.77 39.39
CA ARG B 237 9.25 23.70 40.25
C ARG B 237 9.81 25.10 40.07
N PHE B 238 8.98 26.09 40.39
CA PHE B 238 9.40 27.49 40.38
C PHE B 238 8.86 28.18 41.62
N GLN B 239 9.34 29.39 41.86
CA GLN B 239 9.06 30.08 43.11
C GLN B 239 9.26 31.57 42.91
N THR B 240 8.57 32.36 43.71
CA THR B 240 8.56 33.81 43.59
C THR B 240 9.63 34.43 44.48
N LEU B 241 10.06 35.65 44.11
CA LEU B 241 10.97 36.46 44.94
C LEU B 241 10.36 37.85 45.09
N LEU B 242 9.56 38.02 46.14
CA LEU B 242 8.89 39.31 46.38
C LEU B 242 9.66 40.15 47.38
N ALA B 263 0.24 44.68 44.78
CA ALA B 263 0.80 43.65 45.65
C ALA B 263 0.08 42.33 45.44
N ALA B 264 -0.21 42.01 44.18
CA ALA B 264 -0.89 40.78 43.82
C ALA B 264 -0.50 40.39 42.40
N TYR B 265 -0.45 39.07 42.16
CA TYR B 265 -0.08 38.56 40.86
C TYR B 265 -1.03 37.43 40.47
N TYR B 266 -0.93 37.01 39.20
CA TYR B 266 -1.77 35.98 38.64
C TYR B 266 -0.89 34.91 38.01
N VAL B 267 -1.29 33.65 38.16
CA VAL B 267 -0.52 32.52 37.67
C VAL B 267 -1.44 31.58 36.90
N GLY B 268 -1.09 31.29 35.65
CA GLY B 268 -1.80 30.32 34.84
C GLY B 268 -0.85 29.29 34.26
N TYR B 269 -1.35 28.13 33.83
CA TYR B 269 -0.50 27.02 33.43
C TYR B 269 -0.72 26.69 31.97
N LEU B 270 0.37 26.65 31.21
CA LEU B 270 0.30 26.40 29.78
C LEU B 270 -0.13 24.96 29.49
N GLN B 271 -0.82 24.78 28.37
CA GLN B 271 -1.28 23.49 27.92
C GLN B 271 -1.07 23.38 26.41
N PRO B 272 -0.96 22.16 25.89
CA PRO B 272 -0.76 22.00 24.43
C PRO B 272 -2.04 22.09 23.63
N ARG B 273 -2.47 23.31 23.30
CA ARG B 273 -3.69 23.52 22.55
C ARG B 273 -3.42 24.37 21.33
N THR B 274 -3.88 23.91 20.17
CA THR B 274 -3.63 24.59 18.90
C THR B 274 -4.43 25.88 18.79
N PHE B 275 -3.82 26.87 18.13
CA PHE B 275 -4.38 28.21 17.99
C PHE B 275 -4.35 28.64 16.53
N LEU B 276 -5.21 29.58 16.21
CA LEU B 276 -5.20 30.30 14.93
C LEU B 276 -4.83 31.75 15.20
N LEU B 277 -3.83 32.25 14.47
CA LEU B 277 -3.25 33.57 14.71
C LEU B 277 -3.45 34.43 13.47
N LYS B 278 -3.90 35.66 13.66
CA LYS B 278 -4.06 36.61 12.56
C LYS B 278 -2.88 37.58 12.57
N TYR B 279 -1.95 37.36 11.65
CA TYR B 279 -0.82 38.26 11.50
C TYR B 279 -1.22 39.46 10.65
N ASN B 280 -0.87 40.65 11.14
CA ASN B 280 -1.26 41.92 10.55
C ASN B 280 -0.28 42.31 9.45
N GLU B 281 -0.56 43.43 8.78
CA GLU B 281 0.24 43.87 7.65
C GLU B 281 1.69 44.14 8.04
N ASN B 282 1.94 44.47 9.30
CA ASN B 282 3.30 44.66 9.79
C ASN B 282 3.88 43.42 10.44
N GLY B 283 3.15 42.31 10.44
CA GLY B 283 3.63 41.10 11.07
C GLY B 283 3.38 41.02 12.56
N THR B 284 2.55 41.89 13.11
CA THR B 284 2.22 41.86 14.53
C THR B 284 0.92 41.08 14.73
N ILE B 285 0.92 40.20 15.73
CA ILE B 285 -0.27 39.40 16.00
C ILE B 285 -1.37 40.31 16.53
N THR B 286 -2.54 40.23 15.90
CA THR B 286 -3.66 41.10 16.25
C THR B 286 -4.85 40.35 16.85
N ASP B 287 -5.08 39.11 16.46
CA ASP B 287 -6.18 38.33 17.00
C ASP B 287 -5.80 36.86 17.02
N ALA B 288 -6.50 36.10 17.85
CA ALA B 288 -6.24 34.67 17.96
C ALA B 288 -7.53 33.94 18.30
N VAL B 289 -7.54 32.65 18.00
CA VAL B 289 -8.68 31.78 18.23
C VAL B 289 -8.16 30.47 18.83
N ASP B 290 -8.79 30.03 19.90
CA ASP B 290 -8.49 28.73 20.51
C ASP B 290 -9.37 27.68 19.86
N CYS B 291 -8.75 26.73 19.17
CA CYS B 291 -9.48 25.78 18.34
C CYS B 291 -10.23 24.73 19.13
N ALA B 292 -10.35 24.83 20.46
CA ALA B 292 -11.09 23.86 21.24
C ALA B 292 -11.99 24.51 22.28
N LEU B 293 -12.14 25.83 22.25
CA LEU B 293 -12.99 26.50 23.22
C LEU B 293 -14.46 26.12 23.01
N ASP B 294 -14.95 26.24 21.79
CA ASP B 294 -16.36 26.03 21.51
C ASP B 294 -16.51 25.68 20.04
N PRO B 295 -17.68 25.17 19.62
CA PRO B 295 -17.82 24.76 18.21
C PRO B 295 -17.58 25.87 17.19
N LEU B 296 -17.96 27.10 17.50
CA LEU B 296 -17.75 28.19 16.55
C LEU B 296 -16.27 28.39 16.26
N SER B 297 -15.44 28.41 17.30
CA SER B 297 -14.01 28.56 17.11
C SER B 297 -13.43 27.37 16.36
N GLU B 298 -13.97 26.19 16.59
CA GLU B 298 -13.49 24.96 15.87
C GLU B 298 -13.84 25.06 14.39
N THR B 299 -15.01 25.61 14.04
CA THR B 299 -15.31 25.88 12.64
C THR B 299 -14.35 26.91 12.06
N LYS B 300 -14.08 27.98 12.82
CA LYS B 300 -13.13 28.98 12.35
C LYS B 300 -11.76 28.38 12.10
N CYS B 301 -11.35 27.42 12.91
CA CYS B 301 -10.06 26.76 12.71
C CYS B 301 -10.11 25.77 11.55
N THR B 302 -11.28 25.19 11.28
CA THR B 302 -11.39 24.28 10.15
C THR B 302 -11.32 25.03 8.83
N LEU B 303 -12.05 26.15 8.73
CA LEU B 303 -12.07 26.94 7.51
C LEU B 303 -10.93 27.95 7.44
N LYS B 304 -10.17 28.12 8.52
CA LYS B 304 -9.09 29.10 8.60
C LYS B 304 -9.58 30.49 8.23
N SER B 305 -10.56 30.96 9.00
CA SER B 305 -11.10 32.29 8.83
C SER B 305 -11.69 32.75 10.15
N PHE B 306 -11.73 34.06 10.34
CA PHE B 306 -12.32 34.63 11.55
C PHE B 306 -13.80 34.93 11.39
N THR B 307 -14.31 34.88 10.17
CA THR B 307 -15.74 34.99 9.90
C THR B 307 -16.16 33.78 9.08
N VAL B 308 -17.32 33.22 9.43
CA VAL B 308 -17.87 32.08 8.72
C VAL B 308 -19.23 32.47 8.16
N GLU B 309 -19.62 31.82 7.08
CA GLU B 309 -20.87 32.11 6.41
C GLU B 309 -21.92 31.07 6.76
N LYS B 310 -23.18 31.49 6.69
CA LYS B 310 -24.30 30.61 7.01
C LYS B 310 -24.19 29.29 6.27
N GLY B 311 -24.24 28.19 7.02
CA GLY B 311 -24.16 26.88 6.42
C GLY B 311 -23.97 25.81 7.47
N ILE B 312 -23.71 24.60 6.99
CA ILE B 312 -23.37 23.46 7.82
C ILE B 312 -21.95 23.04 7.51
N TYR B 313 -21.13 22.86 8.53
CA TYR B 313 -19.74 22.50 8.37
C TYR B 313 -19.42 21.31 9.25
N GLN B 314 -18.63 20.38 8.72
CA GLN B 314 -18.19 19.23 9.47
C GLN B 314 -16.81 19.49 10.02
N THR B 315 -16.69 19.54 11.35
CA THR B 315 -15.45 19.95 12.00
C THR B 315 -14.62 18.80 12.52
N SER B 316 -15.20 17.89 13.30
CA SER B 316 -14.41 16.82 13.91
C SER B 316 -15.26 15.56 14.00
N ASN B 317 -14.74 14.58 14.74
CA ASN B 317 -15.38 13.29 14.88
C ASN B 317 -15.65 13.03 16.35
N PHE B 318 -16.83 12.51 16.64
CA PHE B 318 -17.23 12.14 17.98
C PHE B 318 -16.96 10.66 18.21
N ARG B 319 -16.46 10.33 19.41
CA ARG B 319 -16.17 8.96 19.77
C ARG B 319 -16.33 8.79 21.28
N VAL B 320 -17.13 7.81 21.68
CA VAL B 320 -17.29 7.51 23.09
C VAL B 320 -15.98 6.94 23.63
N GLN B 321 -15.70 7.19 24.91
CA GLN B 321 -14.41 6.84 25.47
C GLN B 321 -14.51 5.64 26.40
N PRO B 322 -13.46 4.84 26.51
CA PRO B 322 -13.51 3.66 27.40
C PRO B 322 -13.51 4.08 28.86
N THR B 323 -14.52 3.61 29.58
CA THR B 323 -14.68 3.95 30.99
C THR B 323 -13.99 2.97 31.94
N GLU B 324 -13.36 1.93 31.42
CA GLU B 324 -12.86 0.84 32.25
C GLU B 324 -11.96 -0.06 31.42
N SER B 325 -11.02 -0.72 32.08
CA SER B 325 -10.10 -1.66 31.45
C SER B 325 -10.24 -3.02 32.14
N ILE B 326 -10.54 -4.05 31.34
CA ILE B 326 -10.73 -5.38 31.90
C ILE B 326 -9.73 -6.35 31.29
N VAL B 327 -9.32 -7.32 32.10
CA VAL B 327 -8.39 -8.37 31.69
C VAL B 327 -9.01 -9.71 32.03
N ARG B 328 -9.00 -10.63 31.06
CA ARG B 328 -9.47 -11.99 31.28
C ARG B 328 -8.39 -12.96 30.82
N PHE B 329 -7.85 -13.71 31.77
CA PHE B 329 -6.81 -14.69 31.54
C PHE B 329 -7.26 -16.00 32.16
N PRO B 330 -6.70 -17.13 31.72
CA PRO B 330 -7.06 -18.40 32.35
C PRO B 330 -6.59 -18.43 33.80
N ASN B 331 -7.24 -19.27 34.59
CA ASN B 331 -6.89 -19.42 36.00
C ASN B 331 -5.77 -20.43 36.23
N ILE B 332 -4.91 -20.66 35.24
CA ILE B 332 -3.73 -21.51 35.45
C ILE B 332 -2.92 -20.91 36.60
N THR B 333 -2.32 -21.77 37.40
CA THR B 333 -1.70 -21.30 38.63
C THR B 333 -0.24 -21.71 38.78
N ASN B 334 0.13 -22.91 38.32
CA ASN B 334 1.48 -23.41 38.55
C ASN B 334 2.49 -22.60 37.75
N LEU B 335 3.63 -22.29 38.38
CA LEU B 335 4.70 -21.57 37.71
C LEU B 335 5.30 -22.43 36.61
N CYS B 336 6.24 -21.88 35.86
CA CYS B 336 6.63 -22.68 34.72
C CYS B 336 8.01 -23.29 34.95
N PRO B 337 8.24 -24.52 34.48
CA PRO B 337 9.55 -25.18 34.66
C PRO B 337 10.67 -24.60 33.81
N PHE B 338 10.99 -23.32 34.06
CA PHE B 338 12.19 -22.75 33.49
C PHE B 338 13.45 -23.14 34.26
N GLY B 339 13.31 -23.56 35.52
CA GLY B 339 14.48 -23.95 36.29
C GLY B 339 15.21 -25.14 35.68
N GLU B 340 14.46 -26.16 35.27
CA GLU B 340 15.06 -27.36 34.70
C GLU B 340 15.15 -27.32 33.19
N VAL B 341 15.27 -26.13 32.61
CA VAL B 341 15.59 -25.98 31.20
C VAL B 341 16.85 -25.14 31.08
N PHE B 342 16.81 -23.94 31.66
CA PHE B 342 17.98 -23.07 31.61
C PHE B 342 19.08 -23.57 32.53
N ASN B 343 18.70 -24.11 33.68
CA ASN B 343 19.63 -24.44 34.74
C ASN B 343 19.60 -25.96 34.91
N ALA B 344 20.42 -26.65 34.11
CA ALA B 344 20.49 -28.10 34.12
C ALA B 344 21.92 -28.51 33.81
N THR B 345 22.30 -29.68 34.33
CA THR B 345 23.68 -30.13 34.20
C THR B 345 24.01 -30.47 32.75
N ARG B 346 23.26 -31.44 32.25
CA ARG B 346 23.59 -32.02 30.93
C ARG B 346 22.84 -31.43 29.76
N PHE B 347 23.46 -30.47 29.10
CA PHE B 347 22.93 -29.94 27.85
C PHE B 347 23.43 -30.82 26.71
N ALA B 348 22.50 -31.22 25.84
CA ALA B 348 22.87 -32.06 24.70
C ALA B 348 23.73 -31.27 23.72
N SER B 349 24.05 -31.84 22.57
CA SER B 349 24.85 -31.00 21.65
C SER B 349 24.06 -30.61 20.41
N VAL B 350 24.63 -29.75 19.58
CA VAL B 350 23.93 -29.24 18.36
C VAL B 350 23.67 -30.40 17.41
N TYR B 351 24.37 -31.51 17.57
CA TYR B 351 24.07 -32.70 16.74
C TYR B 351 22.66 -33.18 17.05
N ALA B 352 22.26 -33.21 18.33
CA ALA B 352 20.85 -33.56 18.60
C ALA B 352 20.29 -32.58 19.63
N TRP B 353 20.05 -31.34 19.23
CA TRP B 353 19.46 -30.29 20.10
C TRP B 353 18.23 -30.83 20.83
N ASN B 354 18.15 -30.69 22.15
CA ASN B 354 17.02 -31.23 22.91
C ASN B 354 15.84 -30.27 22.82
N ARG B 355 14.66 -30.84 22.57
CA ARG B 355 13.42 -30.06 22.46
C ARG B 355 12.51 -30.40 23.62
N LYS B 356 12.01 -29.36 24.29
CA LYS B 356 11.07 -29.57 25.38
C LYS B 356 9.84 -28.71 25.13
N ARG B 357 8.68 -29.36 25.07
CA ARG B 357 7.40 -28.69 25.01
C ARG B 357 6.98 -28.32 26.42
N ILE B 358 6.62 -27.07 26.65
CA ILE B 358 6.05 -26.67 27.93
C ILE B 358 4.79 -25.86 27.69
N SER B 359 3.81 -26.08 28.56
CA SER B 359 2.45 -25.60 28.44
C SER B 359 1.81 -25.62 29.81
N ASN B 360 0.66 -24.95 29.92
CA ASN B 360 -0.11 -24.89 31.16
C ASN B 360 0.72 -24.32 32.30
N CYS B 361 1.36 -23.18 32.03
CA CYS B 361 2.22 -22.51 32.98
C CYS B 361 1.63 -21.14 33.34
N VAL B 362 2.34 -20.45 34.22
CA VAL B 362 2.25 -18.99 34.33
C VAL B 362 3.68 -18.50 34.21
N ALA B 363 4.12 -18.23 32.98
CA ALA B 363 5.52 -17.93 32.73
C ALA B 363 5.81 -16.47 33.04
N ASP B 364 6.83 -16.24 33.85
CA ASP B 364 7.25 -14.89 34.21
C ASP B 364 8.59 -14.65 33.52
N TYR B 365 8.54 -14.10 32.31
CA TYR B 365 9.74 -13.87 31.52
C TYR B 365 10.60 -12.75 32.06
N SER B 366 10.11 -12.00 33.06
CA SER B 366 10.90 -10.90 33.60
C SER B 366 12.09 -11.41 34.41
N VAL B 367 11.94 -12.56 35.06
CA VAL B 367 13.06 -13.12 35.80
C VAL B 367 14.17 -13.56 34.85
N LEU B 368 13.79 -14.06 33.66
CA LEU B 368 14.77 -14.37 32.65
C LEU B 368 15.47 -13.12 32.13
N TYR B 369 14.69 -12.07 31.86
CA TYR B 369 15.23 -10.88 31.20
C TYR B 369 15.99 -9.99 32.17
N ASN B 370 15.82 -10.18 33.48
CA ASN B 370 16.46 -9.32 34.46
C ASN B 370 17.80 -9.87 34.95
N SER B 371 17.99 -11.18 34.94
CA SER B 371 19.26 -11.75 35.38
C SER B 371 20.33 -11.48 34.35
N ALA B 372 21.47 -10.94 34.79
CA ALA B 372 22.55 -10.51 33.92
C ALA B 372 23.46 -11.64 33.49
N SER B 373 23.18 -12.88 33.91
CA SER B 373 24.03 -14.02 33.58
C SER B 373 24.21 -14.18 32.07
N PHE B 374 23.19 -13.85 31.28
CA PHE B 374 23.21 -14.16 29.87
C PHE B 374 24.03 -13.15 29.09
N SER B 375 24.77 -13.65 28.10
CA SER B 375 25.53 -12.82 27.19
C SER B 375 24.73 -12.40 25.96
N THR B 376 23.90 -13.30 25.44
CA THR B 376 23.02 -13.01 24.32
C THR B 376 21.59 -13.28 24.75
N PHE B 377 20.73 -12.27 24.62
CA PHE B 377 19.29 -12.42 24.87
C PHE B 377 18.58 -11.57 23.84
N LYS B 378 18.22 -12.16 22.69
CA LYS B 378 17.68 -11.39 21.59
C LYS B 378 16.37 -12.02 21.12
N CYS B 379 15.33 -11.20 21.00
CA CYS B 379 14.00 -11.68 20.60
C CYS B 379 13.64 -11.11 19.24
N TYR B 380 13.07 -11.96 18.38
CA TYR B 380 12.91 -11.62 16.97
C TYR B 380 11.48 -11.17 16.65
N GLY B 381 10.51 -12.03 16.90
CA GLY B 381 9.13 -11.69 16.59
C GLY B 381 8.40 -10.89 17.62
N VAL B 382 8.97 -10.75 18.82
CA VAL B 382 8.34 -10.05 19.93
C VAL B 382 9.36 -9.12 20.56
N SER B 383 8.95 -8.47 21.64
CA SER B 383 9.82 -7.57 22.39
C SER B 383 10.03 -8.17 23.77
N PRO B 384 11.28 -8.30 24.23
CA PRO B 384 11.53 -8.97 25.52
C PRO B 384 10.81 -8.32 26.68
N THR B 385 10.64 -7.01 26.66
CA THR B 385 9.94 -6.31 27.73
C THR B 385 8.43 -6.51 27.68
N LYS B 386 7.90 -7.08 26.59
CA LYS B 386 6.46 -7.20 26.41
C LYS B 386 5.98 -8.64 26.41
N LEU B 387 6.76 -9.56 26.98
CA LEU B 387 6.39 -10.97 27.00
C LEU B 387 5.44 -11.32 28.14
N ASN B 388 5.33 -10.47 29.15
CA ASN B 388 4.49 -10.80 30.29
C ASN B 388 3.05 -10.36 30.09
N ASP B 389 2.67 -10.01 28.85
CA ASP B 389 1.33 -9.53 28.55
C ASP B 389 0.64 -10.35 27.48
N LEU B 390 1.39 -11.18 26.77
CA LEU B 390 0.87 -11.97 25.67
C LEU B 390 0.46 -13.35 26.18
N CYS B 391 -0.25 -14.10 25.35
CA CYS B 391 -0.54 -15.49 25.67
C CYS B 391 -0.15 -16.38 24.50
N PHE B 392 0.38 -17.55 24.83
CA PHE B 392 0.88 -18.50 23.84
C PHE B 392 0.20 -19.84 24.03
N THR B 393 0.01 -20.55 22.92
CA THR B 393 -0.57 -21.88 22.99
C THR B 393 0.39 -22.86 23.67
N ASN B 394 1.56 -23.06 23.06
CA ASN B 394 2.64 -23.84 23.65
C ASN B 394 3.92 -23.06 23.46
N VAL B 395 4.97 -23.46 24.17
CA VAL B 395 6.28 -22.88 23.90
C VAL B 395 7.34 -23.96 23.96
N TYR B 396 8.26 -23.93 23.00
CA TYR B 396 9.26 -24.96 22.76
C TYR B 396 10.62 -24.42 23.15
N ALA B 397 11.29 -25.11 24.06
CA ALA B 397 12.64 -24.74 24.49
C ALA B 397 13.63 -25.72 23.87
N ASP B 398 14.50 -25.21 23.02
CA ASP B 398 15.54 -26.01 22.40
C ASP B 398 16.88 -25.68 23.03
N SER B 399 17.60 -26.72 23.43
CA SER B 399 18.81 -26.54 24.22
C SER B 399 19.96 -27.30 23.58
N PHE B 400 21.13 -26.68 23.56
CA PHE B 400 22.35 -27.33 23.10
C PHE B 400 23.54 -26.49 23.56
N VAL B 401 24.73 -26.88 23.10
CA VAL B 401 25.97 -26.18 23.44
C VAL B 401 26.82 -26.08 22.17
N ILE B 402 27.43 -24.91 21.96
CA ILE B 402 28.16 -24.59 20.75
C ILE B 402 29.43 -23.82 21.11
N ARG B 403 30.16 -23.43 20.07
CA ARG B 403 31.29 -22.51 20.22
C ARG B 403 30.80 -21.07 20.28
N GLY B 404 31.66 -20.19 20.79
CA GLY B 404 31.32 -18.78 20.86
C GLY B 404 31.31 -18.08 19.52
N ASP B 405 31.84 -18.73 18.47
CA ASP B 405 31.87 -18.12 17.15
C ASP B 405 30.51 -18.05 16.50
N GLU B 406 29.73 -19.14 16.58
CA GLU B 406 28.55 -19.31 15.75
C GLU B 406 27.27 -19.04 16.53
N VAL B 407 27.37 -18.21 17.57
CA VAL B 407 26.16 -17.71 18.21
C VAL B 407 25.35 -16.85 17.24
N ARG B 408 26.02 -16.22 16.27
CA ARG B 408 25.30 -15.51 15.22
C ARG B 408 24.51 -16.47 14.35
N GLN B 409 25.00 -17.70 14.19
CA GLN B 409 24.36 -18.65 13.29
C GLN B 409 22.97 -19.05 13.73
N ILE B 410 22.61 -18.81 15.00
CA ILE B 410 21.25 -19.07 15.46
C ILE B 410 20.41 -17.84 15.12
N ALA B 411 19.87 -17.82 13.91
CA ALA B 411 19.13 -16.68 13.39
C ALA B 411 18.22 -17.18 12.29
N PRO B 412 17.14 -16.45 11.97
CA PRO B 412 16.19 -16.95 10.95
C PRO B 412 16.83 -17.20 9.61
N GLY B 413 17.71 -16.32 9.14
CA GLY B 413 18.46 -16.59 7.93
C GLY B 413 19.85 -17.05 8.30
N GLN B 414 20.85 -16.20 8.04
CA GLN B 414 22.21 -16.36 8.53
C GLN B 414 22.74 -17.78 8.26
N THR B 415 22.89 -18.07 6.98
CA THR B 415 23.42 -19.36 6.57
C THR B 415 24.85 -19.52 7.10
N GLY B 416 25.17 -20.76 7.46
CA GLY B 416 26.47 -21.05 8.04
C GLY B 416 26.56 -22.51 8.41
N LYS B 417 27.78 -22.92 8.74
CA LYS B 417 28.09 -24.35 8.91
C LYS B 417 27.09 -25.03 9.84
N ILE B 418 27.01 -24.58 11.09
CA ILE B 418 26.04 -25.15 12.01
C ILE B 418 24.62 -24.75 11.62
N ALA B 419 24.44 -23.49 11.20
CA ALA B 419 23.10 -23.02 10.83
C ALA B 419 22.54 -23.75 9.62
N ASP B 420 23.39 -24.37 8.79
CA ASP B 420 22.94 -25.17 7.66
C ASP B 420 22.88 -26.65 7.99
N TYR B 421 23.91 -27.18 8.63
CA TYR B 421 24.05 -28.62 8.77
C TYR B 421 23.52 -29.14 10.11
N ASN B 422 23.35 -28.29 11.11
CA ASN B 422 22.96 -28.75 12.44
C ASN B 422 21.59 -28.24 12.87
N TYR B 423 21.37 -26.92 12.88
CA TYR B 423 20.17 -26.34 13.45
C TYR B 423 19.72 -25.19 12.57
N LYS B 424 18.53 -25.32 11.98
CA LYS B 424 17.97 -24.31 11.08
C LYS B 424 16.80 -23.62 11.76
N LEU B 425 16.82 -22.29 11.77
CA LEU B 425 15.75 -21.44 12.26
C LEU B 425 14.89 -20.98 11.09
N PRO B 426 13.56 -21.14 11.16
CA PRO B 426 12.71 -20.68 10.06
C PRO B 426 12.80 -19.17 9.91
N ASP B 427 12.64 -18.71 8.67
CA ASP B 427 12.79 -17.28 8.40
C ASP B 427 11.69 -16.47 9.10
N ASP B 428 10.47 -17.03 9.15
CA ASP B 428 9.38 -16.39 9.87
C ASP B 428 9.38 -16.72 11.36
N PHE B 429 10.55 -16.58 11.98
CA PHE B 429 10.72 -16.96 13.37
C PHE B 429 10.08 -15.93 14.29
N THR B 430 9.42 -16.44 15.33
CA THR B 430 8.91 -15.61 16.43
C THR B 430 9.33 -16.30 17.72
N GLY B 431 10.19 -15.63 18.48
CA GLY B 431 10.74 -16.23 19.68
C GLY B 431 11.91 -15.47 20.24
N CYS B 432 12.74 -16.14 21.02
CA CYS B 432 13.91 -15.52 21.62
C CYS B 432 15.06 -16.51 21.63
N VAL B 433 16.28 -15.97 21.61
CA VAL B 433 17.51 -16.75 21.62
C VAL B 433 18.31 -16.31 22.84
N ILE B 434 18.66 -17.26 23.70
CA ILE B 434 19.44 -17.02 24.90
C ILE B 434 20.73 -17.83 24.78
N ALA B 435 21.85 -17.17 25.09
CA ALA B 435 23.16 -17.81 25.01
C ALA B 435 24.02 -17.26 26.14
N TRP B 436 24.75 -18.16 26.80
CA TRP B 436 25.71 -17.69 27.79
C TRP B 436 26.94 -18.58 27.77
N ASN B 437 28.11 -17.96 27.90
CA ASN B 437 29.35 -18.69 28.06
C ASN B 437 29.28 -19.51 29.34
N SER B 438 29.63 -20.79 29.23
CA SER B 438 29.60 -21.71 30.36
C SER B 438 30.91 -22.48 30.43
N ASN B 439 32.02 -21.75 30.37
CA ASN B 439 33.33 -22.39 30.28
C ASN B 439 33.61 -23.26 31.49
N ASN B 440 33.30 -22.77 32.70
CA ASN B 440 33.54 -23.57 33.89
C ASN B 440 32.72 -24.86 33.88
N LEU B 441 31.48 -24.80 33.40
CA LEU B 441 30.61 -25.97 33.37
C LEU B 441 30.96 -26.97 32.28
N ASP B 442 31.75 -26.58 31.28
CA ASP B 442 31.96 -27.43 30.12
C ASP B 442 33.38 -27.44 29.57
N SER B 443 34.35 -26.86 30.27
CA SER B 443 35.75 -26.93 29.86
C SER B 443 36.56 -27.54 30.99
N LYS B 444 37.28 -28.62 30.69
CA LYS B 444 38.11 -29.30 31.67
C LYS B 444 39.59 -29.04 31.39
N VAL B 445 40.40 -29.20 32.44
CA VAL B 445 41.84 -29.03 32.28
C VAL B 445 42.38 -30.00 31.24
N GLY B 446 41.91 -31.25 31.26
CA GLY B 446 42.22 -32.16 30.18
C GLY B 446 41.43 -31.91 28.91
N GLY B 447 40.47 -31.00 28.94
CA GLY B 447 39.64 -30.71 27.79
C GLY B 447 38.35 -31.50 27.79
N ASN B 448 37.30 -30.92 27.22
CA ASN B 448 36.00 -31.58 27.12
C ASN B 448 35.80 -31.99 25.67
N TYR B 449 35.86 -33.29 25.40
CA TYR B 449 35.85 -33.82 24.05
C TYR B 449 34.57 -34.58 23.71
N ASN B 450 33.66 -34.71 24.68
CA ASN B 450 32.42 -35.46 24.48
C ASN B 450 31.35 -34.69 23.74
N TYR B 451 31.53 -33.39 23.55
CA TYR B 451 30.63 -32.57 22.76
C TYR B 451 31.00 -32.73 21.29
N LEU B 452 30.01 -32.95 20.44
CA LEU B 452 30.20 -33.39 19.07
C LEU B 452 29.20 -32.65 18.18
N TYR B 453 29.59 -32.38 16.93
CA TYR B 453 28.69 -31.70 16.01
C TYR B 453 28.90 -32.23 14.59
N ARG B 454 27.89 -32.00 13.75
CA ARG B 454 27.82 -32.66 12.46
C ARG B 454 28.54 -31.89 11.37
N LEU B 455 29.31 -32.62 10.57
CA LEU B 455 29.74 -32.20 9.25
C LEU B 455 29.36 -33.29 8.29
N PHE B 456 29.63 -33.08 7.00
CA PHE B 456 29.50 -34.12 5.98
C PHE B 456 28.06 -34.61 5.86
N ARG B 457 27.20 -33.68 5.47
CA ARG B 457 25.82 -34.00 5.11
C ARG B 457 25.60 -33.75 3.63
N LYS B 458 24.70 -34.55 3.04
CA LYS B 458 24.44 -34.45 1.61
C LYS B 458 23.77 -33.14 1.22
N SER B 459 23.17 -32.43 2.19
CA SER B 459 22.48 -31.19 1.90
C SER B 459 22.29 -30.41 3.19
N ASN B 460 21.57 -29.29 3.08
CA ASN B 460 21.25 -28.47 4.23
C ASN B 460 20.05 -29.06 4.97
N LEU B 461 19.50 -28.30 5.91
CA LEU B 461 18.42 -28.79 6.77
C LEU B 461 17.16 -27.97 6.59
N LYS B 462 16.03 -28.64 6.82
CA LYS B 462 14.77 -27.94 6.96
C LYS B 462 14.78 -27.14 8.26
N PRO B 463 13.98 -26.08 8.37
CA PRO B 463 13.83 -25.40 9.65
C PRO B 463 13.26 -26.35 10.69
N PHE B 464 13.93 -26.42 11.85
CA PHE B 464 13.57 -27.33 12.92
C PHE B 464 13.51 -28.78 12.41
N GLU B 465 14.63 -29.24 11.88
CA GLU B 465 14.80 -30.62 11.46
C GLU B 465 15.93 -31.22 12.26
N ARG B 466 15.77 -32.49 12.66
CA ARG B 466 16.70 -33.16 13.55
C ARG B 466 17.54 -34.15 12.75
N ASP B 467 18.81 -34.27 13.11
CA ASP B 467 19.78 -35.05 12.35
C ASP B 467 20.65 -35.92 13.28
N ILE B 468 20.18 -37.13 13.53
CA ILE B 468 20.86 -38.07 14.42
C ILE B 468 21.60 -39.15 13.64
N SER B 469 21.65 -39.04 12.31
CA SER B 469 22.26 -40.07 11.47
C SER B 469 23.78 -39.94 11.51
N THR B 470 24.45 -41.03 11.86
CA THR B 470 25.92 -41.06 11.93
C THR B 470 26.39 -42.10 10.91
N GLU B 471 26.49 -41.68 9.65
CA GLU B 471 26.91 -42.56 8.57
C GLU B 471 28.15 -42.01 7.88
N ILE B 472 29.08 -42.93 7.58
CA ILE B 472 30.30 -42.58 6.87
C ILE B 472 29.98 -41.76 5.63
N TYR B 473 30.69 -40.66 5.45
CA TYR B 473 30.46 -39.77 4.32
C TYR B 473 31.22 -40.27 3.10
N GLN B 474 30.75 -39.86 1.93
CA GLN B 474 31.36 -40.23 0.66
C GLN B 474 31.81 -38.95 -0.03
N ALA B 475 33.13 -38.74 -0.09
CA ALA B 475 33.71 -37.64 -0.85
C ALA B 475 33.76 -37.94 -2.34
N GLY B 476 34.32 -39.09 -2.72
CA GLY B 476 34.32 -39.50 -4.11
C GLY B 476 33.12 -40.36 -4.44
N SER B 477 33.35 -41.53 -5.02
CA SER B 477 32.24 -42.44 -5.33
C SER B 477 32.44 -43.83 -4.75
N THR B 478 33.27 -43.99 -3.72
CA THR B 478 33.52 -45.30 -3.14
C THR B 478 32.28 -45.82 -2.42
N PRO B 479 32.04 -47.13 -2.48
CA PRO B 479 30.97 -47.72 -1.66
C PRO B 479 31.46 -48.01 -0.27
N CYS B 480 31.68 -46.95 0.50
CA CYS B 480 32.37 -47.03 1.80
C CYS B 480 31.46 -47.65 2.85
N ASN B 481 31.65 -48.95 3.06
CA ASN B 481 30.94 -49.69 4.11
C ASN B 481 31.87 -49.79 5.32
N GLY B 482 31.82 -48.77 6.18
CA GLY B 482 32.58 -48.77 7.40
C GLY B 482 34.05 -48.44 7.27
N VAL B 483 34.49 -47.98 6.10
CA VAL B 483 35.88 -47.65 5.87
C VAL B 483 36.02 -46.13 5.82
N GLU B 484 37.26 -45.65 6.00
CA GLU B 484 37.53 -44.22 6.10
C GLU B 484 38.76 -43.82 5.29
N GLY B 485 38.92 -44.35 4.08
CA GLY B 485 40.13 -44.09 3.32
C GLY B 485 40.07 -42.96 2.31
N PHE B 486 40.50 -41.76 2.74
CA PHE B 486 40.82 -40.63 1.87
C PHE B 486 39.63 -40.11 1.07
N ASN B 487 38.49 -40.77 1.19
CA ASN B 487 37.26 -40.27 0.58
C ASN B 487 36.07 -40.50 1.51
N CYS B 488 36.29 -41.09 2.67
CA CYS B 488 35.23 -41.63 3.51
C CYS B 488 35.39 -40.99 4.89
N TYR B 489 34.44 -40.13 5.25
CA TYR B 489 34.57 -39.33 6.46
C TYR B 489 33.46 -39.65 7.45
N PHE B 490 33.86 -39.81 8.70
CA PHE B 490 32.80 -40.02 9.67
C PHE B 490 32.22 -38.67 10.07
N PRO B 491 30.91 -38.50 9.88
CA PRO B 491 30.34 -37.15 9.74
C PRO B 491 30.52 -36.25 10.95
N LEU B 492 30.70 -36.82 12.12
CA LEU B 492 30.72 -36.05 13.35
C LEU B 492 32.15 -35.72 13.76
N GLN B 493 32.36 -34.48 14.21
CA GLN B 493 33.64 -34.08 14.77
C GLN B 493 33.39 -33.26 16.03
N SER B 494 34.33 -33.34 16.96
CA SER B 494 34.08 -32.87 18.31
C SER B 494 34.70 -31.51 18.57
N TYR B 495 34.59 -31.08 19.82
CA TYR B 495 35.24 -29.89 20.33
C TYR B 495 36.27 -30.29 21.39
N GLY B 496 37.27 -29.44 21.56
CA GLY B 496 38.29 -29.67 22.57
C GLY B 496 37.93 -29.04 23.90
N PHE B 497 37.54 -27.77 23.88
CA PHE B 497 37.03 -27.06 25.04
C PHE B 497 38.03 -27.05 26.19
N GLN B 498 39.19 -26.46 25.91
CA GLN B 498 40.20 -26.18 26.93
C GLN B 498 39.86 -24.90 27.67
N PRO B 499 40.12 -24.81 28.97
CA PRO B 499 39.82 -23.58 29.71
C PRO B 499 40.63 -22.38 29.22
N THR B 500 41.81 -22.61 28.67
CA THR B 500 42.67 -21.53 28.20
C THR B 500 42.39 -21.15 26.75
N ASN B 501 41.37 -21.74 26.11
CA ASN B 501 41.06 -21.44 24.74
C ASN B 501 40.66 -19.97 24.57
N GLY B 502 40.61 -19.53 23.32
CA GLY B 502 40.06 -18.23 23.03
C GLY B 502 38.55 -18.20 23.26
N VAL B 503 38.01 -16.99 23.27
CA VAL B 503 36.58 -16.81 23.50
C VAL B 503 35.75 -17.58 22.48
N GLY B 504 36.17 -17.59 21.22
CA GLY B 504 35.40 -18.25 20.18
C GLY B 504 35.28 -19.74 20.32
N TYR B 505 36.30 -20.40 20.89
CA TYR B 505 36.27 -21.85 21.00
C TYR B 505 35.71 -22.32 22.34
N GLN B 506 35.42 -21.40 23.26
CA GLN B 506 34.88 -21.78 24.56
C GLN B 506 33.46 -22.33 24.39
N PRO B 507 32.98 -23.07 25.39
CA PRO B 507 31.60 -23.55 25.32
C PRO B 507 30.61 -22.45 25.65
N TYR B 508 29.54 -22.40 24.87
CA TYR B 508 28.40 -21.54 25.15
C TYR B 508 27.14 -22.39 25.15
N ARG B 509 26.39 -22.31 26.23
CA ARG B 509 25.12 -23.02 26.32
C ARG B 509 24.01 -22.12 25.80
N VAL B 510 23.20 -22.68 24.90
CA VAL B 510 22.24 -21.91 24.13
C VAL B 510 20.88 -22.58 24.25
N VAL B 511 19.86 -21.76 24.53
CA VAL B 511 18.47 -22.20 24.56
C VAL B 511 17.63 -21.20 23.78
N VAL B 512 16.83 -21.69 22.85
CA VAL B 512 15.97 -20.87 22.02
C VAL B 512 14.53 -21.21 22.34
N LEU B 513 13.73 -20.18 22.60
CA LEU B 513 12.31 -20.35 22.88
C LEU B 513 11.51 -19.97 21.64
N SER B 514 10.68 -20.88 21.19
CA SER B 514 9.76 -20.65 20.08
C SER B 514 8.35 -20.66 20.62
N PHE B 515 7.60 -19.59 20.33
CA PHE B 515 6.26 -19.41 20.87
C PHE B 515 5.23 -19.84 19.84
N GLU B 516 4.08 -20.29 20.32
CA GLU B 516 2.94 -20.64 19.43
C GLU B 516 1.90 -19.54 19.58
N LEU B 517 2.08 -18.44 18.87
CA LEU B 517 1.21 -17.24 18.97
C LEU B 517 -0.04 -17.60 18.20
N LEU B 518 -0.21 -18.89 17.94
CA LEU B 518 -1.46 -19.34 17.28
C LEU B 518 -2.59 -18.95 18.23
N HIS B 519 -3.73 -18.54 17.71
CA HIS B 519 -4.82 -18.04 18.58
C HIS B 519 -5.68 -19.21 19.08
N ALA B 520 -5.24 -20.45 18.86
CA ALA B 520 -5.95 -21.62 19.43
C ALA B 520 -5.88 -21.45 20.93
N PRO B 521 -6.78 -22.03 21.75
CA PRO B 521 -6.81 -21.69 23.18
C PRO B 521 -5.44 -21.74 23.86
N ALA B 522 -5.09 -20.69 24.59
CA ALA B 522 -3.75 -20.57 25.19
C ALA B 522 -3.64 -21.34 26.50
N THR B 523 -2.40 -21.68 26.84
CA THR B 523 -2.10 -22.44 28.07
C THR B 523 -0.92 -21.75 28.77
N VAL B 524 0.05 -21.24 28.02
CA VAL B 524 1.12 -20.49 28.71
C VAL B 524 0.75 -19.02 28.65
N CYS B 525 0.39 -18.44 29.79
CA CYS B 525 0.01 -17.00 29.84
C CYS B 525 0.86 -16.28 30.87
N GLY B 526 1.23 -15.04 30.60
CA GLY B 526 2.16 -14.31 31.49
C GLY B 526 1.49 -13.88 32.76
N PRO B 527 2.24 -13.34 33.74
CA PRO B 527 1.64 -13.02 35.02
C PRO B 527 0.79 -11.74 34.96
N LYS B 528 -0.53 -11.87 35.07
CA LYS B 528 -1.46 -10.70 35.01
C LYS B 528 -2.65 -11.02 35.92
N LYS B 529 -3.45 -10.03 36.30
CA LYS B 529 -4.50 -10.24 37.29
C LYS B 529 -5.85 -10.09 36.61
N SER B 530 -6.49 -11.21 36.33
CA SER B 530 -7.82 -11.17 35.71
C SER B 530 -8.80 -10.47 36.63
N THR B 531 -9.61 -9.60 36.05
CA THR B 531 -10.67 -8.91 36.76
C THR B 531 -12.02 -9.41 36.26
N ASN B 532 -13.06 -9.13 37.03
CA ASN B 532 -14.39 -9.44 36.54
C ASN B 532 -14.74 -8.53 35.36
N LEU B 533 -15.64 -9.01 34.52
CA LEU B 533 -15.96 -8.33 33.27
C LEU B 533 -17.23 -7.51 33.42
N VAL B 534 -17.23 -6.35 32.79
CA VAL B 534 -18.35 -5.41 32.84
C VAL B 534 -18.96 -5.32 31.44
N LYS B 535 -20.26 -5.56 31.35
CA LYS B 535 -20.97 -5.56 30.07
C LYS B 535 -21.69 -4.23 29.85
N ASN B 536 -22.08 -4.03 28.59
CA ASN B 536 -22.92 -2.89 28.19
C ASN B 536 -22.25 -1.55 28.47
N LYS B 537 -20.92 -1.52 28.43
CA LYS B 537 -20.16 -0.29 28.57
C LYS B 537 -18.95 -0.34 27.64
N CYS B 538 -18.67 0.77 26.97
CA CYS B 538 -17.49 0.84 26.12
C CYS B 538 -16.26 0.80 27.02
N VAL B 539 -15.60 -0.36 27.06
CA VAL B 539 -14.41 -0.58 27.87
C VAL B 539 -13.34 -1.15 26.96
N ASN B 540 -12.09 -1.06 27.39
CA ASN B 540 -11.02 -1.71 26.66
C ASN B 540 -10.61 -2.99 27.37
N PHE B 541 -10.50 -4.07 26.61
CA PHE B 541 -10.39 -5.41 27.14
C PHE B 541 -9.13 -6.09 26.62
N ASN B 542 -8.68 -7.07 27.41
CA ASN B 542 -7.53 -7.92 27.07
C ASN B 542 -7.96 -9.35 27.39
N PHE B 543 -8.46 -10.06 26.37
CA PHE B 543 -8.86 -11.45 26.52
C PHE B 543 -7.67 -12.33 26.16
N ASN B 544 -6.90 -12.70 27.17
CA ASN B 544 -5.67 -13.51 27.07
C ASN B 544 -4.86 -13.16 25.82
N GLY B 545 -4.50 -11.88 25.72
CA GLY B 545 -3.67 -11.39 24.65
C GLY B 545 -4.44 -10.71 23.53
N LEU B 546 -5.74 -10.94 23.43
CA LEU B 546 -6.58 -10.33 22.41
C LEU B 546 -7.01 -8.96 22.94
N THR B 547 -6.36 -7.91 22.49
CA THR B 547 -6.62 -6.57 22.97
C THR B 547 -7.69 -5.91 22.10
N GLY B 548 -8.43 -4.99 22.70
CA GLY B 548 -9.37 -4.21 21.92
C GLY B 548 -10.13 -3.24 22.79
N THR B 549 -11.10 -2.57 22.16
CA THR B 549 -11.94 -1.62 22.87
C THR B 549 -13.33 -1.66 22.25
N GLY B 550 -14.35 -1.80 23.09
CA GLY B 550 -15.70 -1.91 22.59
C GLY B 550 -16.67 -2.21 23.73
N VAL B 551 -17.89 -2.55 23.33
CA VAL B 551 -18.97 -2.87 24.24
C VAL B 551 -19.24 -4.36 24.16
N LEU B 552 -19.21 -5.03 25.31
CA LEU B 552 -19.40 -6.47 25.41
C LEU B 552 -20.86 -6.77 25.75
N THR B 553 -21.37 -7.85 25.18
CA THR B 553 -22.76 -8.23 25.46
C THR B 553 -22.87 -9.75 25.34
N GLU B 554 -23.87 -10.32 26.00
CA GLU B 554 -24.16 -11.72 25.77
C GLU B 554 -24.62 -11.92 24.34
N SER B 555 -24.25 -13.07 23.76
CA SER B 555 -24.61 -13.40 22.40
C SER B 555 -25.42 -14.68 22.37
N ASN B 556 -26.35 -14.75 21.42
CA ASN B 556 -27.18 -15.93 21.22
C ASN B 556 -26.68 -16.78 20.05
N LYS B 557 -25.44 -16.56 19.61
CA LYS B 557 -24.81 -17.41 18.63
C LYS B 557 -24.01 -18.49 19.35
N LYS B 558 -24.15 -19.72 18.90
CA LYS B 558 -23.56 -20.87 19.58
C LYS B 558 -22.25 -21.24 18.89
N PHE B 559 -21.14 -20.92 19.54
CA PHE B 559 -19.86 -21.49 19.14
C PHE B 559 -19.93 -23.00 19.24
N LEU B 560 -19.35 -23.68 18.27
CA LEU B 560 -19.08 -25.09 18.47
C LEU B 560 -18.00 -25.24 19.53
N PRO B 561 -18.04 -26.30 20.33
CA PRO B 561 -17.21 -26.38 21.54
C PRO B 561 -15.71 -26.21 21.32
N PHE B 562 -15.26 -26.10 20.07
CA PHE B 562 -13.83 -26.00 19.82
C PHE B 562 -13.35 -24.62 19.37
N GLN B 563 -14.23 -23.74 18.93
CA GLN B 563 -13.77 -22.39 18.60
C GLN B 563 -13.45 -21.60 19.86
N GLN B 564 -12.60 -20.59 19.70
CA GLN B 564 -12.21 -19.73 20.80
C GLN B 564 -12.60 -18.27 20.62
N PHE B 565 -12.84 -17.84 19.38
CA PHE B 565 -13.30 -16.48 19.10
C PHE B 565 -13.80 -16.42 17.67
N GLY B 566 -14.60 -15.41 17.39
CA GLY B 566 -15.18 -15.25 16.06
C GLY B 566 -14.70 -13.97 15.41
N ARG B 567 -14.51 -14.05 14.10
CA ARG B 567 -13.89 -12.96 13.36
C ARG B 567 -14.85 -12.44 12.30
N ASP B 568 -14.45 -11.37 11.62
CA ASP B 568 -15.32 -10.62 10.74
C ASP B 568 -14.74 -10.59 9.33
N ILE B 569 -15.46 -9.90 8.43
CA ILE B 569 -15.01 -9.77 7.04
C ILE B 569 -13.67 -9.06 6.99
N ALA B 570 -13.56 -7.92 7.66
CA ALA B 570 -12.23 -7.38 7.95
C ALA B 570 -11.59 -8.23 9.04
N ASP B 571 -10.27 -8.15 9.12
CA ASP B 571 -9.56 -8.97 10.09
C ASP B 571 -9.76 -8.41 11.50
N THR B 572 -10.99 -8.45 11.99
CA THR B 572 -11.31 -7.95 13.31
C THR B 572 -12.24 -8.93 14.02
N THR B 573 -12.09 -9.01 15.33
CA THR B 573 -12.87 -9.94 16.15
C THR B 573 -14.23 -9.33 16.47
N ASP B 574 -15.29 -10.12 16.32
CA ASP B 574 -16.63 -9.67 16.67
C ASP B 574 -17.30 -10.53 17.73
N ALA B 575 -16.79 -11.73 18.00
CA ALA B 575 -17.29 -12.55 19.08
C ALA B 575 -16.10 -13.27 19.72
N VAL B 576 -16.14 -13.37 21.04
CA VAL B 576 -15.04 -13.97 21.80
C VAL B 576 -15.62 -14.96 22.79
N ARG B 577 -14.78 -15.88 23.24
CA ARG B 577 -15.16 -16.83 24.28
C ARG B 577 -14.45 -16.43 25.57
N ASP B 578 -15.23 -16.22 26.62
CA ASP B 578 -14.66 -15.78 27.88
C ASP B 578 -13.99 -16.93 28.59
N PRO B 579 -12.71 -16.82 28.94
CA PRO B 579 -12.12 -17.80 29.85
C PRO B 579 -12.77 -17.71 31.23
N GLN B 580 -12.63 -18.79 31.99
CA GLN B 580 -13.13 -18.89 33.37
C GLN B 580 -14.65 -18.99 33.41
N THR B 581 -15.31 -18.81 32.26
CA THR B 581 -16.74 -19.05 32.16
C THR B 581 -17.15 -19.81 30.92
N LEU B 582 -16.30 -19.91 29.90
CA LEU B 582 -16.62 -20.60 28.65
C LEU B 582 -17.89 -20.03 28.02
N GLU B 583 -18.06 -18.72 28.15
CA GLU B 583 -19.24 -18.02 27.67
C GLU B 583 -18.88 -17.17 26.46
N ILE B 584 -19.83 -17.02 25.55
CA ILE B 584 -19.63 -16.31 24.30
C ILE B 584 -20.14 -14.88 24.45
N LEU B 585 -19.33 -13.92 24.04
CA LEU B 585 -19.66 -12.51 24.13
C LEU B 585 -19.55 -11.86 22.75
N ASP B 586 -20.60 -11.14 22.37
CA ASP B 586 -20.53 -10.24 21.23
C ASP B 586 -19.76 -8.98 21.60
N ILE B 587 -18.98 -8.48 20.64
CA ILE B 587 -18.20 -7.27 20.79
C ILE B 587 -18.66 -6.29 19.71
N THR B 588 -18.98 -5.08 20.13
CA THR B 588 -19.35 -4.06 19.15
C THR B 588 -18.50 -2.82 19.39
N PRO B 589 -18.24 -2.01 18.37
CA PRO B 589 -17.52 -0.76 18.61
C PRO B 589 -18.42 0.25 19.29
N CYS B 590 -17.89 0.91 20.31
CA CYS B 590 -18.68 1.94 20.99
C CYS B 590 -18.79 3.16 20.10
N SER B 591 -19.96 3.80 20.15
CA SER B 591 -20.46 4.58 19.02
C SER B 591 -19.54 5.74 18.66
N PHE B 592 -19.47 6.00 17.36
CA PHE B 592 -18.71 7.11 16.81
C PHE B 592 -19.56 7.80 15.76
N GLY B 593 -19.09 8.95 15.30
CA GLY B 593 -19.82 9.70 14.31
C GLY B 593 -19.09 10.97 13.89
N GLY B 594 -19.68 11.73 12.98
CA GLY B 594 -19.16 13.05 12.68
C GLY B 594 -19.86 14.12 13.50
N VAL B 595 -19.27 15.30 13.51
CA VAL B 595 -19.87 16.44 14.18
C VAL B 595 -19.98 17.59 13.20
N SER B 596 -21.19 18.16 13.08
CA SER B 596 -21.45 19.27 12.19
C SER B 596 -21.95 20.46 13.01
N VAL B 597 -21.61 21.65 12.57
CA VAL B 597 -21.98 22.87 13.28
C VAL B 597 -22.87 23.72 12.39
N ILE B 598 -24.08 23.98 12.85
CA ILE B 598 -25.04 24.84 12.17
C ILE B 598 -24.78 26.26 12.65
N THR B 599 -24.36 27.14 11.72
CA THR B 599 -24.13 28.52 12.07
C THR B 599 -24.94 29.43 11.15
N PRO B 600 -25.59 30.45 11.70
CA PRO B 600 -26.29 31.43 10.86
C PRO B 600 -25.37 32.45 10.22
N GLY B 601 -24.09 32.47 10.59
CA GLY B 601 -23.16 33.46 10.07
C GLY B 601 -22.67 34.38 11.17
N THR B 602 -21.35 34.49 11.32
CA THR B 602 -20.80 35.34 12.36
C THR B 602 -21.26 36.79 12.22
N ASN B 603 -21.58 37.23 11.01
CA ASN B 603 -22.11 38.57 10.84
C ASN B 603 -23.46 38.73 11.49
N THR B 604 -24.22 37.65 11.64
CA THR B 604 -25.53 37.69 12.27
C THR B 604 -25.47 37.41 13.77
N SER B 605 -24.97 36.24 14.17
CA SER B 605 -24.84 35.91 15.57
C SER B 605 -23.57 35.10 15.78
N ASN B 606 -23.36 34.66 17.02
CA ASN B 606 -22.26 33.79 17.36
C ASN B 606 -22.72 32.52 18.06
N GLN B 607 -24.03 32.27 18.11
CA GLN B 607 -24.54 31.03 18.66
C GLN B 607 -24.70 30.01 17.54
N VAL B 608 -24.48 28.75 17.88
CA VAL B 608 -24.47 27.66 16.92
C VAL B 608 -25.33 26.52 17.44
N ALA B 609 -25.68 25.61 16.52
CA ALA B 609 -26.27 24.34 16.86
C ALA B 609 -25.30 23.24 16.47
N VAL B 610 -25.40 22.10 17.14
CA VAL B 610 -24.47 21.01 16.91
C VAL B 610 -25.25 19.77 16.53
N LEU B 611 -24.82 19.11 15.46
CA LEU B 611 -25.41 17.86 14.99
C LEU B 611 -24.38 16.76 15.14
N TYR B 612 -24.68 15.78 15.99
CA TYR B 612 -23.88 14.59 16.15
C TYR B 612 -24.48 13.54 15.22
N GLN B 613 -23.73 13.16 14.19
CA GLN B 613 -24.32 12.48 13.05
C GLN B 613 -24.52 11.00 13.32
N ASP B 614 -25.76 10.54 13.12
CA ASP B 614 -26.11 9.13 13.19
C ASP B 614 -25.68 8.51 14.52
N VAL B 615 -26.00 9.22 15.60
CA VAL B 615 -25.78 8.75 16.96
C VAL B 615 -27.08 8.95 17.71
N ASN B 616 -27.10 8.51 18.96
CA ASN B 616 -28.30 8.61 19.79
C ASN B 616 -28.14 9.67 20.85
N CYS B 617 -29.23 10.39 21.12
CA CYS B 617 -29.19 11.48 22.09
C CYS B 617 -29.02 11.00 23.51
N THR B 618 -29.37 9.74 23.79
CA THR B 618 -29.19 9.17 25.12
C THR B 618 -27.72 9.17 25.48
N GLU B 619 -26.84 9.08 24.48
CA GLU B 619 -25.41 9.19 24.65
C GLU B 619 -24.99 10.63 24.45
N VAL B 620 -23.99 11.08 25.20
CA VAL B 620 -23.57 12.46 25.13
C VAL B 620 -22.84 12.73 23.82
N THR B 638 -24.40 18.52 25.63
CA THR B 638 -24.61 19.66 26.50
C THR B 638 -25.90 19.50 27.31
N GLY B 639 -27.03 19.44 26.60
CA GLY B 639 -28.31 19.22 27.25
C GLY B 639 -29.11 20.47 27.56
N SER B 640 -29.28 21.34 26.56
CA SER B 640 -30.16 22.51 26.70
C SER B 640 -31.37 22.39 25.79
N ASN B 641 -31.16 22.26 24.49
CA ASN B 641 -32.22 21.97 23.52
C ASN B 641 -31.77 20.76 22.71
N VAL B 642 -32.02 19.57 23.24
CA VAL B 642 -31.63 18.34 22.55
C VAL B 642 -32.85 17.79 21.82
N PHE B 643 -32.59 17.15 20.68
CA PHE B 643 -33.67 16.73 19.80
C PHE B 643 -33.11 15.63 18.91
N GLN B 644 -33.95 14.64 18.60
CA GLN B 644 -33.50 13.49 17.83
C GLN B 644 -34.10 13.54 16.43
N THR B 645 -33.28 13.85 15.44
CA THR B 645 -33.67 13.78 14.04
C THR B 645 -33.18 12.47 13.45
N ARG B 646 -33.72 12.13 12.29
CA ARG B 646 -33.26 10.92 11.61
C ARG B 646 -31.82 11.06 11.14
N ALA B 647 -31.27 12.27 11.17
CA ALA B 647 -29.87 12.51 10.86
C ALA B 647 -28.98 12.53 12.10
N GLY B 648 -29.54 12.32 13.30
CA GLY B 648 -28.70 12.24 14.48
C GLY B 648 -29.24 13.12 15.60
N CYS B 649 -28.34 13.51 16.50
CA CYS B 649 -28.70 14.28 17.68
C CYS B 649 -28.40 15.75 17.43
N LEU B 650 -29.43 16.59 17.46
CA LEU B 650 -29.30 18.02 17.26
C LEU B 650 -29.47 18.72 18.60
N ILE B 651 -28.47 19.49 19.00
CA ILE B 651 -28.49 20.24 20.25
C ILE B 651 -28.32 21.72 19.93
N GLY B 652 -28.95 22.56 20.74
CA GLY B 652 -28.88 24.00 20.55
C GLY B 652 -29.90 24.57 19.59
N ALA B 653 -30.71 23.73 18.96
CA ALA B 653 -31.74 24.18 18.03
C ALA B 653 -33.11 23.73 18.53
N GLU B 654 -34.09 24.63 18.45
CA GLU B 654 -35.41 24.40 19.00
C GLU B 654 -36.36 23.92 17.91
N HIS B 655 -37.05 22.82 18.17
CA HIS B 655 -37.98 22.27 17.21
C HIS B 655 -39.25 23.09 17.15
N VAL B 656 -39.66 23.48 15.93
CA VAL B 656 -40.92 24.18 15.71
C VAL B 656 -41.81 23.28 14.86
N ASN B 657 -43.04 23.72 14.61
CA ASN B 657 -44.03 22.91 13.93
C ASN B 657 -44.36 23.37 12.52
N ASN B 658 -44.62 24.66 12.34
CA ASN B 658 -44.92 25.17 11.00
C ASN B 658 -43.68 25.07 10.12
N SER B 659 -43.92 24.90 8.83
CA SER B 659 -42.86 24.64 7.85
C SER B 659 -42.53 25.88 7.04
N TYR B 660 -41.30 25.93 6.56
CA TYR B 660 -40.82 27.04 5.74
C TYR B 660 -40.01 26.49 4.58
N GLU B 661 -39.45 27.40 3.78
CA GLU B 661 -38.49 27.02 2.77
C GLU B 661 -37.16 26.68 3.42
N CYS B 662 -36.48 25.67 2.88
CA CYS B 662 -35.25 25.20 3.49
C CYS B 662 -34.19 26.30 3.47
N ASP B 663 -33.67 26.63 4.65
CA ASP B 663 -32.64 27.65 4.80
C ASP B 663 -31.25 27.04 4.90
N ILE B 664 -31.03 26.17 5.87
CA ILE B 664 -29.80 25.41 6.01
C ILE B 664 -30.18 23.93 6.06
N PRO B 665 -29.72 23.10 5.12
CA PRO B 665 -30.18 21.71 5.08
C PRO B 665 -29.42 20.85 6.06
N ILE B 666 -30.15 20.20 6.96
CA ILE B 666 -29.57 19.25 7.91
C ILE B 666 -29.58 17.84 7.35
N GLY B 667 -30.73 17.34 6.94
CA GLY B 667 -30.82 16.03 6.35
C GLY B 667 -32.15 15.36 6.67
N ALA B 668 -32.57 14.48 5.77
CA ALA B 668 -33.78 13.68 5.95
C ALA B 668 -35.03 14.53 6.07
N GLY B 669 -35.02 15.71 5.48
CA GLY B 669 -36.17 16.59 5.47
C GLY B 669 -36.15 17.70 6.48
N ILE B 670 -35.12 17.79 7.30
CA ILE B 670 -35.03 18.77 8.37
C ILE B 670 -34.08 19.88 7.95
N CYS B 671 -34.49 21.13 8.15
CA CYS B 671 -33.66 22.29 7.82
C CYS B 671 -33.55 23.18 9.05
N ALA B 672 -32.74 24.23 8.92
CA ALA B 672 -32.57 25.19 10.01
C ALA B 672 -32.46 26.61 9.47
N VAL B 687 -31.91 30.90 11.49
CA VAL B 687 -32.16 31.72 12.66
C VAL B 687 -33.38 32.61 12.45
N ALA B 688 -34.29 32.59 13.41
CA ALA B 688 -35.49 33.43 13.35
C ALA B 688 -35.95 33.68 14.78
N SER B 689 -36.32 34.93 15.04
CA SER B 689 -36.78 35.37 16.37
C SER B 689 -35.74 35.06 17.44
N GLN B 690 -34.50 35.45 17.17
CA GLN B 690 -33.38 35.40 18.10
C GLN B 690 -33.06 33.99 18.57
N SER B 691 -33.26 32.98 17.73
CA SER B 691 -32.89 31.62 18.07
C SER B 691 -32.73 30.82 16.80
N ILE B 692 -32.08 29.67 16.92
CA ILE B 692 -31.92 28.73 15.82
C ILE B 692 -32.99 27.67 15.95
N ILE B 693 -33.72 27.43 14.88
CA ILE B 693 -34.86 26.52 14.90
C ILE B 693 -34.62 25.39 13.91
N ALA B 694 -35.33 24.28 14.12
CA ALA B 694 -35.25 23.11 13.26
C ALA B 694 -36.66 22.69 12.90
N TYR B 695 -36.94 22.59 11.60
CA TYR B 695 -38.29 22.33 11.11
C TYR B 695 -38.21 21.38 9.94
N THR B 696 -39.38 20.89 9.52
CA THR B 696 -39.50 20.09 8.31
C THR B 696 -39.75 21.01 7.13
N MET B 697 -38.88 20.94 6.13
CA MET B 697 -38.94 21.88 5.02
C MET B 697 -40.26 21.73 4.24
N SER B 698 -40.73 22.85 3.71
CA SER B 698 -41.95 22.90 2.92
C SER B 698 -41.61 22.97 1.45
N LEU B 699 -42.31 22.17 0.64
CA LEU B 699 -41.97 22.03 -0.77
C LEU B 699 -42.44 23.19 -1.63
N GLY B 700 -43.44 23.93 -1.19
CA GLY B 700 -43.96 25.04 -1.98
C GLY B 700 -45.36 25.40 -1.54
N ALA B 701 -45.88 26.45 -2.17
CA ALA B 701 -47.21 26.95 -1.85
C ALA B 701 -48.27 26.10 -2.53
N GLU B 702 -49.05 25.39 -1.74
CA GLU B 702 -50.13 24.57 -2.27
C GLU B 702 -51.15 25.44 -3.01
N ASN B 703 -51.57 24.97 -4.17
CA ASN B 703 -52.71 25.56 -4.86
C ASN B 703 -53.33 24.52 -5.78
N SER B 704 -54.59 24.74 -6.12
CA SER B 704 -55.34 23.83 -6.97
C SER B 704 -55.83 24.59 -8.20
N VAL B 705 -55.55 24.03 -9.38
CA VAL B 705 -56.06 24.62 -10.61
C VAL B 705 -57.55 24.35 -10.70
N ALA B 706 -58.32 25.36 -11.07
CA ALA B 706 -59.77 25.25 -11.09
C ALA B 706 -60.24 24.43 -12.29
N TYR B 707 -59.84 23.17 -12.34
CA TYR B 707 -60.15 22.34 -13.49
C TYR B 707 -61.64 22.08 -13.61
N SER B 708 -62.19 22.39 -14.78
CA SER B 708 -63.51 21.95 -15.19
C SER B 708 -63.39 21.35 -16.58
N ASN B 709 -64.47 20.71 -17.03
CA ASN B 709 -64.44 20.05 -18.33
C ASN B 709 -64.93 20.93 -19.47
N ASN B 710 -65.39 22.15 -19.18
CA ASN B 710 -65.79 23.06 -20.23
C ASN B 710 -65.34 24.49 -19.93
N SER B 711 -64.24 24.65 -19.21
CA SER B 711 -63.73 25.96 -18.85
C SER B 711 -62.26 26.04 -19.21
N ILE B 712 -61.85 27.22 -19.68
CA ILE B 712 -60.49 27.48 -20.11
C ILE B 712 -60.04 28.81 -19.52
N ALA B 713 -58.74 28.98 -19.37
CA ALA B 713 -58.15 30.22 -18.89
C ALA B 713 -57.23 30.77 -19.97
N ILE B 714 -57.38 32.06 -20.25
CA ILE B 714 -56.61 32.66 -21.33
C ILE B 714 -55.95 33.95 -20.82
N PRO B 715 -54.67 34.17 -21.11
CA PRO B 715 -53.99 35.37 -20.60
C PRO B 715 -54.33 36.59 -21.44
N THR B 716 -54.74 37.66 -20.77
CA THR B 716 -55.10 38.90 -21.43
C THR B 716 -53.94 39.89 -21.52
N ASN B 717 -52.80 39.59 -20.92
CA ASN B 717 -51.66 40.49 -20.95
C ASN B 717 -50.40 39.65 -20.91
N PHE B 718 -49.26 40.32 -20.98
CA PHE B 718 -48.00 39.61 -20.89
C PHE B 718 -46.97 40.48 -20.19
N THR B 719 -45.86 39.86 -19.85
CA THR B 719 -44.68 40.56 -19.38
C THR B 719 -43.48 39.98 -20.10
N ILE B 720 -42.42 40.78 -20.16
CA ILE B 720 -41.19 40.37 -20.82
C ILE B 720 -40.11 40.27 -19.75
N SER B 721 -39.51 39.10 -19.63
CA SER B 721 -38.59 38.83 -18.54
C SER B 721 -37.20 38.56 -19.09
N VAL B 722 -36.19 39.16 -18.46
CA VAL B 722 -34.79 38.92 -18.80
C VAL B 722 -34.14 38.25 -17.61
N THR B 723 -33.63 37.04 -17.82
CA THR B 723 -32.97 36.27 -16.77
C THR B 723 -31.54 35.98 -17.18
N THR B 724 -30.69 35.71 -16.20
CA THR B 724 -29.28 35.46 -16.45
C THR B 724 -28.94 34.00 -16.22
N GLU B 725 -27.96 33.52 -16.97
CA GLU B 725 -27.42 32.18 -16.79
C GLU B 725 -25.90 32.25 -16.91
N ILE B 726 -25.19 31.72 -15.92
CA ILE B 726 -23.74 31.79 -15.86
C ILE B 726 -23.17 30.41 -16.11
N LEU B 727 -22.17 30.32 -16.99
CA LEU B 727 -21.54 29.04 -17.28
C LEU B 727 -20.03 29.21 -17.36
N PRO B 728 -19.26 28.41 -16.64
CA PRO B 728 -17.81 28.44 -16.79
C PRO B 728 -17.37 27.64 -18.01
N VAL B 729 -16.37 28.18 -18.73
CA VAL B 729 -15.92 27.56 -19.95
C VAL B 729 -14.45 27.18 -19.93
N SER B 730 -13.66 27.63 -18.96
CA SER B 730 -12.24 27.28 -18.97
C SER B 730 -11.67 27.42 -17.56
N MET B 731 -10.49 26.85 -17.38
CA MET B 731 -9.69 26.91 -16.16
C MET B 731 -8.42 27.68 -16.45
N THR B 732 -7.61 27.87 -15.41
CA THR B 732 -6.29 28.43 -15.59
C THR B 732 -5.35 27.35 -16.11
N LYS B 733 -4.61 27.66 -17.17
CA LYS B 733 -3.67 26.71 -17.74
C LYS B 733 -2.42 26.68 -16.88
N THR B 734 -2.21 25.60 -16.17
CA THR B 734 -1.07 25.47 -15.27
C THR B 734 -0.12 24.39 -15.78
N SER B 735 1.11 24.45 -15.30
CA SER B 735 2.12 23.47 -15.66
C SER B 735 3.08 23.31 -14.50
N VAL B 736 3.58 22.09 -14.32
CA VAL B 736 4.47 21.75 -13.23
C VAL B 736 5.65 20.97 -13.78
N ASP B 737 6.86 21.37 -13.40
CA ASP B 737 8.05 20.63 -13.76
C ASP B 737 8.30 19.60 -12.67
N CYS B 738 8.16 18.32 -13.03
CA CYS B 738 8.22 17.24 -12.06
C CYS B 738 9.57 17.18 -11.37
N THR B 739 10.66 17.29 -12.15
CA THR B 739 12.00 17.20 -11.59
C THR B 739 12.28 18.34 -10.64
N MET B 740 11.85 19.56 -10.99
CA MET B 740 12.08 20.68 -10.10
C MET B 740 11.19 20.60 -8.87
N TYR B 741 9.98 20.05 -9.00
CA TYR B 741 9.09 20.00 -7.85
C TYR B 741 9.58 19.00 -6.82
N ILE B 742 9.99 17.82 -7.31
CA ILE B 742 10.31 16.69 -6.38
C ILE B 742 11.77 16.72 -5.97
N CYS B 743 12.64 17.16 -6.83
CA CYS B 743 14.08 17.14 -6.53
C CYS B 743 14.64 18.49 -6.92
N GLY B 744 14.32 19.53 -6.19
CA GLY B 744 14.72 20.84 -6.71
C GLY B 744 16.20 21.05 -6.66
N ASP B 745 16.86 21.11 -7.82
CA ASP B 745 18.31 21.41 -7.87
C ASP B 745 19.16 20.42 -7.06
N SER B 746 18.83 19.13 -7.04
CA SER B 746 19.73 18.15 -6.40
C SER B 746 20.07 17.14 -7.48
N THR B 747 21.34 16.98 -7.78
CA THR B 747 21.70 16.10 -8.91
C THR B 747 21.62 14.67 -8.47
N GLU B 748 21.81 14.45 -7.19
CA GLU B 748 21.80 13.08 -6.68
C GLU B 748 20.39 12.49 -6.64
N CYS B 749 19.40 13.25 -6.16
CA CYS B 749 18.06 12.68 -6.19
C CYS B 749 17.44 12.76 -7.57
N SER B 750 17.97 13.59 -8.48
CA SER B 750 17.59 13.46 -9.87
C SER B 750 18.05 12.12 -10.44
N ASN B 751 19.27 11.71 -10.12
CA ASN B 751 19.74 10.39 -10.51
C ASN B 751 18.89 9.31 -9.89
N LEU B 752 18.52 9.48 -8.62
CA LEU B 752 17.59 8.56 -7.98
C LEU B 752 16.26 8.50 -8.72
N LEU B 753 15.74 9.67 -9.09
CA LEU B 753 14.46 9.76 -9.78
C LEU B 753 14.50 9.10 -11.14
N LEU B 754 15.68 9.05 -11.77
CA LEU B 754 15.81 8.37 -13.05
C LEU B 754 15.41 6.91 -12.99
N GLN B 755 15.18 6.35 -11.81
CA GLN B 755 14.86 4.94 -11.66
C GLN B 755 13.36 4.64 -11.75
N TYR B 756 12.51 5.65 -11.83
CA TYR B 756 11.08 5.45 -11.93
C TYR B 756 10.55 5.57 -13.35
N GLY B 757 11.44 5.78 -14.32
CA GLY B 757 11.02 5.73 -15.71
C GLY B 757 10.36 7.01 -16.15
N SER B 758 9.18 6.88 -16.76
CA SER B 758 8.52 7.95 -17.50
C SER B 758 7.43 8.65 -16.70
N PHE B 759 7.47 8.55 -15.37
CA PHE B 759 6.38 9.12 -14.57
C PHE B 759 6.28 10.63 -14.77
N CYS B 760 7.42 11.32 -14.75
CA CYS B 760 7.41 12.77 -14.83
C CYS B 760 6.93 13.24 -16.19
N THR B 761 7.41 12.62 -17.27
CA THR B 761 6.97 13.03 -18.60
C THR B 761 5.50 12.66 -18.83
N GLN B 762 5.01 11.60 -18.18
CA GLN B 762 3.59 11.27 -18.33
C GLN B 762 2.72 12.30 -17.63
N LEU B 763 3.14 12.76 -16.44
CA LEU B 763 2.42 13.83 -15.76
C LEU B 763 2.43 15.11 -16.60
N ASN B 764 3.59 15.42 -17.18
CA ASN B 764 3.68 16.62 -18.03
C ASN B 764 2.75 16.51 -19.23
N ARG B 765 2.69 15.33 -19.84
CA ARG B 765 1.81 15.13 -20.98
C ARG B 765 0.35 15.32 -20.59
N ALA B 766 -0.05 14.82 -19.42
CA ALA B 766 -1.43 14.99 -18.98
C ALA B 766 -1.77 16.47 -18.77
N LEU B 767 -0.88 17.20 -18.08
CA LEU B 767 -1.15 18.61 -17.83
C LEU B 767 -1.16 19.40 -19.13
N THR B 768 -0.28 19.07 -20.07
CA THR B 768 -0.28 19.73 -21.37
C THR B 768 -1.58 19.47 -22.12
N GLY B 769 -2.10 18.24 -22.04
CA GLY B 769 -3.39 17.97 -22.65
C GLY B 769 -4.50 18.82 -22.08
N ILE B 770 -4.54 18.96 -20.76
CA ILE B 770 -5.54 19.82 -20.13
C ILE B 770 -5.42 21.25 -20.63
N ALA B 771 -4.19 21.78 -20.64
CA ALA B 771 -3.99 23.17 -21.04
C ALA B 771 -4.38 23.40 -22.49
N VAL B 772 -4.11 22.43 -23.37
CA VAL B 772 -4.51 22.58 -24.76
C VAL B 772 -6.03 22.50 -24.88
N GLU B 773 -6.67 21.66 -24.08
CA GLU B 773 -8.12 21.53 -24.11
C GLU B 773 -8.83 22.82 -23.71
N GLN B 774 -8.24 23.59 -22.79
CA GLN B 774 -8.91 24.83 -22.36
C GLN B 774 -9.10 25.81 -23.52
N ASP B 775 -8.08 25.96 -24.36
CA ASP B 775 -8.19 26.87 -25.49
C ASP B 775 -9.24 26.40 -26.48
N LYS B 776 -9.34 25.08 -26.68
CA LYS B 776 -10.40 24.55 -27.54
C LYS B 776 -11.77 24.85 -26.97
N ASN B 777 -11.92 24.73 -25.65
CA ASN B 777 -13.18 25.08 -25.01
C ASN B 777 -13.58 26.51 -25.34
N THR B 778 -12.66 27.44 -25.11
CA THR B 778 -12.97 28.85 -25.37
C THR B 778 -13.29 29.08 -26.84
N GLN B 779 -12.51 28.48 -27.74
CA GLN B 779 -12.73 28.67 -29.17
C GLN B 779 -14.09 28.15 -29.59
N GLU B 780 -14.50 27.01 -29.07
CA GLU B 780 -15.81 26.47 -29.42
C GLU B 780 -16.94 27.36 -28.92
N VAL B 781 -16.83 27.86 -27.69
CA VAL B 781 -17.92 28.67 -27.16
C VAL B 781 -18.03 29.99 -27.92
N PHE B 782 -16.92 30.68 -28.12
CA PHE B 782 -16.99 32.08 -28.55
C PHE B 782 -16.80 32.28 -30.05
N ALA B 783 -15.91 31.53 -30.69
CA ALA B 783 -15.58 31.75 -32.10
C ALA B 783 -16.57 31.04 -33.01
N GLN B 784 -17.84 31.40 -32.86
CA GLN B 784 -18.92 30.82 -33.66
C GLN B 784 -19.34 31.72 -34.80
N VAL B 785 -18.70 32.88 -34.98
CA VAL B 785 -19.11 33.85 -35.98
C VAL B 785 -17.96 34.03 -36.98
N LYS B 786 -18.29 33.94 -38.25
CA LYS B 786 -17.28 34.01 -39.30
C LYS B 786 -16.75 35.43 -39.51
N GLN B 787 -17.60 36.44 -39.35
CA GLN B 787 -17.23 37.82 -39.58
C GLN B 787 -17.39 38.64 -38.31
N ILE B 788 -16.81 39.83 -38.31
CA ILE B 788 -16.87 40.71 -37.15
C ILE B 788 -17.84 41.83 -37.51
N TYR B 789 -19.10 41.64 -37.16
CA TYR B 789 -20.11 42.65 -37.46
C TYR B 789 -19.98 43.83 -36.51
N LYS B 790 -20.38 44.99 -37.00
CA LYS B 790 -20.36 46.23 -36.22
C LYS B 790 -21.77 46.79 -36.15
N THR B 791 -22.12 47.31 -34.99
CA THR B 791 -23.42 47.93 -34.85
C THR B 791 -23.43 49.31 -35.49
N PRO B 792 -24.56 49.72 -36.08
CA PRO B 792 -24.58 50.99 -36.82
C PRO B 792 -24.35 52.16 -35.89
N PRO B 793 -23.81 53.27 -36.41
CA PRO B 793 -23.51 54.41 -35.54
C PRO B 793 -24.71 54.98 -34.81
N ILE B 794 -25.89 54.95 -35.41
CA ILE B 794 -27.09 55.51 -34.82
C ILE B 794 -27.94 54.39 -34.23
N LYS B 795 -28.30 54.54 -32.96
CA LYS B 795 -29.02 53.49 -32.24
C LYS B 795 -30.51 53.79 -32.22
N ASP B 796 -31.13 53.59 -33.38
CA ASP B 796 -32.57 53.78 -33.54
C ASP B 796 -33.19 52.41 -33.84
N PHE B 797 -33.55 51.69 -32.78
CA PHE B 797 -34.10 50.34 -32.90
C PHE B 797 -35.57 50.28 -32.51
N GLY B 798 -36.34 51.32 -32.81
CA GLY B 798 -37.76 51.29 -32.57
C GLY B 798 -38.18 51.46 -31.13
N GLY B 799 -37.28 51.88 -30.25
CA GLY B 799 -37.59 52.06 -28.85
C GLY B 799 -36.85 51.12 -27.92
N PHE B 800 -36.27 50.05 -28.43
CA PHE B 800 -35.48 49.15 -27.61
C PHE B 800 -34.09 49.75 -27.41
N ASN B 801 -33.58 49.62 -26.19
CA ASN B 801 -32.35 50.29 -25.79
C ASN B 801 -31.33 49.24 -25.36
N PHE B 802 -30.26 49.11 -26.14
CA PHE B 802 -29.24 48.09 -25.90
C PHE B 802 -27.96 48.68 -25.30
N SER B 803 -28.04 49.85 -24.67
CA SER B 803 -26.83 50.53 -24.22
C SER B 803 -26.10 49.72 -23.16
N GLN B 804 -26.84 49.08 -22.26
CA GLN B 804 -26.22 48.32 -21.18
C GLN B 804 -25.56 47.04 -21.67
N ILE B 805 -25.78 46.67 -22.93
CA ILE B 805 -25.25 45.43 -23.46
C ILE B 805 -24.20 45.67 -24.55
N LEU B 806 -24.30 46.76 -25.29
CA LEU B 806 -23.33 47.09 -26.30
C LEU B 806 -22.11 47.75 -25.68
N PRO B 807 -20.93 47.54 -26.25
CA PRO B 807 -19.73 48.19 -25.72
C PRO B 807 -19.79 49.70 -25.93
N ASP B 808 -19.13 50.42 -25.02
CA ASP B 808 -19.03 51.87 -25.14
C ASP B 808 -17.58 52.26 -25.38
N PRO B 809 -17.31 53.20 -26.29
CA PRO B 809 -15.91 53.57 -26.56
C PRO B 809 -15.29 54.38 -25.44
N SER B 810 -16.09 54.96 -24.55
CA SER B 810 -15.54 55.72 -23.43
C SER B 810 -14.55 54.89 -22.62
N LYS B 811 -15.00 53.77 -22.08
CA LYS B 811 -14.15 52.95 -21.24
C LYS B 811 -13.03 52.32 -22.07
N PRO B 812 -11.90 52.00 -21.43
CA PRO B 812 -10.92 51.14 -22.08
C PRO B 812 -11.40 49.71 -22.09
N SER B 813 -10.75 48.91 -22.95
CA SER B 813 -11.02 47.48 -23.13
C SER B 813 -12.35 47.26 -23.86
N LYS B 814 -13.09 48.33 -24.09
CA LYS B 814 -14.33 48.32 -24.88
C LYS B 814 -15.28 47.23 -24.38
N ARG B 815 -15.72 47.39 -23.14
CA ARG B 815 -16.60 46.43 -22.48
C ARG B 815 -17.92 47.10 -22.14
N SER B 816 -19.00 46.34 -22.28
CA SER B 816 -20.31 46.84 -21.91
C SER B 816 -20.37 47.05 -20.39
N PRO B 817 -21.28 47.89 -19.92
CA PRO B 817 -21.42 48.08 -18.47
C PRO B 817 -21.64 46.78 -17.70
N ILE B 818 -22.45 45.87 -18.25
CA ILE B 818 -22.68 44.60 -17.57
C ILE B 818 -21.39 43.78 -17.53
N GLU B 819 -20.61 43.80 -18.62
CA GLU B 819 -19.35 43.07 -18.62
C GLU B 819 -18.37 43.66 -17.62
N ASP B 820 -18.34 44.99 -17.49
CA ASP B 820 -17.46 45.61 -16.49
C ASP B 820 -17.88 45.22 -15.08
N LEU B 821 -19.19 45.20 -14.82
CA LEU B 821 -19.66 44.75 -13.52
C LEU B 821 -19.23 43.31 -13.25
N LEU B 822 -19.35 42.44 -14.25
CA LEU B 822 -18.96 41.05 -14.08
C LEU B 822 -17.47 40.92 -13.80
N PHE B 823 -16.64 41.67 -14.53
CA PHE B 823 -15.20 41.60 -14.33
C PHE B 823 -14.79 42.18 -12.98
N ASN B 824 -15.55 43.13 -12.44
CA ASN B 824 -15.27 43.62 -11.10
C ASN B 824 -15.69 42.61 -10.04
N LYS B 825 -16.80 41.90 -10.26
CA LYS B 825 -17.33 41.03 -9.22
C LYS B 825 -16.50 39.78 -8.98
N VAL B 826 -15.74 39.30 -9.98
CA VAL B 826 -14.98 38.07 -9.84
C VAL B 826 -13.57 38.45 -9.41
N THR B 827 -13.22 38.07 -8.18
CA THR B 827 -11.90 38.35 -7.61
C THR B 827 -11.16 37.03 -7.44
N LEU B 828 -9.83 37.11 -7.44
CA LEU B 828 -9.00 35.92 -7.27
C LEU B 828 -8.70 35.64 -5.80
N GLN B 853 1.08 33.19 -8.53
CA GLN B 853 2.46 33.66 -8.46
C GLN B 853 3.38 32.79 -9.32
N LYS B 854 4.59 32.56 -8.81
CA LYS B 854 5.56 31.68 -9.43
C LYS B 854 6.34 30.97 -8.33
N PHE B 855 6.51 29.67 -8.49
CA PHE B 855 6.97 28.83 -7.40
C PHE B 855 7.99 27.84 -7.95
N ASN B 856 8.31 26.83 -7.15
CA ASN B 856 9.31 25.83 -7.52
C ASN B 856 8.68 24.80 -8.44
N GLY B 857 8.84 25.02 -9.74
CA GLY B 857 8.29 24.15 -10.75
C GLY B 857 6.94 24.56 -11.29
N LEU B 858 6.19 25.37 -10.53
CA LEU B 858 4.87 25.80 -10.95
C LEU B 858 4.95 26.97 -11.91
N THR B 859 4.10 26.95 -12.92
CA THR B 859 4.00 28.06 -13.85
C THR B 859 2.57 28.11 -14.39
N VAL B 860 2.18 29.29 -14.87
CA VAL B 860 0.84 29.52 -15.39
C VAL B 860 0.97 30.07 -16.80
N LEU B 861 0.50 29.30 -17.77
CA LEU B 861 0.50 29.70 -19.17
C LEU B 861 -0.62 30.70 -19.43
N PRO B 862 -0.44 31.62 -20.36
CA PRO B 862 -1.49 32.59 -20.66
C PRO B 862 -2.47 32.04 -21.67
N PRO B 863 -3.75 32.38 -21.55
CA PRO B 863 -4.74 31.90 -22.52
C PRO B 863 -4.46 32.44 -23.91
N LEU B 864 -4.83 31.65 -24.92
CA LEU B 864 -4.54 32.01 -26.30
C LEU B 864 -5.37 33.21 -26.76
N LEU B 865 -6.60 33.34 -26.27
CA LEU B 865 -7.48 34.45 -26.61
C LEU B 865 -7.47 35.43 -25.44
N THR B 866 -6.96 36.63 -25.68
CA THR B 866 -7.02 37.66 -24.65
C THR B 866 -8.45 38.13 -24.45
N ASP B 867 -8.70 38.74 -23.28
CA ASP B 867 -10.04 39.22 -22.97
C ASP B 867 -10.55 40.23 -23.99
N GLU B 868 -9.64 41.00 -24.60
CA GLU B 868 -10.05 41.99 -25.58
C GLU B 868 -10.45 41.36 -26.91
N MET B 869 -10.19 40.07 -27.11
CA MET B 869 -10.67 39.35 -28.28
C MET B 869 -11.95 38.58 -28.00
N ILE B 870 -12.09 38.04 -26.79
CA ILE B 870 -13.36 37.42 -26.41
C ILE B 870 -14.46 38.47 -26.36
N ALA B 871 -14.15 39.65 -25.81
CA ALA B 871 -15.13 40.74 -25.81
C ALA B 871 -15.47 41.16 -27.24
N GLN B 872 -14.51 41.09 -28.15
CA GLN B 872 -14.77 41.43 -29.54
C GLN B 872 -15.67 40.41 -30.22
N TYR B 873 -15.48 39.12 -29.91
CA TYR B 873 -16.41 38.09 -30.37
C TYR B 873 -17.82 38.32 -29.85
N THR B 874 -17.96 38.64 -28.56
CA THR B 874 -19.31 38.89 -28.05
C THR B 874 -19.92 40.13 -28.68
N SER B 875 -19.09 41.15 -28.95
CA SER B 875 -19.60 42.35 -29.62
C SER B 875 -20.08 42.02 -31.03
N ALA B 876 -19.34 41.19 -31.76
CA ALA B 876 -19.75 40.80 -33.10
C ALA B 876 -21.05 40.00 -33.06
N LEU B 877 -21.17 39.09 -32.10
CA LEU B 877 -22.40 38.32 -31.98
C LEU B 877 -23.59 39.23 -31.68
N LEU B 878 -23.41 40.19 -30.78
CA LEU B 878 -24.48 41.11 -30.45
C LEU B 878 -24.88 41.98 -31.63
N ALA B 879 -23.89 42.50 -32.36
CA ALA B 879 -24.20 43.32 -33.53
C ALA B 879 -24.95 42.51 -34.58
N GLY B 880 -24.51 41.27 -34.83
CA GLY B 880 -25.22 40.43 -35.78
C GLY B 880 -26.63 40.13 -35.36
N THR B 881 -26.83 39.81 -34.08
CA THR B 881 -28.17 39.50 -33.58
C THR B 881 -29.08 40.72 -33.70
N ILE B 882 -28.59 41.89 -33.33
CA ILE B 882 -29.44 43.08 -33.33
C ILE B 882 -29.78 43.49 -34.76
N THR B 883 -28.80 43.45 -35.66
CA THR B 883 -29.01 44.01 -36.99
C THR B 883 -29.61 43.03 -38.00
N SER B 884 -29.46 41.73 -37.81
CA SER B 884 -29.89 40.80 -38.85
C SER B 884 -30.68 39.61 -38.33
N GLY B 885 -31.03 39.55 -37.06
CA GLY B 885 -31.84 38.46 -36.56
C GLY B 885 -31.08 37.16 -36.46
N TRP B 886 -31.70 36.07 -36.90
CA TRP B 886 -31.06 34.77 -36.89
C TRP B 886 -30.40 34.43 -38.23
N THR B 887 -30.37 35.37 -39.16
CA THR B 887 -29.88 35.08 -40.50
C THR B 887 -28.37 34.97 -40.56
N PHE B 888 -27.65 35.62 -39.65
CA PHE B 888 -26.19 35.59 -39.71
C PHE B 888 -25.60 34.26 -39.25
N GLY B 889 -26.38 33.42 -38.58
CA GLY B 889 -25.92 32.12 -38.17
C GLY B 889 -26.19 30.99 -39.13
N ALA B 890 -27.04 31.23 -40.13
CA ALA B 890 -27.34 30.24 -41.15
C ALA B 890 -26.67 30.53 -42.48
N GLY B 891 -26.37 31.79 -42.77
CA GLY B 891 -25.74 32.17 -44.01
C GLY B 891 -25.23 33.59 -43.96
N PRO B 892 -25.41 34.33 -45.05
CA PRO B 892 -25.07 35.75 -45.01
C PRO B 892 -26.05 36.53 -44.14
N ALA B 893 -25.56 37.62 -43.56
CA ALA B 893 -26.40 38.46 -42.73
C ALA B 893 -27.37 39.26 -43.58
N LEU B 894 -28.64 39.22 -43.21
CA LEU B 894 -29.70 39.91 -43.94
C LEU B 894 -30.39 40.89 -43.00
N GLN B 895 -30.19 42.18 -43.23
CA GLN B 895 -30.70 43.19 -42.33
C GLN B 895 -32.23 43.17 -42.29
N ILE B 896 -32.76 43.67 -41.18
CA ILE B 896 -34.20 43.70 -40.94
C ILE B 896 -34.48 44.68 -39.80
N PRO B 897 -35.52 45.51 -39.89
CA PRO B 897 -35.85 46.38 -38.76
C PRO B 897 -36.07 45.57 -37.49
N PHE B 898 -35.55 46.07 -36.37
CA PHE B 898 -35.61 45.29 -35.15
C PHE B 898 -37.03 44.99 -34.71
N PRO B 899 -37.97 45.95 -34.70
CA PRO B 899 -39.36 45.58 -34.34
C PRO B 899 -39.95 44.53 -35.26
N MET B 900 -39.57 44.49 -36.53
CA MET B 900 -40.11 43.45 -37.40
C MET B 900 -39.51 42.10 -37.07
N GLN B 901 -38.24 42.07 -36.68
CA GLN B 901 -37.64 40.84 -36.19
C GLN B 901 -38.31 40.36 -34.92
N MET B 902 -38.68 41.29 -34.04
CA MET B 902 -39.38 40.91 -32.82
C MET B 902 -40.80 40.44 -33.12
N ALA B 903 -41.41 40.97 -34.16
CA ALA B 903 -42.72 40.47 -34.58
C ALA B 903 -42.63 39.03 -35.06
N TYR B 904 -41.58 38.71 -35.80
CA TYR B 904 -41.41 37.32 -36.23
C TYR B 904 -41.00 36.41 -35.08
N ARG B 905 -40.31 36.96 -34.08
CA ARG B 905 -40.06 36.15 -32.88
C ARG B 905 -41.33 35.90 -32.07
N PHE B 906 -42.29 36.84 -32.08
CA PHE B 906 -43.60 36.49 -31.52
C PHE B 906 -44.31 35.45 -32.35
N ASN B 907 -44.26 35.56 -33.67
CA ASN B 907 -44.83 34.52 -34.52
C ASN B 907 -44.25 33.15 -34.16
N GLY B 908 -42.98 33.12 -33.79
CA GLY B 908 -42.35 31.87 -33.40
C GLY B 908 -42.91 31.24 -32.15
N ILE B 909 -43.49 32.02 -31.24
CA ILE B 909 -44.01 31.48 -29.99
C ILE B 909 -45.53 31.36 -30.00
N GLY B 910 -46.16 31.52 -31.16
CA GLY B 910 -47.58 31.30 -31.27
C GLY B 910 -48.46 32.49 -31.01
N VAL B 911 -47.91 33.70 -31.08
CA VAL B 911 -48.67 34.94 -30.94
C VAL B 911 -48.54 35.69 -32.25
N THR B 912 -49.66 36.16 -32.79
CA THR B 912 -49.63 36.83 -34.08
C THR B 912 -48.91 38.18 -33.96
N GLN B 913 -48.43 38.66 -35.10
CA GLN B 913 -47.50 39.77 -35.11
C GLN B 913 -48.16 41.12 -34.90
N ASN B 914 -49.49 41.21 -35.03
CA ASN B 914 -50.15 42.48 -34.76
C ASN B 914 -50.15 42.81 -33.28
N VAL B 915 -49.98 41.80 -32.42
CA VAL B 915 -49.91 42.05 -30.98
C VAL B 915 -48.66 42.86 -30.65
N LEU B 916 -47.54 42.59 -31.33
CA LEU B 916 -46.36 43.41 -31.14
C LEU B 916 -46.58 44.83 -31.62
N TYR B 917 -47.07 44.99 -32.86
CA TYR B 917 -47.14 46.31 -33.46
C TYR B 917 -48.15 47.19 -32.75
N GLU B 918 -49.15 46.59 -32.12
CA GLU B 918 -50.13 47.36 -31.36
C GLU B 918 -49.77 47.50 -29.89
N ASN B 919 -48.58 47.03 -29.49
CA ASN B 919 -48.09 47.18 -28.13
C ASN B 919 -46.60 47.52 -28.12
N GLN B 920 -46.11 48.16 -29.17
CA GLN B 920 -44.67 48.29 -29.37
C GLN B 920 -44.02 49.12 -28.27
N LYS B 921 -44.64 50.22 -27.87
CA LYS B 921 -44.04 51.08 -26.85
C LYS B 921 -44.01 50.38 -25.49
N LEU B 922 -45.10 49.72 -25.12
CA LEU B 922 -45.13 48.99 -23.86
C LEU B 922 -44.06 47.91 -23.84
N ILE B 923 -43.92 47.18 -24.94
CA ILE B 923 -42.95 46.08 -25.01
C ILE B 923 -41.53 46.61 -24.93
N ALA B 924 -41.25 47.72 -25.63
CA ALA B 924 -39.93 48.32 -25.53
C ALA B 924 -39.64 48.79 -24.12
N ASN B 925 -40.62 49.40 -23.45
CA ASN B 925 -40.41 49.85 -22.08
C ASN B 925 -40.16 48.68 -21.14
N GLN B 926 -40.92 47.59 -21.30
CA GLN B 926 -40.71 46.41 -20.46
C GLN B 926 -39.34 45.82 -20.66
N PHE B 927 -38.89 45.74 -21.92
CA PHE B 927 -37.55 45.24 -22.21
C PHE B 927 -36.49 46.12 -21.56
N ASN B 928 -36.65 47.45 -21.67
CA ASN B 928 -35.67 48.35 -21.09
C ASN B 928 -35.63 48.24 -19.58
N SER B 929 -36.81 48.11 -18.94
CA SER B 929 -36.85 47.97 -17.49
C SER B 929 -36.16 46.68 -17.05
N ALA B 930 -36.42 45.57 -17.74
CA ALA B 930 -35.78 44.31 -17.37
C ALA B 930 -34.27 44.37 -17.54
N ILE B 931 -33.81 44.94 -18.65
CA ILE B 931 -32.37 45.05 -18.87
C ILE B 931 -31.75 45.95 -17.82
N GLY B 932 -32.44 47.01 -17.42
CA GLY B 932 -31.94 47.83 -16.32
C GLY B 932 -31.85 47.08 -15.02
N LYS B 933 -32.87 46.27 -14.70
CA LYS B 933 -32.85 45.52 -13.45
C LYS B 933 -31.78 44.45 -13.41
N ILE B 934 -31.33 43.97 -14.57
CA ILE B 934 -30.31 42.92 -14.58
C ILE B 934 -29.06 43.35 -13.82
N GLN B 935 -28.62 44.59 -14.04
CA GLN B 935 -27.43 45.08 -13.38
C GLN B 935 -27.56 45.05 -11.87
N ASP B 936 -28.66 45.58 -11.34
CA ASP B 936 -28.89 45.55 -9.90
C ASP B 936 -28.97 44.11 -9.39
N SER B 937 -29.66 43.23 -10.14
CA SER B 937 -29.86 41.87 -9.70
C SER B 937 -28.53 41.14 -9.53
N LEU B 938 -27.61 41.31 -10.47
CA LEU B 938 -26.34 40.61 -10.35
C LEU B 938 -25.25 41.45 -9.68
N SER B 939 -25.55 42.68 -9.28
CA SER B 939 -24.59 43.48 -8.54
C SER B 939 -24.87 43.57 -7.04
N SER B 940 -26.11 43.33 -6.62
CA SER B 940 -26.47 43.54 -5.23
C SER B 940 -26.52 42.27 -4.40
N THR B 941 -26.56 41.10 -5.04
CA THR B 941 -26.63 39.85 -4.30
C THR B 941 -25.30 39.11 -4.43
N PRO B 942 -24.50 39.03 -3.38
CA PRO B 942 -23.32 38.15 -3.42
C PRO B 942 -23.73 36.72 -3.75
N SER B 943 -22.73 35.94 -4.15
CA SER B 943 -22.89 34.56 -4.58
C SER B 943 -23.69 34.44 -5.88
N ALA B 944 -23.92 35.56 -6.56
CA ALA B 944 -24.53 35.51 -7.89
C ALA B 944 -23.61 34.81 -8.88
N LEU B 945 -22.33 35.22 -8.91
CA LEU B 945 -21.34 34.63 -9.79
C LEU B 945 -20.60 33.47 -9.13
N GLY B 946 -21.25 32.76 -8.21
CA GLY B 946 -20.58 31.72 -7.48
C GLY B 946 -20.05 30.60 -8.35
N LYS B 947 -20.72 30.33 -9.47
CA LYS B 947 -20.25 29.27 -10.36
C LYS B 947 -18.87 29.57 -10.93
N LEU B 948 -18.64 30.84 -11.29
CA LEU B 948 -17.33 31.22 -11.80
C LEU B 948 -16.30 31.33 -10.68
N GLN B 949 -16.72 31.76 -9.49
CA GLN B 949 -15.79 31.94 -8.39
C GLN B 949 -15.32 30.59 -7.83
N ASP B 950 -16.18 29.58 -7.88
CA ASP B 950 -15.81 28.27 -7.34
C ASP B 950 -14.68 27.63 -8.13
N VAL B 951 -14.64 27.83 -9.44
CA VAL B 951 -13.56 27.27 -10.24
C VAL B 951 -12.22 27.87 -9.82
N VAL B 952 -12.18 29.19 -9.68
CA VAL B 952 -10.94 29.86 -9.27
C VAL B 952 -10.54 29.39 -7.88
N ASN B 953 -11.50 29.32 -6.96
CA ASN B 953 -11.18 28.90 -5.60
C ASN B 953 -10.65 27.48 -5.57
N GLN B 954 -11.27 26.57 -6.33
CA GLN B 954 -10.84 25.19 -6.34
C GLN B 954 -9.43 25.05 -6.92
N ASN B 955 -9.15 25.75 -8.01
CA ASN B 955 -7.82 25.67 -8.61
C ASN B 955 -6.77 26.21 -7.66
N ALA B 956 -7.03 27.37 -7.05
CA ALA B 956 -6.05 27.94 -6.13
C ALA B 956 -5.84 27.04 -4.92
N GLN B 957 -6.92 26.44 -4.41
CA GLN B 957 -6.80 25.58 -3.24
C GLN B 957 -6.01 24.31 -3.55
N ALA B 958 -6.25 23.71 -4.72
CA ALA B 958 -5.49 22.52 -5.10
C ALA B 958 -4.02 22.85 -5.29
N LEU B 959 -3.72 24.00 -5.89
CA LEU B 959 -2.33 24.38 -6.07
C LEU B 959 -1.64 24.69 -4.74
N ASN B 960 -2.37 25.32 -3.81
CA ASN B 960 -1.82 25.59 -2.50
C ASN B 960 -1.53 24.30 -1.74
N THR B 961 -2.43 23.32 -1.83
CA THR B 961 -2.18 22.03 -1.21
C THR B 961 -0.96 21.35 -1.82
N LEU B 962 -0.84 21.41 -3.15
CA LEU B 962 0.32 20.80 -3.81
C LEU B 962 1.61 21.42 -3.32
N VAL B 963 1.65 22.75 -3.17
CA VAL B 963 2.87 23.39 -2.69
C VAL B 963 3.12 23.04 -1.23
N LYS B 964 2.09 23.06 -0.40
CA LYS B 964 2.27 22.76 1.02
C LYS B 964 2.70 21.32 1.27
N GLN B 965 2.45 20.41 0.32
CA GLN B 965 2.91 19.04 0.51
C GLN B 965 4.43 18.93 0.52
N LEU B 966 5.15 19.97 0.11
CA LEU B 966 6.60 19.93 0.08
C LEU B 966 7.22 20.01 1.47
N SER B 967 6.43 20.28 2.50
CA SER B 967 6.94 20.44 3.86
C SER B 967 6.69 19.22 4.73
N SER B 968 6.36 18.08 4.13
CA SER B 968 6.09 16.87 4.90
C SER B 968 7.29 15.93 4.83
N ASN B 969 7.51 15.21 5.94
CA ASN B 969 8.63 14.28 6.01
C ASN B 969 8.37 13.04 5.19
N PHE B 970 7.14 12.53 5.21
CA PHE B 970 6.79 11.23 4.63
C PHE B 970 7.60 10.09 5.23
N GLY B 971 8.08 10.27 6.47
CA GLY B 971 8.85 9.26 7.15
C GLY B 971 10.34 9.56 7.24
N ALA B 972 10.84 10.52 6.48
CA ALA B 972 12.25 10.86 6.55
C ALA B 972 12.55 11.64 7.84
N ILE B 973 13.83 11.91 8.05
CA ILE B 973 14.22 12.67 9.24
C ILE B 973 13.86 14.14 9.09
N SER B 974 14.01 14.69 7.89
CA SER B 974 13.67 16.09 7.66
C SER B 974 13.08 16.24 6.28
N SER B 975 12.20 17.23 6.14
CA SER B 975 11.56 17.51 4.85
C SER B 975 12.43 18.36 3.94
N VAL B 976 13.54 18.88 4.42
CA VAL B 976 14.45 19.68 3.61
C VAL B 976 15.50 18.75 3.02
N LEU B 977 15.66 18.79 1.70
CA LEU B 977 16.51 17.83 1.02
C LEU B 977 17.98 18.05 1.37
N ASN B 978 18.40 19.32 1.42
CA ASN B 978 19.81 19.62 1.66
C ASN B 978 20.27 19.13 3.04
N ASP B 979 19.43 19.32 4.06
CA ASP B 979 19.78 18.86 5.40
C ASP B 979 20.04 17.37 5.41
N ILE B 980 19.10 16.57 4.91
CA ILE B 980 19.26 15.14 4.98
C ILE B 980 20.33 14.64 4.02
N LEU B 981 20.74 15.44 3.04
CA LEU B 981 21.87 15.02 2.21
C LEU B 981 23.19 15.55 2.74
N SER B 982 23.15 16.52 3.67
CA SER B 982 24.37 17.10 4.23
C SER B 982 24.54 16.79 5.71
N ARG B 983 23.82 15.80 6.23
CA ARG B 983 24.04 15.33 7.59
C ARG B 983 24.15 13.81 7.69
N LEU B 984 24.05 13.11 6.57
CA LEU B 984 24.11 11.65 6.55
C LEU B 984 25.08 11.19 5.49
N ASP B 985 25.59 9.98 5.67
CA ASP B 985 26.40 9.35 4.65
C ASP B 985 25.54 9.01 3.44
N PRO B 986 26.11 8.96 2.25
CA PRO B 986 25.34 8.65 1.04
C PRO B 986 24.58 7.34 1.16
N PRO B 987 25.13 6.29 1.76
CA PRO B 987 24.34 5.05 1.89
C PRO B 987 23.02 5.23 2.63
N GLU B 988 22.96 6.12 3.61
CA GLU B 988 21.71 6.40 4.31
C GLU B 988 20.97 7.59 3.72
N ALA B 989 21.70 8.50 3.09
CA ALA B 989 21.06 9.58 2.35
C ALA B 989 20.17 9.01 1.25
N GLU B 990 20.61 7.95 0.58
CA GLU B 990 19.79 7.33 -0.46
C GLU B 990 18.44 6.90 0.10
N VAL B 991 18.45 6.21 1.22
CA VAL B 991 17.22 5.67 1.80
C VAL B 991 16.32 6.80 2.29
N GLN B 992 16.91 7.86 2.84
CA GLN B 992 16.07 8.95 3.33
C GLN B 992 15.52 9.80 2.18
N ILE B 993 16.26 9.91 1.08
CA ILE B 993 15.75 10.61 -0.10
C ILE B 993 14.62 9.83 -0.74
N ASP B 994 14.68 8.50 -0.69
CA ASP B 994 13.65 7.71 -1.36
C ASP B 994 12.26 7.98 -0.79
N ARG B 995 12.17 8.16 0.54
CA ARG B 995 10.88 8.47 1.15
C ARG B 995 10.31 9.77 0.60
N LEU B 996 11.14 10.81 0.54
CA LEU B 996 10.71 12.09 0.01
C LEU B 996 10.29 11.97 -1.44
N ILE B 997 11.06 11.23 -2.24
CA ILE B 997 10.73 11.08 -3.65
C ILE B 997 9.37 10.42 -3.81
N THR B 998 9.14 9.34 -3.06
CA THR B 998 7.87 8.64 -3.16
C THR B 998 6.70 9.55 -2.75
N GLY B 999 6.84 10.22 -1.60
CA GLY B 999 5.74 11.05 -1.13
C GLY B 999 5.43 12.19 -2.07
N ARG B 1000 6.48 12.89 -2.52
CA ARG B 1000 6.28 14.03 -3.42
C ARG B 1000 5.72 13.59 -4.76
N LEU B 1001 6.21 12.47 -5.29
CA LEU B 1001 5.75 12.01 -6.58
C LEU B 1001 4.28 11.61 -6.54
N GLN B 1002 3.84 10.97 -5.46
CA GLN B 1002 2.43 10.63 -5.46
C GLN B 1002 1.53 11.76 -4.98
N SER B 1003 2.11 12.79 -4.34
CA SER B 1003 1.38 14.05 -4.20
C SER B 1003 1.10 14.66 -5.57
N LEU B 1004 2.12 14.65 -6.45
CA LEU B 1004 1.95 15.17 -7.79
C LEU B 1004 0.92 14.36 -8.57
N GLN B 1005 0.94 13.03 -8.41
CA GLN B 1005 -0.04 12.20 -9.09
C GLN B 1005 -1.46 12.51 -8.63
N THR B 1006 -1.66 12.67 -7.32
CA THR B 1006 -2.98 13.05 -6.83
C THR B 1006 -3.44 14.36 -7.45
N TYR B 1007 -2.54 15.35 -7.49
CA TYR B 1007 -2.88 16.63 -8.12
C TYR B 1007 -3.33 16.43 -9.56
N VAL B 1008 -2.56 15.68 -10.34
CA VAL B 1008 -2.85 15.55 -11.76
C VAL B 1008 -4.17 14.84 -11.98
N THR B 1009 -4.46 13.81 -11.17
CA THR B 1009 -5.72 13.10 -11.34
C THR B 1009 -6.92 13.99 -11.02
N GLN B 1010 -6.83 14.76 -9.93
CA GLN B 1010 -7.92 15.67 -9.61
C GLN B 1010 -8.11 16.70 -10.72
N GLN B 1011 -7.00 17.19 -11.27
CA GLN B 1011 -7.10 18.17 -12.36
C GLN B 1011 -7.73 17.56 -13.60
N LEU B 1012 -7.43 16.30 -13.90
CA LEU B 1012 -8.05 15.63 -15.04
C LEU B 1012 -9.56 15.55 -14.88
N ILE B 1013 -10.01 15.14 -13.69
CA ILE B 1013 -11.45 15.02 -13.46
C ILE B 1013 -12.12 16.39 -13.53
N ARG B 1014 -11.51 17.40 -12.92
CA ARG B 1014 -12.08 18.74 -12.94
C ARG B 1014 -12.12 19.30 -14.36
N ALA B 1015 -11.11 19.02 -15.17
CA ALA B 1015 -11.11 19.48 -16.56
C ALA B 1015 -12.19 18.78 -17.36
N ALA B 1016 -12.46 17.52 -17.09
CA ALA B 1016 -13.58 16.86 -17.76
C ALA B 1016 -14.90 17.53 -17.43
N GLU B 1017 -15.09 17.88 -16.16
CA GLU B 1017 -16.32 18.57 -15.76
C GLU B 1017 -16.44 19.94 -16.45
N ILE B 1018 -15.34 20.70 -16.47
CA ILE B 1018 -15.37 22.00 -17.13
C ILE B 1018 -15.64 21.85 -18.62
N ARG B 1019 -15.13 20.78 -19.24
CA ARG B 1019 -15.39 20.58 -20.66
C ARG B 1019 -16.85 20.27 -20.92
N ALA B 1020 -17.49 19.51 -20.04
CA ALA B 1020 -18.93 19.29 -20.19
C ALA B 1020 -19.68 20.61 -20.09
N SER B 1021 -19.30 21.46 -19.13
CA SER B 1021 -19.95 22.75 -18.99
C SER B 1021 -19.72 23.63 -20.23
N ALA B 1022 -18.52 23.59 -20.79
CA ALA B 1022 -18.23 24.38 -21.98
C ALA B 1022 -18.99 23.89 -23.20
N ASN B 1023 -19.17 22.57 -23.32
CA ASN B 1023 -20.01 22.05 -24.40
C ASN B 1023 -21.45 22.53 -24.25
N LEU B 1024 -21.95 22.54 -23.01
CA LEU B 1024 -23.28 23.09 -22.79
C LEU B 1024 -23.36 24.55 -23.21
N ALA B 1025 -22.36 25.35 -22.84
CA ALA B 1025 -22.36 26.76 -23.19
C ALA B 1025 -22.28 26.98 -24.69
N ALA B 1026 -21.52 26.14 -25.40
CA ALA B 1026 -21.45 26.27 -26.85
C ALA B 1026 -22.78 25.90 -27.50
N THR B 1027 -23.45 24.87 -26.98
CA THR B 1027 -24.78 24.54 -27.48
C THR B 1027 -25.77 25.67 -27.23
N LYS B 1028 -25.69 26.30 -26.06
CA LYS B 1028 -26.58 27.41 -25.77
C LYS B 1028 -26.30 28.62 -26.64
N MET B 1029 -25.03 28.89 -26.92
CA MET B 1029 -24.72 29.98 -27.84
C MET B 1029 -25.26 29.70 -29.23
N SER B 1030 -25.13 28.46 -29.70
CA SER B 1030 -25.66 28.12 -31.02
C SER B 1030 -27.18 28.26 -31.06
N GLU B 1031 -27.87 27.71 -30.07
CA GLU B 1031 -29.31 27.51 -30.17
C GLU B 1031 -30.16 28.62 -29.56
N CYS B 1032 -29.62 29.43 -28.65
CA CYS B 1032 -30.37 30.56 -28.10
C CYS B 1032 -29.97 31.89 -28.71
N VAL B 1033 -28.68 32.09 -29.01
CA VAL B 1033 -28.23 33.37 -29.54
C VAL B 1033 -28.40 33.44 -31.04
N LEU B 1034 -27.97 32.42 -31.76
CA LEU B 1034 -28.05 32.42 -33.22
C LEU B 1034 -29.41 31.97 -33.74
N GLY B 1035 -30.33 31.59 -32.87
CA GLY B 1035 -31.66 31.22 -33.30
C GLY B 1035 -32.71 31.49 -32.26
N GLN B 1036 -33.88 30.91 -32.42
CA GLN B 1036 -34.94 30.96 -31.41
C GLN B 1036 -35.33 29.53 -31.09
N SER B 1037 -35.37 29.20 -29.82
CA SER B 1037 -35.51 27.82 -29.37
C SER B 1037 -36.95 27.55 -28.97
N LYS B 1038 -37.53 26.50 -29.55
CA LYS B 1038 -38.80 25.98 -29.09
C LYS B 1038 -38.63 24.98 -27.97
N ARG B 1039 -37.40 24.76 -27.51
CA ARG B 1039 -37.11 23.65 -26.63
C ARG B 1039 -37.16 24.14 -25.19
N VAL B 1040 -38.06 23.55 -24.40
CA VAL B 1040 -38.56 24.18 -23.18
C VAL B 1040 -37.46 24.30 -22.13
N ASP B 1041 -37.41 25.46 -21.49
CA ASP B 1041 -36.53 25.75 -20.36
C ASP B 1041 -35.06 25.65 -20.71
N PHE B 1042 -34.73 25.50 -21.99
CA PHE B 1042 -33.33 25.49 -22.39
C PHE B 1042 -32.76 26.90 -22.34
N CYS B 1043 -33.53 27.89 -22.76
CA CYS B 1043 -33.04 29.27 -22.80
C CYS B 1043 -33.89 30.16 -21.91
N GLY B 1044 -34.16 29.73 -20.69
CA GLY B 1044 -34.83 30.57 -19.72
C GLY B 1044 -36.26 30.12 -19.44
N LYS B 1045 -36.83 30.72 -18.40
CA LYS B 1045 -38.18 30.39 -17.95
C LYS B 1045 -39.21 31.23 -18.71
N GLY B 1046 -40.07 30.57 -19.47
CA GLY B 1046 -41.04 31.25 -20.30
C GLY B 1046 -40.92 30.79 -21.73
N TYR B 1047 -41.46 31.55 -22.67
CA TYR B 1047 -41.29 31.25 -24.09
C TYR B 1047 -40.14 32.10 -24.61
N HIS B 1048 -39.11 31.44 -25.11
CA HIS B 1048 -37.89 32.12 -25.52
C HIS B 1048 -38.16 33.07 -26.68
N LEU B 1049 -37.74 34.32 -26.51
CA LEU B 1049 -37.69 35.26 -27.62
C LEU B 1049 -36.26 35.41 -28.16
N MET B 1050 -35.31 35.82 -27.32
CA MET B 1050 -33.96 35.98 -27.83
C MET B 1050 -33.00 36.15 -26.65
N SER B 1051 -31.75 35.80 -26.87
CA SER B 1051 -30.75 35.89 -25.81
C SER B 1051 -29.52 36.63 -26.31
N PHE B 1052 -28.81 37.22 -25.35
CA PHE B 1052 -27.64 38.04 -25.61
C PHE B 1052 -26.47 37.49 -24.79
N PRO B 1053 -25.31 37.28 -25.39
CA PRO B 1053 -24.14 36.80 -24.63
C PRO B 1053 -23.31 37.95 -24.06
N GLN B 1054 -22.63 37.63 -22.96
CA GLN B 1054 -21.68 38.53 -22.33
C GLN B 1054 -20.51 37.69 -21.84
N SER B 1055 -19.33 38.26 -21.82
CA SER B 1055 -18.13 37.56 -21.38
C SER B 1055 -17.81 37.92 -19.95
N ALA B 1056 -17.43 36.92 -19.17
CA ALA B 1056 -17.07 37.06 -17.77
C ALA B 1056 -15.75 36.34 -17.57
N PRO B 1057 -15.01 36.65 -16.49
CA PRO B 1057 -13.73 35.97 -16.28
C PRO B 1057 -13.88 34.46 -16.24
N HIS B 1058 -13.31 33.80 -17.23
CA HIS B 1058 -13.33 32.34 -17.38
C HIS B 1058 -14.72 31.80 -17.66
N GLY B 1059 -15.63 32.60 -18.20
CA GLY B 1059 -16.95 32.07 -18.45
C GLY B 1059 -17.79 32.99 -19.29
N VAL B 1060 -19.05 32.59 -19.47
CA VAL B 1060 -20.02 33.33 -20.27
C VAL B 1060 -21.28 33.52 -19.45
N VAL B 1061 -22.01 34.58 -19.77
CA VAL B 1061 -23.29 34.91 -19.15
C VAL B 1061 -24.29 35.15 -20.26
N PHE B 1062 -25.44 34.48 -20.18
CA PHE B 1062 -26.50 34.67 -21.16
C PHE B 1062 -27.63 35.45 -20.52
N LEU B 1063 -28.14 36.44 -21.24
CA LEU B 1063 -29.34 37.17 -20.86
C LEU B 1063 -30.46 36.68 -21.77
N HIS B 1064 -31.38 35.93 -21.21
CA HIS B 1064 -32.50 35.35 -21.94
C HIS B 1064 -33.72 36.25 -21.79
N VAL B 1065 -34.24 36.71 -22.92
CA VAL B 1065 -35.46 37.51 -22.99
C VAL B 1065 -36.56 36.56 -23.43
N THR B 1066 -37.56 36.42 -22.56
CA THR B 1066 -38.66 35.48 -22.75
C THR B 1066 -40.00 36.19 -22.51
N TYR B 1067 -41.04 35.55 -23.03
CA TYR B 1067 -42.42 36.02 -22.99
C TYR B 1067 -43.15 35.26 -21.90
N VAL B 1068 -43.76 35.97 -20.95
CA VAL B 1068 -44.48 35.34 -19.86
C VAL B 1068 -45.94 35.81 -19.90
N PRO B 1069 -46.90 34.91 -20.03
CA PRO B 1069 -48.30 35.32 -19.99
C PRO B 1069 -48.65 35.88 -18.61
N ALA B 1070 -49.67 36.72 -18.58
CA ALA B 1070 -50.03 37.35 -17.31
C ALA B 1070 -51.46 37.85 -17.36
N GLN B 1071 -52.07 37.93 -16.18
CA GLN B 1071 -53.34 38.63 -15.99
C GLN B 1071 -54.42 37.97 -16.83
N GLU B 1072 -54.74 36.73 -16.50
CA GLU B 1072 -55.62 35.90 -17.32
C GLU B 1072 -57.07 35.97 -16.85
N LYS B 1073 -57.93 35.32 -17.63
CA LYS B 1073 -59.37 35.33 -17.39
C LYS B 1073 -59.95 33.95 -17.64
N ASN B 1074 -61.12 33.71 -17.03
CA ASN B 1074 -61.89 32.49 -17.22
C ASN B 1074 -62.84 32.64 -18.40
N PHE B 1075 -63.03 31.55 -19.14
CA PHE B 1075 -64.02 31.52 -20.20
C PHE B 1075 -64.60 30.12 -20.29
N THR B 1076 -65.78 30.05 -20.89
CA THR B 1076 -66.39 28.78 -21.25
C THR B 1076 -65.95 28.42 -22.67
N THR B 1077 -65.67 27.14 -22.89
CA THR B 1077 -65.12 26.72 -24.18
C THR B 1077 -65.87 25.49 -24.68
N ALA B 1078 -65.74 25.25 -25.98
CA ALA B 1078 -66.34 24.09 -26.64
C ALA B 1078 -65.33 23.51 -27.61
N PRO B 1079 -65.43 22.21 -27.90
CA PRO B 1079 -64.53 21.62 -28.90
C PRO B 1079 -64.90 22.01 -30.33
N ALA B 1080 -66.19 22.13 -30.61
CA ALA B 1080 -66.66 22.46 -31.96
C ALA B 1080 -67.93 23.29 -31.86
N ILE B 1081 -68.37 23.81 -33.00
CA ILE B 1081 -69.62 24.54 -33.14
C ILE B 1081 -70.51 23.81 -34.12
N CYS B 1082 -71.78 23.67 -33.79
CA CYS B 1082 -72.74 23.00 -34.66
C CYS B 1082 -73.57 24.04 -35.40
N HIS B 1083 -73.67 23.89 -36.72
CA HIS B 1083 -74.36 24.89 -37.53
C HIS B 1083 -74.74 24.24 -38.85
N ASP B 1084 -76.03 24.28 -39.18
CA ASP B 1084 -76.57 23.68 -40.40
C ASP B 1084 -76.24 22.20 -40.48
N GLY B 1085 -76.23 21.52 -39.34
CA GLY B 1085 -75.86 20.11 -39.32
C GLY B 1085 -74.42 19.84 -39.67
N LYS B 1086 -73.54 20.83 -39.51
CA LYS B 1086 -72.11 20.66 -39.75
C LYS B 1086 -71.34 21.05 -38.50
N ALA B 1087 -70.16 20.47 -38.36
CA ALA B 1087 -69.29 20.71 -37.22
C ALA B 1087 -68.13 21.59 -37.66
N HIS B 1088 -67.94 22.71 -36.98
CA HIS B 1088 -66.88 23.66 -37.26
C HIS B 1088 -65.84 23.59 -36.16
N PHE B 1089 -64.59 23.47 -36.55
CA PHE B 1089 -63.43 23.46 -35.67
C PHE B 1089 -62.58 24.68 -35.94
N PRO B 1090 -61.94 25.25 -34.92
CA PRO B 1090 -61.13 26.46 -35.16
C PRO B 1090 -59.93 26.15 -36.03
N ARG B 1091 -59.54 27.12 -36.85
CA ARG B 1091 -58.38 26.92 -37.69
C ARG B 1091 -57.09 27.11 -36.90
N GLU B 1092 -56.96 28.25 -36.23
CA GLU B 1092 -55.96 28.42 -35.17
C GLU B 1092 -56.61 29.16 -34.02
N GLY B 1093 -56.66 28.56 -32.85
CA GLY B 1093 -57.25 29.18 -31.69
C GLY B 1093 -58.27 28.29 -31.03
N VAL B 1094 -58.97 28.85 -30.07
CA VAL B 1094 -59.99 28.14 -29.31
C VAL B 1094 -61.29 28.91 -29.40
N PHE B 1095 -62.39 28.19 -29.23
CA PHE B 1095 -63.71 28.78 -29.10
C PHE B 1095 -63.94 29.14 -27.64
N VAL B 1096 -64.33 30.39 -27.39
CA VAL B 1096 -64.58 30.86 -26.03
C VAL B 1096 -65.90 31.60 -26.02
N SER B 1097 -66.43 31.82 -24.82
CA SER B 1097 -67.66 32.58 -24.66
C SER B 1097 -67.55 33.46 -23.43
N ASN B 1098 -67.93 34.72 -23.57
CA ASN B 1098 -67.98 35.64 -22.44
C ASN B 1098 -69.27 35.50 -21.64
N GLY B 1099 -69.99 34.40 -21.81
CA GLY B 1099 -71.23 34.16 -21.10
C GLY B 1099 -72.42 34.06 -22.03
N THR B 1100 -72.46 34.92 -23.04
CA THR B 1100 -73.59 34.95 -23.97
C THR B 1100 -73.19 34.64 -25.40
N HIS B 1101 -72.07 35.17 -25.88
CA HIS B 1101 -71.68 35.05 -27.28
C HIS B 1101 -70.35 34.33 -27.40
N TRP B 1102 -70.15 33.68 -28.54
CA TRP B 1102 -68.97 32.87 -28.80
C TRP B 1102 -68.03 33.59 -29.75
N PHE B 1103 -66.73 33.37 -29.53
CA PHE B 1103 -65.68 33.97 -30.32
C PHE B 1103 -64.57 32.96 -30.54
N VAL B 1104 -63.72 33.25 -31.53
CA VAL B 1104 -62.49 32.50 -31.78
C VAL B 1104 -61.33 33.36 -31.31
N THR B 1105 -60.40 32.77 -30.57
CA THR B 1105 -59.29 33.55 -30.06
C THR B 1105 -57.99 32.78 -30.21
N GLN B 1106 -56.89 33.52 -30.12
CA GLN B 1106 -55.57 32.93 -30.06
C GLN B 1106 -55.44 32.09 -28.80
N ARG B 1107 -54.57 31.08 -28.85
CA ARG B 1107 -54.39 30.24 -27.69
C ARG B 1107 -53.57 30.91 -26.59
N ASN B 1108 -52.77 31.92 -26.93
CA ASN B 1108 -51.81 32.49 -26.00
C ASN B 1108 -52.06 33.94 -25.63
N PHE B 1109 -53.07 34.58 -26.21
CA PHE B 1109 -53.35 35.98 -25.94
C PHE B 1109 -54.82 36.22 -26.28
N TYR B 1110 -55.52 36.94 -25.41
CA TYR B 1110 -56.94 37.13 -25.61
C TYR B 1110 -57.19 38.20 -26.66
N GLU B 1111 -57.79 37.79 -27.78
CA GLU B 1111 -58.13 38.69 -28.86
C GLU B 1111 -59.32 38.07 -29.61
N PRO B 1112 -60.53 38.25 -29.11
CA PRO B 1112 -61.67 37.54 -29.66
C PRO B 1112 -62.08 38.06 -31.03
N GLN B 1113 -62.72 37.19 -31.81
CA GLN B 1113 -63.13 37.50 -33.17
C GLN B 1113 -64.44 36.79 -33.48
N ILE B 1114 -65.17 37.33 -34.44
CA ILE B 1114 -66.43 36.74 -34.85
C ILE B 1114 -66.17 35.43 -35.57
N ILE B 1115 -66.92 34.38 -35.21
CA ILE B 1115 -66.74 33.07 -35.80
C ILE B 1115 -67.25 33.11 -37.24
N THR B 1116 -66.34 33.13 -38.20
CA THR B 1116 -66.70 33.12 -39.61
C THR B 1116 -66.27 31.80 -40.23
N THR B 1117 -66.46 31.70 -41.55
CA THR B 1117 -66.09 30.49 -42.27
C THR B 1117 -64.63 30.48 -42.70
N ASP B 1118 -63.94 31.58 -42.44
CA ASP B 1118 -62.55 31.75 -42.89
C ASP B 1118 -61.58 31.52 -41.75
N ASN B 1119 -62.07 31.40 -40.54
CA ASN B 1119 -61.23 31.09 -39.40
C ASN B 1119 -61.64 29.78 -38.74
N THR B 1120 -62.49 29.01 -39.40
CA THR B 1120 -62.88 27.67 -38.98
C THR B 1120 -62.86 26.75 -40.19
N PHE B 1121 -62.93 25.45 -39.92
CA PHE B 1121 -63.03 24.46 -40.98
C PHE B 1121 -64.07 23.42 -40.59
N VAL B 1122 -64.63 22.75 -41.59
CA VAL B 1122 -65.75 21.84 -41.42
C VAL B 1122 -65.28 20.41 -41.62
N SER B 1123 -65.78 19.50 -40.79
CA SER B 1123 -65.54 18.08 -40.99
C SER B 1123 -66.63 17.30 -40.27
N GLY B 1124 -67.51 16.66 -41.03
CA GLY B 1124 -68.53 15.82 -40.45
C GLY B 1124 -69.75 16.59 -40.02
N ASN B 1125 -70.62 15.88 -39.31
CA ASN B 1125 -71.86 16.43 -38.77
C ASN B 1125 -71.77 16.45 -37.24
N CYS B 1126 -72.87 16.88 -36.62
CA CYS B 1126 -72.85 17.29 -35.22
C CYS B 1126 -73.04 16.16 -34.23
N ASP B 1127 -73.25 14.92 -34.68
CA ASP B 1127 -73.68 13.86 -33.78
C ASP B 1127 -72.54 13.03 -33.20
N VAL B 1128 -71.29 13.35 -33.50
CA VAL B 1128 -70.17 12.53 -33.07
C VAL B 1128 -69.29 13.22 -32.03
N VAL B 1129 -69.09 14.53 -32.13
CA VAL B 1129 -68.22 15.24 -31.21
C VAL B 1129 -68.92 15.39 -29.87
N ILE B 1130 -68.19 15.10 -28.79
CA ILE B 1130 -68.74 15.12 -27.44
C ILE B 1130 -68.52 16.51 -26.86
N GLY B 1131 -69.60 17.28 -26.73
CA GLY B 1131 -69.54 18.61 -26.19
C GLY B 1131 -69.72 19.73 -27.19
N ILE B 1132 -70.08 19.41 -28.43
CA ILE B 1132 -70.30 20.45 -29.44
C ILE B 1132 -71.51 21.28 -29.06
N VAL B 1133 -71.43 22.59 -29.28
CA VAL B 1133 -72.47 23.52 -28.84
C VAL B 1133 -73.10 24.16 -30.07
N ASN B 1134 -74.37 24.56 -29.91
CA ASN B 1134 -75.10 25.20 -30.98
C ASN B 1134 -74.73 26.67 -31.07
N ASN B 1135 -74.51 27.15 -32.28
CA ASN B 1135 -74.27 28.56 -32.52
C ASN B 1135 -74.45 28.83 -34.02
N THR B 1136 -74.13 30.04 -34.44
CA THR B 1136 -74.19 30.44 -35.83
C THR B 1136 -72.79 30.78 -36.32
N VAL B 1137 -72.54 30.48 -37.59
CA VAL B 1137 -71.26 30.76 -38.22
C VAL B 1137 -71.49 31.74 -39.34
N TYR B 1138 -70.94 32.95 -39.19
CA TYR B 1138 -71.17 34.01 -40.16
C TYR B 1138 -70.39 33.74 -41.43
N ASP B 1139 -71.05 33.92 -42.57
CA ASP B 1139 -70.41 33.74 -43.87
C ASP B 1139 -70.19 35.10 -44.51
N PRO B 1140 -68.95 35.49 -44.81
CA PRO B 1140 -68.72 36.83 -45.38
C PRO B 1140 -69.38 37.06 -46.72
N LEU B 1141 -69.76 36.02 -47.45
CA LEU B 1141 -70.47 36.16 -48.72
C LEU B 1141 -71.96 36.40 -48.55
N GLN B 1142 -72.41 36.74 -47.35
CA GLN B 1142 -73.84 37.01 -47.14
C GLN B 1142 -74.25 38.35 -47.73
N PRO B 1143 -73.63 39.49 -47.37
CA PRO B 1143 -74.08 40.77 -47.96
C PRO B 1143 -73.90 40.85 -49.47
N GLU B 1144 -72.93 40.14 -50.04
CA GLU B 1144 -72.65 40.24 -51.47
C GLU B 1144 -73.52 39.33 -52.32
N LEU B 1145 -74.67 38.89 -51.83
CA LEU B 1145 -75.56 38.06 -52.61
C LEU B 1145 -76.31 38.82 -53.69
N ASP B 1146 -76.24 40.14 -53.69
CA ASP B 1146 -76.92 40.95 -54.70
C ASP B 1146 -76.31 40.76 -56.08
N ALA C 27 -11.05 -52.66 -5.93
CA ALA C 27 -12.39 -52.09 -5.86
C ALA C 27 -12.33 -50.61 -5.50
N TYR C 28 -12.91 -49.76 -6.35
CA TYR C 28 -12.91 -48.33 -6.15
C TYR C 28 -14.33 -47.82 -5.92
N THR C 29 -14.41 -46.57 -5.48
CA THR C 29 -15.66 -45.83 -5.41
C THR C 29 -15.31 -44.36 -5.64
N ASN C 30 -16.32 -43.51 -5.75
CA ASN C 30 -16.10 -42.09 -5.93
C ASN C 30 -16.54 -41.32 -4.69
N SER C 31 -15.65 -40.47 -4.19
CA SER C 31 -15.99 -39.60 -3.07
C SER C 31 -16.83 -38.44 -3.55
N PHE C 32 -18.09 -38.41 -3.15
CA PHE C 32 -19.02 -37.49 -3.78
C PHE C 32 -18.85 -36.08 -3.27
N THR C 33 -19.20 -35.87 -2.01
CA THR C 33 -18.98 -34.55 -1.36
C THR C 33 -18.48 -34.84 0.06
N ARG C 34 -17.42 -35.64 0.23
CA ARG C 34 -16.96 -36.02 1.55
C ARG C 34 -15.47 -35.72 1.71
N GLY C 35 -15.10 -35.36 2.94
CA GLY C 35 -13.72 -35.02 3.25
C GLY C 35 -13.51 -33.54 3.45
N VAL C 36 -14.47 -32.89 4.10
CA VAL C 36 -14.45 -31.44 4.32
C VAL C 36 -14.52 -31.17 5.81
N TYR C 37 -13.63 -30.33 6.29
CA TYR C 37 -13.44 -30.09 7.72
C TYR C 37 -13.20 -28.62 7.99
N TYR C 38 -13.38 -28.22 9.24
CA TYR C 38 -13.17 -26.84 9.67
C TYR C 38 -11.68 -26.58 9.79
N PRO C 39 -11.09 -25.79 8.89
CA PRO C 39 -9.62 -25.73 8.81
C PRO C 39 -8.96 -24.78 9.79
N ASP C 40 -9.70 -23.93 10.51
CA ASP C 40 -9.09 -22.82 11.21
C ASP C 40 -9.53 -22.63 12.66
N LYS C 41 -10.57 -23.30 13.12
CA LYS C 41 -11.01 -23.27 14.51
C LYS C 41 -11.53 -21.90 14.95
N VAL C 42 -11.76 -20.98 14.02
CA VAL C 42 -12.27 -19.65 14.32
C VAL C 42 -13.69 -19.54 13.76
N PHE C 43 -14.59 -18.98 14.57
CA PHE C 43 -16.00 -18.93 14.21
C PHE C 43 -16.23 -18.04 13.00
N ARG C 44 -17.28 -18.36 12.24
CA ARG C 44 -17.66 -17.61 11.05
C ARG C 44 -19.10 -17.95 10.71
N SER C 45 -19.90 -16.93 10.42
CA SER C 45 -21.34 -17.10 10.24
C SER C 45 -21.82 -16.38 9.00
N SER C 46 -22.73 -17.03 8.27
CA SER C 46 -23.35 -16.49 7.07
C SER C 46 -22.35 -15.82 6.15
N VAL C 47 -21.37 -16.61 5.69
CA VAL C 47 -20.30 -16.06 4.87
C VAL C 47 -19.81 -17.15 3.92
N LEU C 48 -19.09 -16.73 2.89
CA LEU C 48 -18.36 -17.63 2.01
C LEU C 48 -16.88 -17.32 2.16
N HIS C 49 -16.10 -18.33 2.51
CA HIS C 49 -14.68 -18.14 2.82
C HIS C 49 -13.84 -19.03 1.93
N SER C 50 -12.77 -18.48 1.38
CA SER C 50 -11.88 -19.21 0.49
C SER C 50 -10.67 -19.70 1.29
N THR C 51 -10.41 -21.01 1.22
CA THR C 51 -9.32 -21.61 1.98
C THR C 51 -8.55 -22.58 1.10
N GLN C 52 -7.23 -22.45 1.11
CA GLN C 52 -6.35 -23.41 0.44
C GLN C 52 -5.67 -24.27 1.50
N ASP C 53 -6.11 -25.53 1.53
CA ASP C 53 -5.61 -26.47 2.55
C ASP C 53 -5.65 -27.86 1.97
N LEU C 54 -5.02 -28.82 2.63
CA LEU C 54 -5.04 -30.21 2.18
C LEU C 54 -6.47 -30.73 2.25
N PHE C 55 -7.10 -30.89 1.09
CA PHE C 55 -8.45 -31.40 0.98
C PHE C 55 -8.48 -32.60 0.06
N LEU C 56 -9.58 -33.33 0.11
CA LEU C 56 -9.80 -34.47 -0.78
C LEU C 56 -10.76 -34.05 -1.86
N PRO C 57 -10.33 -34.01 -3.14
CA PRO C 57 -11.17 -33.43 -4.18
C PRO C 57 -12.51 -34.13 -4.32
N PHE C 58 -13.50 -33.36 -4.75
CA PHE C 58 -14.81 -33.90 -5.02
C PHE C 58 -14.74 -34.89 -6.18
N PHE C 59 -15.57 -35.92 -6.11
CA PHE C 59 -15.65 -36.94 -7.16
C PHE C 59 -14.27 -37.52 -7.47
N SER C 60 -13.63 -38.05 -6.43
CA SER C 60 -12.34 -38.70 -6.57
C SER C 60 -12.47 -40.19 -6.27
N ASN C 61 -11.66 -40.98 -6.96
CA ASN C 61 -11.69 -42.43 -6.80
C ASN C 61 -10.97 -42.80 -5.52
N VAL C 62 -11.73 -43.14 -4.49
CA VAL C 62 -11.20 -43.65 -3.23
C VAL C 62 -11.14 -45.17 -3.31
N THR C 63 -10.10 -45.74 -2.73
CA THR C 63 -9.98 -47.20 -2.69
C THR C 63 -10.93 -47.77 -1.65
N TRP C 64 -11.41 -48.98 -1.93
CA TRP C 64 -12.38 -49.66 -1.08
C TRP C 64 -11.74 -50.95 -0.57
N PHE C 65 -11.88 -51.20 0.73
CA PHE C 65 -11.43 -52.46 1.33
C PHE C 65 -12.58 -53.04 2.15
N HIS C 66 -12.66 -54.37 2.10
CA HIS C 66 -13.84 -55.06 2.60
C HIS C 66 -13.45 -56.24 3.48
N ASP C 80 -7.29 -55.70 7.45
CA ASP C 80 -7.44 -56.22 6.09
C ASP C 80 -6.77 -55.24 5.12
N ASN C 81 -5.54 -54.87 5.42
CA ASN C 81 -4.85 -53.84 4.66
C ASN C 81 -3.40 -54.23 4.40
N PRO C 82 -2.92 -54.05 3.18
CA PRO C 82 -1.47 -54.03 2.92
C PRO C 82 -0.90 -52.71 3.42
N VAL C 83 0.34 -52.43 3.03
CA VAL C 83 1.01 -51.26 3.56
C VAL C 83 0.52 -50.03 2.82
N LEU C 84 -0.63 -49.52 3.26
CA LEU C 84 -1.24 -48.36 2.63
C LEU C 84 -0.50 -47.10 3.06
N PRO C 85 -0.05 -46.30 2.10
CA PRO C 85 0.68 -45.08 2.46
C PRO C 85 -0.19 -44.05 3.15
N PHE C 86 0.44 -43.27 4.03
CA PHE C 86 -0.12 -42.03 4.55
C PHE C 86 0.38 -40.84 3.74
N ASN C 87 0.78 -41.08 2.49
CA ASN C 87 1.71 -40.25 1.74
C ASN C 87 1.62 -38.74 1.97
N ASP C 88 0.40 -38.18 1.92
CA ASP C 88 0.29 -36.74 2.16
C ASP C 88 -0.99 -36.36 2.92
N GLY C 89 -1.62 -37.29 3.61
CA GLY C 89 -2.87 -37.02 4.30
C GLY C 89 -3.87 -38.07 3.88
N VAL C 90 -4.77 -38.42 4.79
CA VAL C 90 -5.66 -39.56 4.57
C VAL C 90 -7.07 -39.21 5.00
N TYR C 91 -8.04 -39.62 4.18
CA TYR C 91 -9.44 -39.69 4.55
C TYR C 91 -9.80 -41.15 4.73
N PHE C 92 -10.56 -41.46 5.78
CA PHE C 92 -10.89 -42.83 6.13
C PHE C 92 -12.34 -42.88 6.58
N ALA C 93 -13.16 -43.63 5.87
CA ALA C 93 -14.54 -43.84 6.28
C ALA C 93 -14.76 -45.32 6.55
N SER C 94 -15.74 -45.64 7.39
CA SER C 94 -15.93 -47.04 7.73
C SER C 94 -17.34 -47.30 8.21
N THR C 95 -17.77 -48.56 8.04
CA THR C 95 -19.04 -49.07 8.53
C THR C 95 -19.01 -50.59 8.54
N ASN C 99 -19.41 -52.14 17.04
CA ASN C 99 -18.04 -51.68 17.14
C ASN C 99 -17.11 -52.78 16.64
N ILE C 100 -17.20 -53.10 15.34
CA ILE C 100 -16.41 -54.24 14.76
C ILE C 100 -15.00 -53.83 14.35
N ILE C 101 -14.69 -52.53 14.35
CA ILE C 101 -13.35 -52.07 13.87
C ILE C 101 -12.66 -51.39 15.06
N ARG C 102 -11.38 -51.69 15.30
CA ARG C 102 -10.78 -51.12 16.53
C ARG C 102 -9.40 -50.47 16.35
N GLY C 103 -9.29 -49.29 15.75
CA GLY C 103 -8.00 -48.57 15.80
C GLY C 103 -7.07 -48.55 14.61
N TRP C 104 -5.96 -47.81 14.71
CA TRP C 104 -5.11 -47.69 13.54
C TRP C 104 -3.65 -47.78 13.95
N ILE C 105 -2.84 -48.28 13.02
CA ILE C 105 -1.40 -48.35 13.14
C ILE C 105 -0.81 -47.37 12.15
N PHE C 106 0.01 -46.44 12.63
CA PHE C 106 0.62 -45.41 11.80
C PHE C 106 2.12 -45.48 11.97
N GLY C 107 2.86 -45.19 10.91
CA GLY C 107 4.31 -45.14 11.05
C GLY C 107 4.99 -44.95 9.72
N THR C 108 6.27 -45.26 9.68
CA THR C 108 7.04 -45.26 8.40
C THR C 108 7.49 -46.70 8.14
N THR C 109 8.32 -47.29 9.01
CA THR C 109 8.84 -48.63 8.80
C THR C 109 8.22 -49.67 9.70
N LEU C 110 7.67 -49.27 10.84
CA LEU C 110 6.96 -50.18 11.75
C LEU C 110 7.86 -51.34 12.18
N ASP C 111 9.16 -51.03 12.36
CA ASP C 111 10.15 -52.06 12.65
C ASP C 111 11.08 -51.64 13.78
N SER C 112 10.54 -50.94 14.78
CA SER C 112 11.26 -50.56 16.00
C SER C 112 12.38 -49.58 15.73
N LYS C 113 12.60 -49.24 14.46
CA LYS C 113 13.61 -48.24 14.12
C LYS C 113 13.05 -46.83 14.11
N THR C 114 11.72 -46.70 14.02
CA THR C 114 11.07 -45.40 13.96
C THR C 114 9.92 -45.39 14.96
N GLN C 115 9.67 -44.22 15.53
CA GLN C 115 8.50 -44.06 16.39
C GLN C 115 7.23 -44.29 15.58
N SER C 116 6.36 -45.14 16.09
CA SER C 116 5.16 -45.59 15.39
C SER C 116 3.95 -45.28 16.25
N LEU C 117 2.97 -44.60 15.67
CA LEU C 117 1.79 -44.22 16.42
C LEU C 117 0.76 -45.34 16.40
N LEU C 118 -0.01 -45.44 17.46
CA LEU C 118 -0.97 -46.52 17.63
C LEU C 118 -2.19 -46.01 18.38
N ILE C 119 -3.38 -46.31 17.86
CA ILE C 119 -4.64 -45.89 18.46
C ILE C 119 -5.58 -47.09 18.53
N VAL C 120 -5.82 -47.59 19.75
CA VAL C 120 -6.72 -48.73 19.93
C VAL C 120 -7.73 -48.37 21.01
N ASN C 121 -8.75 -49.21 21.16
CA ASN C 121 -9.77 -49.06 22.19
C ASN C 121 -9.75 -50.28 23.10
N ASN C 122 -9.70 -50.04 24.42
CA ASN C 122 -9.87 -51.09 25.41
C ASN C 122 -10.78 -50.59 26.52
N ALA C 123 -11.69 -51.46 26.96
CA ALA C 123 -12.60 -51.15 28.07
C ALA C 123 -13.34 -49.84 27.84
N THR C 124 -13.84 -49.65 26.61
CA THR C 124 -14.53 -48.43 26.20
C THR C 124 -13.68 -47.19 26.46
N ASN C 125 -12.40 -47.25 26.09
CA ASN C 125 -11.41 -46.27 26.53
C ASN C 125 -10.26 -46.26 25.53
N VAL C 126 -10.03 -45.11 24.89
CA VAL C 126 -9.06 -45.07 23.81
C VAL C 126 -7.65 -44.90 24.36
N VAL C 127 -6.72 -45.64 23.77
CA VAL C 127 -5.31 -45.62 24.11
C VAL C 127 -4.53 -45.21 22.86
N ILE C 128 -3.55 -44.32 23.06
CA ILE C 128 -2.69 -43.82 22.00
C ILE C 128 -1.25 -43.93 22.48
N LYS C 129 -0.37 -44.41 21.60
CA LYS C 129 1.03 -44.59 21.95
C LYS C 129 1.92 -44.18 20.79
N VAL C 130 3.13 -43.73 21.12
CA VAL C 130 4.07 -43.23 20.11
C VAL C 130 5.42 -43.93 20.32
N CYS C 131 5.38 -45.15 20.87
CA CYS C 131 6.60 -45.86 21.25
C CYS C 131 7.32 -46.41 20.01
N GLU C 132 8.39 -47.17 20.25
CA GLU C 132 9.17 -47.82 19.19
C GLU C 132 8.72 -49.27 19.00
N PHE C 133 7.49 -49.43 18.53
CA PHE C 133 6.85 -50.74 18.42
C PHE C 133 7.52 -51.65 17.39
N GLN C 134 7.41 -52.94 17.65
CA GLN C 134 7.57 -54.01 16.68
C GLN C 134 6.25 -54.78 16.71
N PHE C 135 5.29 -54.29 15.94
CA PHE C 135 3.96 -54.88 15.96
C PHE C 135 3.96 -56.18 15.17
N CYS C 136 2.91 -56.98 15.39
CA CYS C 136 2.75 -58.21 14.64
C CYS C 136 2.52 -57.91 13.17
N ASN C 137 2.93 -58.85 12.31
CA ASN C 137 2.71 -58.69 10.89
C ASN C 137 1.22 -58.72 10.56
N ASP C 138 0.42 -59.40 11.39
CA ASP C 138 -1.03 -59.47 11.24
C ASP C 138 -1.66 -59.07 12.58
N PRO C 139 -1.68 -57.77 12.89
CA PRO C 139 -2.23 -57.33 14.17
C PRO C 139 -3.71 -57.66 14.29
N PHE C 140 -4.15 -57.90 15.53
CA PHE C 140 -5.55 -58.20 15.80
C PHE C 140 -5.89 -57.89 17.25
N PHE C 157 -5.04 -59.37 22.72
CA PHE C 157 -4.61 -58.18 22.01
C PHE C 157 -3.12 -58.24 21.69
N ARG C 158 -2.77 -59.09 20.71
CA ARG C 158 -1.37 -59.30 20.36
C ARG C 158 -0.76 -58.16 19.58
N VAL C 159 -1.57 -57.19 19.13
CA VAL C 159 -1.07 -56.13 18.25
C VAL C 159 0.00 -55.30 18.93
N TYR C 160 -0.16 -55.06 20.23
CA TYR C 160 0.68 -54.14 20.98
C TYR C 160 2.04 -54.71 21.37
N SER C 161 2.50 -55.75 20.68
CA SER C 161 3.73 -56.45 21.05
C SER C 161 4.92 -55.51 21.07
N SER C 162 5.79 -55.71 22.07
CA SER C 162 7.08 -55.00 22.19
C SER C 162 6.88 -53.49 22.35
N ALA C 163 6.22 -53.09 23.43
CA ALA C 163 6.05 -51.68 23.75
C ALA C 163 7.24 -51.14 24.54
N ASN C 164 8.37 -50.93 23.87
CA ASN C 164 9.59 -50.45 24.51
C ASN C 164 10.01 -49.12 23.90
N ASN C 165 10.70 -48.30 24.70
CA ASN C 165 11.26 -47.04 24.25
C ASN C 165 10.16 -46.11 23.72
N CYS C 166 9.31 -45.68 24.65
CA CYS C 166 8.20 -44.81 24.32
C CYS C 166 8.61 -43.35 24.33
N THR C 167 7.70 -42.51 23.83
CA THR C 167 7.82 -41.07 23.94
C THR C 167 6.52 -40.41 24.38
N PHE C 168 5.38 -41.08 24.25
CA PHE C 168 4.10 -40.53 24.67
C PHE C 168 3.11 -41.67 24.86
N GLU C 169 2.11 -41.43 25.69
CA GLU C 169 1.11 -42.43 26.04
C GLU C 169 -0.11 -41.70 26.56
N TYR C 170 -1.29 -42.13 26.10
CA TYR C 170 -2.46 -41.31 26.29
C TYR C 170 -3.67 -42.20 26.44
N VAL C 171 -4.50 -41.87 27.43
CA VAL C 171 -5.77 -42.53 27.69
C VAL C 171 -6.86 -41.48 27.66
N SER C 172 -7.96 -41.76 26.96
CA SER C 172 -8.98 -40.74 26.78
C SER C 172 -10.34 -41.39 26.53
N GLN C 173 -11.36 -40.54 26.47
CA GLN C 173 -12.73 -41.00 26.27
C GLN C 173 -12.90 -41.57 24.85
N PRO C 174 -13.78 -42.54 24.69
CA PRO C 174 -13.87 -43.26 23.42
C PRO C 174 -14.50 -42.43 22.30
N PHE C 175 -13.94 -42.63 21.11
CA PHE C 175 -14.63 -42.31 19.85
C PHE C 175 -14.72 -43.58 19.05
N LEU C 176 -15.93 -43.92 18.62
CA LEU C 176 -16.17 -45.17 17.91
C LEU C 176 -15.53 -45.14 16.53
N LYS C 187 -25.92 -49.63 9.37
CA LYS C 187 -25.22 -49.29 10.61
C LYS C 187 -24.91 -47.80 10.69
N ASN C 188 -23.66 -47.48 11.02
CA ASN C 188 -23.20 -46.10 11.05
C ASN C 188 -21.92 -45.96 10.23
N LEU C 189 -21.81 -44.84 9.53
CA LEU C 189 -20.58 -44.49 8.84
C LEU C 189 -19.81 -43.49 9.69
N ARG C 190 -18.57 -43.84 10.00
CA ARG C 190 -17.67 -42.99 10.74
C ARG C 190 -16.62 -42.46 9.78
N GLU C 191 -16.45 -41.14 9.76
CA GLU C 191 -15.54 -40.47 8.85
C GLU C 191 -14.44 -39.79 9.64
N PHE C 192 -13.21 -39.91 9.16
CA PHE C 192 -12.04 -39.39 9.83
C PHE C 192 -11.07 -38.82 8.80
N VAL C 193 -10.44 -37.71 9.15
CA VAL C 193 -9.38 -37.12 8.36
C VAL C 193 -8.13 -37.05 9.23
N PHE C 194 -7.04 -37.61 8.74
CA PHE C 194 -5.76 -37.57 9.44
C PHE C 194 -4.76 -36.78 8.61
N LYS C 195 -4.05 -35.86 9.26
CA LYS C 195 -3.03 -35.07 8.59
C LYS C 195 -1.84 -34.87 9.52
N ASN C 196 -0.67 -34.68 8.93
CA ASN C 196 0.56 -34.44 9.68
C ASN C 196 1.19 -33.15 9.17
N ILE C 197 1.09 -32.09 9.97
CA ILE C 197 1.60 -30.77 9.60
C ILE C 197 2.17 -30.10 10.83
N ASP C 198 3.32 -29.43 10.66
CA ASP C 198 3.97 -28.65 11.73
C ASP C 198 4.26 -29.52 12.95
N GLY C 199 4.71 -30.74 12.73
CA GLY C 199 5.04 -31.64 13.81
C GLY C 199 3.82 -32.05 14.61
N TYR C 200 2.64 -31.80 14.06
CA TYR C 200 1.37 -32.17 14.68
C TYR C 200 0.66 -33.23 13.86
N PHE C 201 0.04 -34.17 14.56
CA PHE C 201 -0.86 -35.13 13.97
C PHE C 201 -2.29 -34.69 14.32
N LYS C 202 -3.01 -34.18 13.33
CA LYS C 202 -4.35 -33.66 13.52
C LYS C 202 -5.36 -34.68 13.01
N ILE C 203 -6.46 -34.84 13.73
CA ILE C 203 -7.53 -35.73 13.33
C ILE C 203 -8.85 -34.98 13.40
N TYR C 204 -9.70 -35.23 12.41
CA TYR C 204 -11.02 -34.66 12.30
C TYR C 204 -11.99 -35.82 12.17
N SER C 205 -13.21 -35.67 12.68
CA SER C 205 -14.07 -36.84 12.67
C SER C 205 -15.54 -36.45 12.72
N LYS C 206 -16.38 -37.42 12.33
CA LYS C 206 -17.82 -37.32 12.50
C LYS C 206 -18.40 -38.72 12.41
N HIS C 207 -19.59 -38.89 12.98
CA HIS C 207 -20.31 -40.15 12.94
C HIS C 207 -21.74 -39.89 12.50
N THR C 208 -22.24 -40.70 11.56
CA THR C 208 -23.58 -40.48 11.03
C THR C 208 -24.23 -41.85 10.80
N PRO C 209 -25.55 -41.94 10.90
CA PRO C 209 -26.21 -43.20 10.52
C PRO C 209 -25.99 -43.52 9.04
N ILE C 210 -25.88 -44.82 8.75
CA ILE C 210 -25.54 -45.30 7.41
C ILE C 210 -26.42 -46.48 7.04
N ASN C 211 -26.76 -46.57 5.76
CA ASN C 211 -27.47 -47.71 5.20
C ASN C 211 -26.87 -48.12 3.87
N LEU C 212 -25.54 -48.03 3.76
CA LEU C 212 -24.85 -48.28 2.50
C LEU C 212 -24.01 -49.53 2.61
N VAL C 213 -24.09 -50.39 1.60
CA VAL C 213 -23.27 -51.59 1.53
C VAL C 213 -22.12 -51.44 0.54
N ARG C 214 -22.42 -51.01 -0.69
CA ARG C 214 -21.40 -50.92 -1.71
C ARG C 214 -20.82 -49.52 -1.87
N ASP C 215 -21.55 -48.49 -1.43
CA ASP C 215 -21.18 -47.13 -1.80
C ASP C 215 -20.56 -46.34 -0.66
N LEU C 216 -20.27 -45.07 -0.93
CA LEU C 216 -19.79 -44.11 0.06
C LEU C 216 -20.81 -42.99 0.10
N PRO C 217 -21.77 -43.04 1.03
CA PRO C 217 -23.10 -42.44 0.80
C PRO C 217 -23.07 -41.02 0.24
N GLN C 218 -24.00 -40.78 -0.68
CA GLN C 218 -24.23 -39.45 -1.23
C GLN C 218 -24.66 -38.49 -0.13
N GLY C 219 -24.20 -37.23 -0.23
CA GLY C 219 -24.55 -36.23 0.75
C GLY C 219 -23.36 -35.43 1.22
N PHE C 220 -23.57 -34.50 2.14
CA PHE C 220 -22.53 -33.58 2.59
C PHE C 220 -22.53 -33.49 4.11
N SER C 221 -21.34 -33.44 4.69
CA SER C 221 -21.19 -33.31 6.13
C SER C 221 -19.76 -32.87 6.44
N ALA C 222 -19.64 -31.89 7.35
CA ALA C 222 -18.35 -31.32 7.70
C ALA C 222 -17.86 -31.91 9.03
N LEU C 223 -16.57 -32.26 9.06
CA LEU C 223 -15.97 -32.90 10.22
C LEU C 223 -15.29 -31.84 11.08
N GLU C 224 -15.61 -31.83 12.37
CA GLU C 224 -14.89 -30.83 13.16
C GLU C 224 -13.69 -31.46 13.86
N PRO C 225 -12.67 -30.67 14.18
CA PRO C 225 -11.48 -31.21 14.82
C PRO C 225 -11.81 -31.93 16.12
N LEU C 226 -11.13 -33.05 16.33
CA LEU C 226 -11.36 -33.90 17.49
C LEU C 226 -10.15 -33.98 18.41
N VAL C 227 -8.97 -34.23 17.86
CA VAL C 227 -7.72 -34.23 18.62
C VAL C 227 -6.60 -33.71 17.74
N ASP C 228 -5.65 -33.01 18.35
CA ASP C 228 -4.36 -32.73 17.74
C ASP C 228 -3.27 -33.17 18.71
N LEU C 229 -2.22 -33.79 18.18
CA LEU C 229 -1.16 -34.30 19.01
C LEU C 229 0.20 -33.74 18.57
N PRO C 230 1.00 -33.23 19.50
CA PRO C 230 2.36 -32.75 19.17
C PRO C 230 3.35 -33.91 19.08
N ILE C 231 3.37 -34.55 17.92
CA ILE C 231 4.12 -35.79 17.76
C ILE C 231 5.47 -35.52 17.11
N GLY C 232 5.46 -34.98 15.89
CA GLY C 232 6.70 -34.64 15.22
C GLY C 232 7.50 -35.83 14.71
N ILE C 233 6.84 -36.74 13.98
CA ILE C 233 7.50 -37.89 13.39
C ILE C 233 7.25 -37.89 11.89
N ASN C 234 8.10 -38.62 11.17
CA ASN C 234 7.98 -38.76 9.71
C ASN C 234 7.12 -39.99 9.43
N ILE C 235 5.95 -39.78 8.85
CA ILE C 235 4.96 -40.83 8.63
C ILE C 235 4.81 -41.08 7.14
N THR C 236 4.75 -42.36 6.77
CA THR C 236 4.73 -42.75 5.36
C THR C 236 3.69 -43.83 5.07
N ARG C 237 3.32 -44.63 6.07
CA ARG C 237 2.46 -45.77 5.84
C ARG C 237 1.58 -46.01 7.06
N PHE C 238 0.51 -46.79 6.86
CA PHE C 238 -0.40 -47.08 7.95
C PHE C 238 -1.19 -48.35 7.64
N GLN C 239 -2.11 -48.68 8.55
CA GLN C 239 -2.94 -49.87 8.44
C GLN C 239 -4.06 -49.75 9.48
N THR C 240 -5.15 -50.47 9.23
CA THR C 240 -6.27 -50.47 10.17
C THR C 240 -6.14 -51.68 11.11
N LEU C 241 -7.12 -51.82 12.01
CA LEU C 241 -7.11 -52.87 13.01
C LEU C 241 -8.51 -53.43 13.20
N LEU C 242 -8.59 -54.75 13.38
CA LEU C 242 -9.79 -55.41 13.88
C LEU C 242 -9.37 -56.44 14.91
N ALA C 243 -9.83 -56.26 16.15
CA ALA C 243 -9.30 -57.01 17.27
C ALA C 243 -10.05 -58.33 17.47
N LEU C 244 -9.41 -59.26 18.19
CA LEU C 244 -10.03 -60.55 18.48
C LEU C 244 -11.16 -60.37 19.49
N HIS C 245 -12.07 -61.33 19.50
CA HIS C 245 -13.15 -61.34 20.50
C HIS C 245 -12.60 -61.51 21.90
N GLY C 261 -14.94 -61.31 4.73
CA GLY C 261 -13.60 -61.09 5.26
C GLY C 261 -13.56 -60.09 6.41
N ALA C 262 -13.90 -58.84 6.10
CA ALA C 262 -13.92 -57.76 7.08
C ALA C 262 -15.09 -56.86 6.77
N ALA C 263 -15.29 -55.84 7.59
CA ALA C 263 -16.32 -54.84 7.34
C ALA C 263 -15.84 -53.89 6.25
N ALA C 264 -16.62 -52.86 5.96
CA ALA C 264 -16.35 -51.97 4.85
C ALA C 264 -15.60 -50.73 5.33
N TYR C 265 -14.48 -50.41 4.69
CA TYR C 265 -13.85 -49.13 4.91
C TYR C 265 -13.30 -48.60 3.60
N TYR C 266 -13.05 -47.29 3.59
CA TYR C 266 -12.78 -46.54 2.37
C TYR C 266 -11.62 -45.60 2.68
N VAL C 267 -10.64 -45.56 1.78
CA VAL C 267 -9.45 -44.74 1.97
C VAL C 267 -9.27 -43.81 0.79
N GLY C 268 -9.05 -42.52 1.09
CA GLY C 268 -8.74 -41.53 0.09
C GLY C 268 -7.57 -40.68 0.54
N TYR C 269 -7.06 -39.87 -0.39
CA TYR C 269 -5.81 -39.15 -0.18
C TYR C 269 -6.02 -37.66 -0.41
N LEU C 270 -5.66 -36.86 0.59
CA LEU C 270 -5.86 -35.42 0.51
C LEU C 270 -4.92 -34.78 -0.50
N GLN C 271 -5.32 -33.63 -1.01
CA GLN C 271 -4.54 -32.88 -1.98
C GLN C 271 -4.51 -31.41 -1.60
N PRO C 272 -3.44 -30.71 -1.94
CA PRO C 272 -3.37 -29.27 -1.64
C PRO C 272 -4.20 -28.45 -2.61
N ARG C 273 -5.50 -28.31 -2.33
CA ARG C 273 -6.43 -27.67 -3.26
C ARG C 273 -7.30 -26.66 -2.53
N THR C 274 -7.69 -25.62 -3.27
CA THR C 274 -8.42 -24.49 -2.73
C THR C 274 -9.92 -24.72 -2.84
N PHE C 275 -10.63 -24.65 -1.72
CA PHE C 275 -12.08 -24.67 -1.74
C PHE C 275 -12.64 -23.32 -1.34
N LEU C 276 -13.94 -23.19 -1.56
CA LEU C 276 -14.72 -22.06 -1.05
C LEU C 276 -15.90 -22.63 -0.29
N LEU C 277 -16.06 -22.19 0.95
CA LEU C 277 -16.91 -22.83 1.94
C LEU C 277 -18.04 -21.90 2.36
N LYS C 278 -19.22 -22.47 2.58
CA LYS C 278 -20.44 -21.73 2.89
C LYS C 278 -20.75 -21.88 4.38
N TYR C 279 -20.18 -20.99 5.19
CA TYR C 279 -20.49 -20.98 6.61
C TYR C 279 -21.92 -20.48 6.80
N ASN C 280 -22.81 -21.38 7.23
CA ASN C 280 -24.21 -21.06 7.47
C ASN C 280 -24.33 -20.15 8.69
N GLU C 281 -25.54 -19.62 8.90
CA GLU C 281 -25.78 -18.64 9.96
C GLU C 281 -25.34 -19.17 11.32
N ASN C 282 -25.52 -20.46 11.57
CA ASN C 282 -25.10 -21.04 12.85
C ASN C 282 -23.61 -21.37 12.88
N GLY C 283 -22.84 -20.94 11.90
CA GLY C 283 -21.44 -21.29 11.83
C GLY C 283 -21.16 -22.66 11.26
N THR C 284 -22.18 -23.45 10.94
CA THR C 284 -21.99 -24.79 10.41
C THR C 284 -21.69 -24.72 8.92
N ILE C 285 -20.59 -25.36 8.50
CA ILE C 285 -20.32 -25.50 7.09
C ILE C 285 -21.41 -26.36 6.46
N THR C 286 -21.95 -25.90 5.33
CA THR C 286 -23.08 -26.57 4.70
C THR C 286 -22.85 -26.88 3.22
N ASP C 287 -21.93 -26.18 2.55
CA ASP C 287 -21.61 -26.47 1.17
C ASP C 287 -20.20 -26.02 0.88
N ALA C 288 -19.62 -26.56 -0.18
CA ALA C 288 -18.29 -26.17 -0.59
C ALA C 288 -18.16 -26.39 -2.08
N VAL C 289 -17.26 -25.62 -2.70
CA VAL C 289 -16.95 -25.77 -4.11
C VAL C 289 -15.45 -25.86 -4.28
N ASP C 290 -15.02 -26.70 -5.20
CA ASP C 290 -13.60 -26.91 -5.50
C ASP C 290 -13.24 -26.07 -6.72
N CYS C 291 -12.25 -25.20 -6.57
CA CYS C 291 -11.92 -24.23 -7.60
C CYS C 291 -11.08 -24.85 -8.71
N ALA C 292 -11.05 -26.19 -8.78
CA ALA C 292 -10.36 -26.87 -9.87
C ALA C 292 -11.11 -28.09 -10.38
N LEU C 293 -12.36 -28.30 -9.96
CA LEU C 293 -13.11 -29.46 -10.42
C LEU C 293 -13.50 -29.31 -11.89
N ASP C 294 -14.04 -28.16 -12.26
CA ASP C 294 -14.49 -27.92 -13.62
C ASP C 294 -14.59 -26.41 -13.82
N PRO C 295 -14.73 -25.94 -15.07
CA PRO C 295 -14.81 -24.48 -15.29
C PRO C 295 -15.96 -23.81 -14.56
N LEU C 296 -17.11 -24.48 -14.44
CA LEU C 296 -18.24 -23.89 -13.73
C LEU C 296 -17.87 -23.55 -12.29
N SER C 297 -17.20 -24.48 -11.62
CA SER C 297 -16.78 -24.24 -10.24
C SER C 297 -15.69 -23.17 -10.20
N GLU C 298 -14.85 -23.07 -11.23
CA GLU C 298 -13.87 -22.00 -11.26
C GLU C 298 -14.56 -20.63 -11.36
N THR C 299 -15.66 -20.55 -12.11
CA THR C 299 -16.44 -19.31 -12.14
C THR C 299 -17.05 -19.02 -10.77
N LYS C 300 -17.66 -20.03 -10.17
CA LYS C 300 -18.20 -19.86 -8.82
C LYS C 300 -17.12 -19.40 -7.86
N CYS C 301 -15.88 -19.86 -8.05
CA CYS C 301 -14.76 -19.42 -7.24
C CYS C 301 -14.45 -17.95 -7.48
N THR C 302 -14.30 -17.56 -8.76
CA THR C 302 -13.90 -16.19 -9.07
C THR C 302 -15.00 -15.19 -8.72
N LEU C 303 -16.26 -15.57 -8.95
CA LEU C 303 -17.37 -14.72 -8.54
C LEU C 303 -17.60 -14.75 -7.04
N LYS C 304 -17.05 -15.73 -6.34
CA LYS C 304 -17.27 -15.92 -4.91
C LYS C 304 -18.76 -16.01 -4.59
N SER C 305 -19.40 -16.96 -5.25
CA SER C 305 -20.81 -17.27 -5.02
C SER C 305 -21.10 -18.65 -5.59
N PHE C 306 -22.23 -19.21 -5.18
CA PHE C 306 -22.64 -20.53 -5.62
C PHE C 306 -23.61 -20.49 -6.79
N THR C 307 -23.99 -19.30 -7.25
CA THR C 307 -24.90 -19.14 -8.37
C THR C 307 -24.35 -18.09 -9.31
N VAL C 308 -24.40 -18.39 -10.61
CA VAL C 308 -24.00 -17.46 -11.64
C VAL C 308 -25.17 -17.29 -12.60
N GLU C 309 -25.25 -16.14 -13.23
CA GLU C 309 -26.31 -15.84 -14.18
C GLU C 309 -25.78 -15.97 -15.60
N LYS C 310 -26.71 -16.00 -16.55
CA LYS C 310 -26.36 -16.07 -17.96
C LYS C 310 -25.37 -14.97 -18.32
N GLY C 311 -24.20 -15.37 -18.79
CA GLY C 311 -23.19 -14.41 -19.15
C GLY C 311 -21.92 -15.10 -19.57
N ILE C 312 -20.91 -14.29 -19.87
CA ILE C 312 -19.56 -14.76 -20.17
C ILE C 312 -18.63 -14.16 -19.13
N TYR C 313 -17.90 -15.02 -18.44
CA TYR C 313 -17.02 -14.61 -17.36
C TYR C 313 -15.60 -15.05 -17.66
N GLN C 314 -14.63 -14.17 -17.37
CA GLN C 314 -13.23 -14.51 -17.51
C GLN C 314 -12.71 -14.93 -16.13
N THR C 315 -12.14 -16.12 -16.06
CA THR C 315 -11.79 -16.75 -14.80
C THR C 315 -10.30 -16.79 -14.55
N SER C 316 -9.52 -17.28 -15.51
CA SER C 316 -8.08 -17.41 -15.30
C SER C 316 -7.38 -17.35 -16.65
N ASN C 317 -6.11 -17.73 -16.66
CA ASN C 317 -5.31 -17.67 -17.87
C ASN C 317 -4.71 -19.03 -18.16
N PHE C 318 -4.74 -19.41 -19.42
CA PHE C 318 -4.08 -20.60 -19.90
C PHE C 318 -2.63 -20.28 -20.24
N ARG C 319 -1.72 -21.20 -19.87
CA ARG C 319 -0.31 -21.07 -20.18
C ARG C 319 0.29 -22.46 -20.26
N VAL C 320 0.84 -22.81 -21.42
CA VAL C 320 1.53 -24.09 -21.56
C VAL C 320 2.82 -24.05 -20.76
N GLN C 321 3.23 -25.21 -20.26
CA GLN C 321 4.35 -25.26 -19.33
C GLN C 321 5.59 -25.85 -19.99
N PRO C 322 6.78 -25.48 -19.51
CA PRO C 322 8.02 -26.03 -20.08
C PRO C 322 8.13 -27.54 -19.87
N THR C 323 8.77 -28.20 -20.84
CA THR C 323 8.88 -29.65 -20.82
C THR C 323 10.15 -30.15 -20.14
N GLU C 324 11.27 -29.44 -20.28
CA GLU C 324 12.51 -29.86 -19.64
C GLU C 324 13.47 -28.68 -19.63
N SER C 325 14.51 -28.80 -18.81
CA SER C 325 15.54 -27.79 -18.70
C SER C 325 16.68 -28.06 -19.67
N ILE C 326 17.31 -26.98 -20.12
CA ILE C 326 18.53 -27.06 -20.92
C ILE C 326 19.51 -26.03 -20.37
N VAL C 327 20.78 -26.43 -20.26
CA VAL C 327 21.84 -25.57 -19.72
C VAL C 327 22.97 -25.52 -20.72
N ARG C 328 23.26 -24.32 -21.22
CA ARG C 328 24.33 -24.11 -22.19
C ARG C 328 25.38 -23.20 -21.58
N PHE C 329 26.62 -23.66 -21.53
CA PHE C 329 27.78 -22.94 -21.06
C PHE C 329 28.87 -23.04 -22.12
N PRO C 330 29.95 -22.27 -22.00
CA PRO C 330 31.03 -22.36 -22.99
C PRO C 330 31.92 -23.57 -22.73
N ASN C 331 32.86 -23.77 -23.67
CA ASN C 331 33.78 -24.90 -23.62
C ASN C 331 35.00 -24.65 -22.75
N ILE C 332 34.93 -23.73 -21.78
CA ILE C 332 36.07 -23.48 -20.90
C ILE C 332 36.43 -24.75 -20.16
N THR C 333 37.73 -25.03 -20.06
CA THR C 333 38.21 -26.25 -19.43
C THR C 333 39.13 -26.02 -18.24
N ASN C 334 39.89 -24.94 -18.21
CA ASN C 334 40.83 -24.69 -17.13
C ASN C 334 40.09 -24.34 -15.84
N LEU C 335 40.80 -24.51 -14.73
CA LEU C 335 40.35 -24.04 -13.42
C LEU C 335 41.27 -22.92 -12.97
N CYS C 336 40.75 -21.70 -12.84
CA CYS C 336 41.60 -20.57 -12.49
C CYS C 336 42.27 -20.79 -11.15
N PRO C 337 43.54 -20.44 -11.01
CA PRO C 337 44.29 -20.70 -9.78
C PRO C 337 43.92 -19.73 -8.65
N PHE C 338 42.82 -20.05 -7.97
CA PHE C 338 42.47 -19.30 -6.77
C PHE C 338 43.48 -19.57 -5.67
N GLY C 339 44.02 -20.79 -5.59
CA GLY C 339 45.10 -21.05 -4.65
C GLY C 339 46.28 -20.13 -4.86
N GLU C 340 46.65 -19.87 -6.11
CA GLU C 340 47.75 -18.95 -6.39
C GLU C 340 47.51 -17.59 -5.77
N VAL C 341 46.26 -17.23 -5.52
CA VAL C 341 45.91 -16.04 -4.75
C VAL C 341 45.70 -16.37 -3.27
N PHE C 342 45.01 -17.48 -2.98
CA PHE C 342 44.70 -17.83 -1.61
C PHE C 342 45.86 -18.50 -0.89
N ASN C 343 46.81 -19.07 -1.63
CA ASN C 343 47.99 -19.70 -1.04
C ASN C 343 49.27 -18.96 -1.42
N ALA C 344 49.17 -17.69 -1.79
CA ALA C 344 50.36 -16.89 -2.05
C ALA C 344 51.03 -16.52 -0.74
N THR C 345 52.34 -16.72 -0.67
CA THR C 345 53.05 -16.60 0.59
C THR C 345 53.03 -15.16 1.12
N ARG C 346 53.62 -14.24 0.35
CA ARG C 346 53.79 -12.87 0.78
C ARG C 346 52.83 -11.98 0.01
N PHE C 347 51.82 -11.46 0.70
CA PHE C 347 50.95 -10.45 0.12
C PHE C 347 51.61 -9.08 0.20
N ALA C 348 50.84 -8.05 -0.10
CA ALA C 348 51.25 -6.67 0.10
C ALA C 348 50.36 -6.04 1.15
N SER C 349 50.58 -4.75 1.39
CA SER C 349 49.75 -4.02 2.33
C SER C 349 48.64 -3.28 1.59
N VAL C 350 47.72 -2.69 2.37
CA VAL C 350 46.57 -2.02 1.80
C VAL C 350 46.99 -0.81 0.97
N TYR C 351 48.19 -0.27 1.20
CA TYR C 351 48.68 0.82 0.37
C TYR C 351 48.83 0.39 -1.08
N ALA C 352 49.33 -0.82 -1.30
CA ALA C 352 49.65 -1.35 -2.63
C ALA C 352 48.99 -2.71 -2.83
N TRP C 353 47.70 -2.80 -2.53
CA TRP C 353 46.96 -4.05 -2.65
C TRP C 353 47.09 -4.64 -4.05
N ASN C 354 47.37 -5.95 -4.11
CA ASN C 354 47.63 -6.59 -5.38
C ASN C 354 46.32 -6.90 -6.10
N ARG C 355 46.28 -6.61 -7.40
CA ARG C 355 45.14 -6.93 -8.24
C ARG C 355 45.52 -8.05 -9.20
N LYS C 356 44.72 -9.10 -9.22
CA LYS C 356 44.84 -10.17 -10.22
C LYS C 356 43.54 -10.25 -11.01
N ARG C 357 43.65 -10.49 -12.30
CA ARG C 357 42.48 -10.57 -13.17
C ARG C 357 42.24 -12.02 -13.56
N ILE C 358 40.99 -12.46 -13.45
CA ILE C 358 40.60 -13.85 -13.61
C ILE C 358 39.57 -13.94 -14.73
N SER C 359 39.85 -14.80 -15.71
CA SER C 359 38.96 -14.98 -16.86
C SER C 359 39.29 -16.28 -17.57
N ASN C 360 38.34 -16.76 -18.37
CA ASN C 360 38.49 -17.88 -19.29
C ASN C 360 38.91 -19.17 -18.55
N CYS C 361 38.01 -19.63 -17.69
CA CYS C 361 38.17 -20.93 -17.05
C CYS C 361 36.84 -21.33 -16.43
N VAL C 362 36.88 -22.39 -15.61
CA VAL C 362 35.74 -22.83 -14.82
C VAL C 362 36.13 -22.69 -13.36
N ALA C 363 35.31 -22.00 -12.58
CA ALA C 363 35.61 -21.70 -11.19
C ALA C 363 34.65 -22.44 -10.27
N ASP C 364 35.21 -23.13 -9.29
CA ASP C 364 34.43 -23.87 -8.30
C ASP C 364 34.44 -23.07 -7.00
N TYR C 365 33.52 -22.12 -6.89
CA TYR C 365 33.42 -21.32 -5.68
C TYR C 365 32.97 -22.15 -4.48
N SER C 366 32.43 -23.34 -4.72
CA SER C 366 31.95 -24.17 -3.62
C SER C 366 33.09 -24.59 -2.70
N VAL C 367 34.25 -24.92 -3.26
CA VAL C 367 35.37 -25.35 -2.43
C VAL C 367 35.86 -24.21 -1.54
N LEU C 368 35.76 -22.96 -2.03
CA LEU C 368 36.11 -21.83 -1.19
C LEU C 368 35.05 -21.58 -0.12
N TYR C 369 33.77 -21.69 -0.50
CA TYR C 369 32.69 -21.45 0.45
C TYR C 369 32.73 -22.45 1.60
N ASN C 370 32.93 -23.72 1.29
CA ASN C 370 32.93 -24.75 2.32
C ASN C 370 34.21 -24.74 3.14
N SER C 371 35.31 -24.25 2.56
CA SER C 371 36.58 -24.18 3.27
C SER C 371 36.46 -23.33 4.53
N ALA C 372 36.60 -23.97 5.69
CA ALA C 372 36.41 -23.28 6.96
C ALA C 372 37.58 -22.39 7.36
N SER C 373 38.69 -22.44 6.62
CA SER C 373 39.86 -21.67 6.99
C SER C 373 39.59 -20.16 6.94
N PHE C 374 38.62 -19.73 6.15
CA PHE C 374 38.33 -18.32 6.01
C PHE C 374 37.64 -17.80 7.27
N SER C 375 38.20 -16.75 7.87
CA SER C 375 37.60 -16.17 9.07
C SER C 375 36.24 -15.58 8.76
N THR C 376 36.10 -14.89 7.63
CA THR C 376 34.83 -14.35 7.20
C THR C 376 34.71 -14.50 5.69
N PHE C 377 33.51 -14.83 5.23
CA PHE C 377 33.23 -15.13 3.82
C PHE C 377 31.87 -14.50 3.51
N LYS C 378 31.88 -13.26 3.05
CA LYS C 378 30.65 -12.46 3.03
C LYS C 378 30.47 -11.85 1.64
N CYS C 379 29.34 -12.15 1.00
CA CYS C 379 29.08 -11.73 -0.37
C CYS C 379 27.97 -10.69 -0.41
N TYR C 380 28.14 -9.69 -1.29
CA TYR C 380 27.24 -8.55 -1.43
C TYR C 380 26.72 -8.53 -2.86
N GLY C 381 25.41 -8.34 -3.02
CA GLY C 381 24.79 -8.32 -4.31
C GLY C 381 24.63 -9.68 -4.95
N VAL C 382 25.13 -10.73 -4.31
CA VAL C 382 24.99 -12.09 -4.79
C VAL C 382 25.05 -13.02 -3.59
N SER C 383 24.25 -14.07 -3.60
CA SER C 383 24.27 -15.01 -2.51
C SER C 383 25.38 -16.03 -2.72
N PRO C 384 26.17 -16.35 -1.69
CA PRO C 384 27.34 -17.21 -1.89
C PRO C 384 27.02 -18.58 -2.45
N THR C 385 25.85 -19.13 -2.15
CA THR C 385 25.53 -20.49 -2.58
C THR C 385 25.14 -20.57 -4.07
N LYS C 386 24.89 -19.44 -4.72
CA LYS C 386 24.51 -19.43 -6.12
C LYS C 386 25.64 -19.01 -7.05
N LEU C 387 26.87 -18.97 -6.54
CA LEU C 387 28.00 -18.65 -7.42
C LEU C 387 28.21 -19.71 -8.48
N ASN C 388 28.00 -20.98 -8.13
CA ASN C 388 28.38 -22.08 -9.01
C ASN C 388 27.61 -22.09 -10.32
N ASP C 389 26.36 -21.63 -10.34
CA ASP C 389 25.58 -21.65 -11.56
C ASP C 389 25.48 -20.30 -12.25
N LEU C 390 26.27 -19.32 -11.84
CA LEU C 390 26.31 -18.04 -12.54
C LEU C 390 27.45 -18.03 -13.57
N CYS C 391 27.45 -16.99 -14.39
CA CYS C 391 28.54 -16.75 -15.34
C CYS C 391 28.83 -15.26 -15.36
N PHE C 392 30.08 -14.90 -15.07
CA PHE C 392 30.54 -13.52 -15.09
C PHE C 392 31.46 -13.30 -16.29
N THR C 393 31.67 -12.02 -16.60
CA THR C 393 32.63 -11.67 -17.65
C THR C 393 34.06 -11.82 -17.14
N ASN C 394 34.39 -11.11 -16.06
CA ASN C 394 35.71 -11.26 -15.47
C ASN C 394 35.66 -10.96 -13.98
N VAL C 395 36.67 -11.45 -13.27
CA VAL C 395 36.76 -11.32 -11.82
C VAL C 395 38.05 -10.58 -11.47
N TYR C 396 37.99 -9.72 -10.47
CA TYR C 396 39.16 -9.04 -9.94
C TYR C 396 39.39 -9.50 -8.52
N ALA C 397 40.56 -10.03 -8.24
CA ALA C 397 40.95 -10.46 -6.90
C ALA C 397 41.92 -9.43 -6.35
N ASP C 398 41.50 -8.69 -5.34
CA ASP C 398 42.35 -7.72 -4.65
C ASP C 398 42.80 -8.34 -3.34
N SER C 399 44.10 -8.58 -3.21
CA SER C 399 44.67 -9.29 -2.07
C SER C 399 45.62 -8.38 -1.32
N PHE C 400 45.49 -8.35 0.00
CA PHE C 400 46.37 -7.54 0.85
C PHE C 400 46.17 -7.99 2.30
N VAL C 401 46.73 -7.24 3.24
CA VAL C 401 46.75 -7.60 4.65
C VAL C 401 46.16 -6.45 5.46
N ILE C 402 45.41 -6.79 6.51
CA ILE C 402 44.75 -5.82 7.36
C ILE C 402 44.83 -6.29 8.80
N ARG C 403 44.38 -5.46 9.72
CA ARG C 403 44.41 -5.78 11.15
C ARG C 403 43.22 -6.65 11.52
N GLY C 404 43.28 -7.21 12.73
CA GLY C 404 42.16 -7.99 13.23
C GLY C 404 40.88 -7.18 13.33
N ASP C 405 40.98 -5.97 13.88
CA ASP C 405 39.88 -5.03 13.80
C ASP C 405 39.98 -4.23 12.51
N GLU C 406 38.97 -3.41 12.26
CA GLU C 406 38.85 -2.55 11.08
C GLU C 406 38.70 -3.35 9.79
N VAL C 407 38.55 -4.67 9.88
CA VAL C 407 38.23 -5.45 8.68
C VAL C 407 36.82 -5.13 8.21
N ARG C 408 35.95 -4.73 9.14
CA ARG C 408 34.57 -4.37 8.80
C ARG C 408 34.48 -3.06 8.02
N GLN C 409 35.56 -2.28 7.95
CA GLN C 409 35.56 -1.06 7.17
C GLN C 409 35.55 -1.32 5.67
N ILE C 410 35.77 -2.56 5.24
CA ILE C 410 35.80 -2.90 3.82
C ILE C 410 34.39 -3.31 3.44
N ALA C 411 33.61 -2.34 2.97
CA ALA C 411 32.23 -2.54 2.58
C ALA C 411 31.75 -1.28 1.87
N PRO C 412 30.72 -1.40 1.04
CA PRO C 412 30.14 -0.21 0.40
C PRO C 412 29.69 0.81 1.44
N GLY C 413 30.18 2.04 1.28
CA GLY C 413 29.79 3.11 2.18
C GLY C 413 30.15 2.89 3.63
N GLN C 414 31.35 2.37 3.88
CA GLN C 414 31.86 2.23 5.23
C GLN C 414 32.97 3.25 5.47
N THR C 415 32.93 3.89 6.62
CA THR C 415 33.91 4.89 7.00
C THR C 415 35.04 4.26 7.80
N GLY C 416 36.17 4.95 7.82
CA GLY C 416 37.38 4.46 8.48
C GLY C 416 38.59 4.94 7.71
N LYS C 417 39.73 5.03 8.41
CA LYS C 417 40.94 5.56 7.81
C LYS C 417 41.38 4.71 6.62
N ILE C 418 41.32 3.38 6.76
CA ILE C 418 41.64 2.50 5.64
C ILE C 418 40.66 2.72 4.49
N ALA C 419 39.37 2.81 4.82
CA ALA C 419 38.35 2.94 3.78
C ALA C 419 38.32 4.36 3.21
N ASP C 420 38.94 5.32 3.88
CA ASP C 420 38.91 6.71 3.41
C ASP C 420 40.21 7.17 2.79
N TYR C 421 41.31 6.43 2.96
CA TYR C 421 42.57 6.81 2.35
C TYR C 421 43.29 5.68 1.64
N ASN C 422 42.94 4.42 1.89
CA ASN C 422 43.70 3.29 1.37
C ASN C 422 42.94 2.50 0.31
N TYR C 423 41.76 2.00 0.61
CA TYR C 423 41.05 1.11 -0.31
C TYR C 423 39.54 1.29 -0.07
N LYS C 424 38.90 2.09 -0.92
CA LYS C 424 37.49 2.42 -0.78
C LYS C 424 36.67 1.60 -1.77
N LEU C 425 35.78 0.77 -1.25
CA LEU C 425 34.86 0.04 -2.11
C LEU C 425 33.73 0.96 -2.57
N PRO C 426 33.23 0.77 -3.79
CA PRO C 426 32.09 1.56 -4.24
C PRO C 426 30.82 1.19 -3.50
N ASP C 427 29.83 2.08 -3.57
CA ASP C 427 28.56 1.86 -2.88
C ASP C 427 27.75 0.76 -3.56
N ASP C 428 27.88 0.61 -4.87
CA ASP C 428 27.15 -0.41 -5.64
C ASP C 428 28.01 -1.64 -5.91
N PHE C 429 28.87 -2.00 -4.97
CA PHE C 429 29.76 -3.14 -5.15
C PHE C 429 28.97 -4.43 -5.24
N THR C 430 29.46 -5.34 -6.08
CA THR C 430 28.90 -6.69 -6.20
C THR C 430 30.05 -7.68 -6.19
N GLY C 431 30.09 -8.53 -5.17
CA GLY C 431 31.21 -9.44 -5.02
C GLY C 431 31.38 -9.84 -3.57
N CYS C 432 32.48 -10.53 -3.29
CA CYS C 432 32.65 -11.14 -1.98
C CYS C 432 33.92 -10.64 -1.31
N VAL C 433 33.90 -10.65 0.02
CA VAL C 433 35.03 -10.28 0.86
C VAL C 433 35.41 -11.49 1.69
N ILE C 434 36.70 -11.86 1.65
CA ILE C 434 37.21 -13.05 2.31
C ILE C 434 38.33 -12.63 3.24
N ALA C 435 38.20 -12.98 4.51
CA ALA C 435 39.22 -12.69 5.51
C ALA C 435 39.65 -13.98 6.18
N TRP C 436 40.96 -14.14 6.38
CA TRP C 436 41.49 -15.34 7.02
C TRP C 436 42.84 -15.02 7.65
N ASN C 437 43.09 -15.60 8.81
CA ASN C 437 44.23 -15.19 9.62
C ASN C 437 45.54 -15.66 9.01
N SER C 438 46.51 -14.75 8.94
CA SER C 438 47.85 -15.02 8.41
C SER C 438 48.91 -14.46 9.35
N ASN C 439 48.74 -14.72 10.66
CA ASN C 439 49.66 -14.19 11.64
C ASN C 439 51.00 -14.94 11.62
N ASN C 440 50.95 -16.27 11.70
CA ASN C 440 52.17 -17.06 11.73
C ASN C 440 52.92 -17.02 10.41
N LEU C 441 52.30 -16.51 9.35
CA LEU C 441 52.99 -16.28 8.09
C LEU C 441 53.51 -14.86 7.95
N ASP C 442 53.19 -13.97 8.89
CA ASP C 442 53.66 -12.59 8.84
C ASP C 442 54.10 -12.05 10.20
N SER C 443 54.01 -12.83 11.27
CA SER C 443 54.38 -12.35 12.60
C SER C 443 55.11 -13.43 13.38
N TYR C 449 57.86 -6.11 11.19
CA TYR C 449 57.10 -4.95 10.72
C TYR C 449 57.38 -4.67 9.25
N ASN C 450 57.40 -5.73 8.44
CA ASN C 450 57.68 -5.59 7.02
C ASN C 450 56.60 -4.79 6.30
N TYR C 451 55.37 -4.81 6.79
CA TYR C 451 54.26 -4.13 6.14
C TYR C 451 54.18 -2.66 6.58
N LEU C 452 53.39 -1.89 5.85
CA LEU C 452 53.27 -0.46 6.11
C LEU C 452 52.00 0.06 5.44
N TYR C 453 51.37 1.04 6.08
CA TYR C 453 50.15 1.65 5.56
C TYR C 453 49.90 2.94 6.30
N ARG C 454 48.81 3.63 5.92
CA ARG C 454 48.43 4.86 6.60
C ARG C 454 47.38 4.59 7.67
N ASN C 460 40.23 10.40 1.38
CA ASN C 460 39.06 10.76 0.59
C ASN C 460 39.23 10.31 -0.86
N LEU C 461 39.86 9.15 -1.04
CA LEU C 461 40.14 8.63 -2.37
C LEU C 461 38.87 8.11 -3.02
N LYS C 462 38.86 8.11 -4.35
CA LYS C 462 37.72 7.62 -5.11
C LYS C 462 37.63 6.09 -5.00
N PRO C 463 36.47 5.52 -5.29
CA PRO C 463 36.34 4.06 -5.23
C PRO C 463 37.32 3.37 -6.19
N PHE C 464 37.87 2.25 -5.73
CA PHE C 464 38.86 1.47 -6.49
C PHE C 464 40.02 2.35 -6.94
N GLU C 465 40.50 3.21 -6.05
CA GLU C 465 41.70 3.98 -6.32
C GLU C 465 42.92 3.25 -5.79
N ARG C 466 44.09 3.71 -6.22
CA ARG C 466 45.35 3.04 -5.88
C ARG C 466 46.41 4.14 -5.75
N ASP C 467 46.64 4.60 -4.52
CA ASP C 467 47.55 5.71 -4.26
C ASP C 467 48.73 5.20 -3.43
N ILE C 468 49.91 5.19 -4.04
CA ILE C 468 51.16 4.89 -3.34
C ILE C 468 52.10 6.04 -3.65
N SER C 469 52.11 7.04 -2.77
CA SER C 469 52.92 8.24 -2.97
C SER C 469 53.28 8.83 -1.62
N THR C 470 54.28 9.71 -1.62
CA THR C 470 54.75 10.36 -0.41
C THR C 470 54.95 11.84 -0.68
N GLU C 471 54.64 12.66 0.31
CA GLU C 471 54.81 14.11 0.21
C GLU C 471 55.67 14.63 1.35
N ASN C 487 55.15 20.61 7.27
CA ASN C 487 55.29 19.42 8.08
C ASN C 487 55.94 18.30 7.28
N CYS C 488 56.98 17.68 7.86
CA CYS C 488 57.68 16.57 7.23
C CYS C 488 57.02 15.27 7.68
N TYR C 489 56.24 14.66 6.79
CA TYR C 489 55.53 13.43 7.09
C TYR C 489 55.69 12.43 5.95
N PHE C 490 55.78 11.16 6.30
CA PHE C 490 55.56 10.09 5.34
C PHE C 490 54.39 9.24 5.84
N PRO C 491 53.27 9.22 5.09
CA PRO C 491 52.03 8.69 5.66
C PRO C 491 52.09 7.23 6.08
N LEU C 492 52.86 6.41 5.39
CA LEU C 492 52.81 4.96 5.58
C LEU C 492 53.46 4.59 6.91
N GLN C 493 52.64 4.48 7.96
CA GLN C 493 53.09 4.01 9.26
C GLN C 493 53.11 2.48 9.24
N SER C 494 54.26 1.91 9.57
CA SER C 494 54.45 0.48 9.40
C SER C 494 53.51 -0.32 10.30
N TYR C 495 53.16 -1.52 9.83
CA TYR C 495 52.24 -2.39 10.54
C TYR C 495 52.97 -3.06 11.70
N GLY C 496 52.28 -3.20 12.83
CA GLY C 496 52.87 -3.77 14.02
C GLY C 496 52.92 -5.29 14.01
N PHE C 497 53.84 -5.86 13.24
CA PHE C 497 54.02 -7.30 13.19
C PHE C 497 54.51 -7.80 14.54
N GLN C 498 53.99 -8.95 14.96
CA GLN C 498 54.34 -9.51 16.26
C GLN C 498 54.96 -10.90 16.12
N VAL C 503 46.02 -10.24 19.96
CA VAL C 503 45.19 -10.79 18.90
C VAL C 503 44.31 -9.69 18.33
N GLY C 504 44.25 -8.54 19.03
CA GLY C 504 43.45 -7.42 18.56
C GLY C 504 43.89 -6.88 17.22
N TYR C 505 45.19 -6.90 16.94
CA TYR C 505 45.72 -6.57 15.62
C TYR C 505 46.35 -7.77 14.95
N GLN C 506 45.92 -8.97 15.29
CA GLN C 506 46.43 -10.17 14.64
C GLN C 506 46.16 -10.08 13.14
N PRO C 507 47.19 -10.17 12.30
CA PRO C 507 47.01 -9.84 10.88
C PRO C 507 46.08 -10.81 10.17
N TYR C 508 45.12 -10.26 9.44
CA TYR C 508 44.22 -11.01 8.59
C TYR C 508 44.59 -10.74 7.14
N ARG C 509 44.89 -11.79 6.39
CA ARG C 509 45.00 -11.69 4.95
C ARG C 509 43.60 -11.63 4.38
N VAL C 510 43.35 -10.64 3.53
CA VAL C 510 42.01 -10.35 3.03
C VAL C 510 42.07 -10.23 1.51
N VAL C 511 41.08 -10.83 0.85
CA VAL C 511 40.92 -10.71 -0.59
C VAL C 511 39.50 -10.25 -0.88
N VAL C 512 39.34 -9.58 -2.01
CA VAL C 512 38.07 -9.03 -2.46
C VAL C 512 37.86 -9.49 -3.89
N LEU C 513 36.80 -10.26 -4.12
CA LEU C 513 36.43 -10.73 -5.45
C LEU C 513 35.35 -9.81 -6.00
N SER C 514 35.67 -9.08 -7.06
CA SER C 514 34.73 -8.21 -7.73
C SER C 514 34.35 -8.83 -9.08
N PHE C 515 33.06 -9.03 -9.29
CA PHE C 515 32.55 -9.63 -10.51
C PHE C 515 32.07 -8.53 -11.45
N GLU C 516 32.30 -8.72 -12.75
CA GLU C 516 31.75 -7.80 -13.74
C GLU C 516 30.65 -8.53 -14.50
N LEU C 517 29.41 -8.34 -14.07
CA LEU C 517 28.27 -9.03 -14.68
C LEU C 517 27.85 -8.35 -15.97
N LEU C 518 27.54 -9.16 -16.97
CA LEU C 518 26.77 -8.76 -18.16
C LEU C 518 27.45 -7.68 -19.00
N HIS C 519 28.68 -7.29 -18.68
CA HIS C 519 29.37 -6.25 -19.42
C HIS C 519 30.07 -6.77 -20.67
N ALA C 520 30.08 -8.08 -20.89
CA ALA C 520 30.87 -8.71 -21.94
C ALA C 520 30.40 -10.15 -22.11
N PRO C 521 30.95 -10.92 -23.06
CA PRO C 521 30.68 -12.36 -23.06
C PRO C 521 31.11 -12.98 -21.75
N ALA C 522 30.28 -13.90 -21.26
CA ALA C 522 30.65 -14.64 -20.06
C ALA C 522 31.84 -15.53 -20.35
N THR C 523 32.93 -15.33 -19.62
CA THR C 523 34.13 -16.14 -19.86
C THR C 523 34.39 -17.02 -18.64
N VAL C 524 34.40 -16.44 -17.44
CA VAL C 524 34.58 -17.23 -16.23
C VAL C 524 33.20 -17.70 -15.79
N CYS C 525 33.05 -19.02 -15.66
CA CYS C 525 31.77 -19.62 -15.36
C CYS C 525 31.93 -20.64 -14.23
N GLY C 526 30.82 -21.29 -13.90
CA GLY C 526 30.84 -22.29 -12.86
C GLY C 526 30.96 -23.69 -13.41
N PRO C 527 30.93 -24.67 -12.51
CA PRO C 527 31.10 -26.07 -12.90
C PRO C 527 29.82 -26.77 -13.35
N LYS C 528 28.72 -26.06 -13.56
CA LYS C 528 27.50 -26.71 -14.01
C LYS C 528 27.70 -27.28 -15.41
N LYS C 529 27.16 -28.47 -15.64
CA LYS C 529 27.40 -29.17 -16.89
C LYS C 529 26.59 -28.56 -18.02
N SER C 530 27.03 -28.83 -19.25
CA SER C 530 26.27 -28.41 -20.43
C SER C 530 25.14 -29.40 -20.69
N THR C 531 24.42 -29.19 -21.80
CA THR C 531 23.29 -30.03 -22.14
C THR C 531 22.97 -29.84 -23.61
N ASN C 532 22.32 -30.85 -24.20
CA ASN C 532 21.89 -30.77 -25.59
C ASN C 532 20.95 -29.59 -25.81
N LEU C 533 20.79 -29.21 -27.08
CA LEU C 533 19.92 -28.11 -27.47
C LEU C 533 18.66 -28.66 -28.12
N VAL C 534 17.51 -28.19 -27.66
CA VAL C 534 16.21 -28.64 -28.16
C VAL C 534 15.50 -27.46 -28.80
N LYS C 535 14.58 -27.76 -29.73
CA LYS C 535 13.92 -26.74 -30.52
C LYS C 535 12.40 -26.93 -30.48
N ASN C 536 11.71 -25.81 -30.71
CA ASN C 536 10.26 -25.81 -30.97
C ASN C 536 9.45 -26.41 -29.84
N LYS C 537 9.95 -26.34 -28.61
CA LYS C 537 9.23 -26.81 -27.44
C LYS C 537 9.45 -25.85 -26.29
N CYS C 538 8.37 -25.57 -25.55
CA CYS C 538 8.45 -24.72 -24.38
C CYS C 538 9.43 -25.33 -23.38
N VAL C 539 10.55 -24.64 -23.14
CA VAL C 539 11.56 -25.09 -22.20
C VAL C 539 11.96 -23.92 -21.32
N ASN C 540 12.47 -24.26 -20.13
CA ASN C 540 13.07 -23.27 -19.23
C ASN C 540 14.58 -23.35 -19.41
N PHE C 541 15.10 -22.44 -20.22
CA PHE C 541 16.48 -22.48 -20.69
C PHE C 541 17.41 -21.65 -19.81
N ASN C 542 18.70 -21.93 -19.95
CA ASN C 542 19.76 -21.22 -19.23
C ASN C 542 20.94 -21.10 -20.17
N PHE C 543 21.34 -19.86 -20.48
CA PHE C 543 22.45 -19.57 -21.37
C PHE C 543 23.43 -18.66 -20.64
N ASN C 544 24.59 -19.21 -20.26
CA ASN C 544 25.64 -18.44 -19.58
C ASN C 544 25.10 -17.74 -18.34
N GLY C 545 24.34 -18.47 -17.53
CA GLY C 545 23.73 -17.87 -16.36
C GLY C 545 22.57 -16.95 -16.67
N LEU C 546 21.95 -17.09 -17.83
CA LEU C 546 20.81 -16.28 -18.23
C LEU C 546 19.59 -17.18 -18.28
N THR C 547 18.65 -16.93 -17.38
CA THR C 547 17.49 -17.80 -17.22
C THR C 547 16.31 -17.27 -18.03
N GLY C 548 15.54 -18.19 -18.58
CA GLY C 548 14.34 -17.78 -19.30
C GLY C 548 13.46 -18.97 -19.60
N THR C 549 12.35 -18.70 -20.28
CA THR C 549 11.41 -19.75 -20.68
C THR C 549 10.80 -19.38 -22.02
N GLY C 550 10.68 -20.36 -22.90
CA GLY C 550 10.13 -20.11 -24.21
C GLY C 550 10.47 -21.22 -25.18
N VAL C 551 10.21 -20.95 -26.46
CA VAL C 551 10.50 -21.87 -27.55
C VAL C 551 11.60 -21.26 -28.40
N LEU C 552 12.61 -22.06 -28.72
CA LEU C 552 13.76 -21.63 -29.49
C LEU C 552 13.59 -22.12 -30.93
N THR C 553 13.50 -21.19 -31.86
CA THR C 553 13.30 -21.51 -33.27
C THR C 553 14.45 -20.95 -34.10
N GLU C 554 14.47 -21.36 -35.37
CA GLU C 554 15.43 -20.82 -36.31
C GLU C 554 15.06 -19.39 -36.66
N SER C 555 16.05 -18.50 -36.64
CA SER C 555 15.85 -17.10 -36.94
C SER C 555 16.62 -16.71 -38.18
N ASN C 556 16.00 -15.86 -39.00
CA ASN C 556 16.66 -15.30 -40.18
C ASN C 556 17.33 -13.96 -39.87
N LYS C 557 17.29 -13.52 -38.62
CA LYS C 557 17.97 -12.29 -38.22
C LYS C 557 19.47 -12.52 -38.25
N LYS C 558 20.19 -11.63 -38.95
CA LYS C 558 21.62 -11.79 -39.19
C LYS C 558 22.38 -10.90 -38.22
N PHE C 559 22.84 -11.49 -37.12
CA PHE C 559 23.71 -10.77 -36.20
C PHE C 559 24.99 -10.35 -36.90
N LEU C 560 25.50 -9.19 -36.54
CA LEU C 560 26.88 -8.88 -36.84
C LEU C 560 27.78 -9.75 -35.96
N PRO C 561 28.99 -10.06 -36.41
CA PRO C 561 29.81 -11.06 -35.72
C PRO C 561 30.06 -10.82 -34.23
N PHE C 562 29.65 -9.68 -33.68
CA PHE C 562 29.97 -9.38 -32.29
C PHE C 562 28.78 -9.37 -31.35
N GLN C 563 27.55 -9.34 -31.84
CA GLN C 563 26.43 -9.44 -30.92
C GLN C 563 26.28 -10.86 -30.39
N GLN C 564 25.55 -10.98 -29.28
CA GLN C 564 25.37 -12.27 -28.63
C GLN C 564 23.90 -12.54 -28.32
N PHE C 565 23.08 -11.50 -28.34
CA PHE C 565 21.65 -11.64 -28.15
C PHE C 565 20.96 -10.36 -28.55
N GLY C 566 19.80 -10.48 -29.20
CA GLY C 566 19.01 -9.33 -29.58
C GLY C 566 18.04 -8.95 -28.47
N ARG C 567 17.79 -7.66 -28.36
CA ARG C 567 16.86 -7.14 -27.36
C ARG C 567 15.69 -6.44 -28.05
N ASP C 568 14.62 -6.27 -27.29
CA ASP C 568 13.46 -5.51 -27.75
C ASP C 568 12.83 -4.82 -26.55
N ILE C 569 11.89 -3.93 -26.84
CA ILE C 569 11.25 -3.05 -25.87
C ILE C 569 10.80 -3.82 -24.63
N ALA C 570 10.92 -3.18 -23.46
CA ALA C 570 10.67 -3.78 -22.15
C ALA C 570 11.75 -4.77 -21.75
N ASP C 571 12.94 -4.64 -22.31
CA ASP C 571 14.08 -5.51 -22.00
C ASP C 571 13.75 -6.98 -22.23
N THR C 572 13.20 -7.23 -23.42
CA THR C 572 12.81 -8.57 -23.83
C THR C 572 13.92 -9.20 -24.66
N THR C 573 14.46 -10.31 -24.17
CA THR C 573 15.51 -11.04 -24.88
C THR C 573 14.89 -11.74 -26.07
N ASP C 574 15.04 -11.15 -27.26
CA ASP C 574 14.38 -11.68 -28.44
C ASP C 574 15.17 -12.81 -29.08
N ALA C 575 16.50 -12.75 -29.07
CA ALA C 575 17.32 -13.75 -29.73
C ALA C 575 18.56 -14.03 -28.88
N VAL C 576 19.39 -14.96 -29.35
CA VAL C 576 20.63 -15.28 -28.67
C VAL C 576 21.53 -16.07 -29.61
N ARG C 577 22.85 -16.01 -29.40
CA ARG C 577 23.77 -16.98 -30.01
C ARG C 577 24.21 -17.93 -28.92
N ASP C 578 24.00 -19.23 -29.15
CA ASP C 578 24.25 -20.21 -28.10
C ASP C 578 25.75 -20.42 -27.89
N PRO C 579 26.18 -20.69 -26.66
CA PRO C 579 27.59 -21.02 -26.44
C PRO C 579 27.92 -22.36 -27.05
N GLN C 580 29.19 -22.50 -27.46
CA GLN C 580 29.76 -23.71 -28.03
C GLN C 580 29.22 -24.04 -29.41
N THR C 581 28.23 -23.29 -29.91
CA THR C 581 27.73 -23.53 -31.26
C THR C 581 27.56 -22.26 -32.09
N LEU C 582 27.41 -21.09 -31.47
CA LEU C 582 27.30 -19.80 -32.13
C LEU C 582 26.06 -19.68 -33.02
N GLU C 583 25.10 -20.59 -32.88
CA GLU C 583 23.90 -20.53 -33.68
C GLU C 583 22.93 -19.49 -33.14
N ILE C 584 22.28 -18.76 -34.05
CA ILE C 584 21.37 -17.69 -33.68
C ILE C 584 19.96 -18.28 -33.51
N LEU C 585 19.53 -18.39 -32.26
CA LEU C 585 18.21 -18.89 -31.93
C LEU C 585 17.28 -17.74 -31.60
N ASP C 586 16.04 -17.83 -32.07
CA ASP C 586 15.00 -16.86 -31.76
C ASP C 586 14.14 -17.40 -30.62
N ILE C 587 13.97 -16.60 -29.58
CA ILE C 587 13.17 -16.98 -28.41
C ILE C 587 11.77 -16.43 -28.61
N THR C 588 10.77 -17.27 -28.33
CA THR C 588 9.39 -16.83 -28.39
C THR C 588 8.67 -17.29 -27.14
N PRO C 589 7.88 -16.43 -26.50
CA PRO C 589 7.19 -16.84 -25.28
C PRO C 589 6.21 -17.97 -25.54
N CYS C 590 6.03 -18.82 -24.54
CA CYS C 590 5.17 -19.97 -24.69
C CYS C 590 3.71 -19.54 -24.81
N SER C 591 2.88 -20.45 -25.32
CA SER C 591 1.50 -20.11 -25.62
C SER C 591 0.74 -19.74 -24.34
N PHE C 592 0.07 -18.58 -24.38
CA PHE C 592 -0.69 -18.11 -23.23
C PHE C 592 -1.90 -17.34 -23.72
N GLY C 593 -2.87 -17.19 -22.83
CA GLY C 593 -4.08 -16.45 -23.14
C GLY C 593 -5.05 -16.45 -21.98
N GLY C 594 -6.21 -15.83 -22.15
CA GLY C 594 -7.23 -15.92 -21.12
C GLY C 594 -8.24 -17.01 -21.43
N VAL C 595 -9.00 -17.38 -20.40
CA VAL C 595 -10.07 -18.35 -20.55
C VAL C 595 -11.36 -17.72 -20.06
N SER C 596 -12.39 -17.77 -20.89
CA SER C 596 -13.71 -17.26 -20.56
C SER C 596 -14.71 -18.42 -20.54
N VAL C 597 -15.73 -18.29 -19.70
CA VAL C 597 -16.69 -19.37 -19.48
C VAL C 597 -18.07 -18.87 -19.89
N ILE C 598 -18.65 -19.52 -20.89
CA ILE C 598 -20.02 -19.27 -21.30
C ILE C 598 -20.93 -20.14 -20.44
N THR C 599 -21.80 -19.51 -19.66
CA THR C 599 -22.75 -20.23 -18.85
C THR C 599 -24.16 -19.71 -19.11
N PRO C 600 -25.15 -20.60 -19.22
CA PRO C 600 -26.53 -20.16 -19.33
C PRO C 600 -27.16 -19.79 -18.00
N GLY C 601 -26.43 -19.90 -16.90
CA GLY C 601 -26.97 -19.65 -15.58
C GLY C 601 -27.19 -20.95 -14.83
N THR C 602 -26.68 -21.04 -13.60
CA THR C 602 -26.83 -22.27 -12.83
C THR C 602 -28.29 -22.57 -12.53
N ASN C 603 -29.13 -21.54 -12.40
CA ASN C 603 -30.54 -21.78 -12.13
C ASN C 603 -31.22 -22.47 -13.30
N THR C 604 -30.61 -22.47 -14.48
CA THR C 604 -31.16 -23.11 -15.66
C THR C 604 -30.46 -24.43 -15.98
N SER C 605 -29.13 -24.46 -15.97
CA SER C 605 -28.38 -25.66 -16.28
C SER C 605 -26.97 -25.52 -15.75
N ASN C 606 -26.28 -26.65 -15.65
CA ASN C 606 -24.88 -26.69 -15.28
C ASN C 606 -23.97 -26.96 -16.47
N GLN C 607 -24.51 -26.94 -17.70
CA GLN C 607 -23.68 -27.07 -18.87
C GLN C 607 -22.91 -25.77 -19.11
N VAL C 608 -21.75 -25.89 -19.73
CA VAL C 608 -20.78 -24.82 -19.82
C VAL C 608 -20.02 -24.94 -21.13
N ALA C 609 -19.74 -23.80 -21.75
CA ALA C 609 -18.80 -23.74 -22.86
C ALA C 609 -17.57 -22.95 -22.43
N VAL C 610 -16.44 -23.24 -23.05
CA VAL C 610 -15.18 -22.64 -22.66
C VAL C 610 -14.54 -22.02 -23.88
N LEU C 611 -14.09 -20.77 -23.74
CA LEU C 611 -13.45 -20.03 -24.82
C LEU C 611 -12.02 -19.72 -24.42
N TYR C 612 -11.07 -20.18 -25.22
CA TYR C 612 -9.66 -19.85 -25.06
C TYR C 612 -9.39 -18.67 -25.98
N GLN C 613 -9.04 -17.53 -25.41
CA GLN C 613 -9.04 -16.28 -26.16
C GLN C 613 -7.78 -16.16 -27.01
N ASP C 614 -7.99 -15.97 -28.31
CA ASP C 614 -6.92 -15.80 -29.29
C ASP C 614 -5.93 -16.96 -29.21
N VAL C 615 -6.46 -18.16 -29.36
CA VAL C 615 -5.68 -19.38 -29.31
C VAL C 615 -6.17 -20.31 -30.42
N ASN C 616 -5.23 -20.90 -31.16
CA ASN C 616 -5.61 -21.83 -32.20
C ASN C 616 -6.13 -23.12 -31.58
N CYS C 617 -7.04 -23.78 -32.30
CA CYS C 617 -7.72 -24.94 -31.73
C CYS C 617 -6.83 -26.18 -31.82
N THR C 618 -5.61 -26.08 -31.30
CA THR C 618 -4.69 -27.20 -31.25
C THR C 618 -4.02 -27.38 -29.91
N GLU C 619 -4.40 -26.59 -28.90
CA GLU C 619 -3.80 -26.65 -27.57
C GLU C 619 -4.87 -27.00 -26.55
N VAL C 620 -4.57 -27.97 -25.69
CA VAL C 620 -5.49 -28.38 -24.65
C VAL C 620 -5.55 -27.31 -23.56
N ASN C 641 -18.49 -29.73 -29.54
CA ASN C 641 -17.35 -29.85 -30.43
C ASN C 641 -16.40 -28.67 -30.27
N VAL C 642 -15.38 -28.63 -31.13
CA VAL C 642 -14.40 -27.54 -31.12
C VAL C 642 -14.67 -26.66 -32.32
N PHE C 643 -14.59 -25.34 -32.12
CA PHE C 643 -14.98 -24.38 -33.14
C PHE C 643 -14.00 -23.22 -33.09
N GLN C 644 -13.39 -22.90 -34.22
CA GLN C 644 -12.40 -21.83 -34.31
C GLN C 644 -13.09 -20.54 -34.71
N THR C 645 -13.34 -19.66 -33.75
CA THR C 645 -13.91 -18.35 -34.02
C THR C 645 -12.80 -17.31 -34.06
N ARG C 646 -13.11 -16.17 -34.67
CA ARG C 646 -12.16 -15.06 -34.70
C ARG C 646 -11.82 -14.60 -33.29
N ALA C 647 -12.68 -14.88 -32.32
CA ALA C 647 -12.39 -14.57 -30.92
C ALA C 647 -11.43 -15.56 -30.28
N GLY C 648 -11.41 -16.80 -30.73
CA GLY C 648 -10.54 -17.79 -30.11
C GLY C 648 -10.99 -19.20 -30.46
N CYS C 649 -10.82 -20.09 -29.50
CA CYS C 649 -11.25 -21.49 -29.63
C CYS C 649 -12.40 -21.74 -28.67
N LEU C 650 -13.48 -22.31 -29.17
CA LEU C 650 -14.70 -22.50 -28.38
C LEU C 650 -15.00 -23.99 -28.30
N ILE C 651 -15.07 -24.50 -27.08
CA ILE C 651 -15.30 -25.92 -26.80
C ILE C 651 -16.58 -26.05 -26.00
N GLY C 652 -17.39 -27.04 -26.35
CA GLY C 652 -18.62 -27.29 -25.64
C GLY C 652 -19.85 -26.61 -26.19
N ALA C 653 -19.75 -25.97 -27.34
CA ALA C 653 -20.87 -25.29 -27.97
C ALA C 653 -21.03 -25.80 -29.40
N GLU C 654 -22.27 -26.04 -29.80
CA GLU C 654 -22.57 -26.60 -31.10
C GLU C 654 -22.79 -25.48 -32.12
N HIS C 655 -22.03 -25.55 -33.21
CA HIS C 655 -22.15 -24.54 -34.26
C HIS C 655 -23.39 -24.78 -35.10
N VAL C 656 -24.12 -23.71 -35.38
CA VAL C 656 -25.36 -23.77 -36.13
C VAL C 656 -25.34 -22.68 -37.21
N ASN C 657 -25.91 -23.00 -38.37
CA ASN C 657 -25.94 -22.07 -39.49
C ASN C 657 -27.10 -21.09 -39.41
N ASN C 658 -28.04 -21.29 -38.50
CA ASN C 658 -29.14 -20.34 -38.34
C ASN C 658 -28.59 -19.03 -37.76
N SER C 659 -29.48 -18.04 -37.64
CA SER C 659 -29.13 -16.76 -37.07
C SER C 659 -30.24 -16.28 -36.16
N TYR C 660 -29.87 -15.77 -34.99
CA TYR C 660 -30.81 -15.26 -34.01
C TYR C 660 -30.25 -13.96 -33.46
N GLU C 661 -31.07 -13.27 -32.67
CA GLU C 661 -30.57 -12.11 -31.96
C GLU C 661 -29.56 -12.54 -30.92
N CYS C 662 -28.66 -11.64 -30.56
CA CYS C 662 -27.58 -12.00 -29.65
C CYS C 662 -28.11 -12.30 -28.26
N ASP C 663 -27.57 -13.35 -27.65
CA ASP C 663 -27.93 -13.75 -26.30
C ASP C 663 -26.75 -13.59 -25.35
N ILE C 664 -25.62 -14.21 -25.64
CA ILE C 664 -24.40 -14.03 -24.87
C ILE C 664 -23.30 -13.61 -25.83
N PRO C 665 -22.80 -12.38 -25.76
CA PRO C 665 -21.81 -11.92 -26.73
C PRO C 665 -20.46 -12.58 -26.51
N ILE C 666 -19.92 -13.17 -27.58
CA ILE C 666 -18.62 -13.80 -27.54
C ILE C 666 -17.57 -12.95 -28.24
N GLY C 667 -17.91 -12.35 -29.37
CA GLY C 667 -17.01 -11.45 -30.06
C GLY C 667 -16.95 -11.72 -31.56
N ALA C 668 -16.64 -10.67 -32.31
CA ALA C 668 -16.46 -10.73 -33.76
C ALA C 668 -17.71 -11.25 -34.47
N GLY C 669 -18.88 -10.99 -33.91
CA GLY C 669 -20.13 -11.35 -34.54
C GLY C 669 -20.75 -12.65 -34.07
N ILE C 670 -20.13 -13.34 -33.12
CA ILE C 670 -20.57 -14.65 -32.67
C ILE C 670 -21.19 -14.50 -31.28
N CYS C 671 -22.37 -15.05 -31.10
CA CYS C 671 -23.05 -15.05 -29.81
C CYS C 671 -23.41 -16.48 -29.41
N ALA C 672 -24.02 -16.62 -28.24
CA ALA C 672 -24.41 -17.92 -27.72
C ALA C 672 -25.68 -17.84 -26.89
N VAL C 687 -28.14 -20.79 -25.07
CA VAL C 687 -28.69 -22.10 -24.80
C VAL C 687 -30.06 -22.25 -25.46
N ALA C 688 -30.25 -23.37 -26.15
CA ALA C 688 -31.53 -23.64 -26.80
C ALA C 688 -31.66 -25.14 -27.03
N SER C 689 -32.71 -25.72 -26.46
CA SER C 689 -33.01 -27.14 -26.60
C SER C 689 -31.87 -28.01 -26.06
N GLN C 690 -31.60 -27.88 -24.76
CA GLN C 690 -30.73 -28.78 -24.00
C GLN C 690 -29.26 -28.68 -24.37
N SER C 691 -28.82 -27.60 -25.01
CA SER C 691 -27.42 -27.50 -25.39
C SER C 691 -27.06 -26.03 -25.60
N ILE C 692 -25.76 -25.79 -25.75
CA ILE C 692 -25.21 -24.47 -26.05
C ILE C 692 -24.93 -24.40 -27.54
N ILE C 693 -25.35 -23.31 -28.18
CA ILE C 693 -25.18 -23.12 -29.61
C ILE C 693 -24.41 -21.83 -29.87
N ALA C 694 -23.62 -21.84 -30.94
CA ALA C 694 -22.86 -20.67 -31.34
C ALA C 694 -23.23 -20.32 -32.77
N TYR C 695 -23.59 -19.05 -33.00
CA TYR C 695 -24.10 -18.63 -34.29
C TYR C 695 -23.58 -17.23 -34.59
N THR C 696 -23.95 -16.74 -35.77
CA THR C 696 -23.65 -15.37 -36.18
C THR C 696 -24.86 -14.49 -35.93
N MET C 697 -24.62 -13.30 -35.38
CA MET C 697 -25.70 -12.38 -35.07
C MET C 697 -26.53 -12.05 -36.29
N SER C 698 -27.83 -11.88 -36.09
CA SER C 698 -28.71 -11.34 -37.10
C SER C 698 -29.07 -9.92 -36.70
N LEU C 699 -28.84 -8.97 -37.61
CA LEU C 699 -29.08 -7.57 -37.31
C LEU C 699 -30.56 -7.24 -37.32
N GLY C 700 -31.38 -8.07 -37.94
CA GLY C 700 -32.81 -7.84 -37.99
C GLY C 700 -33.41 -8.52 -39.20
N ALA C 701 -34.70 -8.29 -39.37
CA ALA C 701 -35.43 -8.86 -40.50
C ALA C 701 -35.22 -8.00 -41.74
N GLU C 702 -35.03 -8.67 -42.88
CA GLU C 702 -34.93 -7.95 -44.14
C GLU C 702 -36.28 -7.38 -44.53
N ASN C 703 -36.26 -6.26 -45.24
CA ASN C 703 -37.50 -5.59 -45.61
C ASN C 703 -37.20 -4.61 -46.74
N SER C 704 -37.88 -4.76 -47.86
CA SER C 704 -37.75 -3.83 -48.97
C SER C 704 -39.01 -2.99 -49.05
N VAL C 705 -38.85 -1.67 -49.05
CA VAL C 705 -39.96 -0.75 -49.17
C VAL C 705 -40.26 -0.57 -50.66
N ALA C 706 -41.54 -0.63 -51.01
CA ALA C 706 -41.96 -0.66 -52.41
C ALA C 706 -41.82 0.72 -53.06
N TYR C 707 -40.58 1.19 -53.12
CA TYR C 707 -40.32 2.51 -53.66
C TYR C 707 -40.73 2.59 -55.13
N SER C 708 -41.58 3.57 -55.43
CA SER C 708 -41.93 3.95 -56.79
C SER C 708 -41.83 5.46 -56.87
N ASN C 709 -41.71 5.97 -58.09
CA ASN C 709 -41.55 7.41 -58.26
C ASN C 709 -42.87 8.16 -58.28
N ASN C 710 -44.00 7.46 -58.18
CA ASN C 710 -45.28 8.13 -58.07
C ASN C 710 -46.24 7.43 -57.11
N SER C 711 -45.72 6.77 -56.08
CA SER C 711 -46.56 6.06 -55.14
C SER C 711 -46.30 6.53 -53.71
N ILE C 712 -47.37 6.58 -52.93
CA ILE C 712 -47.36 7.05 -51.56
C ILE C 712 -47.96 5.95 -50.69
N ALA C 713 -47.53 5.91 -49.43
CA ALA C 713 -48.16 5.07 -48.42
C ALA C 713 -48.67 5.98 -47.32
N ILE C 714 -49.94 5.81 -46.95
CA ILE C 714 -50.56 6.72 -45.99
C ILE C 714 -51.29 5.92 -44.92
N PRO C 715 -51.10 6.21 -43.65
CA PRO C 715 -51.79 5.46 -42.60
C PRO C 715 -53.25 5.85 -42.49
N THR C 716 -54.10 4.84 -42.33
CA THR C 716 -55.54 5.02 -42.16
C THR C 716 -55.98 4.81 -40.72
N ASN C 717 -55.03 4.65 -39.81
CA ASN C 717 -55.33 4.42 -38.41
C ASN C 717 -54.13 4.86 -37.59
N PHE C 718 -54.14 4.55 -36.30
CA PHE C 718 -53.03 4.89 -35.44
C PHE C 718 -53.09 4.00 -34.21
N THR C 719 -52.14 4.21 -33.31
CA THR C 719 -52.15 3.59 -32.00
C THR C 719 -51.40 4.48 -31.03
N ILE C 720 -51.93 4.61 -29.83
CA ILE C 720 -51.27 5.34 -28.75
C ILE C 720 -50.47 4.35 -27.93
N SER C 721 -49.17 4.62 -27.80
CA SER C 721 -48.28 3.69 -27.13
C SER C 721 -47.60 4.40 -25.98
N VAL C 722 -47.41 3.68 -24.88
CA VAL C 722 -46.74 4.20 -23.69
C VAL C 722 -45.51 3.35 -23.46
N THR C 723 -44.34 3.99 -23.44
CA THR C 723 -43.09 3.31 -23.17
C THR C 723 -42.50 3.86 -21.87
N THR C 724 -41.58 3.12 -21.28
CA THR C 724 -40.94 3.55 -20.04
C THR C 724 -39.45 3.75 -20.27
N GLU C 725 -38.91 4.76 -19.61
CA GLU C 725 -37.49 5.02 -19.60
C GLU C 725 -37.03 5.25 -18.17
N ILE C 726 -35.94 4.58 -17.78
CA ILE C 726 -35.42 4.65 -16.43
C ILE C 726 -34.09 5.39 -16.45
N LEU C 727 -33.89 6.30 -15.49
CA LEU C 727 -32.65 7.06 -15.40
C LEU C 727 -32.23 7.24 -13.95
N PRO C 728 -31.00 6.86 -13.60
CA PRO C 728 -30.50 7.15 -12.25
C PRO C 728 -30.21 8.63 -12.09
N VAL C 729 -30.44 9.15 -10.88
CA VAL C 729 -30.19 10.56 -10.63
C VAL C 729 -29.17 10.75 -9.52
N SER C 730 -29.08 9.79 -8.60
CA SER C 730 -28.18 9.96 -7.46
C SER C 730 -27.72 8.59 -6.96
N MET C 731 -26.62 8.61 -6.22
CA MET C 731 -26.14 7.45 -5.49
C MET C 731 -26.32 7.69 -4.00
N THR C 732 -25.83 6.74 -3.20
CA THR C 732 -25.85 6.89 -1.75
C THR C 732 -24.72 7.80 -1.31
N LYS C 733 -25.03 8.72 -0.39
CA LYS C 733 -24.02 9.64 0.13
C LYS C 733 -23.22 8.93 1.22
N THR C 734 -22.26 8.14 0.78
CA THR C 734 -21.38 7.48 1.72
C THR C 734 -20.30 8.45 2.18
N SER C 735 -19.60 8.07 3.26
CA SER C 735 -18.52 8.87 3.80
C SER C 735 -17.59 7.94 4.55
N VAL C 736 -16.30 8.18 4.43
CA VAL C 736 -15.28 7.34 5.06
C VAL C 736 -14.35 8.25 5.84
N ASP C 737 -14.25 8.02 7.14
CA ASP C 737 -13.37 8.79 7.99
C ASP C 737 -11.96 8.25 7.84
N CYS C 738 -11.13 9.00 7.11
CA CYS C 738 -9.76 8.61 6.80
C CYS C 738 -9.00 8.09 8.02
N THR C 739 -8.93 8.90 9.08
CA THR C 739 -8.06 8.54 10.20
C THR C 739 -8.53 7.28 10.89
N MET C 740 -9.84 7.10 11.05
CA MET C 740 -10.32 5.91 11.72
C MET C 740 -10.23 4.67 10.84
N TYR C 741 -10.30 4.84 9.51
CA TYR C 741 -10.07 3.71 8.63
C TYR C 741 -8.62 3.24 8.72
N ILE C 742 -7.66 4.12 8.48
CA ILE C 742 -6.24 3.68 8.36
C ILE C 742 -5.69 3.29 9.72
N CYS C 743 -5.99 4.06 10.75
CA CYS C 743 -5.37 3.85 12.06
C CYS C 743 -6.43 3.88 13.13
N GLY C 744 -7.31 2.91 13.20
CA GLY C 744 -8.41 3.07 14.15
C GLY C 744 -7.96 3.06 15.58
N ASP C 745 -8.32 4.07 16.35
CA ASP C 745 -8.00 4.11 17.81
C ASP C 745 -6.54 3.82 18.13
N SER C 746 -5.61 4.38 17.39
CA SER C 746 -4.18 4.22 17.76
C SER C 746 -3.56 5.60 17.70
N THR C 747 -3.25 6.17 18.84
CA THR C 747 -2.75 7.56 18.86
C THR C 747 -1.33 7.52 18.36
N GLU C 748 -0.74 6.36 18.31
CA GLU C 748 0.66 6.17 17.97
C GLU C 748 0.91 5.82 16.51
N CYS C 749 -0.14 5.54 15.72
CA CYS C 749 0.00 5.61 14.27
C CYS C 749 -0.73 6.80 13.66
N SER C 750 -1.64 7.44 14.40
CA SER C 750 -2.13 8.75 13.97
C SER C 750 -0.99 9.74 13.89
N ASN C 751 -0.06 9.70 14.84
CA ASN C 751 1.08 10.59 14.80
C ASN C 751 1.98 10.30 13.61
N LEU C 752 2.13 9.01 13.26
CA LEU C 752 2.89 8.65 12.07
C LEU C 752 2.18 9.14 10.81
N LEU C 753 0.85 9.04 10.79
CA LEU C 753 0.08 9.49 9.65
C LEU C 753 0.17 11.00 9.46
N LEU C 754 0.35 11.74 10.55
CA LEU C 754 0.49 13.19 10.44
C LEU C 754 1.67 13.60 9.56
N GLN C 755 2.67 12.75 9.41
CA GLN C 755 3.83 13.08 8.60
C GLN C 755 3.57 12.95 7.11
N TYR C 756 2.33 12.68 6.70
CA TYR C 756 1.98 12.57 5.30
C TYR C 756 1.23 13.79 4.78
N GLY C 757 1.15 14.86 5.57
CA GLY C 757 0.55 16.08 5.08
C GLY C 757 -0.96 16.03 5.11
N SER C 758 -1.57 16.50 4.03
CA SER C 758 -3.03 16.61 3.93
C SER C 758 -3.64 15.57 2.99
N PHE C 759 -2.93 14.46 2.77
CA PHE C 759 -3.50 13.35 2.00
C PHE C 759 -4.78 12.86 2.64
N CYS C 760 -4.89 12.97 3.96
CA CYS C 760 -5.98 12.40 4.70
C CYS C 760 -7.14 13.38 4.84
N THR C 761 -6.94 14.64 4.45
CA THR C 761 -7.98 15.64 4.36
C THR C 761 -8.52 15.80 2.95
N GLN C 762 -7.67 15.61 1.93
CA GLN C 762 -8.14 15.72 0.56
C GLN C 762 -9.23 14.71 0.25
N LEU C 763 -9.09 13.50 0.79
CA LEU C 763 -10.10 12.47 0.54
C LEU C 763 -11.43 12.82 1.19
N ASN C 764 -11.40 13.39 2.39
CA ASN C 764 -12.62 13.85 3.03
C ASN C 764 -13.28 14.95 2.21
N ARG C 765 -12.47 15.88 1.69
CA ARG C 765 -13.03 16.93 0.85
C ARG C 765 -13.69 16.35 -0.39
N ALA C 766 -13.05 15.38 -1.04
CA ALA C 766 -13.61 14.79 -2.25
C ALA C 766 -14.93 14.09 -1.97
N LEU C 767 -14.97 13.29 -0.90
CA LEU C 767 -16.20 12.56 -0.60
C LEU C 767 -17.32 13.48 -0.17
N THR C 768 -16.99 14.56 0.55
CA THR C 768 -18.02 15.54 0.90
C THR C 768 -18.55 16.24 -0.35
N GLY C 769 -17.68 16.52 -1.31
CA GLY C 769 -18.15 17.08 -2.57
C GLY C 769 -19.13 16.17 -3.26
N ILE C 770 -18.81 14.88 -3.35
CA ILE C 770 -19.74 13.92 -3.95
C ILE C 770 -21.07 13.92 -3.23
N ALA C 771 -21.02 13.90 -1.89
CA ALA C 771 -22.25 13.85 -1.10
C ALA C 771 -23.13 15.07 -1.36
N VAL C 772 -22.54 16.27 -1.36
CA VAL C 772 -23.35 17.46 -1.58
C VAL C 772 -23.78 17.58 -3.03
N GLU C 773 -23.10 16.89 -3.95
CA GLU C 773 -23.54 16.91 -5.34
C GLU C 773 -24.76 16.01 -5.58
N GLN C 774 -24.88 14.92 -4.83
CA GLN C 774 -26.05 14.06 -5.00
C GLN C 774 -27.35 14.82 -4.69
N ASP C 775 -27.32 15.65 -3.65
CA ASP C 775 -28.49 16.44 -3.30
C ASP C 775 -28.86 17.41 -4.41
N LYS C 776 -27.87 18.05 -5.02
CA LYS C 776 -28.14 18.95 -6.14
C LYS C 776 -28.70 18.19 -7.33
N ASN C 777 -28.20 16.97 -7.58
CA ASN C 777 -28.76 16.15 -8.65
C ASN C 777 -30.25 15.94 -8.46
N THR C 778 -30.65 15.47 -7.27
CA THR C 778 -32.07 15.24 -7.02
C THR C 778 -32.87 16.53 -7.09
N GLN C 779 -32.33 17.61 -6.51
CA GLN C 779 -33.06 18.87 -6.47
C GLN C 779 -33.30 19.41 -7.87
N GLU C 780 -32.31 19.32 -8.75
CA GLU C 780 -32.45 19.87 -10.08
C GLU C 780 -33.24 18.96 -11.00
N VAL C 781 -33.40 17.68 -10.65
CA VAL C 781 -34.29 16.86 -11.46
C VAL C 781 -35.75 17.08 -11.05
N PHE C 782 -36.04 17.04 -9.75
CA PHE C 782 -37.44 17.01 -9.32
C PHE C 782 -38.04 18.36 -8.96
N ALA C 783 -37.26 19.28 -8.40
CA ALA C 783 -37.80 20.57 -7.98
C ALA C 783 -37.87 21.54 -9.16
N GLN C 784 -38.71 21.19 -10.13
CA GLN C 784 -38.96 22.03 -11.30
C GLN C 784 -40.35 22.65 -11.27
N VAL C 785 -40.99 22.68 -10.11
CA VAL C 785 -42.28 23.33 -9.94
C VAL C 785 -42.16 24.37 -8.83
N LYS C 786 -42.70 25.55 -9.09
CA LYS C 786 -42.74 26.60 -8.08
C LYS C 786 -43.84 26.32 -7.05
N GLN C 787 -44.93 25.72 -7.45
CA GLN C 787 -46.07 25.49 -6.57
C GLN C 787 -46.44 24.02 -6.57
N ILE C 788 -47.32 23.65 -5.64
CA ILE C 788 -47.74 22.26 -5.49
C ILE C 788 -49.18 22.12 -5.95
N TYR C 789 -49.36 21.72 -7.21
CA TYR C 789 -50.70 21.60 -7.75
C TYR C 789 -51.35 20.30 -7.30
N LYS C 790 -52.69 20.31 -7.28
CA LYS C 790 -53.48 19.16 -6.88
C LYS C 790 -54.55 18.90 -7.92
N THR C 791 -54.89 17.62 -8.07
CA THR C 791 -55.90 17.27 -9.04
C THR C 791 -57.29 17.38 -8.42
N PRO C 792 -58.31 17.79 -9.18
CA PRO C 792 -59.63 17.96 -8.58
C PRO C 792 -60.21 16.63 -8.15
N PRO C 793 -61.02 16.61 -7.10
CA PRO C 793 -61.54 15.32 -6.60
C PRO C 793 -62.40 14.58 -7.60
N ILE C 794 -63.00 15.24 -8.57
CA ILE C 794 -63.83 14.61 -9.58
C ILE C 794 -62.95 14.28 -10.78
N LYS C 795 -62.57 13.01 -10.90
CA LYS C 795 -61.68 12.57 -11.97
C LYS C 795 -62.49 12.37 -13.26
N ASP C 796 -62.89 13.50 -13.85
CA ASP C 796 -63.64 13.50 -15.10
C ASP C 796 -62.77 14.14 -16.17
N PHE C 797 -61.98 13.31 -16.84
CA PHE C 797 -61.02 13.77 -17.84
C PHE C 797 -61.38 13.32 -19.26
N GLY C 798 -62.67 13.20 -19.55
CA GLY C 798 -63.09 12.88 -20.89
C GLY C 798 -62.93 11.43 -21.29
N GLY C 799 -62.85 10.52 -20.33
CA GLY C 799 -62.66 9.11 -20.61
C GLY C 799 -61.26 8.62 -20.33
N PHE C 800 -60.29 9.51 -20.22
CA PHE C 800 -58.94 9.12 -19.86
C PHE C 800 -58.87 8.80 -18.37
N ASN C 801 -58.09 7.78 -18.03
CA ASN C 801 -58.02 7.26 -16.68
C ASN C 801 -56.57 7.30 -16.22
N PHE C 802 -56.31 8.09 -15.18
CA PHE C 802 -54.95 8.29 -14.68
C PHE C 802 -54.74 7.66 -13.31
N SER C 803 -55.62 6.76 -12.89
CA SER C 803 -55.55 6.24 -11.52
C SER C 803 -54.26 5.48 -11.26
N GLN C 804 -53.62 4.97 -12.30
CA GLN C 804 -52.42 4.17 -12.13
C GLN C 804 -51.16 5.01 -11.94
N ILE C 805 -51.26 6.32 -12.06
CA ILE C 805 -50.10 7.19 -11.95
C ILE C 805 -50.37 8.31 -10.96
N LEU C 806 -51.63 8.48 -10.59
CA LEU C 806 -51.98 9.44 -9.57
C LEU C 806 -51.80 8.84 -8.18
N PRO C 807 -51.48 9.66 -7.18
CA PRO C 807 -51.21 9.11 -5.84
C PRO C 807 -52.42 8.40 -5.26
N ASP C 808 -52.14 7.41 -4.42
CA ASP C 808 -53.18 6.56 -3.85
C ASP C 808 -53.44 6.96 -2.40
N PRO C 809 -54.59 7.58 -2.08
CA PRO C 809 -54.85 7.93 -0.68
C PRO C 809 -55.15 6.73 0.20
N SER C 810 -55.65 5.63 -0.38
CA SER C 810 -55.99 4.44 0.42
C SER C 810 -54.76 3.67 0.86
N LYS C 811 -53.61 4.23 0.73
CA LYS C 811 -52.31 3.69 1.05
C LYS C 811 -51.62 4.56 2.10
N PRO C 812 -50.81 3.97 2.98
CA PRO C 812 -50.08 4.77 3.96
C PRO C 812 -49.18 5.82 3.32
N SER C 813 -48.25 5.39 2.47
CA SER C 813 -47.44 6.32 1.69
C SER C 813 -48.20 6.66 0.42
N LYS C 814 -48.36 7.95 0.16
CA LYS C 814 -49.20 8.42 -0.95
C LYS C 814 -48.42 8.33 -2.25
N ARG C 815 -48.09 7.10 -2.62
CA ARG C 815 -47.50 6.80 -3.91
C ARG C 815 -48.52 6.13 -4.81
N SER C 816 -48.36 6.33 -6.12
CA SER C 816 -49.23 5.70 -7.08
C SER C 816 -48.93 4.20 -7.12
N PRO C 817 -49.84 3.40 -7.70
CA PRO C 817 -49.54 1.96 -7.83
C PRO C 817 -48.25 1.66 -8.56
N ILE C 818 -47.94 2.43 -9.62
CA ILE C 818 -46.78 2.10 -10.44
C ILE C 818 -45.49 2.35 -9.67
N GLU C 819 -45.40 3.47 -8.95
CA GLU C 819 -44.17 3.71 -8.21
C GLU C 819 -44.10 2.89 -6.92
N ASP C 820 -45.24 2.40 -6.42
CA ASP C 820 -45.19 1.37 -5.39
C ASP C 820 -44.54 0.10 -5.93
N LEU C 821 -44.96 -0.34 -7.12
CA LEU C 821 -44.31 -1.47 -7.77
C LEU C 821 -42.82 -1.20 -7.98
N LEU C 822 -42.48 0.02 -8.40
CA LEU C 822 -41.08 0.36 -8.63
C LEU C 822 -40.26 0.29 -7.35
N PHE C 823 -40.82 0.76 -6.23
CA PHE C 823 -40.11 0.70 -4.97
C PHE C 823 -40.01 -0.72 -4.44
N ASN C 824 -40.96 -1.59 -4.80
CA ASN C 824 -40.85 -2.99 -4.40
C ASN C 824 -39.80 -3.72 -5.23
N LYS C 825 -39.75 -3.46 -6.53
CA LYS C 825 -38.88 -4.22 -7.43
C LYS C 825 -37.41 -4.06 -7.04
N VAL C 826 -36.95 -2.82 -6.92
CA VAL C 826 -35.54 -2.56 -6.65
C VAL C 826 -35.32 -2.55 -5.14
N THR C 827 -34.54 -3.51 -4.65
CA THR C 827 -34.22 -3.64 -3.23
C THR C 827 -32.71 -3.48 -3.05
N LEU C 828 -32.33 -2.58 -2.16
CA LEU C 828 -30.93 -2.30 -1.87
C LEU C 828 -30.27 -3.48 -1.19
N GLN C 853 -25.26 -2.39 7.74
CA GLN C 853 -23.96 -2.87 8.19
C GLN C 853 -23.45 -2.07 9.39
N LYS C 854 -22.21 -2.35 9.78
CA LYS C 854 -21.56 -1.63 10.88
C LYS C 854 -20.06 -1.78 10.69
N PHE C 855 -19.37 -0.66 10.49
CA PHE C 855 -17.95 -0.71 10.15
C PHE C 855 -17.16 0.36 10.88
N ASN C 856 -15.92 0.58 10.46
CA ASN C 856 -14.97 1.45 11.14
C ASN C 856 -14.59 2.62 10.25
N GLY C 857 -15.13 3.80 10.56
CA GLY C 857 -14.95 4.98 9.75
C GLY C 857 -15.97 5.14 8.65
N LEU C 858 -16.74 4.10 8.36
CA LEU C 858 -17.69 4.11 7.26
C LEU C 858 -19.06 4.52 7.78
N THR C 859 -19.64 5.56 7.17
CA THR C 859 -20.98 5.99 7.50
C THR C 859 -21.73 6.33 6.22
N VAL C 860 -23.05 6.40 6.32
CA VAL C 860 -23.92 6.75 5.21
C VAL C 860 -24.82 7.89 5.67
N LEU C 861 -24.83 8.96 4.93
CA LEU C 861 -25.63 10.12 5.24
C LEU C 861 -27.01 9.99 4.61
N PRO C 862 -28.04 10.55 5.24
CA PRO C 862 -29.39 10.46 4.67
C PRO C 862 -29.59 11.52 3.62
N PRO C 863 -30.34 11.21 2.56
CA PRO C 863 -30.63 12.23 1.55
C PRO C 863 -31.46 13.37 2.13
N LEU C 864 -31.28 14.55 1.55
CA LEU C 864 -31.98 15.73 2.06
C LEU C 864 -33.48 15.65 1.81
N LEU C 865 -33.89 15.12 0.66
CA LEU C 865 -35.28 14.97 0.31
C LEU C 865 -35.70 13.53 0.59
N THR C 866 -36.66 13.35 1.49
CA THR C 866 -37.16 12.02 1.75
C THR C 866 -37.93 11.52 0.52
N ASP C 867 -38.18 10.20 0.50
CA ASP C 867 -38.90 9.62 -0.63
C ASP C 867 -40.30 10.18 -0.76
N GLU C 868 -40.93 10.53 0.37
CA GLU C 868 -42.27 11.10 0.31
C GLU C 868 -42.27 12.50 -0.29
N MET C 869 -41.21 13.29 -0.03
CA MET C 869 -41.14 14.62 -0.62
C MET C 869 -40.91 14.55 -2.12
N ILE C 870 -40.11 13.59 -2.58
CA ILE C 870 -39.91 13.40 -4.01
C ILE C 870 -41.19 12.92 -4.67
N ALA C 871 -41.92 12.03 -3.99
CA ALA C 871 -43.21 11.60 -4.52
C ALA C 871 -44.18 12.77 -4.59
N GLN C 872 -44.11 13.68 -3.63
CA GLN C 872 -44.96 14.87 -3.66
C GLN C 872 -44.61 15.78 -4.84
N TYR C 873 -43.32 15.95 -5.12
CA TYR C 873 -42.90 16.66 -6.32
C TYR C 873 -43.48 16.03 -7.59
N THR C 874 -43.36 14.70 -7.72
CA THR C 874 -43.89 14.08 -8.93
C THR C 874 -45.42 14.18 -9.00
N SER C 875 -46.08 14.14 -7.85
CA SER C 875 -47.52 14.34 -7.84
C SER C 875 -47.90 15.74 -8.31
N ALA C 876 -47.14 16.74 -7.89
CA ALA C 876 -47.39 18.10 -8.34
C ALA C 876 -47.17 18.22 -9.85
N LEU C 877 -46.12 17.57 -10.36
CA LEU C 877 -45.87 17.61 -11.80
C LEU C 877 -47.01 16.96 -12.57
N LEU C 878 -47.47 15.80 -12.11
CA LEU C 878 -48.58 15.11 -12.78
C LEU C 878 -49.85 15.94 -12.73
N ALA C 879 -50.18 16.50 -11.57
CA ALA C 879 -51.38 17.31 -11.46
C ALA C 879 -51.32 18.52 -12.38
N GLY C 880 -50.17 19.18 -12.42
CA GLY C 880 -50.03 20.34 -13.29
C GLY C 880 -50.18 19.98 -14.76
N THR C 881 -49.51 18.92 -15.19
CA THR C 881 -49.57 18.57 -16.61
C THR C 881 -50.93 18.01 -17.00
N ILE C 882 -51.69 17.47 -16.06
CA ILE C 882 -53.03 17.00 -16.40
C ILE C 882 -54.02 18.16 -16.44
N THR C 883 -53.97 19.06 -15.47
CA THR C 883 -54.97 20.11 -15.36
C THR C 883 -54.65 21.35 -16.19
N SER C 884 -53.42 21.53 -16.66
CA SER C 884 -53.08 22.77 -17.35
C SER C 884 -52.24 22.58 -18.61
N GLY C 885 -51.85 21.35 -18.96
CA GLY C 885 -51.02 21.20 -20.13
C GLY C 885 -49.59 21.59 -19.83
N TRP C 886 -48.96 22.28 -20.78
CA TRP C 886 -47.62 22.82 -20.57
C TRP C 886 -47.64 24.26 -20.08
N THR C 887 -48.81 24.84 -19.84
CA THR C 887 -48.86 26.24 -19.44
C THR C 887 -48.18 26.49 -18.10
N PHE C 888 -48.25 25.51 -17.19
CA PHE C 888 -47.65 25.69 -15.86
C PHE C 888 -46.14 25.69 -15.89
N GLY C 889 -45.52 25.34 -17.01
CA GLY C 889 -44.08 25.35 -17.15
C GLY C 889 -43.51 26.60 -17.78
N ALA C 890 -44.34 27.57 -18.12
CA ALA C 890 -43.91 28.82 -18.72
C ALA C 890 -44.30 30.04 -17.91
N GLY C 891 -45.49 30.05 -17.34
CA GLY C 891 -45.93 31.13 -16.49
C GLY C 891 -46.91 30.62 -15.46
N PRO C 892 -48.00 31.35 -15.26
CA PRO C 892 -49.08 30.83 -14.43
C PRO C 892 -49.72 29.61 -15.07
N ALA C 893 -50.36 28.80 -14.24
CA ALA C 893 -51.03 27.60 -14.72
C ALA C 893 -52.44 27.96 -15.19
N LEU C 894 -52.74 27.61 -16.43
CA LEU C 894 -54.02 27.93 -17.05
C LEU C 894 -54.75 26.63 -17.34
N GLN C 895 -55.96 26.50 -16.83
CA GLN C 895 -56.69 25.25 -17.00
C GLN C 895 -57.24 25.12 -18.41
N ILE C 896 -57.40 23.88 -18.84
CA ILE C 896 -57.92 23.55 -20.17
C ILE C 896 -58.46 22.12 -20.10
N PRO C 897 -59.64 21.86 -20.65
CA PRO C 897 -60.17 20.49 -20.59
C PRO C 897 -59.21 19.51 -21.26
N PHE C 898 -59.08 18.34 -20.67
CA PHE C 898 -58.04 17.40 -21.13
C PHE C 898 -58.21 16.99 -22.59
N PRO C 899 -59.41 16.69 -23.10
CA PRO C 899 -59.53 16.43 -24.54
C PRO C 899 -59.09 17.60 -25.40
N MET C 900 -59.32 18.84 -24.98
CA MET C 900 -58.84 19.96 -25.78
C MET C 900 -57.32 20.02 -25.78
N GLN C 901 -56.70 19.76 -24.64
CA GLN C 901 -55.25 19.68 -24.56
C GLN C 901 -54.71 18.60 -25.48
N MET C 902 -55.35 17.43 -25.47
CA MET C 902 -54.87 16.33 -26.30
C MET C 902 -55.07 16.63 -27.77
N ALA C 903 -56.15 17.33 -28.12
CA ALA C 903 -56.36 17.76 -29.49
C ALA C 903 -55.27 18.73 -29.93
N TYR C 904 -54.87 19.64 -29.06
CA TYR C 904 -53.90 20.61 -29.50
C TYR C 904 -52.52 19.96 -29.59
N ARG C 905 -52.26 18.92 -28.80
CA ARG C 905 -51.06 18.11 -29.00
C ARG C 905 -51.09 17.38 -30.34
N PHE C 906 -52.24 16.81 -30.71
CA PHE C 906 -52.38 16.21 -32.03
C PHE C 906 -52.06 17.21 -33.13
N ASN C 907 -52.56 18.44 -33.00
CA ASN C 907 -52.12 19.50 -33.91
C ASN C 907 -50.62 19.65 -33.87
N GLY C 908 -50.02 19.52 -32.69
CA GLY C 908 -48.57 19.65 -32.57
C GLY C 908 -47.78 18.58 -33.29
N ILE C 909 -48.35 17.39 -33.47
CA ILE C 909 -47.64 16.34 -34.18
C ILE C 909 -48.03 16.27 -35.65
N GLY C 910 -48.79 17.24 -36.15
CA GLY C 910 -49.11 17.30 -37.56
C GLY C 910 -50.43 16.68 -37.97
N VAL C 911 -51.30 16.36 -37.02
CA VAL C 911 -52.60 15.77 -37.30
C VAL C 911 -53.67 16.77 -36.87
N THR C 912 -54.67 16.98 -37.71
CA THR C 912 -55.74 17.92 -37.36
C THR C 912 -56.45 17.48 -36.10
N GLN C 913 -57.17 18.41 -35.49
CA GLN C 913 -57.75 18.17 -34.18
C GLN C 913 -59.15 17.59 -34.22
N ASN C 914 -59.76 17.46 -35.40
CA ASN C 914 -60.99 16.70 -35.47
C ASN C 914 -60.73 15.21 -35.43
N VAL C 915 -59.50 14.79 -35.69
CA VAL C 915 -59.15 13.37 -35.60
C VAL C 915 -59.25 12.89 -34.16
N LEU C 916 -58.88 13.73 -33.19
CA LEU C 916 -59.09 13.37 -31.80
C LEU C 916 -60.57 13.31 -31.46
N TYR C 917 -61.31 14.36 -31.81
CA TYR C 917 -62.69 14.47 -31.34
C TYR C 917 -63.56 13.37 -31.93
N GLU C 918 -63.36 13.04 -33.21
CA GLU C 918 -64.15 11.98 -33.81
C GLU C 918 -63.70 10.60 -33.37
N ASN C 919 -62.52 10.48 -32.76
CA ASN C 919 -62.01 9.21 -32.26
C ASN C 919 -61.68 9.26 -30.77
N GLN C 920 -62.38 10.11 -30.01
CA GLN C 920 -62.01 10.34 -28.62
C GLN C 920 -62.13 9.07 -27.78
N LYS C 921 -63.24 8.33 -27.95
CA LYS C 921 -63.45 7.12 -27.16
C LYS C 921 -62.39 6.08 -27.42
N LEU C 922 -62.07 5.85 -28.70
CA LEU C 922 -61.06 4.85 -29.05
C LEU C 922 -59.70 5.23 -28.50
N ILE C 923 -59.34 6.51 -28.59
CA ILE C 923 -58.05 6.97 -28.11
C ILE C 923 -57.96 6.87 -26.59
N ALA C 924 -59.05 7.20 -25.89
CA ALA C 924 -59.07 7.00 -24.45
C ALA C 924 -58.89 5.54 -24.09
N ASN C 925 -59.56 4.64 -24.80
CA ASN C 925 -59.42 3.22 -24.52
C ASN C 925 -57.99 2.74 -24.78
N GLN C 926 -57.40 3.17 -25.89
CA GLN C 926 -56.03 2.77 -26.20
C GLN C 926 -55.05 3.28 -25.16
N PHE C 927 -55.24 4.53 -24.71
CA PHE C 927 -54.39 5.07 -23.65
C PHE C 927 -54.53 4.27 -22.37
N ASN C 928 -55.77 3.94 -22.00
CA ASN C 928 -55.98 3.18 -20.76
C ASN C 928 -55.36 1.80 -20.85
N SER C 929 -55.49 1.12 -21.99
CA SER C 929 -54.88 -0.19 -22.14
C SER C 929 -53.36 -0.12 -22.10
N ALA C 930 -52.78 0.87 -22.79
CA ALA C 930 -51.32 1.01 -22.78
C ALA C 930 -50.80 1.31 -21.39
N ILE C 931 -51.52 2.14 -20.62
CA ILE C 931 -51.13 2.42 -19.25
C ILE C 931 -51.24 1.15 -18.40
N GLY C 932 -52.33 0.41 -18.55
CA GLY C 932 -52.50 -0.81 -17.77
C GLY C 932 -51.44 -1.85 -18.05
N LYS C 933 -50.91 -1.88 -19.28
CA LYS C 933 -49.88 -2.85 -19.60
C LYS C 933 -48.54 -2.53 -18.94
N ILE C 934 -48.32 -1.31 -18.49
CA ILE C 934 -47.00 -0.89 -18.05
C ILE C 934 -46.60 -1.62 -16.77
N GLN C 935 -47.50 -1.69 -15.79
CA GLN C 935 -47.13 -2.32 -14.53
C GLN C 935 -46.94 -3.81 -14.70
N ASP C 936 -47.73 -4.45 -15.58
CA ASP C 936 -47.51 -5.85 -15.88
C ASP C 936 -46.16 -6.07 -16.55
N SER C 937 -45.79 -5.18 -17.48
CA SER C 937 -44.49 -5.29 -18.13
C SER C 937 -43.37 -5.15 -17.13
N LEU C 938 -43.51 -4.22 -16.17
CA LEU C 938 -42.47 -4.03 -15.17
C LEU C 938 -42.37 -5.22 -14.22
N SER C 939 -43.53 -5.71 -13.74
CA SER C 939 -43.52 -6.77 -12.75
C SER C 939 -43.12 -8.11 -13.36
N SER C 940 -43.86 -8.57 -14.36
CA SER C 940 -43.63 -9.88 -14.96
C SER C 940 -42.25 -10.03 -15.57
N THR C 941 -41.57 -8.93 -15.88
CA THR C 941 -40.22 -9.00 -16.43
C THR C 941 -39.21 -8.66 -15.35
N PRO C 942 -38.45 -9.63 -14.85
CA PRO C 942 -37.35 -9.28 -13.94
C PRO C 942 -36.24 -8.57 -14.69
N SER C 943 -35.41 -7.84 -13.93
CA SER C 943 -34.32 -7.03 -14.45
C SER C 943 -34.80 -5.89 -15.32
N ALA C 944 -36.03 -5.43 -15.11
CA ALA C 944 -36.51 -4.25 -15.83
C ALA C 944 -35.87 -2.98 -15.30
N LEU C 945 -35.51 -2.97 -14.02
CA LEU C 945 -34.85 -1.84 -13.37
C LEU C 945 -33.35 -2.06 -13.24
N GLY C 946 -32.73 -2.67 -14.25
CA GLY C 946 -31.32 -2.99 -14.14
C GLY C 946 -30.43 -1.77 -14.04
N LYS C 947 -30.80 -0.69 -14.75
CA LYS C 947 -29.98 0.52 -14.70
C LYS C 947 -29.95 1.12 -13.30
N LEU C 948 -31.02 0.93 -12.52
CA LEU C 948 -31.04 1.42 -11.15
C LEU C 948 -30.37 0.45 -10.19
N GLN C 949 -30.38 -0.84 -10.50
CA GLN C 949 -29.71 -1.82 -9.65
C GLN C 949 -28.20 -1.79 -9.83
N ASP C 950 -27.73 -1.38 -11.01
CA ASP C 950 -26.29 -1.39 -11.28
C ASP C 950 -25.55 -0.43 -10.37
N VAL C 951 -26.10 0.75 -10.12
CA VAL C 951 -25.41 1.71 -9.27
C VAL C 951 -25.34 1.22 -7.83
N VAL C 952 -26.44 0.62 -7.34
CA VAL C 952 -26.45 0.07 -5.99
C VAL C 952 -25.42 -1.04 -5.87
N ASN C 953 -25.40 -1.94 -6.86
CA ASN C 953 -24.44 -3.05 -6.83
C ASN C 953 -23.01 -2.54 -6.91
N GLN C 954 -22.74 -1.56 -7.76
CA GLN C 954 -21.38 -1.04 -7.88
C GLN C 954 -20.91 -0.38 -6.59
N ASN C 955 -21.78 0.41 -5.96
CA ASN C 955 -21.40 1.04 -4.71
C ASN C 955 -21.16 0.02 -3.62
N ALA C 956 -22.05 -0.99 -3.52
CA ALA C 956 -21.87 -2.02 -2.50
C ALA C 956 -20.58 -2.80 -2.74
N GLN C 957 -20.26 -3.10 -4.00
CA GLN C 957 -19.05 -3.84 -4.30
C GLN C 957 -17.80 -3.04 -3.98
N ALA C 958 -17.81 -1.74 -4.30
CA ALA C 958 -16.67 -0.90 -3.96
C ALA C 958 -16.47 -0.83 -2.45
N LEU C 959 -17.56 -0.71 -1.69
CA LEU C 959 -17.44 -0.68 -0.23
C LEU C 959 -16.94 -2.01 0.31
N ASN C 960 -17.41 -3.13 -0.26
CA ASN C 960 -16.94 -4.44 0.18
C ASN C 960 -15.45 -4.59 -0.05
N THR C 961 -14.97 -4.17 -1.22
CA THR C 961 -13.55 -4.24 -1.50
C THR C 961 -12.76 -3.35 -0.54
N LEU C 962 -13.25 -2.15 -0.28
CA LEU C 962 -12.55 -1.24 0.64
C LEU C 962 -12.45 -1.85 2.03
N VAL C 963 -13.52 -2.52 2.48
CA VAL C 963 -13.51 -3.12 3.81
C VAL C 963 -12.57 -4.33 3.84
N LYS C 964 -12.61 -5.17 2.82
CA LYS C 964 -11.76 -6.36 2.81
C LYS C 964 -10.29 -6.01 2.64
N GLN C 965 -9.97 -4.83 2.13
CA GLN C 965 -8.56 -4.44 2.09
C GLN C 965 -7.98 -4.15 3.46
N LEU C 966 -8.77 -4.22 4.53
CA LEU C 966 -8.25 -4.02 5.87
C LEU C 966 -7.63 -5.28 6.45
N SER C 967 -7.83 -6.43 5.81
CA SER C 967 -7.33 -7.70 6.30
C SER C 967 -6.04 -8.12 5.60
N SER C 968 -5.41 -7.21 4.87
CA SER C 968 -4.19 -7.51 4.14
C SER C 968 -2.97 -7.07 4.93
N ASN C 969 -1.87 -7.80 4.73
CA ASN C 969 -0.65 -7.52 5.49
C ASN C 969 0.14 -6.36 4.90
N PHE C 970 0.23 -6.30 3.58
CA PHE C 970 1.08 -5.33 2.88
C PHE C 970 2.54 -5.46 3.29
N GLY C 971 2.95 -6.66 3.69
CA GLY C 971 4.33 -6.93 4.05
C GLY C 971 4.59 -6.99 5.54
N ALA C 972 3.68 -6.48 6.36
CA ALA C 972 3.88 -6.48 7.80
C ALA C 972 3.73 -7.90 8.35
N ILE C 973 3.87 -8.04 9.66
CA ILE C 973 3.75 -9.34 10.29
C ILE C 973 2.29 -9.70 10.55
N SER C 974 1.43 -8.71 10.77
CA SER C 974 0.02 -8.95 10.95
C SER C 974 -0.76 -7.82 10.31
N SER C 975 -2.02 -8.09 10.01
CA SER C 975 -2.94 -7.07 9.52
C SER C 975 -3.70 -6.37 10.63
N VAL C 976 -3.58 -6.85 11.86
CA VAL C 976 -4.22 -6.25 13.01
C VAL C 976 -3.22 -5.31 13.67
N LEU C 977 -3.58 -4.03 13.76
CA LEU C 977 -2.67 -3.04 14.30
C LEU C 977 -2.45 -3.24 15.78
N ASN C 978 -3.49 -3.66 16.50
CA ASN C 978 -3.37 -3.85 17.94
C ASN C 978 -2.38 -4.95 18.29
N ASP C 979 -2.28 -5.99 17.46
CA ASP C 979 -1.33 -7.06 17.73
C ASP C 979 0.11 -6.58 17.64
N ILE C 980 0.46 -5.93 16.52
CA ILE C 980 1.83 -5.49 16.35
C ILE C 980 2.16 -4.34 17.29
N LEU C 981 1.14 -3.65 17.80
CA LEU C 981 1.36 -2.69 18.87
C LEU C 981 1.56 -3.37 20.22
N SER C 982 0.89 -4.51 20.42
CA SER C 982 0.93 -5.20 21.70
C SER C 982 2.19 -6.02 21.88
N ARG C 983 2.84 -6.47 20.81
CA ARG C 983 4.02 -7.31 21.01
C ARG C 983 5.28 -6.77 20.35
N LEU C 984 5.38 -5.47 20.12
CA LEU C 984 6.63 -4.88 19.69
C LEU C 984 6.83 -3.52 20.35
N ASP C 985 8.08 -3.10 20.43
CA ASP C 985 8.47 -1.80 20.96
C ASP C 985 8.49 -0.77 19.84
N PRO C 986 8.29 0.50 20.17
CA PRO C 986 8.14 1.55 19.14
C PRO C 986 9.19 1.47 18.05
N PRO C 987 10.50 1.49 18.37
CA PRO C 987 11.49 1.72 17.31
C PRO C 987 11.45 0.67 16.20
N GLU C 988 10.96 -0.53 16.47
CA GLU C 988 10.79 -1.53 15.44
C GLU C 988 9.33 -1.86 15.15
N ALA C 989 8.38 -1.28 15.87
CA ALA C 989 6.97 -1.39 15.49
C ALA C 989 6.58 -0.36 14.45
N GLU C 990 7.28 0.78 14.42
CA GLU C 990 6.92 1.83 13.48
C GLU C 990 7.12 1.40 12.03
N VAL C 991 8.05 0.48 11.76
CA VAL C 991 8.27 0.04 10.38
C VAL C 991 7.06 -0.77 9.89
N GLN C 992 6.59 -1.71 10.71
CA GLN C 992 5.40 -2.47 10.34
C GLN C 992 4.18 -1.56 10.23
N ILE C 993 4.06 -0.62 11.17
CA ILE C 993 2.94 0.31 11.12
C ILE C 993 2.99 1.15 9.85
N ASP C 994 4.20 1.55 9.43
CA ASP C 994 4.34 2.33 8.21
C ASP C 994 3.93 1.53 6.99
N ARG C 995 4.28 0.24 6.96
CA ARG C 995 3.83 -0.60 5.85
C ARG C 995 2.30 -0.64 5.79
N LEU C 996 1.66 -0.84 6.95
CA LEU C 996 0.21 -0.83 6.98
C LEU C 996 -0.36 0.52 6.55
N ILE C 997 0.27 1.60 7.02
CA ILE C 997 -0.21 2.95 6.71
C ILE C 997 -0.21 3.17 5.21
N THR C 998 0.91 2.86 4.55
CA THR C 998 0.98 3.13 3.12
C THR C 998 0.00 2.25 2.34
N GLY C 999 -0.11 0.97 2.71
CA GLY C 999 -1.05 0.11 1.99
C GLY C 999 -2.48 0.61 2.10
N ARG C 1000 -2.93 0.90 3.32
CA ARG C 1000 -4.31 1.31 3.52
C ARG C 1000 -4.56 2.69 2.92
N LEU C 1001 -3.59 3.59 3.02
CA LEU C 1001 -3.76 4.93 2.48
C LEU C 1001 -3.96 4.91 0.98
N GLN C 1002 -3.15 4.13 0.26
CA GLN C 1002 -3.35 4.18 -1.18
C GLN C 1002 -4.48 3.28 -1.66
N SER C 1003 -4.90 2.31 -0.84
CA SER C 1003 -6.19 1.65 -1.09
C SER C 1003 -7.34 2.64 -1.01
N LEU C 1004 -7.33 3.48 0.02
CA LEU C 1004 -8.36 4.50 0.17
C LEU C 1004 -8.34 5.48 -1.00
N GLN C 1005 -7.14 5.87 -1.43
CA GLN C 1005 -7.04 6.77 -2.58
C GLN C 1005 -7.66 6.15 -3.82
N THR C 1006 -7.39 4.86 -4.07
CA THR C 1006 -8.03 4.17 -5.19
C THR C 1006 -9.55 4.26 -5.09
N TYR C 1007 -10.09 3.96 -3.91
CA TYR C 1007 -11.54 4.00 -3.74
C TYR C 1007 -12.10 5.39 -4.04
N VAL C 1008 -11.44 6.42 -3.55
CA VAL C 1008 -11.95 7.78 -3.74
C VAL C 1008 -11.92 8.16 -5.22
N THR C 1009 -10.86 7.77 -5.93
CA THR C 1009 -10.80 8.08 -7.36
C THR C 1009 -11.93 7.41 -8.13
N GLN C 1010 -12.19 6.12 -7.84
CA GLN C 1010 -13.29 5.44 -8.52
C GLN C 1010 -14.62 6.12 -8.21
N GLN C 1011 -14.80 6.56 -6.95
CA GLN C 1011 -16.03 7.26 -6.60
C GLN C 1011 -16.18 8.56 -7.37
N LEU C 1012 -15.08 9.30 -7.55
CA LEU C 1012 -15.17 10.55 -8.32
C LEU C 1012 -15.60 10.29 -9.75
N ILE C 1013 -15.03 9.27 -10.39
CA ILE C 1013 -15.40 8.98 -11.77
C ILE C 1013 -16.86 8.54 -11.86
N ARG C 1014 -17.30 7.68 -10.95
CA ARG C 1014 -18.69 7.24 -10.96
C ARG C 1014 -19.65 8.38 -10.69
N ALA C 1015 -19.26 9.32 -9.83
CA ALA C 1015 -20.10 10.48 -9.55
C ALA C 1015 -20.22 11.36 -10.77
N ALA C 1016 -19.14 11.50 -11.55
CA ALA C 1016 -19.24 12.25 -12.79
C ALA C 1016 -20.22 11.59 -13.76
N GLU C 1017 -20.16 10.26 -13.84
CA GLU C 1017 -21.08 9.56 -14.73
C GLU C 1017 -22.54 9.77 -14.32
N ILE C 1018 -22.83 9.62 -13.03
CA ILE C 1018 -24.21 9.80 -12.58
C ILE C 1018 -24.64 11.26 -12.68
N ARG C 1019 -23.72 12.21 -12.56
CA ARG C 1019 -24.08 13.60 -12.80
C ARG C 1019 -24.50 13.82 -14.25
N ALA C 1020 -23.78 13.20 -15.19
CA ALA C 1020 -24.21 13.29 -16.59
C ALA C 1020 -25.61 12.70 -16.77
N SER C 1021 -25.86 11.55 -16.15
CA SER C 1021 -27.18 10.93 -16.28
C SER C 1021 -28.27 11.79 -15.63
N ALA C 1022 -27.96 12.47 -14.52
CA ALA C 1022 -28.96 13.31 -13.87
C ALA C 1022 -29.22 14.58 -14.68
N ASN C 1023 -28.20 15.11 -15.36
CA ASN C 1023 -28.44 16.22 -16.27
C ASN C 1023 -29.37 15.79 -17.40
N LEU C 1024 -29.16 14.58 -17.92
CA LEU C 1024 -30.07 14.07 -18.94
C LEU C 1024 -31.49 13.94 -18.41
N ALA C 1025 -31.64 13.43 -17.20
CA ALA C 1025 -32.99 13.26 -16.63
C ALA C 1025 -33.66 14.60 -16.39
N ALA C 1026 -32.91 15.62 -15.95
CA ALA C 1026 -33.49 16.94 -15.77
C ALA C 1026 -33.91 17.55 -17.11
N THR C 1027 -33.09 17.39 -18.14
CA THR C 1027 -33.47 17.86 -19.46
C THR C 1027 -34.74 17.18 -19.95
N LYS C 1028 -34.84 15.86 -19.75
CA LYS C 1028 -36.03 15.14 -20.19
C LYS C 1028 -37.26 15.56 -19.41
N MET C 1029 -37.12 15.85 -18.11
CA MET C 1029 -38.25 16.38 -17.36
C MET C 1029 -38.69 17.72 -17.92
N SER C 1030 -37.74 18.60 -18.23
CA SER C 1030 -38.10 19.92 -18.72
C SER C 1030 -38.75 19.88 -20.09
N GLU C 1031 -38.35 18.95 -20.96
CA GLU C 1031 -38.79 18.98 -22.35
C GLU C 1031 -39.85 17.97 -22.72
N CYS C 1032 -39.92 16.83 -22.05
CA CYS C 1032 -40.96 15.86 -22.33
C CYS C 1032 -42.17 16.00 -21.43
N VAL C 1033 -41.97 16.42 -20.18
CA VAL C 1033 -43.07 16.51 -19.24
C VAL C 1033 -43.66 17.91 -19.20
N LEU C 1034 -42.82 18.94 -19.17
CA LEU C 1034 -43.30 20.31 -19.11
C LEU C 1034 -43.56 20.90 -20.49
N GLY C 1035 -43.30 20.16 -21.55
CA GLY C 1035 -43.61 20.62 -22.88
C GLY C 1035 -43.98 19.47 -23.79
N GLN C 1036 -44.01 19.72 -25.09
CA GLN C 1036 -44.12 18.67 -26.09
C GLN C 1036 -42.92 18.81 -27.02
N SER C 1037 -42.27 17.69 -27.32
CA SER C 1037 -40.95 17.70 -27.92
C SER C 1037 -41.01 17.26 -29.37
N LYS C 1038 -40.25 17.97 -30.22
CA LYS C 1038 -40.12 17.62 -31.63
C LYS C 1038 -38.81 16.93 -31.95
N ARG C 1039 -37.94 16.75 -30.96
CA ARG C 1039 -36.70 16.02 -31.18
C ARG C 1039 -37.00 14.54 -31.29
N VAL C 1040 -36.44 13.90 -32.32
CA VAL C 1040 -36.80 12.52 -32.61
C VAL C 1040 -36.17 11.59 -31.59
N ASP C 1041 -36.96 10.65 -31.08
CA ASP C 1041 -36.54 9.62 -30.14
C ASP C 1041 -35.99 10.17 -28.84
N PHE C 1042 -36.18 11.46 -28.56
CA PHE C 1042 -35.79 12.00 -27.27
C PHE C 1042 -36.75 11.54 -26.19
N CYS C 1043 -38.04 11.53 -26.49
CA CYS C 1043 -39.05 11.15 -25.53
C CYS C 1043 -39.82 9.94 -26.03
N GLY C 1044 -39.11 8.92 -26.50
CA GLY C 1044 -39.71 7.67 -26.90
C GLY C 1044 -39.81 7.53 -28.41
N LYS C 1045 -40.13 6.31 -28.83
CA LYS C 1045 -40.21 5.98 -30.25
C LYS C 1045 -41.62 6.27 -30.75
N GLY C 1046 -41.73 7.17 -31.71
CA GLY C 1046 -42.99 7.61 -32.25
C GLY C 1046 -43.04 9.11 -32.31
N TYR C 1047 -44.24 9.63 -32.45
CA TYR C 1047 -44.47 11.07 -32.37
C TYR C 1047 -44.89 11.41 -30.95
N HIS C 1048 -44.11 12.24 -30.28
CA HIS C 1048 -44.34 12.52 -28.88
C HIS C 1048 -45.67 13.23 -28.68
N LEU C 1049 -46.48 12.73 -27.77
CA LEU C 1049 -47.66 13.43 -27.28
C LEU C 1049 -47.41 14.00 -25.89
N MET C 1050 -47.05 13.16 -24.92
CA MET C 1050 -46.81 13.68 -23.59
C MET C 1050 -45.96 12.70 -22.80
N SER C 1051 -45.72 13.04 -21.54
CA SER C 1051 -44.91 12.21 -20.67
C SER C 1051 -45.33 12.44 -19.23
N PHE C 1052 -45.21 11.39 -18.43
CA PHE C 1052 -45.57 11.43 -17.02
C PHE C 1052 -44.38 10.94 -16.20
N PRO C 1053 -43.99 11.65 -15.15
CA PRO C 1053 -42.90 11.17 -14.30
C PRO C 1053 -43.38 10.26 -13.19
N GLN C 1054 -42.47 9.38 -12.76
CA GLN C 1054 -42.66 8.55 -11.59
C GLN C 1054 -41.33 8.45 -10.87
N SER C 1055 -41.37 8.46 -9.55
CA SER C 1055 -40.14 8.41 -8.75
C SER C 1055 -39.80 6.96 -8.45
N ALA C 1056 -38.51 6.64 -8.50
CA ALA C 1056 -38.00 5.32 -8.17
C ALA C 1056 -36.81 5.51 -7.25
N PRO C 1057 -36.44 4.48 -6.49
CA PRO C 1057 -35.31 4.64 -5.58
C PRO C 1057 -34.02 4.98 -6.32
N HIS C 1058 -33.53 6.20 -6.07
CA HIS C 1058 -32.33 6.75 -6.70
C HIS C 1058 -32.52 7.00 -8.19
N GLY C 1059 -33.75 7.21 -8.64
CA GLY C 1059 -33.93 7.44 -10.06
C GLY C 1059 -35.33 7.90 -10.40
N VAL C 1060 -35.54 8.09 -11.70
CA VAL C 1060 -36.82 8.53 -12.22
C VAL C 1060 -37.20 7.63 -13.38
N VAL C 1061 -38.50 7.46 -13.58
CA VAL C 1061 -39.06 6.68 -14.67
C VAL C 1061 -40.02 7.57 -15.42
N PHE C 1062 -39.80 7.75 -16.71
CA PHE C 1062 -40.70 8.51 -17.56
C PHE C 1062 -41.58 7.56 -18.34
N LEU C 1063 -42.87 7.85 -18.35
CA LEU C 1063 -43.85 7.14 -19.17
C LEU C 1063 -44.15 8.05 -20.34
N HIS C 1064 -43.68 7.66 -21.52
CA HIS C 1064 -43.81 8.47 -22.73
C HIS C 1064 -45.01 7.99 -23.52
N VAL C 1065 -45.96 8.88 -23.73
CA VAL C 1065 -47.14 8.62 -24.54
C VAL C 1065 -46.88 9.19 -25.92
N THR C 1066 -46.90 8.32 -26.93
CA THR C 1066 -46.56 8.67 -28.31
C THR C 1066 -47.60 8.11 -29.26
N TYR C 1067 -47.53 8.59 -30.49
CA TYR C 1067 -48.49 8.29 -31.55
C TYR C 1067 -47.78 7.51 -32.64
N VAL C 1068 -48.30 6.34 -33.00
CA VAL C 1068 -47.69 5.47 -33.99
C VAL C 1068 -48.71 5.20 -35.10
N PRO C 1069 -48.40 5.52 -36.36
CA PRO C 1069 -49.30 5.15 -37.45
C PRO C 1069 -49.43 3.64 -37.59
N ALA C 1070 -50.61 3.19 -38.01
CA ALA C 1070 -50.96 1.78 -37.87
C ALA C 1070 -51.12 1.04 -39.18
N GLN C 1071 -52.03 1.46 -40.07
CA GLN C 1071 -52.46 0.64 -41.19
C GLN C 1071 -52.31 1.43 -42.48
N GLU C 1072 -51.17 1.28 -43.16
CA GLU C 1072 -50.92 2.08 -44.34
C GLU C 1072 -51.62 1.51 -45.56
N LYS C 1073 -51.86 2.37 -46.54
CA LYS C 1073 -52.38 1.98 -47.84
C LYS C 1073 -51.57 2.65 -48.93
N ASN C 1074 -51.61 2.03 -50.11
CA ASN C 1074 -50.92 2.52 -51.29
C ASN C 1074 -51.82 3.45 -52.08
N PHE C 1075 -51.26 4.57 -52.52
CA PHE C 1075 -51.98 5.48 -53.41
C PHE C 1075 -51.01 5.98 -54.48
N THR C 1076 -51.58 6.52 -55.55
CA THR C 1076 -50.82 7.18 -56.60
C THR C 1076 -50.79 8.67 -56.30
N THR C 1077 -49.67 9.31 -56.62
CA THR C 1077 -49.42 10.67 -56.19
C THR C 1077 -48.93 11.53 -57.35
N ALA C 1078 -49.20 12.83 -57.25
CA ALA C 1078 -48.69 13.81 -58.17
C ALA C 1078 -48.20 15.00 -57.37
N PRO C 1079 -47.09 15.63 -57.78
CA PRO C 1079 -46.65 16.83 -57.06
C PRO C 1079 -47.60 18.00 -57.19
N ALA C 1080 -48.26 18.16 -58.33
CA ALA C 1080 -49.17 19.28 -58.55
C ALA C 1080 -50.27 18.83 -59.49
N ILE C 1081 -51.31 19.67 -59.57
CA ILE C 1081 -52.48 19.41 -60.41
C ILE C 1081 -52.55 20.49 -61.48
N CYS C 1082 -52.70 20.07 -62.73
CA CYS C 1082 -52.78 21.01 -63.84
C CYS C 1082 -54.25 21.34 -64.12
N HIS C 1083 -54.54 22.63 -64.26
CA HIS C 1083 -55.93 23.07 -64.40
C HIS C 1083 -55.93 24.32 -65.27
N ASP C 1084 -56.39 24.16 -66.52
CA ASP C 1084 -56.43 25.21 -67.55
C ASP C 1084 -55.22 26.14 -67.49
N GLY C 1085 -54.04 25.54 -67.57
CA GLY C 1085 -52.81 26.28 -67.67
C GLY C 1085 -52.17 26.68 -66.35
N LYS C 1086 -52.86 26.46 -65.23
CA LYS C 1086 -52.30 26.76 -63.92
C LYS C 1086 -51.87 25.48 -63.23
N ALA C 1087 -50.88 25.62 -62.34
CA ALA C 1087 -50.38 24.51 -61.54
C ALA C 1087 -50.76 24.74 -60.09
N HIS C 1088 -51.45 23.78 -59.49
CA HIS C 1088 -51.91 23.88 -58.12
C HIS C 1088 -51.11 22.94 -57.25
N PHE C 1089 -50.66 23.44 -56.12
CA PHE C 1089 -49.94 22.69 -55.12
C PHE C 1089 -50.76 22.62 -53.84
N PRO C 1090 -50.63 21.55 -53.05
CA PRO C 1090 -51.42 21.48 -51.82
C PRO C 1090 -50.92 22.47 -50.78
N ARG C 1091 -51.87 23.10 -50.09
CA ARG C 1091 -51.50 24.04 -49.04
C ARG C 1091 -50.82 23.31 -47.88
N GLU C 1092 -51.45 22.24 -47.40
CA GLU C 1092 -50.78 21.27 -46.53
C GLU C 1092 -51.45 19.93 -46.78
N GLY C 1093 -50.65 18.93 -47.08
CA GLY C 1093 -51.16 17.64 -47.47
C GLY C 1093 -50.60 17.21 -48.81
N VAL C 1094 -51.17 16.13 -49.32
CA VAL C 1094 -50.70 15.53 -50.57
C VAL C 1094 -51.89 15.22 -51.46
N PHE C 1095 -51.62 15.19 -52.76
CA PHE C 1095 -52.58 14.74 -53.75
C PHE C 1095 -52.48 13.22 -53.84
N VAL C 1096 -53.60 12.53 -53.67
CA VAL C 1096 -53.61 11.08 -53.76
C VAL C 1096 -54.73 10.64 -54.68
N SER C 1097 -54.58 9.46 -55.25
CA SER C 1097 -55.58 8.90 -56.15
C SER C 1097 -55.94 7.50 -55.67
N ASN C 1098 -57.25 7.23 -55.57
CA ASN C 1098 -57.72 5.91 -55.24
C ASN C 1098 -57.80 4.99 -56.45
N GLY C 1099 -57.40 5.48 -57.62
CA GLY C 1099 -57.45 4.71 -58.83
C GLY C 1099 -58.09 5.47 -59.97
N THR C 1100 -59.11 6.27 -59.64
CA THR C 1100 -59.84 7.02 -60.67
C THR C 1100 -59.96 8.50 -60.33
N HIS C 1101 -60.04 8.84 -59.05
CA HIS C 1101 -60.30 10.20 -58.62
C HIS C 1101 -59.16 10.71 -57.74
N TRP C 1102 -58.98 12.03 -57.74
CA TRP C 1102 -57.89 12.67 -57.01
C TRP C 1102 -58.44 13.46 -55.83
N PHE C 1103 -57.72 13.40 -54.72
CA PHE C 1103 -58.13 14.00 -53.46
C PHE C 1103 -56.93 14.68 -52.81
N VAL C 1104 -57.20 15.58 -51.89
CA VAL C 1104 -56.19 16.18 -51.03
C VAL C 1104 -56.36 15.60 -49.64
N THR C 1105 -55.32 14.96 -49.14
CA THR C 1105 -55.36 14.41 -47.80
C THR C 1105 -54.27 15.03 -46.94
N GLN C 1106 -54.44 14.94 -45.63
CA GLN C 1106 -53.37 15.35 -44.75
C GLN C 1106 -52.29 14.28 -44.71
N ARG C 1107 -51.11 14.69 -44.24
CA ARG C 1107 -49.90 13.92 -44.46
C ARG C 1107 -49.86 12.65 -43.61
N ASN C 1108 -50.34 12.71 -42.37
CA ASN C 1108 -50.14 11.64 -41.40
C ASN C 1108 -51.40 10.85 -41.10
N PHE C 1109 -52.45 11.02 -41.89
CA PHE C 1109 -53.71 10.33 -41.63
C PHE C 1109 -54.55 10.44 -42.90
N TYR C 1110 -55.11 9.31 -43.33
CA TYR C 1110 -55.88 9.31 -44.57
C TYR C 1110 -57.25 9.94 -44.31
N GLU C 1111 -57.43 11.16 -44.79
CA GLU C 1111 -58.73 11.85 -44.72
C GLU C 1111 -58.88 12.61 -46.02
N PRO C 1112 -59.39 11.97 -47.06
CA PRO C 1112 -59.41 12.59 -48.39
C PRO C 1112 -60.52 13.61 -48.55
N GLN C 1113 -60.23 14.62 -49.36
CA GLN C 1113 -61.16 15.70 -49.59
C GLN C 1113 -61.10 16.14 -51.05
N ILE C 1114 -62.16 16.81 -51.48
CA ILE C 1114 -62.24 17.29 -52.86
C ILE C 1114 -61.26 18.45 -53.04
N ILE C 1115 -60.52 18.43 -54.14
CA ILE C 1115 -59.56 19.48 -54.42
C ILE C 1115 -60.30 20.75 -54.80
N THR C 1116 -60.12 21.80 -54.01
CA THR C 1116 -60.69 23.10 -54.31
C THR C 1116 -59.58 24.14 -54.38
N THR C 1117 -59.97 25.40 -54.56
CA THR C 1117 -59.03 26.50 -54.53
C THR C 1117 -58.81 27.04 -53.13
N ASP C 1118 -59.33 26.36 -52.11
CA ASP C 1118 -59.14 26.77 -50.73
C ASP C 1118 -58.17 25.87 -49.97
N ASN C 1119 -57.87 24.69 -50.48
CA ASN C 1119 -56.84 23.84 -49.91
C ASN C 1119 -55.65 23.65 -50.85
N THR C 1120 -55.58 24.45 -51.91
CA THR C 1120 -54.46 24.46 -52.82
C THR C 1120 -54.11 25.90 -53.16
N PHE C 1121 -52.85 26.13 -53.50
CA PHE C 1121 -52.40 27.43 -53.99
C PHE C 1121 -51.83 27.28 -55.39
N VAL C 1122 -51.70 28.41 -56.08
CA VAL C 1122 -51.34 28.44 -57.50
C VAL C 1122 -49.98 29.06 -57.65
N SER C 1123 -49.16 28.48 -58.54
CA SER C 1123 -47.84 29.04 -58.83
C SER C 1123 -47.41 28.56 -60.20
N GLY C 1124 -47.33 29.48 -61.16
CA GLY C 1124 -46.81 29.17 -62.47
C GLY C 1124 -47.79 28.43 -63.35
N ASN C 1125 -47.24 27.87 -64.43
CA ASN C 1125 -47.99 27.12 -65.41
C ASN C 1125 -47.55 25.66 -65.41
N CYS C 1126 -48.08 24.89 -66.36
CA CYS C 1126 -48.06 23.44 -66.30
C CYS C 1126 -46.89 22.80 -67.04
N ASP C 1127 -45.77 23.51 -67.22
CA ASP C 1127 -44.72 23.00 -68.09
C ASP C 1127 -43.33 23.05 -67.45
N VAL C 1128 -43.22 23.30 -66.16
CA VAL C 1128 -41.92 23.33 -65.51
C VAL C 1128 -41.87 22.24 -64.44
N VAL C 1129 -43.01 21.92 -63.85
CA VAL C 1129 -43.09 20.86 -62.87
C VAL C 1129 -43.25 19.54 -63.60
N ILE C 1130 -42.35 18.60 -63.33
CA ILE C 1130 -42.34 17.32 -64.03
C ILE C 1130 -43.07 16.28 -63.19
N GLY C 1131 -44.06 15.63 -63.79
CA GLY C 1131 -44.84 14.61 -63.14
C GLY C 1131 -46.20 15.04 -62.67
N ILE C 1132 -46.78 16.08 -63.26
CA ILE C 1132 -48.07 16.58 -62.82
C ILE C 1132 -49.16 15.99 -63.70
N VAL C 1133 -50.37 15.94 -63.16
CA VAL C 1133 -51.48 15.30 -63.83
C VAL C 1133 -52.56 16.32 -64.11
N ASN C 1134 -53.45 15.97 -65.04
CA ASN C 1134 -54.57 16.80 -65.41
C ASN C 1134 -55.78 16.43 -64.56
N ASN C 1135 -56.33 17.42 -63.86
CA ASN C 1135 -57.53 17.22 -63.07
C ASN C 1135 -58.27 18.55 -63.01
N THR C 1136 -59.46 18.52 -62.42
CA THR C 1136 -60.24 19.72 -62.20
C THR C 1136 -60.08 20.18 -60.76
N VAL C 1137 -60.06 21.50 -60.58
CA VAL C 1137 -60.02 22.12 -59.27
C VAL C 1137 -61.25 23.00 -59.13
N TYR C 1138 -62.04 22.74 -58.10
CA TYR C 1138 -63.35 23.37 -57.99
C TYR C 1138 -63.26 24.66 -57.21
N ASP C 1139 -64.19 25.57 -57.50
CA ASP C 1139 -64.28 26.85 -56.81
C ASP C 1139 -65.64 26.94 -56.16
N PRO C 1140 -65.72 27.20 -54.84
CA PRO C 1140 -67.03 27.24 -54.18
C PRO C 1140 -67.95 28.34 -54.68
N LEU C 1141 -67.42 29.38 -55.33
CA LEU C 1141 -68.27 30.47 -55.79
C LEU C 1141 -69.15 30.04 -56.96
N GLN C 1142 -68.79 28.97 -57.66
CA GLN C 1142 -69.55 28.59 -58.84
C GLN C 1142 -70.87 27.91 -58.49
N PRO C 1143 -70.93 26.95 -57.56
CA PRO C 1143 -72.24 26.45 -57.14
C PRO C 1143 -73.10 27.51 -56.48
N GLU C 1144 -72.48 28.56 -55.95
CA GLU C 1144 -73.23 29.59 -55.23
C GLU C 1144 -73.84 30.60 -56.18
N LEU C 1145 -73.01 31.30 -56.96
CA LEU C 1145 -73.47 32.39 -57.79
C LEU C 1145 -74.17 31.93 -59.07
N ASP C 1146 -74.44 30.63 -59.21
CA ASP C 1146 -75.06 30.13 -60.43
C ASP C 1146 -76.34 29.36 -60.11
N ASP D 1 13.57 -34.50 42.36
CA ASP D 1 14.74 -34.79 41.54
C ASP D 1 14.57 -36.11 40.78
N ILE D 2 15.49 -37.04 40.99
CA ILE D 2 15.44 -38.36 40.36
C ILE D 2 15.48 -39.40 41.47
N VAL D 3 14.31 -39.88 41.88
CA VAL D 3 14.17 -40.85 42.94
C VAL D 3 14.22 -42.25 42.32
N MET D 4 15.06 -43.10 42.88
CA MET D 4 15.41 -44.39 42.27
C MET D 4 14.79 -45.53 43.06
N THR D 5 14.20 -46.49 42.35
CA THR D 5 13.69 -47.71 42.95
C THR D 5 14.58 -48.88 42.53
N GLN D 6 15.25 -49.49 43.51
CA GLN D 6 16.19 -50.58 43.26
C GLN D 6 15.61 -51.86 43.84
N SER D 7 15.47 -52.88 43.00
CA SER D 7 14.91 -54.14 43.44
C SER D 7 15.78 -55.30 42.99
N PRO D 8 15.79 -56.41 43.74
CA PRO D 8 15.22 -56.52 45.08
C PRO D 8 16.15 -55.91 46.12
N ASP D 9 15.80 -56.03 47.40
CA ASP D 9 16.57 -55.41 48.47
C ASP D 9 17.20 -56.40 49.42
N SER D 10 16.76 -57.65 49.43
CA SER D 10 17.16 -58.63 50.44
C SER D 10 17.54 -59.95 49.78
N LEU D 11 18.40 -59.88 48.75
CA LEU D 11 18.87 -61.07 48.06
C LEU D 11 19.48 -62.08 49.02
N ALA D 12 18.84 -63.25 49.12
CA ALA D 12 19.34 -64.38 49.89
C ALA D 12 19.36 -65.57 48.95
N VAL D 13 20.44 -65.72 48.20
CA VAL D 13 20.56 -66.72 47.14
C VAL D 13 21.86 -67.48 47.36
N SER D 14 21.81 -68.80 47.17
CA SER D 14 22.94 -69.66 47.46
C SER D 14 24.12 -69.36 46.54
N LEU D 15 25.24 -70.03 46.80
CA LEU D 15 26.48 -69.74 46.11
C LEU D 15 26.44 -70.25 44.66
N GLY D 16 27.26 -69.64 43.82
CA GLY D 16 27.51 -70.12 42.48
C GLY D 16 26.50 -69.72 41.43
N GLU D 17 25.24 -69.47 41.82
CA GLU D 17 24.20 -69.20 40.84
C GLU D 17 24.35 -67.79 40.27
N ARG D 18 23.41 -67.43 39.41
CA ARG D 18 23.26 -66.08 38.90
C ARG D 18 22.37 -65.27 39.83
N ALA D 19 22.43 -63.95 39.70
CA ALA D 19 21.49 -63.07 40.36
C ALA D 19 21.43 -61.75 39.59
N THR D 20 20.35 -61.01 39.80
CA THR D 20 20.13 -59.79 39.05
C THR D 20 19.45 -58.75 39.95
N ILE D 21 19.93 -57.51 39.84
CA ILE D 21 19.36 -56.37 40.55
C ILE D 21 19.01 -55.31 39.52
N ASN D 22 17.71 -54.97 39.49
CA ASN D 22 17.20 -54.00 38.52
C ASN D 22 17.00 -52.64 39.20
N CYS D 23 17.08 -51.58 38.42
CA CYS D 23 16.91 -50.21 38.89
C CYS D 23 15.96 -49.48 37.95
N LYS D 24 15.09 -48.67 38.55
CA LYS D 24 14.03 -47.96 37.86
C LYS D 24 13.84 -46.61 38.54
N SER D 25 14.40 -45.57 37.94
CA SER D 25 14.19 -44.21 38.41
C SER D 25 12.98 -43.58 37.74
N SER D 26 12.50 -42.49 38.33
CA SER D 26 11.38 -41.77 37.74
C SER D 26 11.76 -41.16 36.39
N GLN D 27 12.96 -40.59 36.31
CA GLN D 27 13.45 -39.98 35.10
C GLN D 27 14.20 -41.01 34.25
N SER D 28 14.23 -40.76 32.94
CA SER D 28 14.97 -41.59 32.00
C SER D 28 16.38 -41.00 31.89
N VAL D 29 17.27 -41.46 32.77
CA VAL D 29 18.57 -40.79 32.98
C VAL D 29 19.51 -41.34 31.91
N LEU D 30 19.38 -40.77 30.70
CA LEU D 30 20.23 -41.17 29.53
C LEU D 30 20.56 -39.98 28.64
N TYR D 31 21.43 -40.16 27.64
CA TYR D 31 21.89 -39.04 26.78
C TYR D 31 22.12 -39.58 25.39
N ARG D 32 21.91 -38.77 24.36
CA ARG D 32 22.01 -39.32 22.97
C ARG D 32 23.12 -38.63 22.17
N SER D 33 23.56 -37.45 22.61
CA SER D 33 24.70 -36.81 21.92
C SER D 33 25.87 -37.76 22.11
N ASN D 34 25.97 -38.37 23.30
CA ASN D 34 26.94 -39.45 23.55
C ASN D 34 26.05 -40.60 24.01
N ASN D 35 25.88 -41.67 23.22
CA ASN D 35 24.92 -42.71 23.61
C ASN D 35 25.39 -43.44 24.86
N LYS D 36 25.63 -42.67 25.92
CA LYS D 36 26.13 -43.18 27.18
C LYS D 36 25.11 -42.91 28.28
N ASN D 37 24.72 -43.96 28.98
CA ASN D 37 23.69 -43.90 30.01
C ASN D 37 24.36 -43.49 31.31
N TYR D 38 24.09 -42.27 31.77
CA TYR D 38 24.79 -41.70 32.91
C TYR D 38 24.19 -42.43 34.12
N LEU D 39 24.88 -43.47 34.58
CA LEU D 39 24.43 -44.27 35.72
C LEU D 39 25.47 -45.32 36.06
N ALA D 40 25.63 -45.63 37.34
CA ALA D 40 26.70 -46.50 37.78
C ALA D 40 26.19 -47.52 38.80
N TRP D 41 26.89 -48.64 38.86
CA TRP D 41 26.65 -49.70 39.82
C TRP D 41 27.84 -49.77 40.77
N TYR D 42 27.57 -49.70 42.07
CA TYR D 42 28.57 -49.79 43.13
C TYR D 42 28.25 -50.96 44.06
N GLN D 43 29.25 -51.40 44.81
CA GLN D 43 29.07 -52.41 45.85
C GLN D 43 29.94 -52.05 47.04
N GLN D 44 29.58 -52.62 48.19
CA GLN D 44 30.28 -52.31 49.43
C GLN D 44 30.26 -53.53 50.36
N LYS D 45 31.44 -53.95 50.80
CA LYS D 45 31.56 -54.84 51.93
C LYS D 45 31.48 -54.03 53.23
N PRO D 46 30.86 -54.58 54.27
CA PRO D 46 30.76 -53.85 55.54
C PRO D 46 32.13 -53.51 56.09
N GLY D 47 32.27 -52.27 56.57
CA GLY D 47 33.53 -51.81 57.13
C GLY D 47 34.39 -50.99 56.20
N GLN D 48 34.03 -50.89 54.93
CA GLN D 48 34.82 -50.17 53.94
C GLN D 48 33.92 -49.21 53.18
N PRO D 49 34.47 -48.12 52.64
CA PRO D 49 33.72 -47.34 51.67
C PRO D 49 33.43 -48.17 50.44
N PRO D 50 32.29 -47.96 49.78
CA PRO D 50 31.92 -48.82 48.65
C PRO D 50 32.90 -48.76 47.48
N LYS D 51 32.71 -49.66 46.52
CA LYS D 51 33.63 -49.81 45.39
C LYS D 51 32.85 -49.71 44.09
N LEU D 52 33.45 -49.04 43.10
CA LEU D 52 32.84 -48.86 41.80
C LEU D 52 32.89 -50.16 41.01
N LEU D 53 31.75 -50.54 40.44
CA LEU D 53 31.64 -51.75 39.64
C LEU D 53 31.43 -51.46 38.17
N ILE D 54 30.37 -50.73 37.82
CA ILE D 54 30.03 -50.48 36.43
C ILE D 54 29.80 -48.99 36.21
N TYR D 55 30.39 -48.44 35.15
CA TYR D 55 30.14 -47.08 34.71
C TYR D 55 29.42 -47.12 33.38
N TRP D 56 28.70 -46.03 33.09
CA TRP D 56 27.73 -45.96 31.99
C TRP D 56 26.64 -47.02 32.10
N ALA D 57 26.52 -47.65 33.28
CA ALA D 57 25.49 -48.63 33.60
C ALA D 57 25.64 -49.91 32.77
N SER D 58 26.59 -49.92 31.84
CA SER D 58 26.81 -51.08 30.99
C SER D 58 28.26 -51.54 30.94
N THR D 59 29.22 -50.61 30.96
CA THR D 59 30.59 -50.94 30.63
C THR D 59 31.37 -51.33 31.89
N ARG D 60 32.29 -52.28 31.71
CA ARG D 60 33.09 -52.86 32.78
C ARG D 60 34.40 -52.10 32.94
N GLU D 61 34.79 -51.88 34.20
CA GLU D 61 36.06 -51.22 34.50
C GLU D 61 37.06 -52.25 35.01
N SER D 62 38.35 -51.91 34.97
CA SER D 62 39.40 -52.85 35.32
C SER D 62 39.25 -53.36 36.74
N GLY D 63 39.82 -54.52 37.01
CA GLY D 63 39.68 -55.17 38.30
C GLY D 63 38.32 -55.77 38.56
N VAL D 64 37.46 -55.83 37.55
CA VAL D 64 36.11 -56.37 37.68
C VAL D 64 36.04 -57.65 36.85
N PRO D 65 35.96 -58.82 37.47
CA PRO D 65 35.72 -60.04 36.70
C PRO D 65 34.27 -60.16 36.29
N ASP D 66 33.94 -61.25 35.59
CA ASP D 66 32.59 -61.46 35.08
C ASP D 66 31.61 -61.80 36.20
N ARG D 67 32.08 -61.79 37.45
CA ARG D 67 31.15 -61.88 38.58
C ARG D 67 30.26 -60.65 38.65
N PHE D 68 30.64 -59.57 37.96
CA PHE D 68 29.77 -58.41 37.80
C PHE D 68 29.54 -58.15 36.31
N SER D 69 28.34 -57.66 35.99
CA SER D 69 28.06 -57.26 34.62
C SER D 69 26.95 -56.21 34.63
N GLY D 70 27.21 -55.07 33.99
CA GLY D 70 26.26 -53.97 33.95
C GLY D 70 25.57 -53.90 32.60
N SER D 71 24.28 -53.54 32.64
CA SER D 71 23.50 -53.35 31.43
C SER D 71 22.30 -52.47 31.75
N GLY D 72 21.61 -52.00 30.72
CA GLY D 72 20.39 -51.25 30.89
C GLY D 72 20.34 -50.03 29.99
N SER D 73 19.15 -49.46 29.91
CA SER D 73 18.87 -48.30 29.08
C SER D 73 17.51 -47.76 29.48
N GLY D 74 17.04 -46.75 28.75
CA GLY D 74 15.79 -46.12 29.11
C GLY D 74 15.83 -45.62 30.54
N THR D 75 15.00 -46.19 31.40
CA THR D 75 15.11 -45.98 32.84
C THR D 75 15.14 -47.31 33.60
N ASP D 76 15.38 -48.43 32.90
CA ASP D 76 15.53 -49.72 33.55
C ASP D 76 16.95 -50.24 33.35
N PHE D 77 17.56 -50.73 34.43
CA PHE D 77 18.95 -51.15 34.40
C PHE D 77 19.11 -52.43 35.19
N THR D 78 20.12 -53.22 34.82
CA THR D 78 20.34 -54.52 35.44
C THR D 78 21.81 -54.73 35.74
N LEU D 79 22.10 -55.07 36.99
CA LEU D 79 23.38 -55.63 37.41
C LEU D 79 23.21 -57.13 37.53
N THR D 80 23.94 -57.88 36.73
CA THR D 80 23.86 -59.34 36.71
C THR D 80 25.17 -59.91 37.22
N ILE D 81 25.09 -60.78 38.21
CA ILE D 81 26.25 -61.50 38.74
C ILE D 81 26.12 -62.95 38.30
N SER D 82 27.08 -63.41 37.52
CA SER D 82 26.97 -64.72 36.87
C SER D 82 27.19 -65.84 37.87
N SER D 83 28.30 -65.82 38.60
CA SER D 83 28.59 -66.80 39.63
C SER D 83 28.92 -66.08 40.94
N LEU D 84 28.53 -66.71 42.05
CA LEU D 84 28.76 -66.15 43.38
C LEU D 84 30.04 -66.72 43.95
N GLN D 85 30.66 -65.97 44.86
CA GLN D 85 31.85 -66.42 45.58
C GLN D 85 31.67 -66.06 47.05
N ALA D 86 32.67 -66.40 47.87
CA ALA D 86 32.51 -66.26 49.32
C ALA D 86 32.72 -64.83 49.78
N GLU D 87 33.31 -63.98 48.94
CA GLU D 87 33.58 -62.59 49.31
C GLU D 87 32.46 -61.64 48.91
N ASP D 88 31.36 -62.17 48.37
CA ASP D 88 30.30 -61.33 47.84
C ASP D 88 29.08 -61.26 48.73
N VAL D 89 29.23 -61.40 50.05
CA VAL D 89 28.16 -61.07 50.98
C VAL D 89 28.24 -59.58 51.28
N ALA D 90 27.67 -58.77 50.40
CA ALA D 90 27.89 -57.33 50.42
C ALA D 90 26.61 -56.63 50.03
N VAL D 91 26.61 -55.31 50.18
CA VAL D 91 25.45 -54.48 49.84
C VAL D 91 25.72 -53.79 48.51
N TYR D 92 24.80 -53.95 47.57
CA TYR D 92 24.93 -53.37 46.24
C TYR D 92 24.04 -52.14 46.12
N TYR D 93 24.52 -51.15 45.37
CA TYR D 93 23.81 -49.90 45.16
C TYR D 93 23.85 -49.49 43.69
N CYS D 94 22.83 -48.76 43.29
CA CYS D 94 22.83 -48.01 42.04
C CYS D 94 22.98 -46.53 42.34
N HIS D 95 23.49 -45.78 41.36
CA HIS D 95 23.73 -44.35 41.59
C HIS D 95 23.66 -43.61 40.27
N GLN D 96 22.82 -42.57 40.23
CA GLN D 96 22.72 -41.72 39.06
C GLN D 96 23.80 -40.64 39.07
N TYR D 97 24.20 -40.22 37.88
CA TYR D 97 24.95 -38.97 37.76
C TYR D 97 24.52 -38.17 36.54
N TYR D 98 23.26 -38.33 36.11
CA TYR D 98 22.76 -37.59 34.96
C TYR D 98 22.59 -36.11 35.28
N SER D 99 21.97 -35.80 36.42
CA SER D 99 21.67 -34.42 36.77
C SER D 99 21.56 -34.28 38.28
N THR D 100 22.14 -33.21 38.81
CA THR D 100 22.07 -32.94 40.24
C THR D 100 20.62 -32.69 40.66
N PRO D 101 20.25 -33.02 41.91
CA PRO D 101 21.08 -33.68 42.92
C PRO D 101 21.22 -35.18 42.71
N PHE D 102 22.43 -35.67 42.96
CA PHE D 102 22.73 -37.09 42.79
C PHE D 102 21.97 -37.92 43.82
N THR D 103 21.65 -39.15 43.44
CA THR D 103 20.93 -40.07 44.32
C THR D 103 21.63 -41.42 44.29
N PHE D 104 21.34 -42.23 45.30
CA PHE D 104 21.88 -43.59 45.39
C PHE D 104 20.70 -44.56 45.36
N GLY D 105 21.01 -45.86 45.45
CA GLY D 105 20.00 -46.88 45.56
C GLY D 105 19.62 -47.12 47.01
N GLY D 106 18.61 -47.96 47.20
CA GLY D 106 18.17 -48.31 48.53
C GLY D 106 19.10 -49.29 49.20
N GLY D 107 19.88 -50.00 48.39
CA GLY D 107 20.78 -51.03 48.86
C GLY D 107 20.29 -52.41 48.50
N THR D 108 21.22 -53.37 48.55
CA THR D 108 20.88 -54.76 48.25
C THR D 108 21.88 -55.63 49.02
N LYS D 109 21.45 -56.12 50.19
CA LYS D 109 22.32 -56.89 51.08
C LYS D 109 22.32 -58.37 50.67
N VAL D 110 23.24 -58.67 49.73
CA VAL D 110 23.33 -60.05 49.16
C VAL D 110 24.07 -60.98 50.12
N ASP D 111 23.59 -62.21 50.29
CA ASP D 111 24.35 -63.19 51.10
C ASP D 111 24.23 -64.53 50.40
N ILE D 112 25.21 -65.44 50.59
CA ILE D 112 25.02 -66.80 50.01
C ILE D 112 23.97 -67.47 50.89
N LYS D 113 22.82 -67.84 50.32
CA LYS D 113 21.76 -68.42 51.15
C LYS D 113 22.28 -69.76 51.64
N ARG D 114 22.03 -70.08 52.92
CA ARG D 114 22.48 -71.36 53.48
C ARG D 114 21.25 -72.09 53.99
N THR D 115 21.36 -73.38 54.28
CA THR D 115 20.16 -74.16 54.65
C THR D 115 19.58 -73.62 55.95
N VAL D 116 18.29 -73.87 56.15
CA VAL D 116 17.61 -73.43 57.39
C VAL D 116 18.34 -74.03 58.59
N ALA D 117 18.64 -73.21 59.61
CA ALA D 117 19.48 -73.67 60.74
C ALA D 117 18.63 -74.02 61.97
N ALA D 118 19.25 -74.07 63.16
CA ALA D 118 18.54 -74.39 64.41
C ALA D 118 18.89 -73.36 65.49
N PRO D 119 17.93 -72.60 66.05
CA PRO D 119 18.25 -71.52 67.01
C PRO D 119 18.60 -71.93 68.44
N SER D 120 19.75 -71.47 68.94
CA SER D 120 20.21 -71.79 70.29
C SER D 120 19.61 -70.78 71.25
N VAL D 121 19.31 -71.21 72.48
CA VAL D 121 18.73 -70.34 73.50
C VAL D 121 19.53 -70.52 74.79
N PHE D 122 19.94 -69.41 75.39
CA PHE D 122 20.55 -69.44 76.71
C PHE D 122 20.02 -68.26 77.52
N ILE D 123 19.95 -68.44 78.83
CA ILE D 123 19.39 -67.43 79.72
C ILE D 123 20.38 -67.12 80.84
N PHE D 124 20.28 -65.90 81.36
CA PHE D 124 21.15 -65.38 82.42
C PHE D 124 20.36 -64.43 83.30
N PRO D 125 20.33 -64.65 84.62
CA PRO D 125 19.60 -63.74 85.52
C PRO D 125 20.35 -62.44 85.69
N PRO D 126 19.77 -61.44 86.36
CA PRO D 126 20.53 -60.22 86.64
C PRO D 126 21.75 -60.53 87.48
N SER D 127 22.86 -59.85 87.17
CA SER D 127 24.10 -60.09 87.89
C SER D 127 23.95 -59.69 89.34
N ASP D 128 24.42 -60.56 90.24
CA ASP D 128 24.16 -60.39 91.66
C ASP D 128 24.75 -59.10 92.20
N GLU D 129 25.96 -58.73 91.75
CA GLU D 129 26.55 -57.47 92.21
C GLU D 129 25.99 -56.27 91.46
N GLN D 130 25.34 -56.51 90.32
CA GLN D 130 24.92 -55.41 89.46
C GLN D 130 23.70 -54.67 89.99
N LEU D 131 23.08 -55.20 91.06
CA LEU D 131 21.80 -54.65 91.51
C LEU D 131 21.91 -53.19 91.92
N LYS D 132 23.11 -52.72 92.28
CA LYS D 132 23.31 -51.33 92.69
C LYS D 132 23.33 -50.37 91.51
N SER D 133 23.42 -50.87 90.28
CA SER D 133 23.43 -50.03 89.09
C SER D 133 22.11 -49.29 88.92
N GLY D 134 20.99 -49.97 89.19
CA GLY D 134 19.69 -49.43 88.90
C GLY D 134 19.09 -50.14 87.72
N THR D 135 19.90 -50.98 87.09
CA THR D 135 19.48 -51.77 85.93
C THR D 135 19.74 -53.24 86.21
N ALA D 136 18.71 -54.06 86.03
CA ALA D 136 18.82 -55.51 86.06
C ALA D 136 18.72 -55.99 84.62
N SER D 137 19.72 -56.76 84.18
CA SER D 137 19.80 -57.26 82.82
C SER D 137 19.60 -58.76 82.83
N VAL D 138 18.51 -59.21 82.21
CA VAL D 138 18.21 -60.63 82.10
C VAL D 138 18.39 -61.04 80.66
N VAL D 139 19.39 -61.88 80.39
CA VAL D 139 19.97 -62.00 79.05
C VAL D 139 19.52 -63.31 78.41
N CYS D 140 19.26 -63.26 77.09
CA CYS D 140 18.99 -64.43 76.27
C CYS D 140 19.94 -64.40 75.07
N LEU D 141 20.64 -65.52 74.86
CA LEU D 141 21.69 -65.63 73.87
C LEU D 141 21.28 -66.65 72.81
N LEU D 142 21.54 -66.31 71.54
CA LEU D 142 21.09 -67.08 70.40
C LEU D 142 22.19 -67.12 69.35
N ASN D 143 22.39 -68.28 68.74
CA ASN D 143 23.30 -68.42 67.63
C ASN D 143 22.78 -69.48 66.66
N ASN D 144 23.21 -69.37 65.40
CA ASN D 144 22.99 -70.41 64.40
C ASN D 144 21.49 -70.60 64.11
N PHE D 145 20.84 -69.49 63.80
CA PHE D 145 19.46 -69.54 63.31
C PHE D 145 19.38 -68.81 61.97
N TYR D 146 18.70 -69.45 61.02
CA TYR D 146 18.56 -68.90 59.68
C TYR D 146 17.51 -69.71 58.94
N PRO D 147 16.60 -69.08 58.19
CA PRO D 147 16.49 -67.63 57.93
C PRO D 147 16.09 -66.82 59.15
N ARG D 148 16.43 -65.53 59.17
CA ARG D 148 16.18 -64.72 60.35
C ARG D 148 14.69 -64.47 60.54
N GLU D 149 13.87 -64.79 59.53
CA GLU D 149 12.45 -64.70 59.75
C GLU D 149 12.07 -65.80 60.73
N ALA D 150 12.02 -65.41 61.99
CA ALA D 150 11.87 -66.30 63.13
C ALA D 150 11.68 -65.41 64.35
N LYS D 151 10.77 -65.78 65.23
CA LYS D 151 10.31 -64.84 66.25
C LYS D 151 10.99 -65.15 67.58
N VAL D 152 11.50 -64.11 68.23
CA VAL D 152 12.13 -64.22 69.53
C VAL D 152 11.41 -63.27 70.49
N GLN D 153 11.03 -63.78 71.65
CA GLN D 153 10.23 -62.99 72.59
C GLN D 153 10.72 -63.20 74.01
N TRP D 154 10.80 -62.10 74.77
CA TRP D 154 10.99 -62.14 76.21
C TRP D 154 9.62 -62.00 76.86
N LYS D 155 9.28 -62.94 77.74
CA LYS D 155 8.05 -62.87 78.52
C LYS D 155 8.38 -62.83 80.01
N VAL D 156 7.88 -61.80 80.68
CA VAL D 156 8.00 -61.66 82.12
C VAL D 156 6.60 -61.88 82.69
N ASP D 157 6.29 -63.13 83.02
CA ASP D 157 5.02 -63.52 83.61
C ASP D 157 3.83 -63.06 82.76
N ASN D 158 3.81 -63.52 81.50
CA ASN D 158 2.69 -63.32 80.59
C ASN D 158 2.38 -61.82 80.41
N ALA D 159 3.43 -61.07 80.11
CA ALA D 159 3.31 -59.64 79.83
C ALA D 159 4.27 -59.30 78.71
N LEU D 160 3.73 -58.81 77.60
CA LEU D 160 4.55 -58.53 76.43
C LEU D 160 5.62 -57.49 76.78
N GLN D 161 6.86 -57.81 76.43
CA GLN D 161 8.00 -57.00 76.83
C GLN D 161 8.54 -56.21 75.65
N SER D 162 8.57 -54.89 75.81
CA SER D 162 9.08 -53.98 74.80
C SER D 162 9.61 -52.73 75.48
N GLY D 163 10.58 -52.09 74.84
CA GLY D 163 11.24 -50.95 75.44
C GLY D 163 12.23 -51.36 76.51
N ASN D 164 11.76 -52.11 77.52
CA ASN D 164 12.60 -52.66 78.55
C ASN D 164 13.21 -54.01 78.16
N SER D 165 12.75 -54.59 77.06
CA SER D 165 13.33 -55.80 76.49
C SER D 165 13.79 -55.48 75.08
N GLN D 166 15.11 -55.49 74.87
CA GLN D 166 15.70 -54.94 73.66
C GLN D 166 16.70 -55.94 73.07
N GLU D 167 16.83 -55.91 71.74
CA GLU D 167 17.45 -56.99 70.98
C GLU D 167 18.43 -56.42 69.96
N SER D 168 19.45 -57.22 69.64
CA SER D 168 20.46 -56.87 68.64
C SER D 168 20.91 -58.13 67.91
N VAL D 169 21.38 -57.94 66.68
CA VAL D 169 21.80 -59.04 65.80
C VAL D 169 22.98 -58.59 64.94
N THR D 170 23.96 -59.48 64.78
CA THR D 170 25.11 -59.23 63.92
C THR D 170 24.76 -59.53 62.47
N GLU D 171 25.80 -59.58 61.63
CA GLU D 171 25.68 -59.83 60.21
C GLU D 171 25.65 -61.34 59.95
N GLN D 172 25.82 -61.74 58.69
CA GLN D 172 25.76 -63.14 58.30
C GLN D 172 27.00 -63.84 58.82
N ASP D 173 26.88 -64.54 59.96
CA ASP D 173 28.06 -65.03 60.66
C ASP D 173 28.84 -66.02 59.80
N SER D 174 30.16 -65.85 59.77
CA SER D 174 31.01 -66.60 58.84
C SER D 174 31.10 -68.07 59.21
N LYS D 175 31.12 -68.38 60.51
CA LYS D 175 31.35 -69.75 60.96
C LYS D 175 30.25 -70.69 60.52
N ASP D 176 29.00 -70.25 60.54
CA ASP D 176 27.87 -71.13 60.27
C ASP D 176 26.99 -70.67 59.12
N SER D 177 27.30 -69.54 58.47
CA SER D 177 26.48 -68.98 57.39
C SER D 177 25.06 -68.72 57.86
N THR D 178 24.90 -68.47 59.16
CA THR D 178 23.61 -68.24 59.79
C THR D 178 23.77 -67.16 60.86
N TYR D 179 22.65 -66.56 61.28
CA TYR D 179 22.65 -65.39 62.14
C TYR D 179 22.73 -65.70 63.63
N SER D 180 22.84 -64.64 64.44
CA SER D 180 22.90 -64.75 65.90
C SER D 180 22.11 -63.59 66.48
N LEU D 181 21.78 -63.68 67.77
CA LEU D 181 20.87 -62.72 68.38
C LEU D 181 21.13 -62.62 69.88
N SER D 182 21.15 -61.39 70.39
CA SER D 182 21.26 -61.15 71.82
C SER D 182 20.10 -60.26 72.26
N SER D 183 19.28 -60.75 73.19
CA SER D 183 18.11 -60.01 73.64
C SER D 183 18.07 -59.98 75.16
N THR D 184 17.96 -58.78 75.72
CA THR D 184 18.09 -58.61 77.16
C THR D 184 16.93 -57.80 77.71
N LEU D 185 16.54 -58.16 78.93
CA LEU D 185 15.51 -57.50 79.71
C LEU D 185 16.17 -56.47 80.61
N THR D 186 15.71 -55.22 80.51
CA THR D 186 16.13 -54.16 81.41
C THR D 186 15.02 -53.91 82.42
N LEU D 187 15.36 -53.99 83.71
CA LEU D 187 14.36 -53.81 84.76
C LEU D 187 14.92 -52.93 85.86
N SER D 188 14.02 -52.33 86.61
CA SER D 188 14.38 -51.78 87.90
C SER D 188 14.00 -52.78 89.00
N LYS D 189 14.70 -52.69 90.12
CA LYS D 189 14.47 -53.66 91.19
C LYS D 189 13.04 -53.58 91.71
N ALA D 190 12.50 -52.38 91.90
CA ALA D 190 11.11 -52.22 92.30
C ALA D 190 10.19 -52.96 91.33
N ASP D 191 10.51 -52.90 90.04
CA ASP D 191 9.80 -53.71 89.05
C ASP D 191 10.22 -55.18 89.14
N TYR D 192 11.43 -55.44 89.63
CA TYR D 192 11.97 -56.80 89.58
C TYR D 192 11.29 -57.70 90.61
N GLU D 193 10.96 -57.17 91.79
CA GLU D 193 10.21 -57.99 92.74
C GLU D 193 8.71 -58.07 92.43
N LYS D 194 8.23 -57.37 91.40
CA LYS D 194 6.82 -57.44 91.05
C LYS D 194 6.51 -58.50 90.01
N HIS D 195 7.31 -59.57 89.94
CA HIS D 195 7.07 -60.66 89.01
C HIS D 195 7.44 -61.98 89.68
N LYS D 196 7.26 -63.08 88.96
CA LYS D 196 7.62 -64.41 89.46
C LYS D 196 8.64 -65.12 88.58
N VAL D 197 8.36 -65.27 87.28
CA VAL D 197 9.14 -66.12 86.39
C VAL D 197 9.56 -65.31 85.17
N TYR D 198 10.82 -65.49 84.74
CA TYR D 198 11.35 -64.77 83.59
C TYR D 198 11.74 -65.78 82.51
N ALA D 199 11.29 -65.54 81.28
CA ALA D 199 11.48 -66.53 80.23
C ALA D 199 11.83 -65.85 78.91
N CYS D 200 12.68 -66.50 78.12
CA CYS D 200 12.92 -66.08 76.74
C CYS D 200 12.68 -67.27 75.83
N GLU D 201 11.90 -67.06 74.76
CA GLU D 201 11.55 -68.14 73.84
C GLU D 201 11.89 -67.74 72.42
N VAL D 202 12.20 -68.76 71.62
CA VAL D 202 12.58 -68.59 70.22
C VAL D 202 11.83 -69.62 69.38
N THR D 203 11.24 -69.16 68.29
CA THR D 203 10.60 -70.03 67.31
C THR D 203 11.21 -69.78 65.93
N HIS D 204 11.43 -70.88 65.21
CA HIS D 204 12.09 -70.91 63.92
C HIS D 204 11.26 -71.82 63.02
N GLN D 205 11.53 -71.81 61.71
CA GLN D 205 10.84 -72.77 60.81
C GLN D 205 11.07 -74.19 61.33
N GLY D 206 12.24 -74.45 61.92
CA GLY D 206 12.49 -75.76 62.49
C GLY D 206 11.79 -76.01 63.82
N LEU D 207 11.22 -74.99 64.43
CA LEU D 207 10.47 -75.12 65.68
C LEU D 207 9.01 -74.79 65.44
N SER D 208 8.15 -75.82 65.53
CA SER D 208 6.72 -75.60 65.36
C SER D 208 6.17 -74.70 66.46
N SER D 209 6.77 -74.75 67.64
CA SER D 209 6.38 -73.95 68.79
C SER D 209 7.60 -73.19 69.29
N PRO D 210 7.41 -72.00 69.88
CA PRO D 210 8.54 -71.29 70.44
C PRO D 210 9.06 -71.98 71.70
N VAL D 211 10.30 -72.43 71.62
CA VAL D 211 10.95 -73.15 72.72
C VAL D 211 11.43 -72.13 73.73
N THR D 212 11.14 -72.37 75.00
CA THR D 212 11.27 -71.37 76.06
C THR D 212 12.31 -71.83 77.07
N LYS D 213 13.28 -70.96 77.35
CA LYS D 213 14.22 -71.15 78.44
C LYS D 213 13.86 -70.13 79.51
N SER D 214 13.54 -70.62 80.70
CA SER D 214 12.97 -69.79 81.75
C SER D 214 13.67 -70.07 83.07
N PHE D 215 13.47 -69.16 84.03
CA PHE D 215 13.85 -69.42 85.41
C PHE D 215 12.81 -68.81 86.33
N ASN D 216 12.67 -69.42 87.50
CA ASN D 216 11.82 -68.91 88.57
C ASN D 216 12.70 -68.12 89.52
N ARG D 217 12.25 -66.93 89.90
CA ARG D 217 13.10 -65.99 90.62
C ARG D 217 13.52 -66.56 91.97
N GLY D 218 14.72 -66.18 92.41
CA GLY D 218 15.27 -66.66 93.66
C GLY D 218 15.89 -68.03 93.59
N GLU D 219 15.46 -68.88 92.66
CA GLU D 219 16.01 -70.22 92.48
C GLU D 219 15.94 -71.05 93.76
N GLU E 1 45.97 -44.09 43.64
CA GLU E 1 46.89 -44.21 44.75
C GLU E 1 46.80 -42.93 45.60
N VAL E 2 45.60 -42.71 46.14
CA VAL E 2 45.24 -41.47 46.82
C VAL E 2 44.90 -41.77 48.27
N GLN E 3 45.47 -40.98 49.18
CA GLN E 3 45.18 -41.08 50.61
C GLN E 3 44.54 -39.78 51.07
N LEU E 4 43.45 -39.88 51.83
CA LEU E 4 42.76 -38.73 52.38
C LEU E 4 42.75 -38.85 53.89
N VAL E 5 43.28 -37.84 54.57
CA VAL E 5 43.28 -37.79 56.04
C VAL E 5 42.40 -36.64 56.48
N GLU E 6 41.36 -36.95 57.25
CA GLU E 6 40.33 -35.98 57.61
C GLU E 6 40.52 -35.50 59.04
N SER E 7 40.64 -34.19 59.20
CA SER E 7 40.72 -33.58 60.51
C SER E 7 39.31 -33.35 61.04
N GLY E 8 39.19 -32.77 62.24
CA GLY E 8 37.89 -32.60 62.83
C GLY E 8 37.31 -33.92 63.31
N GLY E 9 36.02 -33.89 63.62
CA GLY E 9 35.32 -35.06 64.10
C GLY E 9 35.18 -35.07 65.61
N GLY E 10 34.60 -36.15 66.10
CA GLY E 10 34.36 -36.34 67.52
C GLY E 10 32.91 -36.05 67.87
N VAL E 11 32.61 -36.19 69.16
CA VAL E 11 31.26 -35.92 69.64
C VAL E 11 30.97 -34.43 69.51
N VAL E 12 29.73 -34.12 69.10
CA VAL E 12 29.28 -32.75 68.99
C VAL E 12 27.88 -32.64 69.59
N GLN E 13 27.59 -31.49 70.15
CA GLN E 13 26.29 -31.21 70.70
C GLN E 13 25.42 -30.48 69.68
N PRO E 14 24.14 -30.82 69.59
CA PRO E 14 23.26 -30.17 68.62
C PRO E 14 23.13 -28.68 68.90
N GLY E 15 23.04 -27.89 67.82
CA GLY E 15 23.06 -26.45 67.93
C GLY E 15 24.44 -25.83 67.88
N ARG E 16 25.49 -26.63 67.74
CA ARG E 16 26.85 -26.12 67.63
C ARG E 16 27.29 -26.17 66.17
N SER E 17 28.26 -25.33 65.81
CA SER E 17 28.77 -25.28 64.45
C SER E 17 30.28 -25.46 64.49
N LEU E 18 30.78 -26.36 63.64
CA LEU E 18 32.21 -26.64 63.55
C LEU E 18 32.52 -27.01 62.12
N ARG E 19 33.69 -27.62 61.90
CA ARG E 19 34.08 -27.91 60.52
C ARG E 19 35.07 -29.07 60.47
N LEU E 20 35.06 -29.78 59.35
CA LEU E 20 36.07 -30.77 58.99
C LEU E 20 36.98 -30.21 57.92
N SER E 21 38.21 -30.73 57.89
CA SER E 21 39.16 -30.43 56.82
C SER E 21 39.85 -31.72 56.42
N CYS E 22 39.74 -32.07 55.15
CA CYS E 22 40.28 -33.31 54.62
C CYS E 22 41.47 -33.01 53.73
N ALA E 23 42.66 -33.43 54.16
CA ALA E 23 43.88 -33.28 53.39
C ALA E 23 44.01 -34.44 52.42
N ALA E 24 44.30 -34.13 51.16
CA ALA E 24 44.46 -35.13 50.12
C ALA E 24 45.93 -35.30 49.77
N SER E 25 46.31 -36.51 49.37
CA SER E 25 47.68 -36.78 48.96
C SER E 25 47.68 -37.84 47.87
N GLY E 26 48.66 -37.72 46.98
CA GLY E 26 48.85 -38.66 45.90
C GLY E 26 48.37 -38.20 44.54
N PHE E 27 47.98 -36.94 44.38
CA PHE E 27 47.53 -36.49 43.06
C PHE E 27 47.61 -34.97 43.01
N THR E 28 47.15 -34.42 41.89
CA THR E 28 47.05 -32.97 41.70
C THR E 28 45.71 -32.48 42.22
N PHE E 29 45.70 -31.83 43.40
CA PHE E 29 44.44 -31.53 44.07
C PHE E 29 43.57 -30.55 43.29
N SER E 30 44.16 -29.53 42.69
CA SER E 30 43.40 -28.41 42.14
C SER E 30 42.80 -28.71 40.76
N SER E 31 42.63 -29.98 40.41
CA SER E 31 42.04 -30.34 39.13
C SER E 31 41.09 -31.53 39.28
N TYR E 32 40.49 -31.68 40.46
CA TYR E 32 39.54 -32.77 40.68
C TYR E 32 38.38 -32.32 41.56
N PRO E 33 37.13 -32.54 41.14
CA PRO E 33 35.98 -32.21 42.00
C PRO E 33 35.91 -33.11 43.22
N MET E 34 35.39 -32.57 44.33
CA MET E 34 35.31 -33.30 45.59
C MET E 34 33.85 -33.57 45.93
N HIS E 35 33.61 -34.70 46.58
CA HIS E 35 32.30 -35.10 47.06
C HIS E 35 32.33 -35.46 48.55
N TRP E 36 31.22 -35.18 49.22
CA TRP E 36 30.95 -35.71 50.55
C TRP E 36 29.86 -36.76 50.44
N VAL E 37 30.15 -37.98 50.91
CA VAL E 37 29.18 -39.06 50.87
C VAL E 37 29.04 -39.61 52.29
N ARG E 38 27.87 -39.42 52.88
CA ARG E 38 27.52 -39.95 54.18
C ARG E 38 27.39 -41.46 54.12
N GLN E 39 28.03 -42.13 55.09
CA GLN E 39 27.84 -43.55 55.32
C GLN E 39 27.27 -43.67 56.73
N ALA E 40 25.94 -43.73 56.81
CA ALA E 40 25.21 -43.79 58.07
C ALA E 40 25.22 -45.22 58.61
N PRO E 41 25.32 -45.37 59.92
CA PRO E 41 25.23 -46.72 60.51
C PRO E 41 23.89 -47.37 60.22
N GLY E 42 23.92 -48.43 59.41
CA GLY E 42 22.73 -49.19 59.11
C GLY E 42 21.85 -48.62 57.99
N LYS E 43 22.20 -47.46 57.44
CA LYS E 43 21.43 -46.87 56.34
C LYS E 43 22.12 -47.07 55.00
N GLY E 44 23.34 -46.62 54.86
CA GLY E 44 24.09 -46.77 53.62
C GLY E 44 24.62 -45.44 53.12
N LEU E 45 24.50 -45.24 51.82
CA LEU E 45 25.11 -44.09 51.17
C LEU E 45 24.10 -42.96 51.00
N GLU E 46 24.54 -41.74 51.33
CA GLU E 46 23.75 -40.54 51.11
C GLU E 46 24.64 -39.43 50.61
N TRP E 47 24.42 -39.00 49.36
CA TRP E 47 25.19 -37.91 48.81
C TRP E 47 24.93 -36.62 49.58
N VAL E 48 25.96 -35.76 49.65
CA VAL E 48 25.82 -34.52 50.41
C VAL E 48 26.04 -33.31 49.51
N ALA E 49 27.23 -33.20 48.93
CA ALA E 49 27.60 -31.98 48.24
C ALA E 49 28.67 -32.28 47.19
N VAL E 50 28.97 -31.28 46.38
CA VAL E 50 30.04 -31.34 45.39
C VAL E 50 30.60 -29.94 45.13
N ILE E 51 31.93 -29.88 44.97
CA ILE E 51 32.66 -28.64 44.68
C ILE E 51 33.44 -28.82 43.39
N SER E 52 33.40 -27.80 42.53
CA SER E 52 34.03 -27.95 41.19
C SER E 52 35.55 -28.20 41.29
N TYR E 53 36.18 -28.55 40.17
CA TYR E 53 37.64 -28.84 40.16
C TYR E 53 38.37 -27.56 40.58
N ASP E 54 37.90 -26.40 40.12
CA ASP E 54 38.51 -25.14 40.62
C ASP E 54 37.70 -24.69 41.83
N GLY E 55 36.62 -25.40 42.15
CA GLY E 55 35.73 -24.97 43.26
C GLY E 55 34.75 -23.91 42.80
N SER E 56 34.60 -23.74 41.48
CA SER E 56 33.72 -22.67 40.92
C SER E 56 32.25 -22.87 41.28
N ASN E 57 31.73 -24.10 41.23
CA ASN E 57 30.28 -24.31 41.45
C ASN E 57 30.05 -25.17 42.70
N LYS E 58 29.02 -24.84 43.49
CA LYS E 58 28.79 -25.62 44.70
C LYS E 58 27.38 -26.19 44.66
N TYR E 59 27.25 -27.50 44.85
CA TYR E 59 25.93 -28.10 44.96
C TYR E 59 25.79 -28.82 46.30
N TYR E 60 24.63 -28.63 46.92
CA TYR E 60 24.29 -29.19 48.22
C TYR E 60 23.08 -30.11 48.06
N ALA E 61 22.81 -30.91 49.08
CA ALA E 61 21.71 -31.87 49.02
C ALA E 61 20.41 -31.21 49.45
N ASP E 62 19.29 -31.91 49.25
CA ASP E 62 17.96 -31.40 49.52
C ASP E 62 17.70 -31.19 51.02
N SER E 63 17.81 -32.24 51.82
CA SER E 63 17.57 -32.15 53.25
C SER E 63 18.75 -31.56 54.01
N VAL E 64 19.68 -30.91 53.31
CA VAL E 64 20.89 -30.35 53.92
C VAL E 64 20.79 -28.84 53.85
N LYS E 65 19.83 -28.33 53.07
CA LYS E 65 19.58 -26.90 52.99
C LYS E 65 19.44 -26.28 54.38
N GLY E 66 20.16 -25.18 54.59
CA GLY E 66 20.16 -24.50 55.86
C GLY E 66 21.12 -25.05 56.89
N ARG E 67 21.89 -26.09 56.55
CA ARG E 67 22.78 -26.73 57.50
C ARG E 67 24.26 -26.51 57.21
N PHE E 68 24.72 -26.89 56.01
CA PHE E 68 26.14 -27.02 55.75
C PHE E 68 26.61 -25.96 54.74
N THR E 69 27.91 -25.71 54.77
CA THR E 69 28.59 -25.07 53.65
C THR E 69 29.89 -25.83 53.42
N ILE E 70 30.34 -25.90 52.18
CA ILE E 70 31.53 -26.68 51.83
C ILE E 70 32.42 -25.82 50.95
N SER E 71 33.66 -25.60 51.40
CA SER E 71 34.67 -24.87 50.65
C SER E 71 35.84 -25.81 50.37
N ARG E 72 36.86 -25.30 49.71
CA ARG E 72 37.97 -26.15 49.27
C ARG E 72 39.26 -25.33 49.29
N ASP E 73 40.15 -25.66 50.22
CA ASP E 73 41.45 -24.99 50.34
C ASP E 73 42.43 -25.79 49.49
N ASN E 74 42.61 -25.37 48.24
CA ASN E 74 43.45 -26.11 47.31
C ASN E 74 44.92 -26.04 47.69
N SER E 75 45.30 -25.03 48.49
CA SER E 75 46.71 -24.82 48.80
C SER E 75 47.30 -25.99 49.58
N LYS E 76 46.66 -26.38 50.68
CA LYS E 76 47.12 -27.51 51.46
C LYS E 76 46.39 -28.79 51.11
N ASN E 77 45.79 -28.87 49.93
CA ASN E 77 45.14 -30.08 49.42
C ASN E 77 44.02 -30.53 50.36
N THR E 78 43.16 -29.58 50.74
CA THR E 78 42.12 -29.87 51.72
C THR E 78 40.76 -29.46 51.19
N LEU E 79 39.75 -30.21 51.63
CA LEU E 79 38.34 -29.90 51.43
C LEU E 79 37.73 -29.60 52.80
N TYR E 80 37.10 -28.44 52.93
CA TYR E 80 36.54 -27.99 54.19
C TYR E 80 35.03 -28.14 54.16
N LEU E 81 34.46 -28.73 55.21
CA LEU E 81 33.01 -28.79 55.35
C LEU E 81 32.64 -28.17 56.69
N GLN E 82 32.06 -26.98 56.66
CA GLN E 82 31.57 -26.30 57.85
C GLN E 82 30.12 -26.72 58.08
N MET E 83 29.90 -27.53 59.11
CA MET E 83 28.57 -27.99 59.45
C MET E 83 28.02 -27.18 60.63
N ASN E 84 26.73 -26.85 60.55
CA ASN E 84 26.08 -25.97 61.53
C ASN E 84 24.78 -26.60 62.00
N SER E 85 24.45 -26.38 63.28
CA SER E 85 23.16 -26.74 63.85
C SER E 85 22.81 -28.21 63.61
N LEU E 86 23.72 -29.10 64.01
CA LEU E 86 23.55 -30.52 63.72
C LEU E 86 22.40 -31.12 64.51
N ARG E 87 21.80 -32.17 63.95
CA ARG E 87 20.70 -32.90 64.55
C ARG E 87 21.16 -34.33 64.87
N ALA E 88 20.42 -34.98 65.76
CA ALA E 88 20.81 -36.29 66.26
C ALA E 88 20.84 -37.37 65.18
N GLU E 89 20.24 -37.12 64.02
CA GLU E 89 20.22 -38.06 62.92
C GLU E 89 21.48 -38.02 62.07
N ASP E 90 22.35 -37.02 62.31
CA ASP E 90 23.51 -36.76 61.42
C ASP E 90 24.81 -37.47 61.84
N THR E 91 24.72 -38.52 62.65
CA THR E 91 25.92 -39.30 62.94
C THR E 91 26.17 -40.34 61.86
N ALA E 92 27.38 -40.34 61.31
CA ALA E 92 27.78 -41.19 60.20
C ALA E 92 29.26 -40.93 59.93
N VAL E 93 29.86 -41.78 59.08
CA VAL E 93 31.20 -41.53 58.57
C VAL E 93 31.07 -40.85 57.22
N TYR E 94 31.53 -39.62 57.12
CA TYR E 94 31.28 -38.81 55.93
C TYR E 94 32.51 -38.84 55.04
N TYR E 95 32.57 -39.84 54.16
CA TYR E 95 33.73 -40.10 53.32
C TYR E 95 33.87 -38.99 52.29
N CYS E 96 35.04 -38.37 52.28
CA CYS E 96 35.43 -37.48 51.20
C CYS E 96 35.90 -38.29 50.00
N ALA E 97 35.52 -37.82 48.81
CA ALA E 97 35.75 -38.61 47.60
C ALA E 97 36.23 -37.74 46.45
N ARG E 98 37.14 -38.28 45.64
CA ARG E 98 37.69 -37.58 44.48
C ARG E 98 37.01 -38.05 43.21
N ASP E 99 36.54 -37.11 42.40
CA ASP E 99 35.85 -37.44 41.16
C ASP E 99 36.84 -37.77 40.06
N THR E 100 36.30 -38.22 38.93
CA THR E 100 37.05 -38.33 37.68
C THR E 100 36.36 -37.45 36.64
N GLU E 101 37.12 -36.52 36.07
CA GLU E 101 36.57 -35.62 35.06
C GLU E 101 36.51 -36.38 33.74
N ASP E 102 35.48 -37.19 33.60
CA ASP E 102 35.30 -38.03 32.41
C ASP E 102 33.98 -37.77 31.69
N CYS E 103 32.91 -37.47 32.42
CA CYS E 103 31.62 -37.20 31.82
C CYS E 103 31.66 -35.90 31.02
N SER E 104 30.65 -35.68 30.18
CA SER E 104 30.65 -34.53 29.28
C SER E 104 30.62 -33.21 30.03
N SER E 105 30.02 -33.20 31.22
CA SER E 105 29.93 -31.99 32.02
C SER E 105 30.93 -32.05 33.17
N THR E 106 30.89 -31.04 34.05
CA THR E 106 31.86 -30.92 35.13
C THR E 106 31.35 -31.62 36.39
N THR E 107 30.92 -32.87 36.18
CA THR E 107 30.50 -33.76 37.25
C THR E 107 30.28 -35.14 36.65
N CYS E 108 30.63 -36.17 37.40
CA CYS E 108 30.62 -37.53 36.83
C CYS E 108 30.66 -38.52 38.00
N TYR E 109 30.85 -39.79 37.68
CA TYR E 109 30.95 -40.79 38.75
C TYR E 109 32.30 -40.68 39.47
N VAL E 110 32.37 -41.31 40.63
CA VAL E 110 33.47 -41.14 41.56
C VAL E 110 34.21 -42.46 41.71
N ASP E 111 35.52 -42.38 41.94
CA ASP E 111 36.38 -43.55 42.03
C ASP E 111 37.08 -43.71 43.37
N TYR E 112 37.66 -42.63 43.92
CA TYR E 112 38.52 -42.71 45.09
C TYR E 112 37.78 -42.21 46.32
N TRP E 113 37.81 -43.01 47.39
CA TRP E 113 37.20 -42.67 48.67
C TRP E 113 38.26 -42.47 49.73
N GLY E 114 38.09 -41.40 50.52
CA GLY E 114 38.96 -41.14 51.64
C GLY E 114 38.26 -41.39 52.96
N GLN E 115 39.01 -41.83 53.97
CA GLN E 115 38.39 -42.32 55.19
C GLN E 115 38.02 -41.17 56.12
N GLY E 116 36.75 -40.78 56.08
CA GLY E 116 36.32 -39.61 56.81
C GLY E 116 36.21 -39.86 58.31
N THR E 117 35.86 -38.81 59.03
CA THR E 117 35.75 -38.86 60.48
C THR E 117 34.38 -39.38 60.90
N LEU E 118 34.09 -39.25 62.18
CA LEU E 118 32.87 -39.78 62.81
C LEU E 118 32.23 -38.70 63.68
N VAL E 119 31.99 -37.53 63.11
CA VAL E 119 31.31 -36.46 63.83
C VAL E 119 30.06 -37.03 64.48
N THR E 120 29.99 -36.96 65.81
CA THR E 120 28.98 -37.66 66.58
C THR E 120 28.03 -36.64 67.19
N VAL E 121 26.75 -36.77 66.86
CA VAL E 121 25.73 -35.81 67.22
C VAL E 121 24.99 -36.35 68.44
N SER E 122 25.08 -35.62 69.55
CA SER E 122 24.44 -36.02 70.80
C SER E 122 24.50 -34.87 71.81
N SER E 123 23.44 -34.70 72.60
CA SER E 123 23.42 -33.72 73.67
C SER E 123 23.34 -34.49 74.99
N ALA E 124 24.51 -34.94 75.46
CA ALA E 124 24.61 -35.76 76.65
C ALA E 124 26.07 -35.98 76.98
N SER E 125 26.34 -36.47 78.19
CA SER E 125 27.70 -36.73 78.60
C SER E 125 28.22 -38.03 77.98
N THR E 126 29.54 -38.09 77.77
CA THR E 126 30.19 -39.30 77.29
C THR E 126 30.36 -40.28 78.44
N LYS E 127 29.44 -41.24 78.55
CA LYS E 127 29.45 -42.15 79.69
C LYS E 127 30.24 -43.41 79.39
N GLY E 128 31.16 -43.74 80.28
CA GLY E 128 31.98 -44.93 80.15
C GLY E 128 31.23 -46.19 80.51
N PRO E 129 31.50 -47.28 79.78
CA PRO E 129 30.79 -48.53 80.03
C PRO E 129 31.18 -49.15 81.37
N SER E 130 30.21 -49.79 82.01
CA SER E 130 30.47 -50.65 83.16
C SER E 130 30.37 -52.10 82.68
N VAL E 131 31.37 -52.90 83.03
CA VAL E 131 31.50 -54.25 82.54
C VAL E 131 30.73 -55.18 83.47
N PHE E 132 29.89 -56.05 82.92
CA PHE E 132 29.09 -56.91 83.76
C PHE E 132 29.27 -58.37 83.34
N PRO E 133 29.26 -59.31 84.28
CA PRO E 133 29.44 -60.72 83.94
C PRO E 133 28.20 -61.32 83.30
N LEU E 134 28.38 -62.49 82.71
CA LEU E 134 27.25 -63.28 82.23
C LEU E 134 27.63 -64.75 82.35
N ALA E 135 27.28 -65.35 83.50
CA ALA E 135 27.48 -66.76 83.78
C ALA E 135 26.38 -67.17 84.73
N PRO E 136 25.29 -67.79 84.23
CA PRO E 136 24.14 -68.09 85.10
C PRO E 136 24.48 -69.06 86.21
N SER E 137 25.47 -69.92 85.99
CA SER E 137 26.00 -70.86 86.99
C SER E 137 25.03 -72.00 87.25
N SER E 138 23.83 -71.91 86.68
CA SER E 138 22.85 -72.99 86.74
C SER E 138 22.09 -73.20 85.45
N LYS E 139 22.21 -72.30 84.48
CA LYS E 139 21.49 -72.38 83.22
C LYS E 139 22.39 -72.67 82.02
N SER E 140 23.70 -72.82 82.23
CA SER E 140 24.63 -73.19 81.18
C SER E 140 24.67 -74.71 80.95
N THR E 141 23.64 -75.43 81.40
CA THR E 141 23.62 -76.89 81.36
C THR E 141 23.26 -77.35 79.94
N SER E 142 24.13 -76.98 78.99
CA SER E 142 24.04 -77.47 77.63
C SER E 142 25.02 -78.60 77.35
N GLY E 143 25.81 -79.00 78.35
CA GLY E 143 26.72 -80.10 78.21
C GLY E 143 28.00 -79.77 77.46
N GLY E 144 27.90 -79.59 76.15
CA GLY E 144 29.07 -79.40 75.33
C GLY E 144 29.45 -77.96 75.08
N THR E 145 28.48 -77.13 74.68
CA THR E 145 28.74 -75.75 74.33
C THR E 145 27.59 -74.87 74.82
N ALA E 146 27.87 -74.04 75.83
CA ALA E 146 26.90 -73.08 76.33
C ALA E 146 27.49 -71.67 76.19
N ALA E 147 26.65 -70.73 75.74
CA ALA E 147 27.08 -69.36 75.52
C ALA E 147 27.03 -68.57 76.81
N LEU E 148 28.18 -68.05 77.24
CA LEU E 148 28.25 -67.17 78.39
C LEU E 148 29.10 -65.97 78.02
N GLY E 149 28.82 -64.83 78.63
CA GLY E 149 29.41 -63.61 78.11
C GLY E 149 29.61 -62.41 79.01
N CYS E 150 29.50 -61.23 78.42
CA CYS E 150 29.88 -59.96 79.03
C CYS E 150 28.95 -58.87 78.55
N LEU E 151 28.63 -57.93 79.45
CA LEU E 151 27.78 -56.79 79.15
C LEU E 151 28.60 -55.51 79.21
N VAL E 152 28.35 -54.63 78.23
CA VAL E 152 29.15 -53.43 78.01
C VAL E 152 28.22 -52.21 78.13
N LYS E 153 27.25 -52.30 79.03
CA LYS E 153 26.18 -51.31 79.09
C LYS E 153 26.71 -49.89 79.32
N ASP E 154 26.06 -48.91 78.68
CA ASP E 154 26.39 -47.47 78.86
C ASP E 154 27.75 -47.06 78.31
N TYR E 155 28.00 -47.20 77.00
CA TYR E 155 29.27 -46.74 76.39
C TYR E 155 28.95 -45.69 75.30
N PHE E 156 29.59 -44.52 75.33
CA PHE E 156 29.37 -43.54 74.23
C PHE E 156 30.63 -42.69 73.99
N PRO E 157 31.06 -42.36 72.75
CA PRO E 157 30.63 -43.00 71.48
C PRO E 157 30.95 -44.50 71.31
N GLU E 158 30.44 -45.10 70.24
CA GLU E 158 30.54 -46.59 70.03
C GLU E 158 31.93 -47.23 69.94
N PRO E 159 33.08 -46.55 69.69
CA PRO E 159 34.34 -47.28 69.59
C PRO E 159 34.46 -48.15 70.85
N VAL E 160 34.72 -49.44 70.68
CA VAL E 160 34.75 -50.38 71.83
C VAL E 160 35.65 -51.57 71.45
N THR E 161 36.10 -52.36 72.44
CA THR E 161 37.09 -53.45 72.21
C THR E 161 36.80 -54.60 73.18
N VAL E 162 36.48 -55.79 72.67
CA VAL E 162 36.25 -56.95 73.53
C VAL E 162 37.28 -58.02 73.20
N SER E 163 37.97 -58.51 74.22
CA SER E 163 38.90 -59.63 74.11
C SER E 163 38.59 -60.58 75.26
N TRP E 164 38.52 -61.88 74.97
CA TRP E 164 38.15 -62.86 75.96
C TRP E 164 39.39 -63.58 76.49
N ASN E 165 39.69 -63.36 77.76
CA ASN E 165 40.94 -63.82 78.38
C ASN E 165 42.14 -63.36 77.57
N SER E 166 42.13 -62.08 77.19
CA SER E 166 43.12 -61.51 76.28
C SER E 166 43.10 -62.21 74.92
N GLY E 167 41.90 -62.58 74.48
CA GLY E 167 41.74 -63.25 73.21
C GLY E 167 41.95 -64.75 73.21
N ALA E 168 42.01 -65.38 74.39
CA ALA E 168 42.32 -66.81 74.47
C ALA E 168 41.23 -67.64 73.79
N LEU E 169 39.99 -67.18 73.84
CA LEU E 169 38.88 -67.86 73.17
C LEU E 169 38.60 -67.13 71.86
N THR E 170 38.61 -67.87 70.77
CA THR E 170 38.43 -67.30 69.43
C THR E 170 37.20 -67.84 68.71
N SER E 171 36.72 -69.02 69.05
CA SER E 171 35.56 -69.60 68.39
C SER E 171 34.29 -69.23 69.15
N GLY E 172 33.28 -68.77 68.41
CA GLY E 172 32.04 -68.35 69.01
C GLY E 172 32.09 -67.00 69.70
N VAL E 173 33.09 -66.18 69.42
CA VAL E 173 33.19 -64.85 70.01
C VAL E 173 32.18 -63.95 69.32
N HIS E 174 31.02 -63.82 69.93
CA HIS E 174 29.94 -63.00 69.40
C HIS E 174 30.07 -61.59 69.96
N THR E 175 30.50 -60.65 69.12
CA THR E 175 30.46 -59.23 69.43
C THR E 175 29.30 -58.60 68.67
N PHE E 176 28.32 -58.11 69.42
CA PHE E 176 27.03 -57.71 68.88
C PHE E 176 26.97 -56.20 68.66
N PRO E 177 26.16 -55.74 67.70
CA PRO E 177 25.95 -54.29 67.55
C PRO E 177 25.21 -53.76 68.77
N ALA E 178 25.25 -52.45 68.95
CA ALA E 178 24.67 -51.83 70.14
C ALA E 178 23.21 -52.19 70.28
N VAL E 179 22.80 -52.55 71.50
CA VAL E 179 21.40 -52.72 71.85
C VAL E 179 20.95 -51.47 72.59
N LEU E 180 20.40 -50.52 71.83
CA LEU E 180 20.22 -49.17 72.33
C LEU E 180 19.12 -49.11 73.37
N GLN E 181 19.47 -48.61 74.55
CA GLN E 181 18.46 -48.31 75.56
C GLN E 181 17.52 -47.22 75.05
N SER E 182 16.27 -47.28 75.51
CA SER E 182 15.25 -46.34 75.06
C SER E 182 15.66 -44.89 75.29
N SER E 183 16.52 -44.63 76.28
CA SER E 183 17.07 -43.31 76.48
C SER E 183 18.31 -43.05 75.61
N GLY E 184 18.50 -43.83 74.55
CA GLY E 184 19.60 -43.61 73.63
C GLY E 184 20.96 -44.04 74.11
N LEU E 185 21.03 -44.83 75.19
CA LEU E 185 22.30 -45.26 75.75
C LEU E 185 22.72 -46.58 75.12
N TYR E 186 23.99 -46.65 74.74
CA TYR E 186 24.49 -47.80 74.00
C TYR E 186 24.84 -48.95 74.95
N SER E 187 24.57 -50.16 74.49
CA SER E 187 24.91 -51.37 75.23
C SER E 187 25.07 -52.50 74.25
N LEU E 188 25.90 -53.48 74.61
CA LEU E 188 26.04 -54.67 73.79
C LEU E 188 26.56 -55.80 74.66
N SER E 189 26.28 -57.03 74.24
CA SER E 189 26.75 -58.23 74.90
C SER E 189 27.69 -58.99 73.98
N SER E 190 28.83 -59.40 74.52
CA SER E 190 29.82 -60.17 73.78
C SER E 190 30.07 -61.47 74.52
N VAL E 191 29.95 -62.59 73.81
CA VAL E 191 29.87 -63.90 74.46
C VAL E 191 30.81 -64.90 73.79
N VAL E 192 31.10 -65.98 74.52
CA VAL E 192 31.90 -67.10 74.03
C VAL E 192 31.29 -68.40 74.51
N THR E 193 31.75 -69.51 73.94
CA THR E 193 31.20 -70.83 74.19
C THR E 193 32.08 -71.57 75.20
N VAL E 194 31.43 -72.22 76.17
CA VAL E 194 32.14 -72.94 77.23
C VAL E 194 31.48 -74.30 77.43
N PRO E 195 32.25 -75.39 77.53
CA PRO E 195 31.69 -76.63 78.10
C PRO E 195 31.42 -76.46 79.59
N SER E 196 30.17 -76.70 80.01
CA SER E 196 29.79 -76.40 81.39
C SER E 196 30.53 -77.28 82.39
N SER E 197 31.12 -78.39 81.94
CA SER E 197 31.94 -79.21 82.83
C SER E 197 33.27 -78.54 83.14
N SER E 198 33.63 -77.50 82.39
CA SER E 198 34.88 -76.77 82.57
C SER E 198 34.61 -75.28 82.77
N LEU E 199 33.63 -74.96 83.63
CA LEU E 199 33.27 -73.56 83.86
C LEU E 199 34.39 -72.81 84.56
N GLY E 200 34.91 -73.37 85.64
CA GLY E 200 35.93 -72.69 86.44
C GLY E 200 37.36 -73.02 86.10
N THR E 201 37.60 -73.79 85.03
CA THR E 201 38.97 -74.13 84.66
C THR E 201 39.77 -72.88 84.29
N GLN E 202 39.15 -71.97 83.54
CA GLN E 202 39.79 -70.74 83.13
C GLN E 202 38.95 -69.56 83.61
N THR E 203 39.51 -68.76 84.51
CA THR E 203 38.81 -67.57 84.97
C THR E 203 38.69 -66.56 83.83
N TYR E 204 37.45 -66.15 83.55
CA TYR E 204 37.16 -65.31 82.40
C TYR E 204 37.19 -63.85 82.82
N ILE E 205 37.91 -63.04 82.05
CA ILE E 205 37.98 -61.60 82.27
C ILE E 205 37.56 -60.89 80.99
N CYS E 206 36.54 -60.04 81.09
CA CYS E 206 36.06 -59.24 79.98
C CYS E 206 36.74 -57.88 80.06
N ASN E 207 37.63 -57.61 79.11
CA ASN E 207 38.42 -56.40 79.03
C ASN E 207 37.86 -55.51 77.94
N VAL E 208 37.38 -54.33 78.32
CA VAL E 208 36.89 -53.36 77.35
C VAL E 208 37.71 -52.08 77.46
N ASN E 209 38.15 -51.58 76.30
CA ASN E 209 38.77 -50.27 76.20
C ASN E 209 37.82 -49.37 75.44
N HIS E 210 37.30 -48.35 76.12
CA HIS E 210 36.29 -47.45 75.56
C HIS E 210 37.04 -46.23 75.01
N LYS E 211 37.30 -46.25 73.71
CA LYS E 211 38.19 -45.27 73.09
C LYS E 211 37.82 -43.82 73.41
N PRO E 212 36.55 -43.40 73.40
CA PRO E 212 36.26 -41.99 73.71
C PRO E 212 36.81 -41.51 75.04
N SER E 213 36.49 -42.17 76.15
CA SER E 213 36.97 -41.76 77.45
C SER E 213 38.13 -42.62 77.96
N ASN E 214 38.62 -43.55 77.14
CA ASN E 214 39.67 -44.49 77.54
C ASN E 214 39.29 -45.22 78.83
N THR E 215 38.04 -45.67 78.90
CA THR E 215 37.58 -46.48 80.02
C THR E 215 38.16 -47.88 79.86
N LYS E 216 39.05 -48.25 80.77
CA LYS E 216 39.89 -49.43 80.64
C LYS E 216 39.55 -50.45 81.72
N VAL E 217 38.24 -50.63 81.95
CA VAL E 217 37.76 -51.41 83.08
C VAL E 217 37.48 -52.85 82.64
N ASP E 218 37.80 -53.79 83.53
CA ASP E 218 37.67 -55.23 83.30
C ASP E 218 36.73 -55.81 84.35
N LYS E 219 36.06 -56.91 83.99
CA LYS E 219 35.20 -57.58 84.95
C LYS E 219 35.21 -59.09 84.74
N LYS E 220 35.11 -59.83 85.85
CA LYS E 220 35.13 -61.29 85.82
C LYS E 220 33.82 -61.81 85.24
N VAL E 221 33.88 -63.00 84.63
CA VAL E 221 32.72 -63.76 84.19
C VAL E 221 32.90 -65.19 84.69
N GLU E 222 32.30 -65.49 85.84
CA GLU E 222 32.56 -66.75 86.54
C GLU E 222 31.24 -67.35 87.01
N PRO E 223 31.13 -68.68 87.03
CA PRO E 223 29.94 -69.31 87.63
C PRO E 223 29.76 -68.87 89.07
N LYS E 224 28.66 -68.16 89.31
CA LYS E 224 28.38 -67.54 90.59
C LYS E 224 27.59 -68.51 91.48
N SER E 225 27.15 -68.01 92.63
CA SER E 225 26.23 -68.78 93.48
C SER E 225 24.92 -69.06 92.73
N CYS E 226 24.51 -68.12 91.89
CA CYS E 226 23.29 -68.27 91.08
C CYS E 226 23.31 -69.56 90.25
C1 NAG F . 28.91 43.14 13.49
C2 NAG F . 28.62 44.44 14.23
C3 NAG F . 29.28 45.66 13.68
C4 NAG F . 29.58 45.72 12.20
C5 NAG F . 29.60 44.40 11.42
C6 NAG F . 31.02 43.94 11.21
C7 NAG F . 26.43 45.42 15.16
C8 NAG F . 24.91 45.58 15.06
N2 NAG F . 27.13 44.63 14.17
O3 NAG F . 30.53 45.87 14.40
O4 NAG F . 28.63 46.57 11.56
O5 NAG F . 28.77 43.32 12.01
O6 NAG F . 31.88 44.59 12.11
O7 NAG F . 27.01 45.94 16.05
C1 NAG F . 28.96 47.96 11.71
C2 NAG F . 30.37 48.25 11.23
C3 NAG F . 30.44 49.48 10.39
C4 NAG F . 29.67 50.62 10.98
C5 NAG F . 28.19 50.26 11.14
C6 NAG F . 27.41 50.98 10.09
C7 NAG F . 32.67 48.05 12.39
C8 NAG F . 33.27 47.42 11.14
N2 NAG F . 31.27 48.46 12.42
O3 NAG F . 29.92 49.17 9.08
O4 NAG F . 30.20 50.93 12.27
O5 NAG F . 27.95 48.82 11.00
O6 NAG F . 28.07 52.15 9.70
O7 NAG F . 33.35 48.23 13.34
C1 NAG G . 49.33 35.09 24.31
C2 NAG G . 48.37 34.57 23.24
C3 NAG G . 48.65 35.04 21.86
C4 NAG G . 49.09 36.47 21.74
C5 NAG G . 50.14 36.86 22.78
C6 NAG G . 50.39 38.34 22.69
C7 NAG G . 49.61 32.30 22.85
C8 NAG G . 49.54 30.78 22.88
N2 NAG G . 48.43 33.07 23.23
O3 NAG G . 47.42 34.90 21.09
O4 NAG G . 49.55 36.82 20.41
O5 NAG G . 49.69 36.54 24.14
O6 NAG G . 49.47 39.02 23.49
O7 NAG G . 50.63 32.82 22.53
C1 NAG G . 50.57 35.99 19.79
C2 NAG G . 51.43 36.94 18.95
C3 NAG G . 52.58 36.27 18.27
C4 NAG G . 53.39 35.42 19.19
C5 NAG G . 52.50 34.45 19.97
C6 NAG G . 53.34 33.68 20.94
C7 NAG G . 49.85 37.00 16.87
C8 NAG G . 49.03 37.83 15.90
N2 NAG G . 50.59 37.67 17.93
O3 NAG G . 53.44 37.30 17.69
O4 NAG G . 54.34 34.67 18.43
O5 NAG G . 51.44 35.17 20.71
O6 NAG G . 52.94 32.33 20.93
O7 NAG G . 49.86 35.82 16.75
C1 NAG H . -29.10 30.59 -58.92
C2 NAG H . -29.31 31.16 -60.31
C3 NAG H . -28.98 30.17 -61.36
C4 NAG H . -27.57 29.68 -61.23
C5 NAG H . -27.34 29.08 -59.85
C6 NAG H . -25.88 28.79 -59.69
C7 NAG H . -31.14 32.92 -60.21
C8 NAG H . -32.60 33.32 -60.37
N2 NAG H . -30.74 31.54 -60.47
O3 NAG H . -29.14 30.81 -62.65
O4 NAG H . -27.33 28.66 -62.21
O5 NAG H . -27.72 29.99 -58.77
O6 NAG H . -25.69 27.81 -58.71
O7 NAG H . -30.33 33.72 -59.89
C1 NAG H . -26.44 29.16 -63.22
C2 NAG H . -25.60 28.03 -63.77
C3 NAG H . -24.48 28.58 -64.58
C4 NAG H . -24.89 29.71 -65.48
C5 NAG H . -26.38 30.05 -65.58
C6 NAG H . -27.01 29.28 -66.70
C7 NAG H . -25.64 25.88 -62.43
C8 NAG H . -25.10 24.99 -61.31
N2 NAG H . -25.05 27.18 -62.67
O3 NAG H . -23.93 27.51 -65.40
O4 NAG H . -24.19 30.89 -65.06
O5 NAG H . -27.17 29.85 -64.34
O6 NAG H . -27.84 28.27 -66.18
O7 NAG H . -26.54 25.51 -63.09
C1 NAG I . -24.02 8.94 -60.23
C2 NAG I . -24.19 8.43 -61.65
C3 NAG I . -23.07 7.58 -62.08
C4 NAG I . -21.76 8.29 -61.92
C5 NAG I . -21.57 8.71 -60.47
C6 NAG I . -20.29 9.50 -60.34
C7 NAG I . -26.46 7.98 -62.68
C8 NAG I . -27.75 7.17 -62.77
N2 NAG I . -25.45 7.63 -61.70
O3 NAG I . -23.26 7.23 -63.47
O4 NAG I . -20.70 7.43 -62.33
O5 NAG I . -22.66 9.55 -60.01
O6 NAG I . -20.49 10.52 -59.42
O7 NAG I . -26.27 8.89 -63.41
C1 NAG I . -20.15 7.95 -63.56
C2 NAG I . -18.70 7.53 -63.70
C3 NAG I . -18.08 8.35 -64.77
C4 NAG I . -18.83 8.29 -66.08
C5 NAG I . -20.27 7.72 -66.06
C6 NAG I . -20.27 6.42 -66.81
C7 NAG I . -17.85 6.66 -61.48
C8 NAG I . -17.11 6.86 -60.16
N2 NAG I . -17.98 7.76 -62.42
O3 NAG I . -16.73 7.89 -64.98
O4 NAG I . -18.89 9.61 -66.61
O5 NAG I . -20.92 7.49 -64.75
O6 NAG I . -20.95 5.45 -66.06
O7 NAG I . -18.31 5.60 -61.74
C1 NAG J . -28.34 47.29 -49.16
C2 NAG J . -27.20 46.82 -50.04
C3 NAG J . -25.92 47.07 -49.34
C4 NAG J . -25.68 48.54 -49.23
C5 NAG J . -26.84 49.28 -48.56
C6 NAG J . -26.81 50.71 -49.02
C7 NAG J . -26.77 44.80 -51.54
C8 NAG J . -26.90 43.31 -51.84
N2 NAG J . -27.33 45.36 -50.32
O3 NAG J . -24.83 46.45 -50.06
O4 NAG J . -24.51 48.77 -48.45
O5 NAG J . -28.19 48.76 -48.83
O6 NAG J . -27.96 50.99 -49.74
O7 NAG J . -26.22 45.51 -52.32
C1 NAG J . -23.43 49.19 -49.31
C2 NAG J . -22.41 49.96 -48.48
C3 NAG J . -21.28 50.44 -49.31
C4 NAG J . -20.65 49.38 -50.17
C5 NAG J . -21.36 48.01 -50.25
C6 NAG J . -20.71 47.05 -49.31
C7 NAG J . -23.71 51.06 -46.56
C8 NAG J . -24.39 52.28 -45.96
N2 NAG J . -23.08 51.15 -47.87
O3 NAG J . -20.27 50.98 -48.43
O4 NAG J . -20.54 49.89 -51.51
O5 NAG J . -22.83 48.02 -50.04
O6 NAG J . -19.33 47.08 -49.47
O7 NAG J . -23.71 50.03 -45.98
C1 NAG K . -41.58 46.88 -59.76
C2 NAG K . -40.99 47.11 -61.14
C3 NAG K . -42.01 47.71 -62.04
C4 NAG K . -43.18 46.80 -62.19
C5 NAG K . -43.71 46.25 -60.85
C6 NAG K . -44.54 45.03 -61.13
C7 NAG K . -39.44 49.24 -60.64
C8 NAG K . -40.52 50.19 -60.13
N2 NAG K . -39.69 47.87 -61.09
O3 NAG K . -41.42 47.94 -63.34
O4 NAG K . -44.24 47.51 -62.82
O5 NAG K . -42.68 45.88 -59.87
O6 NAG K . -43.71 43.92 -61.23
O7 NAG K . -38.33 49.64 -60.69
C1 NAG K . -44.44 46.96 -64.14
C2 NAG K . -45.54 47.74 -64.84
C3 NAG K . -45.81 47.27 -66.24
C4 NAG K . -44.84 46.25 -66.77
C5 NAG K . -43.38 46.43 -66.32
C6 NAG K . -42.69 47.35 -67.29
C7 NAG K . -47.69 46.72 -63.61
C8 NAG K . -47.46 45.24 -63.98
N2 NAG K . -46.80 47.80 -64.02
O3 NAG K . -45.81 48.43 -67.11
O4 NAG K . -45.28 44.95 -66.41
O5 NAG K . -43.19 46.96 -64.96
O6 NAG K . -42.95 48.68 -66.94
O7 NAG K . -48.64 46.99 -62.97
C1 NAG L . -30.41 53.79 -22.98
C2 NAG L . -30.75 55.27 -23.08
C3 NAG L . -29.74 56.09 -22.40
C4 NAG L . -29.76 55.82 -20.94
C5 NAG L . -29.55 54.35 -20.58
C6 NAG L . -30.46 54.02 -19.45
C7 NAG L . -31.85 56.48 -25.01
C8 NAG L . -31.89 56.87 -26.49
N2 NAG L . -30.78 55.64 -24.51
O3 NAG L . -30.05 57.49 -22.63
O4 NAG L . -28.71 56.57 -20.33
O5 NAG L . -29.81 53.36 -21.66
O6 NAG L . -31.74 54.48 -19.75
O7 NAG L . -32.69 56.85 -24.27
C1 NAG L . -29.29 57.55 -19.46
C2 NAG L . -28.26 57.98 -18.42
C3 NAG L . -28.89 58.90 -17.46
C4 NAG L . -29.40 60.15 -18.12
C5 NAG L . -29.73 60.07 -19.62
C6 NAG L . -28.72 60.88 -20.37
C7 NAG L . -26.58 56.10 -18.15
C8 NAG L . -26.06 54.86 -17.41
N2 NAG L . -27.78 56.77 -17.70
O3 NAG L . -27.90 59.28 -16.47
O4 NAG L . -30.59 60.54 -17.42
O5 NAG L . -29.81 58.73 -20.25
O6 NAG L . -28.22 60.12 -21.44
O7 NAG L . -25.98 56.52 -19.08
C1 NAG M . -61.79 30.97 -12.52
C2 NAG M . -61.06 32.00 -11.65
C3 NAG M . -60.60 31.42 -10.36
C4 NAG M . -61.64 30.62 -9.63
C5 NAG M . -62.34 29.61 -10.54
C6 NAG M . -63.49 28.98 -9.82
C7 NAG M . -59.68 33.86 -12.74
C8 NAG M . -58.43 34.30 -13.50
N2 NAG M . -59.85 32.47 -12.39
O3 NAG M . -60.20 32.53 -9.50
O4 NAG M . -60.96 29.89 -8.60
O5 NAG M . -62.84 30.25 -11.76
O6 NAG M . -64.51 29.92 -9.65
O7 NAG M . -60.51 34.65 -12.46
C1 NAG M . -61.43 30.32 -7.31
C2 NAG M . -61.34 29.17 -6.32
C3 NAG M . -62.00 29.51 -5.03
C4 NAG M . -62.14 30.99 -4.76
C5 NAG M . -61.08 31.88 -5.41
C6 NAG M . -59.87 31.92 -4.53
C7 NAG M . -61.18 26.76 -7.12
C8 NAG M . -61.82 25.51 -7.71
N2 NAG M . -61.98 27.95 -6.90
O3 NAG M . -61.23 28.92 -3.96
O4 NAG M . -63.45 31.42 -5.17
O5 NAG M . -60.68 31.51 -6.79
O6 NAG M . -58.97 30.93 -4.92
O7 NAG M . -60.03 26.77 -6.83
C1 NAG N . -58.10 1.31 -35.81
C2 NAG N . -59.45 0.85 -36.35
C3 NAG N . -60.38 0.49 -35.26
C4 NAG N . -59.78 -0.47 -34.28
C5 NAG N . -58.45 0.03 -33.76
C6 NAG N . -57.83 -1.00 -32.87
C7 NAG N . -60.65 1.67 -38.41
C8 NAG N . -61.26 2.79 -39.25
N2 NAG N . -60.04 1.96 -37.13
O3 NAG N . -61.56 -0.11 -35.86
O4 NAG N . -60.68 -0.62 -33.17
O5 NAG N . -57.52 0.32 -34.86
O6 NAG N . -56.79 -0.42 -32.13
O7 NAG N . -60.67 0.56 -38.82
C1 NAG N . -61.30 -1.91 -33.25
C2 NAG N . -61.83 -2.32 -31.88
C3 NAG N . -62.29 -3.73 -31.86
C4 NAG N . -62.75 -4.26 -33.20
C5 NAG N . -63.21 -3.20 -34.21
C6 NAG N . -64.65 -2.86 -33.95
C7 NAG N . -60.80 -0.97 -29.99
C8 NAG N . -59.72 -0.75 -28.94
N2 NAG N . -60.75 -2.13 -30.87
O3 NAG N . -63.41 -3.83 -30.93
O4 NAG N . -61.68 -5.03 -33.78
O5 NAG N . -62.42 -1.95 -34.25
O6 NAG N . -64.74 -1.50 -33.64
O7 NAG N . -61.70 -0.21 -30.10
C1 NAG O . -59.52 3.58 -13.80
C2 NAG O . -60.95 3.24 -13.41
C3 NAG O . -61.06 2.29 -12.27
C4 NAG O . -60.16 1.10 -12.40
C5 NAG O . -58.73 1.51 -12.69
C6 NAG O . -57.91 0.29 -12.94
C7 NAG O . -62.85 4.91 -13.70
C8 NAG O . -63.55 6.21 -13.31
N2 NAG O . -61.62 4.51 -13.02
O3 NAG O . -62.45 1.85 -12.23
O4 NAG O . -60.15 0.36 -11.16
O5 NAG O . -58.65 2.35 -13.89
O6 NAG O . -58.02 -0.07 -14.29
O7 NAG O . -63.28 4.21 -14.54
C1 NAG O . -61.05 -0.75 -11.25
C2 NAG O . -60.44 -1.99 -10.61
C3 NAG O . -61.30 -3.15 -10.93
C4 NAG O . -62.73 -2.97 -10.52
C5 NAG O . -63.16 -1.56 -10.07
C6 NAG O . -63.18 -1.49 -8.57
C7 NAG O . -57.93 -2.00 -10.26
C8 NAG O . -56.52 -2.25 -10.77
N2 NAG O . -59.06 -2.24 -11.13
O3 NAG O . -60.76 -4.32 -10.28
O4 NAG O . -63.57 -3.34 -11.63
O5 NAG O . -62.37 -0.41 -10.60
O6 NAG O . -62.10 -0.72 -8.12
O7 NAG O . -58.10 -1.60 -9.16
C1 NAG P . -47.76 -1.22 -52.01
C2 NAG P . -48.08 -2.44 -51.17
C3 NAG P . -46.93 -3.38 -51.15
C4 NAG P . -46.57 -3.91 -52.51
C5 NAG P . -46.81 -2.93 -53.67
C6 NAG P . -47.99 -3.39 -54.49
C7 NAG P . -49.73 -2.17 -49.22
C8 NAG P . -50.01 -1.70 -47.80
N2 NAG P . -48.39 -2.01 -49.78
O3 NAG P . -47.28 -4.50 -50.29
O4 NAG P . -45.17 -4.20 -52.50
O5 NAG P . -46.97 -1.52 -53.27
O6 NAG P . -48.40 -2.36 -55.35
O7 NAG P . -50.60 -2.64 -49.88
C1 NAG P . -44.95 -5.55 -52.93
C2 NAG P . -43.50 -5.91 -52.65
C3 NAG P . -43.18 -7.34 -52.89
C4 NAG P . -44.16 -8.25 -52.24
C5 NAG P . -45.59 -7.91 -52.62
C6 NAG P . -46.54 -8.81 -51.89
C7 NAG P . -41.38 -4.54 -52.96
C8 NAG P . -40.45 -3.68 -53.84
N2 NAG P . -42.61 -5.08 -53.51
O3 NAG P . -41.86 -7.61 -52.37
O4 NAG P . -43.86 -9.59 -52.66
O5 NAG P . -45.91 -6.51 -52.29
O6 NAG P . -45.85 -9.54 -50.91
O7 NAG P . -41.09 -4.74 -51.84
C1 NAG Q . 15.26 -47.31 23.07
C2 NAG Q . 15.47 -48.34 21.95
C3 NAG Q . 16.82 -48.93 22.02
C4 NAG Q . 17.92 -47.93 21.86
C5 NAG Q . 17.69 -46.70 22.74
C6 NAG Q . 17.50 -45.48 21.88
C7 NAG Q . 13.93 -50.12 20.95
C8 NAG Q . 12.91 -51.24 21.13
N2 NAG Q . 14.48 -49.43 22.11
O3 NAG Q . 16.95 -49.95 20.98
O4 NAG Q . 19.17 -48.50 22.25
O5 NAG Q . 16.57 -46.88 23.68
O6 NAG Q . 17.15 -45.86 20.58
O7 NAG Q . 14.29 -49.80 19.86
C1 NAG Q . 20.13 -48.69 21.17
C2 NAG Q . 21.29 -47.69 21.16
C3 NAG Q . 22.35 -48.02 20.11
C4 NAG Q . 22.64 -49.49 19.96
C5 NAG Q . 21.37 -50.34 20.02
C6 NAG Q . 21.72 -51.82 20.06
C7 NAG Q . 20.95 -45.61 19.85
C8 NAG Q . 19.93 -45.80 18.76
N2 NAG Q . 20.78 -46.33 20.96
O3 NAG Q . 23.58 -47.35 20.45
O4 NAG Q . 23.26 -49.69 18.68
O5 NAG Q . 20.65 -50.01 21.20
O6 NAG Q . 21.70 -52.34 18.73
O7 NAG Q . 21.87 -44.82 19.71
C1 NAG R . 18.90 -22.31 38.53
C2 NAG R . 19.11 -21.66 39.90
C3 NAG R . 19.59 -20.25 39.79
C4 NAG R . 18.69 -19.33 39.00
C5 NAG R . 17.82 -20.12 38.02
C6 NAG R . 17.37 -19.25 36.89
C7 NAG R . 17.96 -22.17 42.11
C8 NAG R . 16.70 -22.25 42.97
N2 NAG R . 17.87 -21.74 40.73
O3 NAG R . 20.90 -20.26 39.16
O4 NAG R . 17.84 -18.55 39.86
O5 NAG R . 18.57 -21.27 37.48
O6 NAG R . 16.27 -19.84 36.26
O7 NAG R . 19.01 -22.46 42.57
C1 NAG R . 18.56 -18.13 41.04
C2 NAG R . 19.22 -16.77 40.82
C3 NAG R . 18.97 -15.85 41.96
C4 NAG R . 19.23 -16.49 43.28
C5 NAG R . 18.39 -17.76 43.47
C6 NAG R . 17.42 -17.54 44.58
C7 NAG R . 21.54 -16.16 39.89
C8 NAG R . 20.95 -14.98 39.11
N2 NAG R . 20.69 -17.01 40.71
O3 NAG R . 17.59 -15.41 41.92
O4 NAG R . 20.62 -16.85 43.36
O5 NAG R . 17.66 -18.10 42.25
O6 NAG R . 16.74 -16.33 44.37
O7 NAG R . 22.70 -16.38 39.83
C1 NAG S . 60.81 -2.32 -13.84
C2 NAG S . 61.60 -1.01 -13.86
C3 NAG S . 62.21 -0.60 -12.56
C4 NAG S . 61.35 -0.88 -11.36
C5 NAG S . 60.86 -2.32 -11.37
C6 NAG S . 60.04 -2.58 -10.14
C7 NAG S . 62.52 -0.92 -16.25
C8 NAG S . 63.69 -1.08 -17.21
N2 NAG S . 62.71 -1.15 -14.84
O3 NAG S . 62.48 0.82 -12.60
O4 NAG S . 62.13 -0.66 -10.18
O5 NAG S . 60.05 -2.57 -12.56
O6 NAG S . 58.72 -2.84 -10.53
O7 NAG S . 61.45 -0.62 -16.66
C1 NAG T . 19.57 -5.76 -45.40
C2 NAG T . 18.66 -6.82 -46.00
C3 NAG T . 17.31 -6.27 -46.21
C4 NAG T . 17.33 -5.22 -47.27
C5 NAG T . 18.39 -4.14 -47.01
C6 NAG T . 17.69 -2.83 -46.85
C7 NAG T . 19.65 -8.61 -47.54
C8 NAG T . 20.20 -9.01 -48.91
N2 NAG T . 19.22 -7.25 -47.32
O3 NAG T . 16.86 -5.67 -44.96
O4 NAG T . 17.61 -5.85 -48.52
O5 NAG T . 19.21 -4.35 -45.80
O6 NAG T . 16.99 -2.83 -45.64
O7 NAG T . 19.57 -9.42 -46.68
C1 NAG U . 6.04 15.37 -47.62
C2 NAG U . 7.22 14.52 -48.09
C3 NAG U . 6.97 13.86 -49.41
C4 NAG U . 5.52 13.75 -49.80
C5 NAG U . 4.52 13.63 -48.64
C6 NAG U . 4.51 12.22 -48.15
C7 NAG U . 9.70 14.94 -47.64
C8 NAG U . 9.78 13.64 -46.85
N2 NAG U . 8.44 15.36 -48.25
O3 NAG U . 7.55 12.52 -49.37
O4 NAG U . 5.17 14.87 -50.61
O5 NAG U . 4.79 14.55 -47.51
O6 NAG U . 4.53 12.22 -46.75
O7 NAG U . 10.66 15.62 -47.77
C1 NAG V . 12.48 43.51 -18.47
C2 NAG V . 11.24 44.33 -18.11
C3 NAG V . 11.52 45.39 -17.11
C4 NAG V . 12.68 46.28 -17.51
C5 NAG V . 13.89 45.48 -17.98
C6 NAG V . 15.09 45.90 -17.19
C7 NAG V . 9.58 44.33 -20.04
C8 NAG V . 8.95 43.06 -19.50
N2 NAG V . 10.71 44.95 -19.35
O3 NAG V . 11.83 44.77 -15.83
O4 NAG V . 12.25 47.14 -18.57
O5 NAG V . 13.72 44.03 -17.80
O6 NAG V . 15.80 44.76 -16.79
O7 NAG V . 9.16 44.83 -21.04
C1 NAG W . 5.47 47.89 -36.94
C2 NAG W . 6.18 49.10 -37.55
C3 NAG W . 6.23 50.25 -36.61
C4 NAG W . 4.87 50.69 -36.15
C5 NAG W . 4.02 49.52 -35.66
C6 NAG W . 2.76 49.42 -36.48
C7 NAG W . 7.88 47.96 -39.08
C8 NAG W . 9.33 47.58 -39.40
N2 NAG W . 7.58 48.71 -37.88
O3 NAG W . 6.86 51.37 -37.29
O4 NAG W . 5.04 51.61 -35.07
O5 NAG W . 4.73 48.22 -35.67
O6 NAG W . 2.88 50.19 -37.65
O7 NAG W . 7.01 47.65 -39.82
C1 NAG X . -37.60 55.34 -39.58
C2 NAG X . -38.76 55.84 -38.72
C3 NAG X . -39.40 57.05 -39.30
C4 NAG X . -38.39 58.12 -39.56
C5 NAG X . -37.21 57.63 -40.38
C6 NAG X . -36.18 58.71 -40.45
C7 NAG X . -40.55 53.98 -39.44
C8 NAG X . -40.55 54.23 -40.95
N2 NAG X . -39.74 54.72 -38.47
O3 NAG X . -40.38 57.56 -38.35
O4 NAG X . -39.03 59.20 -40.26
O5 NAG X . -36.58 56.43 -39.81
O6 NAG X . -34.92 58.12 -40.60
O7 NAG X . -41.26 53.13 -39.01
C1 NAG Y . -52.79 57.62 -46.08
C2 NAG Y . -52.05 58.90 -45.78
C3 NAG Y . -52.76 59.75 -44.80
C4 NAG Y . -54.15 60.06 -45.25
C5 NAG Y . -54.94 58.78 -45.51
C6 NAG Y . -56.23 59.15 -46.17
C7 NAG Y . -49.55 58.66 -46.09
C8 NAG Y . -48.17 58.30 -45.54
N2 NAG Y . -50.71 58.56 -45.23
O3 NAG Y . -52.04 61.00 -44.67
O4 NAG Y . -54.81 60.82 -44.23
O5 NAG Y . -54.24 57.86 -46.41
O6 NAG Y . -56.15 58.83 -47.53
O7 NAG Y . -49.67 59.00 -47.22
C1 NAG Z . 21.49 44.89 42.28
C2 NAG Z . 22.30 46.04 41.70
C3 NAG Z . 23.75 45.93 42.00
C4 NAG Z . 24.29 44.58 41.64
C5 NAG Z . 23.51 43.46 42.35
C6 NAG Z . 24.45 42.78 43.30
C7 NAG Z . 21.33 47.10 39.62
C8 NAG Z . 20.75 48.21 40.51
N2 NAG Z . 22.09 46.03 40.22
O3 NAG Z . 23.95 46.16 43.41
O4 NAG Z . 24.17 44.40 40.23
O5 NAG Z . 22.36 43.99 43.11
O6 NAG Z . 23.94 42.88 44.60
O7 NAG Z . 21.14 47.11 38.45
C1 NAG AA . 29.50 20.10 39.80
C2 NAG AA . 29.64 18.74 40.49
C3 NAG AA . 30.03 17.65 39.55
C4 NAG AA . 29.16 17.62 38.33
C5 NAG AA . 29.12 18.98 37.65
C6 NAG AA . 28.22 18.92 36.46
C7 NAG AA . 30.74 18.03 42.71
C8 NAG AA . 31.85 18.20 43.74
N2 NAG AA . 30.72 18.88 41.53
O3 NAG AA . 29.91 16.38 40.24
O4 NAG AA . 29.66 16.65 37.42
O5 NAG AA . 28.64 20.03 38.58
O6 NAG AA . 28.97 18.59 35.32
O7 NAG AA . 29.89 17.21 42.86
C1 NAG BA . 2.11 49.28 10.11
C2 NAG BA . 0.63 49.66 10.09
C3 NAG BA . 0.43 51.09 10.41
C4 NAG BA . 1.38 52.01 9.68
C5 NAG BA . 2.84 51.58 9.86
C6 NAG BA . 3.62 52.69 10.49
C7 NAG BA . -1.10 48.56 8.57
C8 NAG BA . -1.83 48.04 9.81
N2 NAG BA . 0.11 49.36 8.72
O3 NAG BA . 0.65 51.26 11.84
O4 NAG BA . 1.06 52.00 8.29
O5 NAG BA . 2.94 50.38 10.70
O6 NAG BA . 4.38 53.32 9.50
O7 NAG BA . -1.52 48.32 7.49
C1 NAG CA . -10.70 -20.54 37.79
C2 NAG CA . -12.09 -21.13 37.97
C3 NAG CA . -12.88 -20.44 39.01
C4 NAG CA . -12.17 -20.46 40.32
C5 NAG CA . -10.79 -19.84 40.21
C6 NAG CA . -10.06 -20.05 41.50
C7 NAG CA . -12.95 -22.32 35.91
C8 NAG CA . -13.68 -22.34 34.57
N2 NAG CA . -12.82 -21.10 36.66
O3 NAG CA . -14.16 -21.12 39.16
O4 NAG CA . -12.94 -19.72 41.27
O5 NAG CA . -9.99 -20.45 39.12
O6 NAG CA . -10.14 -18.88 42.27
O7 NAG CA . -12.47 -23.32 36.34
C1 NAG DA . -22.13 42.25 7.54
C2 NAG DA . -22.03 42.47 6.04
C3 NAG DA . -22.50 43.83 5.67
C4 NAG DA . -23.97 43.97 5.95
C5 NAG DA . -24.35 43.55 7.37
C6 NAG DA . -25.45 42.53 7.30
C7 NAG DA . -19.48 43.07 6.06
C8 NAG DA . -18.09 42.78 5.52
N2 NAG DA . -20.62 42.27 5.58
O3 NAG DA . -22.27 44.04 4.25
O4 NAG DA . -24.33 45.34 5.77
O5 NAG DA . -23.25 43.01 8.21
O6 NAG DA . -26.61 43.08 7.86
O7 NAG DA . -19.63 43.94 6.86
C1 NAG EA . -31.92 5.57 20.63
C2 NAG EA . -32.36 4.25 20.02
C3 NAG EA . -33.83 4.15 20.13
C4 NAG EA . -34.22 4.08 21.57
C5 NAG EA . -33.62 5.18 22.44
C6 NAG EA . -33.56 4.69 23.85
C7 NAG EA . -31.27 2.99 18.12
C8 NAG EA . -30.82 2.88 16.66
N2 NAG EA . -31.94 4.19 18.59
O3 NAG EA . -34.26 2.93 19.46
O4 NAG EA . -35.65 4.17 21.65
O5 NAG EA . -32.24 5.60 22.09
O6 NAG EA . -32.21 4.50 24.21
O7 NAG EA . -31.07 2.08 18.86
C1 NAG FA . -45.91 21.06 18.00
C2 NAG FA . -46.40 21.71 19.29
C3 NAG FA . -47.45 20.90 19.95
C4 NAG FA . -47.08 19.45 20.09
C5 NAG FA . -46.59 18.85 18.77
C6 NAG FA . -47.40 17.64 18.45
C7 NAG FA . -44.26 22.90 19.98
C8 NAG FA . -43.06 23.04 20.92
N2 NAG FA . -45.23 21.85 20.21
O3 NAG FA . -48.67 21.00 19.16
O4 NAG FA . -46.05 19.34 21.07
O5 NAG FA . -46.69 19.83 17.67
O6 NAG FA . -47.48 16.82 19.58
O7 NAG FA . -44.38 23.64 19.07
C1 NAG GA . -68.97 18.24 -18.42
C2 NAG GA . -69.68 17.72 -19.66
C3 NAG GA . -71.16 17.61 -19.52
C4 NAG GA . -71.62 17.12 -18.18
C5 NAG GA . -70.92 17.86 -17.05
C6 NAG GA . -71.40 17.36 -15.72
C7 NAG GA . -68.60 18.30 -21.89
C8 NAG GA . -68.29 19.34 -22.97
N2 NAG GA . -69.37 18.70 -20.74
O3 NAG GA . -71.64 16.68 -20.53
O4 NAG GA . -73.03 17.35 -18.06
O5 NAG GA . -69.48 17.64 -17.14
O6 NAG GA . -70.85 18.17 -14.72
O7 NAG GA . -68.20 17.20 -22.00
C1 NAG HA . -50.78 45.10 -19.43
C2 NAG HA . -51.79 46.19 -19.13
C3 NAG HA . -51.19 47.54 -18.97
C4 NAG HA . -50.09 47.52 -17.96
C5 NAG HA . -49.01 46.55 -18.42
C6 NAG HA . -47.93 46.50 -17.39
C7 NAG HA . -53.98 45.47 -20.23
C8 NAG HA . -54.97 45.53 -21.38
N2 NAG HA . -52.76 46.26 -20.27
O3 NAG HA . -52.21 48.46 -18.51
O4 NAG HA . -49.53 48.83 -17.86
O5 NAG HA . -49.55 45.19 -18.56
O6 NAG HA . -47.42 45.21 -17.36
O7 NAG HA . -54.20 44.78 -19.29
C1 NAG IA . -70.14 39.53 -24.58
C2 NAG IA . -70.86 40.53 -23.68
C3 NAG IA . -71.90 41.28 -24.40
C4 NAG IA . -71.37 41.93 -25.63
C5 NAG IA . -70.71 40.91 -26.55
C6 NAG IA . -70.11 41.61 -27.73
C7 NAG IA . -70.95 39.88 -21.21
C8 NAG IA . -71.61 39.12 -20.06
N2 NAG IA . -71.50 39.78 -22.55
O3 NAG IA . -72.42 42.32 -23.52
O4 NAG IA . -72.45 42.57 -26.33
O5 NAG IA . -69.66 40.16 -25.86
O6 NAG IA . -68.79 41.93 -27.44
O7 NAG IA . -69.99 40.54 -21.01
C1 NAG JA . -78.86 22.10 -31.20
C2 NAG JA . -79.58 21.38 -30.07
C3 NAG JA . -80.16 20.10 -30.52
C4 NAG JA . -81.07 20.29 -31.69
C5 NAG JA . -80.43 21.10 -32.82
C6 NAG JA . -81.49 21.46 -33.81
C7 NAG JA . -78.96 21.47 -27.61
C8 NAG JA . -77.98 21.21 -26.47
N2 NAG JA . -78.60 21.12 -28.97
O3 NAG JA . -80.90 19.50 -29.43
O4 NAG JA . -81.43 19.00 -32.19
O5 NAG JA . -79.81 22.35 -32.34
O6 NAG JA . -81.52 22.84 -33.97
O7 NAG JA . -80.00 21.96 -27.39
C1 NAG KA . -29.64 -22.89 13.15
C2 NAG KA . -30.12 -24.33 13.01
C3 NAG KA . -31.59 -24.46 13.16
C4 NAG KA . -32.04 -23.87 14.47
C5 NAG KA . -31.57 -22.43 14.62
C6 NAG KA . -31.95 -21.95 15.99
C7 NAG KA . -28.38 -25.45 11.52
C8 NAG KA . -27.90 -26.00 10.17
N2 NAG KA . -29.70 -24.86 11.66
O3 NAG KA . -31.94 -25.87 13.14
O4 NAG KA . -33.47 -23.90 14.52
O5 NAG KA . -30.11 -22.30 14.45
O6 NAG KA . -33.25 -22.40 16.29
O7 NAG KA . -27.66 -25.50 12.46
C1 NAG LA . 32.40 -27.01 -27.87
C2 NAG LA . 32.78 -27.02 -29.35
C3 NAG LA . 32.53 -28.33 -29.97
C4 NAG LA . 33.38 -29.40 -29.33
C5 NAG LA . 33.23 -29.41 -27.81
C6 NAG LA . 34.57 -29.19 -27.17
C7 NAG LA . 32.60 -25.13 -31.08
C8 NAG LA . 34.09 -25.27 -31.39
N2 NAG LA . 31.97 -25.99 -30.08
O3 NAG LA . 32.85 -28.27 -31.39
O4 NAG LA . 32.97 -30.67 -29.84
O5 NAG LA . 32.26 -28.40 -27.32
O6 NAG LA . 35.41 -28.49 -28.04
O7 NAG LA . 31.95 -24.33 -31.66
C1 NAG MA . 46.67 -24.42 -0.09
C2 NAG MA . 45.14 -24.32 0.00
C3 NAG MA . 44.56 -25.46 0.76
C4 NAG MA . 44.99 -26.79 0.21
C5 NAG MA . 46.51 -26.91 0.08
C6 NAG MA . 46.83 -28.16 -0.68
C7 NAG MA . 43.49 -22.43 0.47
C8 NAG MA . 43.12 -21.14 1.21
N2 NAG MA . 44.77 -23.07 0.72
O3 NAG MA . 43.12 -25.39 0.70
O4 NAG MA . 44.53 -27.82 1.10
O5 NAG MA . 47.09 -25.76 -0.63
O6 NAG MA . 47.35 -27.82 -1.94
O7 NAG MA . 42.74 -22.90 -0.31
C1 NAG NA . -34.98 -20.82 -11.42
C2 NAG NA . -35.71 -19.54 -11.01
C3 NAG NA . -37.17 -19.77 -10.97
C4 NAG NA . -37.72 -20.07 -12.33
C5 NAG NA . -36.88 -21.09 -13.10
C6 NAG NA . -36.29 -20.46 -14.32
C7 NAG NA . -35.22 -17.71 -9.31
C8 NAG NA . -34.73 -17.26 -7.93
N2 NAG NA . -35.23 -19.12 -9.66
O3 NAG NA . -37.83 -18.57 -10.47
O4 NAG NA . -39.05 -20.59 -12.17
O5 NAG NA . -35.81 -21.74 -12.30
O6 NAG NA . -36.33 -19.07 -14.21
O7 NAG NA . -35.59 -16.91 -10.10
C1 NAG OA . -4.23 -22.37 -36.85
C2 NAG OA . -4.45 -21.03 -37.53
C3 NAG OA . -5.17 -21.24 -38.80
C4 NAG OA . -4.50 -22.25 -39.69
C5 NAG OA . -3.34 -23.09 -39.10
C6 NAG OA . -2.05 -22.57 -39.66
C7 NAG OA . -4.54 -19.20 -35.76
C8 NAG OA . -5.32 -18.27 -34.83
N2 NAG OA . -5.24 -20.13 -36.64
O3 NAG OA . -5.26 -19.97 -39.50
O4 NAG OA . -5.51 -23.16 -40.16
O5 NAG OA . -3.23 -23.17 -37.63
O6 NAG OA . -1.38 -21.83 -38.67
O7 NAG OA . -3.35 -19.16 -35.77
C1 NAG PA . -23.47 -24.79 -42.77
C2 NAG PA . -23.70 -26.19 -43.30
C3 NAG PA . -22.41 -26.82 -43.63
C4 NAG PA . -21.68 -26.04 -44.67
C5 NAG PA . -21.57 -24.54 -44.34
C6 NAG PA . -21.16 -23.82 -45.59
C7 NAG PA . -25.88 -27.02 -42.32
C8 NAG PA . -26.67 -27.84 -41.30
N2 NAG PA . -24.43 -27.00 -42.29
O3 NAG PA . -22.65 -28.17 -44.12
O4 NAG PA . -20.35 -26.56 -44.80
O5 NAG PA . -22.82 -23.95 -43.84
O6 NAG PA . -20.41 -24.67 -46.40
O7 NAG PA . -26.45 -26.40 -43.16
C1 NAG QA . -41.89 8.03 -63.10
C2 NAG QA . -42.04 9.40 -63.73
C3 NAG QA . -42.64 9.35 -65.09
C4 NAG QA . -41.93 8.38 -65.97
C5 NAG QA . -41.91 7.00 -65.32
C6 NAG QA . -41.17 6.05 -66.21
C7 NAG QA . -42.31 11.32 -62.09
C8 NAG QA . -43.16 12.17 -61.15
N2 NAG QA . -42.90 10.22 -62.83
O3 NAG QA . -42.54 10.67 -65.69
O4 NAG QA . -42.61 8.30 -67.22
O5 NAG QA . -41.23 7.04 -64.01
O6 NAG QA . -41.62 4.75 -65.94
O7 NAG QA . -41.16 11.56 -62.23
C1 NAG RA . -62.59 6.40 -55.83
C2 NAG RA . -63.48 5.17 -55.96
C3 NAG RA . -64.83 5.45 -56.49
C4 NAG RA . -65.49 6.61 -55.81
C5 NAG RA . -64.61 7.86 -55.91
C6 NAG RA . -65.28 8.99 -55.20
C7 NAG RA . -61.99 3.14 -56.37
C8 NAG RA . -61.30 2.18 -57.33
N2 NAG RA . -62.80 4.23 -56.90
O3 NAG RA . -65.68 4.29 -56.29
O4 NAG RA . -66.74 6.87 -56.43
O5 NAG RA . -63.30 7.60 -55.28
O6 NAG RA . -65.71 8.55 -53.95
O7 NAG RA . -61.87 3.00 -55.21
C1 NAG SA . -52.88 17.59 -69.90
C2 NAG SA . -52.50 16.68 -71.07
C3 NAG SA . -51.90 17.42 -72.19
C4 NAG SA . -52.80 18.51 -72.67
C5 NAG SA . -53.07 19.50 -71.54
C6 NAG SA . -54.11 20.47 -72.02
C7 NAG SA . -51.94 14.28 -70.51
C8 NAG SA . -50.96 13.21 -70.05
N2 NAG SA . -51.52 15.66 -70.61
O3 NAG SA . -51.68 16.49 -73.29
O4 NAG SA . -52.20 19.21 -73.76
O5 NAG SA . -53.58 18.85 -70.32
O6 NAG SA . -55.36 19.82 -72.04
O7 NAG SA . -53.05 13.99 -70.80
#